data_2N8X
#
_entry.id   2N8X
#
_cell.length_a   1.000
_cell.length_b   1.000
_cell.length_c   1.000
_cell.angle_alpha   90.00
_cell.angle_beta   90.00
_cell.angle_gamma   90.00
#
_symmetry.space_group_name_H-M   'P 1'
#
_entity_poly.entity_id   1
_entity_poly.type   'polypeptide(L)'
_entity_poly.pdbx_seq_one_letter_code
;GTSGFQLRGLGDAQFALKEIDVSARNAYGPTVRELKETLENSGVKVTSNAPYHLVLVREDNQQRTVSYTGSARGAEFELT
NTINYEIVGANDLVLMSNQVQVQKVYVHDENNLIGSDQEAAQLRSEMRRDLIQQLSMRLQALTPAQLDEAQRQAEAKAKA
EAEALR
;
_entity_poly.pdbx_strand_id   A
#
# COMPACT_ATOMS: atom_id res chain seq x y z
N GLY A 1 50.03 -6.33 -24.42
CA GLY A 1 48.68 -5.77 -24.61
C GLY A 1 47.66 -6.35 -23.65
N THR A 2 47.33 -5.60 -22.62
CA THR A 2 46.37 -6.04 -21.64
C THR A 2 44.99 -5.46 -21.98
N SER A 3 43.96 -6.27 -21.85
CA SER A 3 42.61 -5.85 -22.16
C SER A 3 41.65 -6.29 -21.06
N GLY A 4 42.16 -6.39 -19.84
CA GLY A 4 41.32 -6.80 -18.72
C GLY A 4 40.46 -5.65 -18.22
N PHE A 5 39.60 -5.15 -19.07
CA PHE A 5 38.73 -4.04 -18.73
C PHE A 5 37.30 -4.36 -19.10
N GLN A 6 36.38 -3.91 -18.27
CA GLN A 6 34.97 -4.16 -18.50
C GLN A 6 34.30 -2.92 -19.09
N LEU A 7 33.06 -3.08 -19.50
CA LEU A 7 32.30 -2.00 -20.09
C LEU A 7 31.69 -1.09 -19.01
N ARG A 8 30.82 -0.19 -19.44
CA ARG A 8 30.18 0.74 -18.53
C ARG A 8 28.72 0.93 -18.93
N GLY A 9 28.03 1.80 -18.22
CA GLY A 9 26.64 2.06 -18.52
C GLY A 9 25.71 1.50 -17.47
N LEU A 10 26.10 1.64 -16.22
CA LEU A 10 25.31 1.12 -15.12
C LEU A 10 24.21 2.09 -14.73
N GLY A 11 23.01 1.75 -15.11
CA GLY A 11 21.88 2.57 -14.78
C GLY A 11 21.18 2.08 -13.54
N ASP A 12 21.45 0.83 -13.18
CA ASP A 12 20.86 0.22 -11.99
C ASP A 12 21.27 0.98 -10.74
N ALA A 13 20.37 1.07 -9.79
CA ALA A 13 20.62 1.81 -8.58
C ALA A 13 20.37 0.94 -7.36
N GLN A 14 21.02 1.28 -6.27
CA GLN A 14 20.85 0.54 -5.04
C GLN A 14 19.78 1.18 -4.17
N PHE A 15 19.15 0.36 -3.35
CA PHE A 15 18.10 0.81 -2.45
C PHE A 15 18.48 0.48 -1.03
N ALA A 16 17.61 0.78 -0.09
CA ALA A 16 17.83 0.41 1.29
C ALA A 16 17.66 -1.09 1.39
N LEU A 17 16.46 -1.54 1.14
CA LEU A 17 16.17 -2.95 1.11
C LEU A 17 16.41 -3.54 -0.27
N LYS A 18 16.70 -4.80 -0.36
CA LYS A 18 16.93 -5.39 -1.66
C LYS A 18 16.03 -6.58 -1.90
N GLU A 19 15.46 -7.08 -0.84
CA GLU A 19 14.55 -8.19 -0.89
C GLU A 19 13.44 -7.97 0.13
N ILE A 20 12.24 -8.26 -0.29
CA ILE A 20 11.07 -8.10 0.54
C ILE A 20 9.97 -9.06 0.09
N ASP A 21 9.19 -9.54 1.03
CA ASP A 21 8.11 -10.48 0.74
C ASP A 21 6.79 -9.75 0.58
N VAL A 22 6.04 -10.08 -0.46
CA VAL A 22 4.76 -9.43 -0.69
C VAL A 22 3.63 -10.32 -0.18
N SER A 23 3.07 -10.06 0.98
CA SER A 23 1.97 -10.90 1.44
C SER A 23 0.75 -10.08 1.85
N ALA A 24 -0.38 -10.77 1.93
CA ALA A 24 -1.63 -10.17 2.34
C ALA A 24 -2.26 -11.01 3.44
N ARG A 25 -3.06 -10.38 4.26
CA ARG A 25 -3.77 -11.05 5.32
C ARG A 25 -5.25 -11.04 5.00
N ASN A 26 -5.89 -12.19 5.12
CA ASN A 26 -7.31 -12.34 4.79
C ASN A 26 -7.55 -12.11 3.30
N ALA A 27 -7.56 -13.22 2.54
CA ALA A 27 -7.78 -13.18 1.09
C ALA A 27 -6.69 -12.37 0.39
N TYR A 28 -7.00 -11.88 -0.81
CA TYR A 28 -6.05 -11.09 -1.59
C TYR A 28 -6.78 -10.20 -2.59
N GLY A 29 -6.23 -9.03 -2.83
CA GLY A 29 -6.84 -8.09 -3.76
C GLY A 29 -5.85 -7.61 -4.81
N PRO A 30 -6.25 -6.61 -5.61
CA PRO A 30 -5.38 -6.05 -6.66
C PRO A 30 -4.17 -5.32 -6.09
N THR A 31 -4.36 -4.69 -4.94
CA THR A 31 -3.30 -3.93 -4.28
C THR A 31 -2.03 -4.76 -4.07
N VAL A 32 -2.18 -5.90 -3.39
CA VAL A 32 -1.04 -6.79 -3.13
C VAL A 32 -0.44 -7.31 -4.44
N ARG A 33 -1.27 -7.44 -5.46
CA ARG A 33 -0.84 -7.93 -6.76
C ARG A 33 0.08 -6.90 -7.44
N GLU A 34 -0.41 -5.67 -7.58
CA GLU A 34 0.37 -4.61 -8.22
C GLU A 34 1.59 -4.22 -7.39
N LEU A 35 1.53 -4.41 -6.05
CA LEU A 35 2.68 -4.15 -5.19
C LEU A 35 3.86 -4.96 -5.72
N LYS A 36 3.68 -6.27 -5.71
CA LYS A 36 4.67 -7.23 -6.18
C LYS A 36 5.20 -6.83 -7.56
N GLU A 37 4.32 -6.47 -8.47
CA GLU A 37 4.76 -6.05 -9.80
C GLU A 37 5.62 -4.78 -9.77
N THR A 38 5.09 -3.72 -9.16
CA THR A 38 5.82 -2.45 -9.02
C THR A 38 7.16 -2.69 -8.29
N LEU A 39 7.18 -3.41 -7.18
CA LEU A 39 8.46 -3.65 -6.49
C LEU A 39 9.41 -4.42 -7.38
N GLU A 40 8.92 -5.40 -8.10
CA GLU A 40 9.79 -6.18 -8.97
C GLU A 40 10.39 -5.31 -10.08
N ASN A 41 9.56 -4.43 -10.63
CA ASN A 41 9.93 -3.59 -11.76
C ASN A 41 10.77 -2.38 -11.36
N SER A 42 10.94 -2.19 -10.06
CA SER A 42 11.76 -1.10 -9.54
C SER A 42 13.12 -1.64 -9.11
N GLY A 43 13.41 -2.86 -9.54
CA GLY A 43 14.69 -3.49 -9.24
C GLY A 43 14.61 -4.36 -8.01
N VAL A 44 13.57 -4.23 -7.22
CA VAL A 44 13.49 -4.97 -5.98
C VAL A 44 13.16 -6.41 -6.21
N LYS A 45 13.81 -7.29 -5.49
CA LYS A 45 13.50 -8.67 -5.65
C LYS A 45 12.61 -9.10 -4.51
N VAL A 46 11.57 -9.78 -4.85
CA VAL A 46 10.63 -10.25 -3.89
C VAL A 46 10.73 -11.73 -3.78
N THR A 47 10.89 -12.19 -2.57
CA THR A 47 11.07 -13.55 -2.27
C THR A 47 10.06 -13.94 -1.21
N SER A 48 9.92 -15.21 -0.92
CA SER A 48 9.16 -15.59 0.25
C SER A 48 10.07 -15.50 1.50
N ASN A 49 11.38 -15.57 1.24
CA ASN A 49 12.39 -15.70 2.30
C ASN A 49 12.93 -14.33 2.77
N ALA A 50 12.27 -13.25 2.41
CA ALA A 50 12.71 -11.92 2.82
C ALA A 50 12.68 -11.76 4.34
N PRO A 51 13.63 -10.98 4.90
CA PRO A 51 13.72 -10.77 6.35
C PRO A 51 12.61 -9.87 6.86
N TYR A 52 12.11 -9.00 5.99
CA TYR A 52 11.05 -8.10 6.35
C TYR A 52 9.84 -8.38 5.48
N HIS A 53 8.68 -8.39 6.09
CA HIS A 53 7.47 -8.73 5.40
C HIS A 53 6.47 -7.59 5.33
N LEU A 54 5.93 -7.37 4.16
CA LEU A 54 4.85 -6.43 3.94
C LEU A 54 3.63 -7.30 3.86
N VAL A 55 2.71 -7.07 4.79
CA VAL A 55 1.44 -7.76 4.79
C VAL A 55 0.27 -6.76 4.80
N LEU A 56 -0.57 -6.81 3.79
CA LEU A 56 -1.74 -5.93 3.75
C LEU A 56 -2.91 -6.64 4.40
N VAL A 57 -3.44 -5.96 5.41
CA VAL A 57 -4.42 -6.53 6.34
C VAL A 57 -5.86 -6.42 5.86
N ARG A 58 -6.16 -5.36 5.15
CA ARG A 58 -7.53 -5.11 4.70
C ARG A 58 -7.54 -3.99 3.68
N GLU A 59 -8.60 -3.96 2.89
CA GLU A 59 -8.77 -2.99 1.84
C GLU A 59 -10.20 -2.48 1.84
N ASP A 60 -10.40 -1.24 2.25
CA ASP A 60 -11.73 -0.68 2.37
C ASP A 60 -11.97 0.33 1.26
N ASN A 61 -13.22 0.50 0.87
CA ASN A 61 -13.50 1.37 -0.24
C ASN A 61 -14.86 2.09 -0.17
N GLN A 62 -14.81 3.33 0.28
CA GLN A 62 -16.01 4.04 0.70
C GLN A 62 -16.71 4.81 -0.43
N GLN A 63 -17.96 4.45 -0.65
CA GLN A 63 -18.83 5.16 -1.56
C GLN A 63 -19.96 5.78 -0.73
N ARG A 64 -20.15 7.08 -0.86
CA ARG A 64 -21.18 7.78 -0.10
C ARG A 64 -21.48 9.14 -0.75
N THR A 65 -22.64 9.69 -0.42
CA THR A 65 -23.09 10.92 -1.02
C THR A 65 -22.65 12.16 -0.24
N VAL A 66 -22.07 13.14 -0.89
CA VAL A 66 -21.67 14.35 -0.17
C VAL A 66 -22.76 15.39 -0.18
N SER A 67 -23.79 15.15 -0.98
CA SER A 67 -24.91 16.08 -1.10
C SER A 67 -24.47 17.37 -1.78
N TYR A 68 -25.42 18.18 -2.21
CA TYR A 68 -25.09 19.37 -2.86
C TYR A 68 -24.87 20.51 -1.86
N THR A 69 -23.75 21.22 -1.99
CA THR A 69 -23.51 22.39 -1.17
C THR A 69 -24.41 23.53 -1.68
N GLY A 70 -25.62 23.54 -1.18
CA GLY A 70 -26.56 24.58 -1.51
C GLY A 70 -27.96 24.11 -1.26
N SER A 71 -28.91 24.67 -1.97
CA SER A 71 -30.28 24.27 -1.83
C SER A 71 -30.76 23.59 -3.11
N ALA A 72 -29.83 23.42 -4.05
CA ALA A 72 -30.12 22.77 -5.32
C ALA A 72 -30.08 21.26 -5.18
N ARG A 73 -30.14 20.56 -6.30
CA ARG A 73 -30.22 19.11 -6.31
C ARG A 73 -29.00 18.46 -6.97
N GLY A 74 -27.86 19.17 -6.90
CA GLY A 74 -26.61 18.65 -7.46
C GLY A 74 -26.20 17.33 -6.82
N ALA A 75 -25.31 17.45 -5.83
CA ALA A 75 -24.84 16.34 -5.01
C ALA A 75 -24.02 15.32 -5.79
N GLU A 76 -22.75 15.31 -5.51
CA GLU A 76 -21.84 14.41 -6.17
C GLU A 76 -21.47 13.26 -5.24
N PHE A 77 -20.61 12.38 -5.71
CA PHE A 77 -20.20 11.22 -4.92
C PHE A 77 -18.73 11.34 -4.56
N GLU A 78 -18.36 10.84 -3.40
CA GLU A 78 -16.97 10.87 -2.98
C GLU A 78 -16.49 9.47 -2.67
N LEU A 79 -15.27 9.17 -3.04
CA LEU A 79 -14.68 7.88 -2.84
C LEU A 79 -13.42 7.99 -1.98
N THR A 80 -13.41 7.25 -0.90
CA THR A 80 -12.26 7.17 -0.03
C THR A 80 -11.82 5.73 -0.03
N ASN A 81 -10.55 5.52 -0.27
CA ASN A 81 -10.00 4.18 -0.26
C ASN A 81 -9.02 4.02 0.88
N THR A 82 -9.05 2.93 1.59
CA THR A 82 -8.13 2.77 2.69
C THR A 82 -7.50 1.38 2.62
N ILE A 83 -6.19 1.35 2.48
CA ILE A 83 -5.44 0.11 2.41
C ILE A 83 -4.55 -0.02 3.63
N ASN A 84 -4.80 -1.03 4.43
CA ASN A 84 -4.04 -1.23 5.65
C ASN A 84 -2.93 -2.23 5.46
N TYR A 85 -1.75 -1.93 5.98
CA TYR A 85 -0.62 -2.82 5.84
C TYR A 85 0.26 -2.78 7.07
N GLU A 86 1.03 -3.82 7.26
CA GLU A 86 1.88 -3.95 8.42
C GLU A 86 3.27 -4.40 8.00
N ILE A 87 4.25 -4.08 8.81
CA ILE A 87 5.62 -4.45 8.57
C ILE A 87 6.03 -5.48 9.59
N VAL A 88 6.17 -6.71 9.17
CA VAL A 88 6.49 -7.78 10.08
C VAL A 88 7.95 -8.18 9.96
N GLY A 89 8.66 -8.22 11.07
CA GLY A 89 10.06 -8.54 11.02
C GLY A 89 10.29 -9.99 11.33
N ALA A 90 10.84 -10.26 12.49
CA ALA A 90 11.10 -11.61 12.90
C ALA A 90 10.15 -11.97 14.04
N ASN A 91 10.02 -13.26 14.29
CA ASN A 91 9.15 -13.77 15.37
C ASN A 91 7.69 -13.40 15.14
N ASP A 92 7.35 -13.06 13.88
CA ASP A 92 5.99 -12.63 13.49
C ASP A 92 5.60 -11.35 14.23
N LEU A 93 6.62 -10.63 14.67
CA LEU A 93 6.44 -9.41 15.43
C LEU A 93 6.25 -8.20 14.50
N VAL A 94 5.32 -7.33 14.89
CA VAL A 94 5.01 -6.12 14.12
C VAL A 94 6.05 -5.03 14.40
N LEU A 95 6.68 -4.54 13.35
CA LEU A 95 7.67 -3.49 13.48
C LEU A 95 7.03 -2.11 13.47
N MET A 96 6.24 -1.87 12.42
CA MET A 96 5.44 -0.66 12.27
C MET A 96 4.16 -1.05 11.53
N SER A 97 3.14 -0.24 11.69
CA SER A 97 1.90 -0.39 10.96
C SER A 97 1.45 0.96 10.41
N ASN A 98 0.88 0.94 9.22
CA ASN A 98 0.39 2.15 8.55
C ASN A 98 -0.71 1.75 7.57
N GLN A 99 -1.49 2.74 7.20
CA GLN A 99 -2.53 2.62 6.19
C GLN A 99 -2.42 3.86 5.32
N VAL A 100 -2.67 3.67 4.04
CA VAL A 100 -2.66 4.75 3.07
C VAL A 100 -4.06 4.98 2.57
N GLN A 101 -4.33 6.18 2.10
CA GLN A 101 -5.66 6.50 1.65
C GLN A 101 -5.66 7.43 0.47
N VAL A 102 -6.71 7.38 -0.31
CA VAL A 102 -6.88 8.28 -1.45
C VAL A 102 -8.31 8.77 -1.49
N GLN A 103 -8.51 10.03 -1.82
CA GLN A 103 -9.85 10.58 -1.82
C GLN A 103 -10.23 11.25 -3.14
N LYS A 104 -11.09 10.62 -3.90
CA LYS A 104 -11.50 11.16 -5.19
C LYS A 104 -12.98 11.55 -5.10
N VAL A 105 -13.37 12.44 -5.99
CA VAL A 105 -14.74 12.89 -6.09
C VAL A 105 -15.26 12.66 -7.50
N TYR A 106 -16.55 12.43 -7.63
CA TYR A 106 -17.15 12.15 -8.92
C TYR A 106 -17.88 13.37 -9.46
N VAL A 107 -17.88 13.50 -10.77
CA VAL A 107 -18.57 14.59 -11.41
C VAL A 107 -20.04 14.21 -11.60
N HIS A 108 -20.91 14.96 -10.99
CA HIS A 108 -22.34 14.70 -11.09
C HIS A 108 -23.05 15.82 -11.82
N ASP A 109 -23.62 15.50 -12.95
CA ASP A 109 -24.38 16.46 -13.72
C ASP A 109 -25.86 16.17 -13.57
N GLU A 110 -26.68 17.19 -13.82
CA GLU A 110 -28.12 17.02 -13.73
C GLU A 110 -28.63 16.12 -14.85
N ASN A 111 -28.06 16.28 -16.03
CA ASN A 111 -28.42 15.44 -17.18
C ASN A 111 -27.92 14.03 -16.97
N ASN A 112 -26.82 13.93 -16.24
CA ASN A 112 -26.23 12.64 -15.93
C ASN A 112 -26.70 12.17 -14.57
N LEU A 113 -27.94 12.49 -14.23
CA LEU A 113 -28.51 12.12 -12.94
C LEU A 113 -28.40 10.61 -12.72
N ILE A 114 -28.65 9.85 -13.76
CA ILE A 114 -28.57 8.40 -13.69
C ILE A 114 -27.22 7.93 -14.19
N GLY A 115 -26.73 8.59 -15.24
CA GLY A 115 -25.46 8.26 -15.83
C GLY A 115 -24.30 8.37 -14.86
N SER A 116 -24.36 9.37 -13.98
CA SER A 116 -23.30 9.60 -13.00
C SER A 116 -23.09 8.37 -12.11
N ASP A 117 -24.18 7.62 -11.87
CA ASP A 117 -24.13 6.40 -11.08
C ASP A 117 -23.45 5.29 -11.86
N GLN A 118 -23.62 5.32 -13.16
CA GLN A 118 -23.07 4.31 -14.05
C GLN A 118 -21.63 4.63 -14.38
N GLU A 119 -21.31 5.91 -14.32
CA GLU A 119 -20.00 6.40 -14.64
C GLU A 119 -19.06 6.21 -13.46
N ALA A 120 -19.65 6.23 -12.27
CA ALA A 120 -18.91 6.08 -11.02
C ALA A 120 -17.99 4.87 -10.97
N ALA A 121 -18.44 3.82 -11.66
CA ALA A 121 -17.69 2.58 -11.78
C ALA A 121 -16.49 2.75 -12.72
N GLN A 122 -16.61 3.68 -13.67
CA GLN A 122 -15.54 3.94 -14.63
C GLN A 122 -14.30 4.50 -13.94
N LEU A 123 -14.51 5.43 -12.98
CA LEU A 123 -13.39 5.98 -12.18
C LEU A 123 -12.63 4.82 -11.55
N ARG A 124 -13.35 3.77 -11.12
CA ARG A 124 -12.74 2.65 -10.38
C ARG A 124 -11.49 2.12 -11.10
N SER A 125 -11.52 2.15 -12.42
CA SER A 125 -10.40 1.74 -13.22
C SER A 125 -9.12 2.52 -12.82
N GLU A 126 -9.26 3.85 -12.74
CA GLU A 126 -8.16 4.76 -12.45
C GLU A 126 -7.77 4.74 -10.96
N MET A 127 -8.75 4.52 -10.06
CA MET A 127 -8.46 4.45 -8.61
C MET A 127 -7.37 3.43 -8.33
N ARG A 128 -7.30 2.44 -9.19
CA ARG A 128 -6.37 1.35 -9.09
C ARG A 128 -4.91 1.81 -9.19
N ARG A 129 -4.73 2.96 -9.88
CA ARG A 129 -3.42 3.57 -10.08
C ARG A 129 -2.96 4.22 -8.79
N ASP A 130 -3.91 4.96 -8.18
CA ASP A 130 -3.61 5.90 -7.09
C ASP A 130 -2.94 5.22 -5.93
N LEU A 131 -3.59 4.14 -5.55
CA LEU A 131 -3.20 3.32 -4.43
C LEU A 131 -1.75 2.88 -4.55
N ILE A 132 -1.41 2.33 -5.70
CA ILE A 132 -0.10 1.77 -5.91
C ILE A 132 0.99 2.83 -5.92
N GLN A 133 0.74 3.92 -6.66
CA GLN A 133 1.74 4.98 -6.79
C GLN A 133 2.14 5.53 -5.43
N GLN A 134 1.16 5.92 -4.64
CA GLN A 134 1.42 6.49 -3.32
C GLN A 134 1.79 5.42 -2.29
N LEU A 135 1.22 4.24 -2.36
CA LEU A 135 1.49 3.20 -1.35
C LEU A 135 2.94 2.74 -1.40
N SER A 136 3.40 2.42 -2.63
CA SER A 136 4.74 1.94 -2.89
C SER A 136 5.84 2.80 -2.22
N MET A 137 5.64 4.12 -2.33
CA MET A 137 6.60 5.15 -1.89
C MET A 137 7.11 4.95 -0.46
N ARG A 138 6.23 4.52 0.44
CA ARG A 138 6.62 4.31 1.83
C ARG A 138 7.75 3.29 1.92
N LEU A 139 7.75 2.30 1.05
CA LEU A 139 8.77 1.25 1.08
C LEU A 139 10.17 1.83 0.77
N GLN A 140 10.23 2.99 0.13
CA GLN A 140 11.52 3.61 -0.17
C GLN A 140 12.03 4.41 1.02
N ALA A 141 11.10 4.89 1.82
CA ALA A 141 11.44 5.70 2.98
C ALA A 141 11.48 4.85 4.25
N LEU A 142 11.70 3.56 4.10
CA LEU A 142 11.99 2.71 5.23
C LEU A 142 13.41 2.23 5.07
N THR A 143 14.17 2.26 6.15
CA THR A 143 15.54 1.84 6.13
C THR A 143 15.71 0.62 7.01
N PRO A 144 16.75 -0.22 6.76
CA PRO A 144 17.01 -1.40 7.57
C PRO A 144 17.14 -1.04 9.04
N ALA A 145 17.74 0.11 9.32
CA ALA A 145 17.94 0.56 10.71
C ALA A 145 16.61 0.72 11.44
N GLN A 146 15.65 1.38 10.81
CA GLN A 146 14.34 1.62 11.43
C GLN A 146 13.63 0.30 11.71
N LEU A 147 13.80 -0.65 10.83
CA LEU A 147 13.16 -1.94 10.97
C LEU A 147 13.83 -2.76 12.07
N ASP A 148 15.15 -2.77 12.08
CA ASP A 148 15.92 -3.48 13.11
C ASP A 148 15.61 -2.93 14.49
N GLU A 149 15.59 -1.63 14.63
CA GLU A 149 15.34 -1.03 15.93
C GLU A 149 13.90 -1.28 16.37
N ALA A 150 12.95 -1.22 15.43
CA ALA A 150 11.55 -1.49 15.74
C ALA A 150 11.36 -2.88 16.32
N GLN A 151 12.09 -3.87 15.78
CA GLN A 151 12.08 -5.20 16.38
C GLN A 151 12.62 -5.08 17.79
N ARG A 152 13.83 -4.55 17.93
CA ARG A 152 14.52 -4.58 19.22
C ARG A 152 13.69 -4.01 20.35
N GLN A 153 13.18 -2.81 20.14
CA GLN A 153 12.37 -2.13 21.14
C GLN A 153 11.10 -2.90 21.47
N ALA A 154 10.54 -3.56 20.46
CA ALA A 154 9.34 -4.36 20.63
C ALA A 154 9.66 -5.59 21.47
N GLU A 155 10.81 -6.23 21.20
CA GLU A 155 11.24 -7.40 21.97
C GLU A 155 11.36 -7.03 23.43
N ALA A 156 12.01 -5.89 23.68
CA ALA A 156 12.21 -5.41 25.03
C ALA A 156 10.88 -5.18 25.73
N LYS A 157 9.96 -4.48 25.07
CA LYS A 157 8.65 -4.18 25.65
C LYS A 157 7.84 -5.44 25.94
N ALA A 158 7.73 -6.31 24.95
CA ALA A 158 6.96 -7.55 25.08
C ALA A 158 7.50 -8.44 26.18
N LYS A 159 8.82 -8.54 26.25
CA LYS A 159 9.47 -9.36 27.24
C LYS A 159 9.46 -8.68 28.62
N ALA A 160 9.56 -7.36 28.64
CA ALA A 160 9.57 -6.60 29.89
C ALA A 160 8.30 -6.85 30.69
N GLU A 161 7.18 -7.01 29.98
CA GLU A 161 5.91 -7.29 30.61
C GLU A 161 5.97 -8.65 31.30
N ALA A 162 6.64 -9.59 30.64
CA ALA A 162 6.78 -10.94 31.16
C ALA A 162 7.65 -10.96 32.41
N GLU A 163 8.69 -10.14 32.41
CA GLU A 163 9.59 -10.05 33.54
C GLU A 163 8.93 -9.31 34.70
N ALA A 164 8.03 -8.40 34.37
CA ALA A 164 7.29 -7.65 35.37
C ALA A 164 6.32 -8.56 36.12
N LEU A 165 5.63 -9.40 35.37
CA LEU A 165 4.71 -10.35 35.96
C LEU A 165 5.48 -11.50 36.60
N ARG A 166 5.15 -11.79 37.86
CA ARG A 166 5.81 -12.82 38.64
C ARG A 166 7.33 -12.64 38.61
N GLY A 1 8.32 -32.50 -14.66
CA GLY A 1 9.12 -31.53 -13.90
C GLY A 1 8.91 -30.12 -14.39
N THR A 2 9.18 -29.14 -13.55
CA THR A 2 8.99 -27.75 -13.91
C THR A 2 10.28 -27.11 -14.41
N SER A 3 10.37 -26.94 -15.71
CA SER A 3 11.53 -26.33 -16.32
C SER A 3 11.07 -25.27 -17.31
N GLY A 4 11.99 -24.48 -17.82
CA GLY A 4 11.63 -23.44 -18.75
C GLY A 4 11.45 -22.11 -18.05
N PHE A 5 12.54 -21.49 -17.69
CA PHE A 5 12.53 -20.22 -17.01
C PHE A 5 13.71 -19.38 -17.43
N GLN A 6 13.61 -18.08 -17.20
CA GLN A 6 14.70 -17.17 -17.50
C GLN A 6 14.78 -16.10 -16.43
N LEU A 7 15.99 -15.80 -16.01
CA LEU A 7 16.22 -14.82 -14.97
C LEU A 7 16.76 -13.52 -15.54
N ARG A 8 16.86 -12.51 -14.70
CA ARG A 8 17.35 -11.21 -15.12
C ARG A 8 18.66 -10.90 -14.44
N GLY A 9 19.57 -10.27 -15.16
CA GLY A 9 20.86 -9.93 -14.62
C GLY A 9 21.02 -8.44 -14.48
N LEU A 10 19.92 -7.76 -14.31
CA LEU A 10 19.92 -6.32 -14.16
C LEU A 10 19.31 -5.96 -12.82
N GLY A 11 20.06 -5.26 -12.02
CA GLY A 11 19.58 -4.87 -10.71
C GLY A 11 20.26 -3.62 -10.23
N ASP A 12 20.24 -2.59 -11.05
CA ASP A 12 20.87 -1.33 -10.71
C ASP A 12 19.92 -0.46 -9.90
N ALA A 13 20.10 -0.48 -8.58
CA ALA A 13 19.29 0.29 -7.66
C ALA A 13 19.80 0.13 -6.24
N GLN A 14 19.64 1.17 -5.43
CA GLN A 14 20.07 1.11 -4.05
C GLN A 14 18.93 1.41 -3.11
N PHE A 15 18.28 0.37 -2.67
CA PHE A 15 17.17 0.49 -1.76
C PHE A 15 17.42 -0.36 -0.54
N ALA A 16 16.77 0.01 0.55
CA ALA A 16 16.91 -0.73 1.80
C ALA A 16 16.38 -2.14 1.64
N LEU A 17 15.19 -2.24 1.08
CA LEU A 17 14.60 -3.53 0.87
C LEU A 17 15.04 -4.11 -0.45
N LYS A 18 16.20 -4.71 -0.45
CA LYS A 18 16.72 -5.35 -1.65
C LYS A 18 15.86 -6.55 -1.99
N GLU A 19 15.19 -7.05 -0.98
CA GLU A 19 14.26 -8.14 -1.10
C GLU A 19 13.22 -8.00 -0.02
N ILE A 20 11.99 -8.28 -0.41
CA ILE A 20 10.84 -8.15 0.45
C ILE A 20 9.78 -9.15 -0.03
N ASP A 21 8.92 -9.56 0.86
CA ASP A 21 7.83 -10.47 0.47
C ASP A 21 6.55 -9.70 0.29
N VAL A 22 5.85 -9.97 -0.79
CA VAL A 22 4.60 -9.30 -1.04
C VAL A 22 3.47 -10.18 -0.55
N SER A 23 2.95 -9.91 0.62
CA SER A 23 1.88 -10.74 1.11
C SER A 23 0.68 -9.93 1.54
N ALA A 24 -0.43 -10.61 1.70
CA ALA A 24 -1.65 -10.01 2.14
C ALA A 24 -2.26 -10.88 3.22
N ARG A 25 -3.26 -10.35 3.88
CA ARG A 25 -4.01 -11.11 4.85
C ARG A 25 -5.13 -11.82 4.10
N ASN A 26 -5.92 -12.64 4.80
CA ASN A 26 -7.04 -13.36 4.18
C ASN A 26 -7.89 -12.48 3.24
N ALA A 27 -7.92 -11.19 3.51
CA ALA A 27 -8.63 -10.25 2.66
C ALA A 27 -7.72 -9.77 1.54
N TYR A 28 -7.75 -10.48 0.43
CA TYR A 28 -6.92 -10.15 -0.73
C TYR A 28 -7.61 -9.16 -1.65
N GLY A 29 -6.81 -8.44 -2.42
CA GLY A 29 -7.33 -7.47 -3.35
C GLY A 29 -6.32 -7.18 -4.45
N PRO A 30 -6.68 -6.37 -5.44
CA PRO A 30 -5.76 -6.02 -6.54
C PRO A 30 -4.49 -5.29 -6.06
N THR A 31 -4.59 -4.62 -4.92
CA THR A 31 -3.46 -3.87 -4.37
C THR A 31 -2.20 -4.74 -4.22
N VAL A 32 -2.36 -5.93 -3.63
CA VAL A 32 -1.23 -6.83 -3.42
C VAL A 32 -0.66 -7.34 -4.75
N ARG A 33 -1.54 -7.48 -5.74
CA ARG A 33 -1.13 -7.96 -7.04
C ARG A 33 -0.29 -6.89 -7.77
N GLU A 34 -0.82 -5.67 -7.84
CA GLU A 34 -0.12 -4.57 -8.49
C GLU A 34 1.15 -4.16 -7.70
N LEU A 35 1.12 -4.36 -6.38
CA LEU A 35 2.29 -4.04 -5.55
C LEU A 35 3.49 -4.86 -6.03
N LYS A 36 3.25 -6.13 -6.26
CA LYS A 36 4.30 -7.05 -6.70
C LYS A 36 4.83 -6.61 -8.07
N GLU A 37 3.93 -6.24 -8.96
CA GLU A 37 4.33 -5.76 -10.29
C GLU A 37 5.24 -4.52 -10.18
N THR A 38 4.91 -3.65 -9.24
CA THR A 38 5.65 -2.40 -9.03
C THR A 38 6.98 -2.63 -8.27
N LEU A 39 6.96 -3.34 -7.15
CA LEU A 39 8.19 -3.56 -6.37
C LEU A 39 9.23 -4.29 -7.23
N GLU A 40 8.84 -5.30 -7.98
CA GLU A 40 9.84 -6.01 -8.78
C GLU A 40 10.41 -5.09 -9.87
N ASN A 41 9.55 -4.21 -10.34
CA ASN A 41 9.80 -3.30 -11.42
C ASN A 41 10.65 -2.08 -11.03
N SER A 42 10.71 -1.82 -9.74
CA SER A 42 11.51 -0.73 -9.21
C SER A 42 12.89 -1.26 -8.76
N GLY A 43 13.22 -2.48 -9.20
CA GLY A 43 14.51 -3.07 -8.88
C GLY A 43 14.48 -4.01 -7.70
N VAL A 44 13.39 -4.03 -6.96
CA VAL A 44 13.29 -4.88 -5.78
C VAL A 44 13.05 -6.32 -6.17
N LYS A 45 13.71 -7.23 -5.50
CA LYS A 45 13.45 -8.62 -5.70
C LYS A 45 12.53 -9.08 -4.60
N VAL A 46 11.54 -9.83 -4.96
CA VAL A 46 10.58 -10.34 -4.03
C VAL A 46 10.70 -11.83 -3.91
N THR A 47 10.76 -12.26 -2.66
CA THR A 47 10.91 -13.64 -2.33
C THR A 47 9.86 -13.97 -1.28
N SER A 48 9.66 -15.24 -0.96
CA SER A 48 8.79 -15.57 0.14
C SER A 48 9.57 -15.42 1.46
N ASN A 49 10.88 -15.60 1.35
CA ASN A 49 11.78 -15.71 2.51
C ASN A 49 12.47 -14.39 2.84
N ALA A 50 11.88 -13.27 2.45
CA ALA A 50 12.45 -11.97 2.74
C ALA A 50 12.59 -11.73 4.24
N PRO A 51 13.55 -10.87 4.65
CA PRO A 51 13.77 -10.58 6.06
C PRO A 51 12.61 -9.80 6.66
N TYR A 52 12.09 -8.88 5.87
CA TYR A 52 10.98 -8.05 6.31
C TYR A 52 9.75 -8.36 5.47
N HIS A 53 8.62 -8.45 6.12
CA HIS A 53 7.40 -8.84 5.45
C HIS A 53 6.36 -7.73 5.37
N LEU A 54 5.81 -7.56 4.18
CA LEU A 54 4.71 -6.65 3.96
C LEU A 54 3.50 -7.57 3.89
N VAL A 55 2.57 -7.32 4.81
CA VAL A 55 1.31 -8.02 4.83
C VAL A 55 0.15 -7.00 4.80
N LEU A 56 -0.52 -6.89 3.67
CA LEU A 56 -1.68 -5.99 3.58
C LEU A 56 -2.88 -6.68 4.23
N VAL A 57 -3.28 -6.07 5.35
CA VAL A 57 -4.28 -6.56 6.28
C VAL A 57 -5.69 -6.55 5.71
N ARG A 58 -6.04 -5.50 5.00
CA ARG A 58 -7.39 -5.39 4.47
C ARG A 58 -7.53 -4.19 3.53
N GLU A 59 -7.92 -4.47 2.32
CA GLU A 59 -8.13 -3.46 1.32
C GLU A 59 -9.55 -2.90 1.36
N ASP A 60 -9.71 -1.64 1.75
CA ASP A 60 -11.05 -1.04 1.92
C ASP A 60 -11.29 -0.08 0.80
N ASN A 61 -12.49 -0.03 0.29
CA ASN A 61 -12.76 0.85 -0.81
C ASN A 61 -14.19 1.36 -0.87
N GLN A 62 -14.41 2.49 -0.22
CA GLN A 62 -15.76 2.92 0.11
C GLN A 62 -16.47 3.71 -0.95
N GLN A 63 -17.78 3.55 -0.97
CA GLN A 63 -18.66 4.38 -1.73
C GLN A 63 -19.61 5.04 -0.74
N ARG A 64 -19.40 6.31 -0.44
CA ARG A 64 -20.15 6.97 0.63
C ARG A 64 -20.73 8.31 0.19
N THR A 65 -21.94 8.58 0.64
CA THR A 65 -22.67 9.77 0.24
C THR A 65 -22.32 11.02 1.06
N VAL A 66 -21.83 12.06 0.45
CA VAL A 66 -21.60 13.29 1.22
C VAL A 66 -22.80 14.21 1.18
N SER A 67 -23.73 13.91 0.28
CA SER A 67 -24.95 14.70 0.13
C SER A 67 -24.64 16.07 -0.48
N TYR A 68 -25.63 16.94 -0.50
CA TYR A 68 -25.49 18.25 -1.11
C TYR A 68 -26.13 19.32 -0.24
N THR A 69 -25.61 20.54 -0.35
CA THR A 69 -26.12 21.66 0.40
C THR A 69 -26.48 22.80 -0.54
N GLY A 70 -27.51 23.56 -0.20
CA GLY A 70 -27.83 24.74 -0.98
C GLY A 70 -29.08 24.56 -1.80
N SER A 71 -29.95 23.65 -1.37
CA SER A 71 -31.20 23.35 -2.07
C SER A 71 -30.94 22.82 -3.48
N ALA A 72 -29.74 22.30 -3.69
CA ALA A 72 -29.35 21.77 -4.98
C ALA A 72 -28.20 20.80 -4.83
N ARG A 73 -27.89 20.13 -5.93
CA ARG A 73 -26.80 19.12 -6.05
C ARG A 73 -25.38 19.71 -5.81
N GLY A 74 -25.31 20.72 -4.95
CA GLY A 74 -24.06 21.40 -4.62
C GLY A 74 -22.84 20.51 -4.46
N ALA A 75 -23.00 19.39 -3.80
CA ALA A 75 -21.88 18.48 -3.58
C ALA A 75 -22.11 17.17 -4.32
N GLU A 76 -21.03 16.59 -4.81
CA GLU A 76 -21.09 15.37 -5.60
C GLU A 76 -20.67 14.15 -4.79
N PHE A 77 -20.50 13.04 -5.47
CA PHE A 77 -20.11 11.80 -4.83
C PHE A 77 -18.58 11.70 -4.82
N GLU A 78 -18.05 10.90 -3.90
CA GLU A 78 -16.62 10.71 -3.78
C GLU A 78 -16.30 9.31 -3.29
N LEU A 79 -15.08 8.87 -3.54
CA LEU A 79 -14.61 7.57 -3.12
C LEU A 79 -13.38 7.73 -2.22
N THR A 80 -13.35 6.94 -1.17
CA THR A 80 -12.23 6.89 -0.25
C THR A 80 -11.71 5.45 -0.26
N ASN A 81 -10.42 5.32 -0.44
CA ASN A 81 -9.78 4.02 -0.44
C ASN A 81 -8.84 3.90 0.75
N THR A 82 -8.80 2.78 1.40
CA THR A 82 -7.90 2.64 2.54
C THR A 82 -7.25 1.27 2.50
N ILE A 83 -5.93 1.28 2.46
CA ILE A 83 -5.17 0.05 2.46
C ILE A 83 -4.42 -0.07 3.76
N ASN A 84 -4.71 -1.10 4.52
CA ASN A 84 -4.09 -1.31 5.80
C ASN A 84 -2.97 -2.33 5.67
N TYR A 85 -1.81 -2.03 6.24
CA TYR A 85 -0.69 -2.95 6.13
C TYR A 85 0.20 -2.88 7.34
N GLU A 86 1.07 -3.86 7.45
CA GLU A 86 2.02 -3.91 8.55
C GLU A 86 3.34 -4.49 8.09
N ILE A 87 4.37 -4.20 8.84
CA ILE A 87 5.72 -4.65 8.52
C ILE A 87 6.14 -5.65 9.55
N VAL A 88 6.25 -6.89 9.17
CA VAL A 88 6.59 -7.93 10.12
C VAL A 88 8.06 -8.30 10.05
N GLY A 89 8.74 -8.30 11.18
CA GLY A 89 10.16 -8.60 11.17
C GLY A 89 10.41 -10.05 11.51
N ALA A 90 10.86 -10.26 12.72
CA ALA A 90 11.12 -11.60 13.21
C ALA A 90 10.18 -11.92 14.34
N ASN A 91 10.16 -13.18 14.76
CA ASN A 91 9.34 -13.64 15.91
C ASN A 91 7.85 -13.42 15.66
N ASP A 92 7.49 -13.13 14.40
CA ASP A 92 6.10 -12.82 14.02
C ASP A 92 5.65 -11.52 14.67
N LEU A 93 6.57 -10.70 15.14
CA LEU A 93 6.18 -9.45 15.76
C LEU A 93 6.15 -8.33 14.73
N VAL A 94 5.34 -7.32 15.00
CA VAL A 94 5.16 -6.21 14.08
C VAL A 94 6.19 -5.10 14.32
N LEU A 95 6.83 -4.67 13.25
CA LEU A 95 7.87 -3.66 13.34
C LEU A 95 7.30 -2.26 13.19
N MET A 96 6.50 -2.10 12.14
CA MET A 96 5.82 -0.87 11.81
C MET A 96 4.42 -1.20 11.28
N SER A 97 3.48 -0.32 11.57
CA SER A 97 2.14 -0.42 11.03
C SER A 97 1.71 0.91 10.42
N ASN A 98 1.21 0.86 9.20
CA ASN A 98 0.73 2.05 8.49
C ASN A 98 -0.40 1.64 7.58
N GLN A 99 -1.20 2.63 7.26
CA GLN A 99 -2.27 2.55 6.32
C GLN A 99 -2.18 3.78 5.43
N VAL A 100 -2.43 3.60 4.16
CA VAL A 100 -2.42 4.70 3.20
C VAL A 100 -3.84 4.93 2.68
N GLN A 101 -4.12 6.13 2.23
CA GLN A 101 -5.46 6.44 1.77
C GLN A 101 -5.48 7.41 0.59
N VAL A 102 -6.52 7.36 -0.21
CA VAL A 102 -6.69 8.29 -1.33
C VAL A 102 -8.14 8.70 -1.44
N GLN A 103 -8.38 9.95 -1.85
CA GLN A 103 -9.76 10.44 -1.95
C GLN A 103 -10.10 11.13 -3.27
N LYS A 104 -11.03 10.60 -4.02
CA LYS A 104 -11.39 11.19 -5.31
C LYS A 104 -12.86 11.50 -5.32
N VAL A 105 -13.15 12.74 -5.70
CA VAL A 105 -14.50 13.23 -5.91
C VAL A 105 -14.85 13.00 -7.37
N TYR A 106 -16.02 12.51 -7.65
CA TYR A 106 -16.44 12.33 -9.03
C TYR A 106 -17.71 13.08 -9.34
N VAL A 107 -17.60 14.03 -10.25
CA VAL A 107 -18.71 14.88 -10.63
C VAL A 107 -19.44 14.34 -11.87
N HIS A 108 -20.75 14.32 -11.79
CA HIS A 108 -21.60 13.90 -12.87
C HIS A 108 -22.37 15.08 -13.43
N ASP A 109 -22.57 15.10 -14.73
CA ASP A 109 -23.36 16.14 -15.35
C ASP A 109 -24.84 15.85 -15.09
N GLU A 110 -25.67 16.87 -15.10
CA GLU A 110 -27.10 16.71 -14.87
C GLU A 110 -27.74 15.78 -15.92
N ASN A 111 -27.20 15.79 -17.13
CA ASN A 111 -27.70 14.93 -18.20
C ASN A 111 -27.07 13.55 -18.09
N ASN A 112 -26.10 13.43 -17.20
CA ASN A 112 -25.39 12.20 -16.99
C ASN A 112 -25.43 11.80 -15.54
N LEU A 113 -26.54 12.11 -14.89
CA LEU A 113 -26.73 11.69 -13.52
C LEU A 113 -26.69 10.19 -13.46
N ILE A 114 -27.14 9.57 -14.55
CA ILE A 114 -27.12 8.13 -14.69
C ILE A 114 -25.86 7.72 -15.43
N GLY A 115 -25.57 8.46 -16.51
CA GLY A 115 -24.43 8.16 -17.35
C GLY A 115 -23.11 8.13 -16.60
N SER A 116 -22.80 9.20 -15.89
CA SER A 116 -21.55 9.28 -15.17
C SER A 116 -21.46 8.17 -14.13
N ASP A 117 -22.54 7.89 -13.43
CA ASP A 117 -22.54 6.86 -12.39
C ASP A 117 -22.23 5.47 -12.97
N GLN A 118 -22.62 5.28 -14.21
CA GLN A 118 -22.35 4.03 -14.93
C GLN A 118 -20.97 4.08 -15.57
N GLU A 119 -20.55 5.29 -15.88
CA GLU A 119 -19.27 5.57 -16.50
C GLU A 119 -18.17 5.45 -15.46
N ALA A 120 -18.57 5.71 -14.21
CA ALA A 120 -17.70 5.73 -13.05
C ALA A 120 -16.84 4.49 -12.90
N ALA A 121 -17.28 3.41 -13.55
CA ALA A 121 -16.52 2.17 -13.58
C ALA A 121 -15.09 2.41 -14.12
N GLN A 122 -14.94 3.35 -15.05
CA GLN A 122 -13.62 3.66 -15.59
C GLN A 122 -12.78 4.40 -14.54
N LEU A 123 -13.46 5.12 -13.68
CA LEU A 123 -12.82 5.80 -12.55
C LEU A 123 -12.50 4.71 -11.53
N ARG A 124 -13.30 3.67 -11.34
CA ARG A 124 -12.87 2.65 -10.38
C ARG A 124 -11.64 1.94 -10.95
N SER A 125 -11.57 1.86 -12.27
CA SER A 125 -10.38 1.38 -12.94
C SER A 125 -9.14 2.21 -12.55
N GLU A 126 -9.35 3.54 -12.68
CA GLU A 126 -8.34 4.57 -12.47
C GLU A 126 -7.83 4.61 -11.04
N MET A 127 -8.74 4.54 -10.07
CA MET A 127 -8.36 4.62 -8.65
C MET A 127 -7.25 3.64 -8.30
N ARG A 128 -7.21 2.53 -9.02
CA ARG A 128 -6.23 1.48 -8.80
C ARG A 128 -4.79 1.97 -9.02
N ARG A 129 -4.68 3.00 -9.86
CA ARG A 129 -3.42 3.67 -10.15
C ARG A 129 -2.86 4.33 -8.90
N ASP A 130 -3.75 4.98 -8.16
CA ASP A 130 -3.38 5.88 -7.08
C ASP A 130 -2.72 5.21 -5.91
N LEU A 131 -3.42 4.17 -5.48
CA LEU A 131 -3.07 3.38 -4.31
C LEU A 131 -1.65 2.88 -4.39
N ILE A 132 -1.29 2.29 -5.52
CA ILE A 132 0.03 1.71 -5.69
C ILE A 132 1.12 2.76 -5.59
N GLN A 133 0.95 3.85 -6.31
CA GLN A 133 1.94 4.92 -6.34
C GLN A 133 2.19 5.49 -4.94
N GLN A 134 1.11 5.81 -4.24
CA GLN A 134 1.20 6.36 -2.89
C GLN A 134 1.64 5.30 -1.90
N LEU A 135 1.28 4.06 -2.12
CA LEU A 135 1.59 3.01 -1.15
C LEU A 135 3.05 2.58 -1.18
N SER A 136 3.53 2.33 -2.42
CA SER A 136 4.91 1.93 -2.71
C SER A 136 5.94 2.83 -2.03
N MET A 137 5.66 4.14 -2.13
CA MET A 137 6.54 5.21 -1.68
C MET A 137 7.05 5.03 -0.26
N ARG A 138 6.20 4.52 0.62
CA ARG A 138 6.60 4.32 2.02
C ARG A 138 7.77 3.33 2.10
N LEU A 139 7.79 2.34 1.22
CA LEU A 139 8.87 1.35 1.22
C LEU A 139 10.19 2.00 0.81
N GLN A 140 10.10 2.94 -0.13
CA GLN A 140 11.28 3.63 -0.64
C GLN A 140 11.99 4.42 0.45
N ALA A 141 11.22 4.97 1.37
CA ALA A 141 11.77 5.77 2.46
C ALA A 141 11.79 4.96 3.73
N LEU A 142 11.76 3.66 3.62
CA LEU A 142 11.96 2.80 4.75
C LEU A 142 13.45 2.49 4.76
N THR A 143 14.02 2.45 5.94
CA THR A 143 15.43 2.12 6.10
C THR A 143 15.58 0.94 7.04
N PRO A 144 16.70 0.19 6.94
CA PRO A 144 16.92 -0.98 7.79
C PRO A 144 17.05 -0.59 9.25
N ALA A 145 17.63 0.59 9.49
CA ALA A 145 17.82 1.10 10.84
C ALA A 145 16.50 1.23 11.58
N GLN A 146 15.49 1.84 10.93
CA GLN A 146 14.17 2.03 11.53
C GLN A 146 13.52 0.70 11.88
N LEU A 147 13.71 -0.28 11.02
CA LEU A 147 13.12 -1.59 11.20
C LEU A 147 13.85 -2.39 12.28
N ASP A 148 15.17 -2.35 12.24
CA ASP A 148 16.01 -3.02 13.23
C ASP A 148 15.71 -2.47 14.62
N GLU A 149 15.67 -1.17 14.75
CA GLU A 149 15.41 -0.57 16.05
C GLU A 149 14.00 -0.90 16.56
N ALA A 150 13.04 -1.00 15.62
CA ALA A 150 11.68 -1.35 15.97
C ALA A 150 11.60 -2.79 16.49
N GLN A 151 12.42 -3.69 15.91
CA GLN A 151 12.53 -5.04 16.45
C GLN A 151 13.01 -4.90 17.88
N ARG A 152 14.15 -4.25 18.07
CA ARG A 152 14.81 -4.24 19.37
C ARG A 152 13.88 -3.81 20.49
N GLN A 153 13.26 -2.66 20.32
CA GLN A 153 12.39 -2.13 21.35
C GLN A 153 11.11 -2.95 21.56
N ALA A 154 10.66 -3.65 20.50
CA ALA A 154 9.51 -4.53 20.61
C ALA A 154 9.82 -5.74 21.49
N GLU A 155 10.96 -6.40 21.23
CA GLU A 155 11.37 -7.57 22.00
C GLU A 155 11.55 -7.19 23.47
N ALA A 156 12.22 -6.07 23.69
CA ALA A 156 12.45 -5.58 25.02
C ALA A 156 11.15 -5.28 25.74
N LYS A 157 10.19 -4.73 25.01
CA LYS A 157 8.90 -4.35 25.58
C LYS A 157 8.12 -5.58 26.01
N ALA A 158 8.00 -6.56 25.11
CA ALA A 158 7.23 -7.77 25.37
C ALA A 158 7.78 -8.55 26.54
N LYS A 159 9.09 -8.62 26.62
CA LYS A 159 9.75 -9.37 27.68
C LYS A 159 9.70 -8.62 29.01
N ALA A 160 10.03 -7.33 28.98
CA ALA A 160 10.08 -6.50 30.19
C ALA A 160 8.77 -6.56 30.98
N GLU A 161 7.65 -6.36 30.28
CA GLU A 161 6.35 -6.36 30.92
C GLU A 161 6.06 -7.70 31.59
N ALA A 162 6.43 -8.75 30.92
CA ALA A 162 6.25 -10.10 31.42
C ALA A 162 7.08 -10.33 32.69
N GLU A 163 8.34 -9.92 32.65
CA GLU A 163 9.23 -10.05 33.79
C GLU A 163 8.79 -9.20 34.95
N ALA A 164 8.17 -8.08 34.64
CA ALA A 164 7.64 -7.15 35.66
C ALA A 164 6.62 -7.84 36.56
N LEU A 165 6.06 -8.94 36.09
CA LEU A 165 5.11 -9.71 36.87
C LEU A 165 5.83 -10.48 37.96
N ARG A 166 5.27 -10.47 39.15
CA ARG A 166 5.86 -11.18 40.29
C ARG A 166 5.75 -12.68 40.10
N GLY A 1 31.92 12.38 -31.02
CA GLY A 1 30.59 11.75 -31.20
C GLY A 1 29.88 12.29 -32.41
N THR A 2 28.62 11.96 -32.56
CA THR A 2 27.85 12.44 -33.68
C THR A 2 26.35 12.32 -33.41
N SER A 3 25.61 13.31 -33.89
CA SER A 3 24.15 13.34 -33.77
C SER A 3 23.70 13.43 -32.30
N GLY A 4 24.61 13.86 -31.43
CA GLY A 4 24.29 13.98 -30.03
C GLY A 4 25.50 13.83 -29.14
N PHE A 5 25.29 13.28 -27.96
CA PHE A 5 26.37 13.08 -27.00
C PHE A 5 26.36 11.66 -26.48
N GLN A 6 27.28 11.36 -25.57
CA GLN A 6 27.35 10.05 -24.98
C GLN A 6 26.56 10.01 -23.68
N LEU A 7 26.07 8.83 -23.34
CA LEU A 7 25.31 8.64 -22.11
C LEU A 7 26.22 8.72 -20.89
N ARG A 8 25.62 8.62 -19.72
CA ARG A 8 26.36 8.62 -18.49
C ARG A 8 27.11 7.30 -18.32
N GLY A 9 27.98 7.22 -17.34
CA GLY A 9 28.73 6.01 -17.15
C GLY A 9 27.99 4.99 -16.31
N LEU A 10 28.44 4.83 -15.08
CA LEU A 10 27.81 3.88 -14.18
C LEU A 10 26.69 4.51 -13.41
N GLY A 11 25.61 3.80 -13.29
CA GLY A 11 24.49 4.30 -12.56
C GLY A 11 23.80 3.23 -11.77
N ASP A 12 24.54 2.18 -11.44
CA ASP A 12 24.00 1.08 -10.67
C ASP A 12 24.24 1.31 -9.20
N ALA A 13 23.21 1.13 -8.41
CA ALA A 13 23.29 1.36 -6.99
C ALA A 13 22.73 0.19 -6.22
N GLN A 14 22.75 0.30 -4.91
CA GLN A 14 22.25 -0.73 -4.04
C GLN A 14 21.28 -0.13 -3.04
N PHE A 15 20.07 -0.63 -3.04
CA PHE A 15 19.04 -0.12 -2.16
C PHE A 15 19.18 -0.72 -0.76
N ALA A 16 18.36 -0.22 0.16
CA ALA A 16 18.37 -0.73 1.51
C ALA A 16 17.76 -2.11 1.51
N LEU A 17 16.60 -2.21 0.89
CA LEU A 17 15.94 -3.47 0.73
C LEU A 17 16.26 -4.04 -0.62
N LYS A 18 16.65 -5.28 -0.67
CA LYS A 18 16.98 -5.90 -1.93
C LYS A 18 16.02 -7.05 -2.19
N GLU A 19 15.30 -7.42 -1.15
CA GLU A 19 14.28 -8.43 -1.23
C GLU A 19 13.25 -8.19 -0.14
N ILE A 20 12.00 -8.41 -0.49
CA ILE A 20 10.90 -8.20 0.40
C ILE A 20 9.76 -9.16 0.06
N ASP A 21 9.02 -9.59 1.06
CA ASP A 21 7.88 -10.47 0.85
C ASP A 21 6.63 -9.63 0.68
N VAL A 22 5.97 -9.80 -0.44
CA VAL A 22 4.83 -8.99 -0.76
C VAL A 22 3.50 -9.73 -0.68
N SER A 23 2.76 -9.55 0.39
CA SER A 23 1.58 -10.35 0.55
C SER A 23 0.41 -9.59 1.16
N ALA A 24 -0.71 -10.26 1.22
CA ALA A 24 -1.92 -9.73 1.78
C ALA A 24 -2.47 -10.71 2.81
N ARG A 25 -3.59 -10.36 3.41
CA ARG A 25 -4.29 -11.27 4.30
C ARG A 25 -5.55 -11.78 3.59
N ASN A 26 -6.29 -12.67 4.24
CA ASN A 26 -7.51 -13.21 3.67
C ASN A 26 -8.49 -12.08 3.27
N ALA A 27 -9.20 -12.30 2.16
CA ALA A 27 -10.16 -11.32 1.60
C ALA A 27 -9.44 -10.16 0.93
N TYR A 28 -8.23 -10.42 0.48
CA TYR A 28 -7.39 -9.44 -0.21
C TYR A 28 -7.96 -9.10 -1.59
N GLY A 29 -7.67 -7.91 -2.05
CA GLY A 29 -8.10 -7.49 -3.36
C GLY A 29 -7.08 -7.82 -4.41
N PRO A 30 -7.39 -7.57 -5.68
CA PRO A 30 -6.48 -7.87 -6.80
C PRO A 30 -5.33 -6.85 -6.92
N THR A 31 -5.50 -5.71 -6.25
CA THR A 31 -4.52 -4.63 -6.33
C THR A 31 -3.24 -4.97 -5.54
N VAL A 32 -3.30 -6.00 -4.71
CA VAL A 32 -2.14 -6.40 -3.91
C VAL A 32 -1.04 -6.95 -4.83
N ARG A 33 -1.44 -7.46 -5.98
CA ARG A 33 -0.51 -8.00 -6.95
C ARG A 33 0.27 -6.87 -7.64
N GLU A 34 -0.38 -5.71 -7.81
CA GLU A 34 0.27 -4.55 -8.43
C GLU A 34 1.49 -4.12 -7.61
N LEU A 35 1.45 -4.32 -6.29
CA LEU A 35 2.59 -3.97 -5.44
C LEU A 35 3.82 -4.72 -5.92
N LYS A 36 3.63 -6.01 -6.20
CA LYS A 36 4.74 -6.87 -6.61
C LYS A 36 5.24 -6.43 -7.98
N GLU A 37 4.34 -6.12 -8.88
CA GLU A 37 4.73 -5.65 -10.21
C GLU A 37 5.59 -4.39 -10.14
N THR A 38 5.13 -3.42 -9.37
CA THR A 38 5.85 -2.17 -9.18
C THR A 38 7.21 -2.43 -8.52
N LEU A 39 7.26 -3.18 -7.44
CA LEU A 39 8.54 -3.41 -6.77
C LEU A 39 9.47 -4.20 -7.68
N GLU A 40 8.95 -5.21 -8.36
CA GLU A 40 9.77 -6.00 -9.27
C GLU A 40 10.37 -5.13 -10.37
N ASN A 41 9.52 -4.29 -10.95
CA ASN A 41 9.86 -3.45 -12.06
C ASN A 41 10.68 -2.19 -11.64
N SER A 42 10.89 -2.07 -10.35
CA SER A 42 11.74 -1.02 -9.80
C SER A 42 13.11 -1.62 -9.41
N GLY A 43 13.29 -2.89 -9.76
CA GLY A 43 14.54 -3.58 -9.49
C GLY A 43 14.46 -4.45 -8.24
N VAL A 44 13.43 -4.28 -7.42
CA VAL A 44 13.35 -4.99 -6.16
C VAL A 44 12.89 -6.43 -6.29
N LYS A 45 13.60 -7.36 -5.71
CA LYS A 45 13.20 -8.73 -5.83
C LYS A 45 12.25 -9.09 -4.69
N VAL A 46 11.19 -9.75 -5.04
CA VAL A 46 10.21 -10.19 -4.09
C VAL A 46 10.30 -11.69 -3.94
N THR A 47 10.53 -12.14 -2.72
CA THR A 47 10.65 -13.54 -2.43
C THR A 47 9.59 -13.91 -1.40
N SER A 48 9.42 -15.17 -1.12
CA SER A 48 8.54 -15.57 -0.05
C SER A 48 9.28 -15.42 1.28
N ASN A 49 10.60 -15.61 1.21
CA ASN A 49 11.45 -15.73 2.38
C ASN A 49 12.26 -14.47 2.67
N ALA A 50 11.70 -13.32 2.41
CA ALA A 50 12.39 -12.06 2.68
C ALA A 50 12.50 -11.81 4.18
N PRO A 51 13.47 -10.97 4.61
CA PRO A 51 13.66 -10.67 6.02
C PRO A 51 12.59 -9.74 6.56
N TYR A 52 12.14 -8.83 5.73
CA TYR A 52 11.09 -7.89 6.13
C TYR A 52 9.84 -8.17 5.34
N HIS A 53 8.71 -8.15 6.02
CA HIS A 53 7.46 -8.49 5.39
C HIS A 53 6.47 -7.34 5.28
N LEU A 54 5.92 -7.18 4.09
CA LEU A 54 4.80 -6.28 3.86
C LEU A 54 3.62 -7.20 3.75
N VAL A 55 2.70 -7.03 4.67
CA VAL A 55 1.45 -7.76 4.67
C VAL A 55 0.28 -6.78 4.65
N LEU A 56 -0.41 -6.70 3.53
CA LEU A 56 -1.60 -5.86 3.42
C LEU A 56 -2.77 -6.59 4.06
N VAL A 57 -3.14 -6.04 5.22
CA VAL A 57 -4.09 -6.59 6.15
C VAL A 57 -5.53 -6.54 5.66
N ARG A 58 -5.90 -5.44 5.02
CA ARG A 58 -7.27 -5.23 4.60
C ARG A 58 -7.39 -4.04 3.65
N GLU A 59 -8.47 -3.95 2.91
CA GLU A 59 -8.68 -2.83 2.02
C GLU A 59 -10.16 -2.47 1.93
N ASP A 60 -10.49 -1.23 2.21
CA ASP A 60 -11.87 -0.75 2.20
C ASP A 60 -12.04 0.31 1.15
N ASN A 61 -13.27 0.53 0.71
CA ASN A 61 -13.50 1.52 -0.32
C ASN A 61 -14.94 2.04 -0.36
N GLN A 62 -15.13 3.21 0.24
CA GLN A 62 -16.48 3.68 0.55
C GLN A 62 -17.15 4.47 -0.56
N GLN A 63 -18.40 4.16 -0.84
CA GLN A 63 -19.23 4.94 -1.74
C GLN A 63 -20.42 5.48 -0.95
N ARG A 64 -20.39 6.77 -0.63
CA ARG A 64 -21.46 7.41 0.14
C ARG A 64 -21.83 8.75 -0.47
N THR A 65 -23.03 9.19 -0.19
CA THR A 65 -23.59 10.36 -0.81
C THR A 65 -23.33 11.64 -0.01
N VAL A 66 -22.97 12.72 -0.68
CA VAL A 66 -22.81 13.99 0.03
C VAL A 66 -24.10 14.78 0.03
N SER A 67 -25.00 14.43 -0.88
CA SER A 67 -26.30 15.11 -1.00
C SER A 67 -26.12 16.54 -1.50
N TYR A 68 -27.23 17.19 -1.81
CA TYR A 68 -27.20 18.53 -2.33
C TYR A 68 -27.45 19.56 -1.26
N THR A 69 -26.82 20.71 -1.40
CA THR A 69 -26.97 21.80 -0.46
C THR A 69 -27.80 22.93 -1.07
N GLY A 70 -29.05 23.02 -0.67
CA GLY A 70 -29.91 24.07 -1.17
C GLY A 70 -30.61 23.68 -2.45
N SER A 71 -29.90 23.80 -3.56
CA SER A 71 -30.44 23.42 -4.84
C SER A 71 -30.35 21.92 -5.00
N ALA A 72 -31.33 21.35 -5.66
CA ALA A 72 -31.41 19.90 -5.86
C ALA A 72 -30.32 19.39 -6.82
N ARG A 73 -29.37 20.23 -7.14
CA ARG A 73 -28.31 19.87 -8.05
C ARG A 73 -26.93 20.10 -7.44
N GLY A 74 -26.90 20.30 -6.13
CA GLY A 74 -25.64 20.52 -5.46
C GLY A 74 -25.01 19.24 -4.95
N ALA A 75 -25.68 18.12 -5.23
CA ALA A 75 -25.21 16.80 -4.81
C ALA A 75 -24.09 16.31 -5.69
N GLU A 76 -23.36 15.32 -5.19
CA GLU A 76 -22.24 14.74 -5.90
C GLU A 76 -21.83 13.45 -5.20
N PHE A 77 -20.82 12.77 -5.73
CA PHE A 77 -20.33 11.53 -5.13
C PHE A 77 -18.84 11.63 -4.89
N GLU A 78 -18.39 11.00 -3.82
CA GLU A 78 -16.99 10.97 -3.46
C GLU A 78 -16.65 9.63 -2.84
N LEU A 79 -15.52 9.06 -3.24
CA LEU A 79 -15.11 7.77 -2.72
C LEU A 79 -13.79 7.87 -1.95
N THR A 80 -13.66 7.05 -0.94
CA THR A 80 -12.47 6.99 -0.12
C THR A 80 -11.98 5.55 -0.12
N ASN A 81 -10.69 5.39 -0.38
CA ASN A 81 -10.09 4.06 -0.41
C ASN A 81 -9.08 3.91 0.71
N THR A 82 -9.07 2.80 1.41
CA THR A 82 -8.10 2.66 2.51
C THR A 82 -7.51 1.24 2.52
N ILE A 83 -6.20 1.17 2.47
CA ILE A 83 -5.49 -0.11 2.48
C ILE A 83 -4.60 -0.18 3.71
N ASN A 84 -4.85 -1.15 4.55
CA ASN A 84 -4.11 -1.31 5.79
C ASN A 84 -3.00 -2.32 5.63
N TYR A 85 -1.85 -2.04 6.20
CA TYR A 85 -0.71 -2.93 6.07
C TYR A 85 0.14 -2.87 7.31
N GLU A 86 0.92 -3.92 7.48
CA GLU A 86 1.73 -4.08 8.63
C GLU A 86 3.13 -4.52 8.20
N ILE A 87 4.13 -4.17 9.01
CA ILE A 87 5.51 -4.51 8.72
C ILE A 87 5.97 -5.53 9.73
N VAL A 88 6.28 -6.73 9.29
CA VAL A 88 6.65 -7.78 10.21
C VAL A 88 8.13 -8.15 10.11
N GLY A 89 8.82 -8.26 11.23
CA GLY A 89 10.23 -8.57 11.20
C GLY A 89 10.51 -10.02 11.52
N ALA A 90 11.10 -10.25 12.68
CA ALA A 90 11.43 -11.58 13.12
C ALA A 90 10.49 -11.97 14.25
N ASN A 91 10.42 -13.27 14.55
CA ASN A 91 9.56 -13.77 15.64
C ASN A 91 8.09 -13.42 15.40
N ASP A 92 7.76 -13.09 14.15
CA ASP A 92 6.40 -12.67 13.77
C ASP A 92 6.00 -11.37 14.46
N LEU A 93 7.02 -10.65 14.89
CA LEU A 93 6.88 -9.40 15.62
C LEU A 93 6.62 -8.24 14.67
N VAL A 94 5.65 -7.41 15.03
CA VAL A 94 5.26 -6.24 14.25
C VAL A 94 6.23 -5.08 14.50
N LEU A 95 6.79 -4.54 13.43
CA LEU A 95 7.74 -3.45 13.55
C LEU A 95 7.07 -2.10 13.48
N MET A 96 6.31 -1.93 12.39
CA MET A 96 5.57 -0.73 12.09
C MET A 96 4.20 -1.11 11.52
N SER A 97 3.20 -0.29 11.80
CA SER A 97 1.88 -0.44 11.23
C SER A 97 1.35 0.91 10.70
N ASN A 98 0.77 0.89 9.49
CA ASN A 98 0.23 2.09 8.84
C ASN A 98 -0.74 1.62 7.74
N GLN A 99 -1.46 2.59 7.20
CA GLN A 99 -2.38 2.40 6.10
C GLN A 99 -2.25 3.62 5.19
N VAL A 100 -2.49 3.41 3.90
CA VAL A 100 -2.51 4.47 2.91
C VAL A 100 -3.92 4.65 2.37
N GLN A 101 -4.23 5.83 1.86
CA GLN A 101 -5.57 6.09 1.39
C GLN A 101 -5.60 7.08 0.22
N VAL A 102 -6.66 7.05 -0.55
CA VAL A 102 -6.84 8.01 -1.66
C VAL A 102 -8.29 8.45 -1.71
N GLN A 103 -8.53 9.73 -1.98
CA GLN A 103 -9.90 10.23 -2.00
C GLN A 103 -10.28 10.95 -3.29
N LYS A 104 -11.12 10.35 -4.11
CA LYS A 104 -11.52 10.97 -5.37
C LYS A 104 -12.97 11.34 -5.30
N VAL A 105 -13.25 12.48 -5.90
CA VAL A 105 -14.58 13.00 -6.06
C VAL A 105 -15.02 12.77 -7.52
N TYR A 106 -16.30 12.65 -7.73
CA TYR A 106 -16.83 12.43 -9.07
C TYR A 106 -17.39 13.71 -9.66
N VAL A 107 -17.47 13.75 -10.98
CA VAL A 107 -18.01 14.90 -11.67
C VAL A 107 -19.52 14.73 -11.90
N HIS A 108 -20.28 15.76 -11.60
CA HIS A 108 -21.71 15.69 -11.79
C HIS A 108 -22.10 16.17 -13.18
N ASP A 109 -22.86 15.37 -13.89
CA ASP A 109 -23.33 15.75 -15.21
C ASP A 109 -24.84 15.64 -15.28
N GLU A 110 -25.46 16.56 -16.00
CA GLU A 110 -26.92 16.57 -16.12
C GLU A 110 -27.40 15.44 -17.04
N ASN A 111 -26.79 15.33 -18.20
CA ASN A 111 -27.20 14.33 -19.18
C ASN A 111 -26.78 12.95 -18.73
N ASN A 112 -25.68 12.90 -18.00
CA ASN A 112 -25.18 11.67 -17.44
C ASN A 112 -25.44 11.63 -15.96
N LEU A 113 -26.62 12.06 -15.56
CA LEU A 113 -27.01 12.04 -14.16
C LEU A 113 -27.02 10.60 -13.64
N ILE A 114 -27.44 9.69 -14.51
CA ILE A 114 -27.47 8.27 -14.19
C ILE A 114 -26.28 7.60 -14.85
N GLY A 115 -25.89 8.14 -16.00
CA GLY A 115 -24.75 7.61 -16.74
C GLY A 115 -23.47 7.76 -15.97
N SER A 116 -23.41 8.76 -15.10
CA SER A 116 -22.24 9.00 -14.28
C SER A 116 -21.99 7.78 -13.37
N ASP A 117 -23.06 7.12 -12.95
CA ASP A 117 -22.97 5.91 -12.13
C ASP A 117 -22.33 4.78 -12.91
N GLN A 118 -22.53 4.81 -14.21
CA GLN A 118 -21.98 3.81 -15.10
C GLN A 118 -20.54 4.15 -15.43
N GLU A 119 -20.23 5.43 -15.37
CA GLU A 119 -18.90 5.93 -15.66
C GLU A 119 -18.00 5.72 -14.45
N ALA A 120 -18.64 5.71 -13.28
CA ALA A 120 -17.95 5.59 -11.99
C ALA A 120 -16.98 4.43 -11.94
N ALA A 121 -17.27 3.38 -12.70
CA ALA A 121 -16.40 2.23 -12.81
C ALA A 121 -15.02 2.65 -13.34
N GLN A 122 -15.00 3.66 -14.21
CA GLN A 122 -13.75 4.14 -14.78
C GLN A 122 -12.91 4.87 -13.74
N LEU A 123 -13.57 5.55 -12.80
CA LEU A 123 -12.85 6.14 -11.66
C LEU A 123 -12.24 4.99 -10.89
N ARG A 124 -13.03 4.02 -10.44
CA ARG A 124 -12.46 2.97 -9.58
C ARG A 124 -11.30 2.24 -10.26
N SER A 125 -11.37 2.15 -11.58
CA SER A 125 -10.29 1.61 -12.38
C SER A 125 -9.00 2.40 -12.13
N GLU A 126 -9.14 3.72 -12.19
CA GLU A 126 -8.05 4.64 -12.01
C GLU A 126 -7.55 4.66 -10.56
N MET A 127 -8.46 4.46 -9.59
CA MET A 127 -8.10 4.40 -8.16
C MET A 127 -6.97 3.41 -7.94
N ARG A 128 -6.98 2.38 -8.76
CA ARG A 128 -6.02 1.30 -8.70
C ARG A 128 -4.60 1.79 -9.00
N ARG A 129 -4.52 2.88 -9.78
CA ARG A 129 -3.24 3.50 -10.11
C ARG A 129 -2.69 4.15 -8.84
N ASP A 130 -3.62 4.83 -8.13
CA ASP A 130 -3.29 5.75 -7.04
C ASP A 130 -2.61 5.07 -5.89
N LEU A 131 -3.31 4.04 -5.43
CA LEU A 131 -2.94 3.27 -4.26
C LEU A 131 -1.53 2.79 -4.34
N ILE A 132 -1.17 2.21 -5.46
CA ILE A 132 0.15 1.65 -5.63
C ILE A 132 1.24 2.72 -5.58
N GLN A 133 1.00 3.82 -6.26
CA GLN A 133 1.96 4.91 -6.30
C GLN A 133 2.25 5.46 -4.91
N GLN A 134 1.19 5.76 -4.18
CA GLN A 134 1.31 6.28 -2.81
C GLN A 134 1.82 5.20 -1.87
N LEU A 135 1.41 3.96 -2.08
CA LEU A 135 1.74 2.90 -1.14
C LEU A 135 3.22 2.50 -1.17
N SER A 136 3.70 2.31 -2.42
CA SER A 136 5.08 1.95 -2.71
C SER A 136 6.09 2.85 -1.99
N MET A 137 5.72 4.13 -1.93
CA MET A 137 6.58 5.19 -1.40
C MET A 137 7.03 4.96 0.02
N ARG A 138 6.20 4.32 0.83
CA ARG A 138 6.62 4.05 2.19
C ARG A 138 7.78 3.07 2.23
N LEU A 139 7.79 2.13 1.28
CA LEU A 139 8.85 1.16 1.17
C LEU A 139 10.15 1.84 0.74
N GLN A 140 10.08 2.77 -0.22
CA GLN A 140 11.29 3.46 -0.70
C GLN A 140 11.92 4.26 0.44
N ALA A 141 11.08 4.73 1.35
CA ALA A 141 11.53 5.52 2.47
C ALA A 141 11.56 4.69 3.74
N LEU A 142 11.58 3.38 3.61
CA LEU A 142 11.77 2.53 4.75
C LEU A 142 13.28 2.42 4.93
N THR A 143 13.73 2.32 6.16
CA THR A 143 15.13 2.18 6.45
C THR A 143 15.36 1.01 7.38
N PRO A 144 16.50 0.30 7.21
CA PRO A 144 16.83 -0.85 8.03
C PRO A 144 16.92 -0.50 9.52
N ALA A 145 17.44 0.70 9.80
CA ALA A 145 17.58 1.16 11.18
C ALA A 145 16.24 1.21 11.91
N GLN A 146 15.24 1.83 11.26
CA GLN A 146 13.91 1.95 11.86
C GLN A 146 13.30 0.58 12.14
N LEU A 147 13.52 -0.35 11.24
CA LEU A 147 12.96 -1.68 11.37
C LEU A 147 13.72 -2.50 12.42
N ASP A 148 15.05 -2.40 12.41
CA ASP A 148 15.89 -3.09 13.40
C ASP A 148 15.57 -2.58 14.78
N GLU A 149 15.44 -1.28 14.94
CA GLU A 149 15.13 -0.72 16.24
C GLU A 149 13.73 -1.10 16.69
N ALA A 150 12.78 -1.20 15.75
CA ALA A 150 11.42 -1.63 16.07
C ALA A 150 11.38 -3.06 16.57
N GLN A 151 12.29 -3.87 16.07
CA GLN A 151 12.50 -5.22 16.58
C GLN A 151 13.00 -5.08 18.01
N ARG A 152 14.11 -4.36 18.20
CA ARG A 152 14.72 -4.21 19.51
C ARG A 152 13.75 -3.73 20.58
N GLN A 153 13.14 -2.56 20.33
CA GLN A 153 12.23 -1.96 21.29
C GLN A 153 11.06 -2.85 21.65
N ALA A 154 10.55 -3.58 20.66
CA ALA A 154 9.41 -4.45 20.85
C ALA A 154 9.79 -5.67 21.69
N GLU A 155 11.00 -6.19 21.48
CA GLU A 155 11.48 -7.31 22.28
C GLU A 155 11.85 -6.84 23.68
N ALA A 156 12.39 -5.63 23.78
CA ALA A 156 12.76 -5.05 25.06
C ALA A 156 11.53 -4.95 25.94
N LYS A 157 10.44 -4.45 25.36
CA LYS A 157 9.18 -4.33 26.09
C LYS A 157 8.64 -5.70 26.46
N ALA A 158 8.75 -6.65 25.55
CA ALA A 158 8.28 -8.00 25.77
C ALA A 158 9.00 -8.63 26.96
N LYS A 159 10.30 -8.39 27.05
CA LYS A 159 11.08 -8.89 28.14
C LYS A 159 10.76 -8.14 29.42
N ALA A 160 10.56 -6.83 29.31
CA ALA A 160 10.23 -6.00 30.46
C ALA A 160 8.98 -6.51 31.16
N GLU A 161 8.01 -6.98 30.37
CA GLU A 161 6.82 -7.58 30.90
C GLU A 161 7.16 -8.82 31.73
N ALA A 162 8.09 -9.62 31.23
CA ALA A 162 8.55 -10.83 31.92
C ALA A 162 9.19 -10.47 33.24
N GLU A 163 9.91 -9.36 33.23
CA GLU A 163 10.59 -8.86 34.41
C GLU A 163 9.57 -8.35 35.43
N ALA A 164 8.52 -7.73 34.91
CA ALA A 164 7.46 -7.19 35.75
C ALA A 164 6.66 -8.30 36.39
N LEU A 165 6.48 -9.38 35.65
CA LEU A 165 5.77 -10.54 36.13
C LEU A 165 6.67 -11.37 37.03
N ARG A 166 6.14 -12.44 37.56
CA ARG A 166 6.89 -13.33 38.40
C ARG A 166 7.01 -14.68 37.73
N GLY A 1 46.64 4.88 -30.28
CA GLY A 1 45.20 5.02 -29.97
C GLY A 1 44.67 3.81 -29.26
N THR A 2 43.39 3.82 -28.94
CA THR A 2 42.75 2.72 -28.26
C THR A 2 41.22 2.89 -28.29
N SER A 3 40.52 1.80 -28.54
CA SER A 3 39.08 1.81 -28.62
C SER A 3 38.52 0.51 -28.07
N GLY A 4 37.22 0.47 -27.86
CA GLY A 4 36.61 -0.73 -27.36
C GLY A 4 36.53 -0.76 -25.84
N PHE A 5 35.84 0.22 -25.29
CA PHE A 5 35.66 0.31 -23.86
C PHE A 5 34.31 0.89 -23.53
N GLN A 6 33.57 0.19 -22.70
CA GLN A 6 32.25 0.62 -22.30
C GLN A 6 31.97 0.22 -20.86
N LEU A 7 31.15 0.99 -20.20
CA LEU A 7 30.75 0.67 -18.84
C LEU A 7 29.32 0.18 -18.83
N ARG A 8 28.76 0.01 -17.65
CA ARG A 8 27.38 -0.42 -17.53
C ARG A 8 26.45 0.75 -17.66
N GLY A 9 25.17 0.46 -17.74
CA GLY A 9 24.19 1.51 -17.80
C GLY A 9 24.10 2.24 -16.49
N LEU A 10 24.02 1.46 -15.43
CA LEU A 10 24.00 2.00 -14.08
C LEU A 10 25.34 1.78 -13.43
N GLY A 11 25.82 2.79 -12.76
CA GLY A 11 27.09 2.67 -12.09
C GLY A 11 26.95 1.88 -10.83
N ASP A 12 26.12 2.36 -9.94
CA ASP A 12 25.84 1.70 -8.69
C ASP A 12 24.54 2.21 -8.12
N ALA A 13 23.57 1.33 -7.97
CA ALA A 13 22.30 1.71 -7.43
C ALA A 13 21.74 0.62 -6.57
N GLN A 14 21.53 0.94 -5.31
CA GLN A 14 21.00 0.00 -4.35
C GLN A 14 19.96 0.68 -3.47
N PHE A 15 18.98 -0.07 -3.07
CA PHE A 15 17.91 0.45 -2.24
C PHE A 15 18.06 -0.05 -0.83
N ALA A 16 17.22 0.48 0.07
CA ALA A 16 17.22 0.04 1.44
C ALA A 16 16.92 -1.44 1.49
N LEU A 17 15.72 -1.79 1.08
CA LEU A 17 15.34 -3.17 0.97
C LEU A 17 15.69 -3.75 -0.39
N LYS A 18 16.02 -5.01 -0.44
CA LYS A 18 16.35 -5.63 -1.71
C LYS A 18 15.47 -6.84 -1.94
N GLU A 19 14.93 -7.36 -0.86
CA GLU A 19 14.01 -8.47 -0.91
C GLU A 19 12.92 -8.25 0.12
N ILE A 20 11.70 -8.48 -0.30
CA ILE A 20 10.54 -8.27 0.54
C ILE A 20 9.43 -9.25 0.15
N ASP A 21 8.68 -9.71 1.13
CA ASP A 21 7.59 -10.64 0.88
C ASP A 21 6.28 -9.90 0.69
N VAL A 22 5.50 -10.27 -0.30
CA VAL A 22 4.20 -9.66 -0.52
C VAL A 22 3.08 -10.60 -0.07
N SER A 23 2.51 -10.39 1.09
CA SER A 23 1.41 -11.25 1.51
C SER A 23 0.11 -10.49 1.77
N ALA A 24 -1.01 -11.19 1.61
CA ALA A 24 -2.33 -10.61 1.80
C ALA A 24 -3.06 -11.34 2.94
N ARG A 25 -3.95 -10.63 3.61
CA ARG A 25 -4.81 -11.21 4.64
C ARG A 25 -6.26 -10.86 4.35
N ASN A 26 -7.19 -11.62 4.93
CA ASN A 26 -8.65 -11.40 4.76
C ASN A 26 -9.10 -11.75 3.35
N ALA A 27 -8.56 -11.04 2.38
CA ALA A 27 -8.88 -11.24 0.99
C ALA A 27 -7.70 -10.80 0.15
N TYR A 28 -7.43 -11.53 -0.92
CA TYR A 28 -6.33 -11.18 -1.79
C TYR A 28 -6.73 -10.04 -2.72
N GLY A 29 -6.44 -8.83 -2.29
CA GLY A 29 -6.76 -7.67 -3.09
C GLY A 29 -5.81 -7.51 -4.25
N PRO A 30 -6.24 -6.83 -5.32
CA PRO A 30 -5.41 -6.62 -6.52
C PRO A 30 -4.18 -5.78 -6.21
N THR A 31 -4.24 -5.04 -5.11
CA THR A 31 -3.17 -4.18 -4.69
C THR A 31 -1.88 -4.97 -4.41
N VAL A 32 -2.03 -6.19 -3.90
CA VAL A 32 -0.88 -7.01 -3.57
C VAL A 32 -0.13 -7.45 -4.83
N ARG A 33 -0.88 -7.64 -5.91
CA ARG A 33 -0.29 -8.03 -7.18
C ARG A 33 0.42 -6.85 -7.84
N GLU A 34 -0.23 -5.69 -7.86
CA GLU A 34 0.37 -4.49 -8.43
C GLU A 34 1.65 -4.10 -7.66
N LEU A 35 1.68 -4.41 -6.36
CA LEU A 35 2.87 -4.16 -5.56
C LEU A 35 4.04 -4.96 -6.08
N LYS A 36 3.79 -6.22 -6.38
CA LYS A 36 4.82 -7.10 -6.90
C LYS A 36 5.34 -6.57 -8.21
N GLU A 37 4.45 -6.20 -9.12
CA GLU A 37 4.86 -5.67 -10.41
C GLU A 37 5.69 -4.39 -10.25
N THR A 38 5.25 -3.48 -9.40
CA THR A 38 5.97 -2.24 -9.14
C THR A 38 7.32 -2.52 -8.45
N LEU A 39 7.32 -3.28 -7.37
CA LEU A 39 8.57 -3.56 -6.65
C LEU A 39 9.53 -4.34 -7.54
N GLU A 40 9.06 -5.38 -8.19
CA GLU A 40 9.93 -6.18 -9.05
C GLU A 40 10.56 -5.31 -10.15
N ASN A 41 9.72 -4.50 -10.77
CA ASN A 41 10.10 -3.66 -11.88
C ASN A 41 10.91 -2.42 -11.45
N SER A 42 10.90 -2.14 -10.15
CA SER A 42 11.69 -1.07 -9.58
C SER A 42 13.06 -1.61 -9.13
N GLY A 43 13.35 -2.85 -9.51
CA GLY A 43 14.61 -3.49 -9.18
C GLY A 43 14.54 -4.37 -7.94
N VAL A 44 13.46 -4.26 -7.18
CA VAL A 44 13.33 -5.03 -5.95
C VAL A 44 13.02 -6.50 -6.23
N LYS A 45 13.47 -7.39 -5.37
CA LYS A 45 13.14 -8.78 -5.54
C LYS A 45 12.20 -9.22 -4.44
N VAL A 46 11.17 -9.92 -4.81
CA VAL A 46 10.21 -10.41 -3.88
C VAL A 46 10.32 -11.90 -3.74
N THR A 47 10.42 -12.34 -2.50
CA THR A 47 10.57 -13.72 -2.18
C THR A 47 9.50 -14.08 -1.16
N SER A 48 9.32 -15.34 -0.86
CA SER A 48 8.43 -15.70 0.23
C SER A 48 9.18 -15.57 1.56
N ASN A 49 10.51 -15.60 1.49
CA ASN A 49 11.34 -15.69 2.70
C ASN A 49 12.15 -14.42 2.95
N ALA A 50 11.58 -13.27 2.66
CA ALA A 50 12.25 -12.01 2.92
C ALA A 50 12.37 -11.76 4.44
N PRO A 51 13.36 -10.95 4.87
CA PRO A 51 13.56 -10.64 6.29
C PRO A 51 12.50 -9.70 6.81
N TYR A 52 11.87 -8.97 5.91
CA TYR A 52 10.82 -8.04 6.26
C TYR A 52 9.60 -8.33 5.42
N HIS A 53 8.45 -8.33 6.07
CA HIS A 53 7.22 -8.69 5.38
C HIS A 53 6.23 -7.55 5.26
N LEU A 54 5.69 -7.39 4.07
CA LEU A 54 4.59 -6.47 3.82
C LEU A 54 3.41 -7.40 3.76
N VAL A 55 2.54 -7.26 4.75
CA VAL A 55 1.32 -7.99 4.81
C VAL A 55 0.12 -7.04 4.79
N LEU A 56 -0.65 -7.05 3.73
CA LEU A 56 -1.82 -6.18 3.62
C LEU A 56 -3.00 -6.91 4.21
N VAL A 57 -3.62 -6.22 5.15
CA VAL A 57 -4.65 -6.77 6.01
C VAL A 57 -6.04 -6.76 5.41
N ARG A 58 -6.35 -5.67 4.68
CA ARG A 58 -7.68 -5.46 4.12
C ARG A 58 -7.68 -4.35 3.07
N GLU A 59 -8.71 -4.31 2.25
CA GLU A 59 -8.85 -3.25 1.26
C GLU A 59 -10.29 -2.76 1.25
N ASP A 60 -10.50 -1.51 1.62
CA ASP A 60 -11.85 -0.96 1.73
C ASP A 60 -11.96 0.26 0.85
N ASN A 61 -13.16 0.54 0.36
CA ASN A 61 -13.33 1.65 -0.54
C ASN A 61 -14.75 2.21 -0.57
N GLN A 62 -14.90 3.43 -0.11
CA GLN A 62 -16.21 3.98 0.18
C GLN A 62 -16.87 4.66 -1.01
N GLN A 63 -18.19 4.58 -1.02
CA GLN A 63 -19.02 5.21 -2.02
C GLN A 63 -20.37 5.50 -1.35
N ARG A 64 -20.63 6.78 -1.17
CA ARG A 64 -21.86 7.27 -0.54
C ARG A 64 -22.23 8.62 -1.13
N THR A 65 -23.44 9.08 -0.87
CA THR A 65 -23.93 10.29 -1.49
C THR A 65 -23.68 11.54 -0.65
N VAL A 66 -23.15 12.59 -1.22
CA VAL A 66 -22.89 13.79 -0.41
C VAL A 66 -24.01 14.80 -0.47
N SER A 67 -25.00 14.54 -1.31
CA SER A 67 -26.12 15.47 -1.52
C SER A 67 -25.61 16.71 -2.26
N TYR A 68 -26.55 17.29 -3.00
CA TYR A 68 -26.27 18.32 -4.00
C TYR A 68 -25.43 19.48 -3.48
N THR A 69 -24.66 20.03 -4.38
CA THR A 69 -23.82 21.17 -4.12
C THR A 69 -23.88 22.08 -5.33
N GLY A 70 -23.88 23.38 -5.12
CA GLY A 70 -23.92 24.29 -6.24
C GLY A 70 -25.28 24.91 -6.41
N SER A 71 -25.76 24.94 -7.63
CA SER A 71 -27.06 25.54 -7.93
C SER A 71 -28.03 24.49 -8.45
N ALA A 72 -27.59 23.24 -8.54
CA ALA A 72 -28.44 22.17 -9.00
C ALA A 72 -28.52 21.07 -7.96
N ARG A 73 -29.66 20.41 -7.91
CA ARG A 73 -29.93 19.35 -6.94
C ARG A 73 -29.23 18.03 -7.29
N GLY A 74 -28.11 18.11 -8.00
CA GLY A 74 -27.39 16.92 -8.36
C GLY A 74 -26.06 16.82 -7.65
N ALA A 75 -26.03 15.91 -6.69
CA ALA A 75 -24.86 15.61 -5.89
C ALA A 75 -23.83 14.83 -6.66
N GLU A 76 -22.61 14.91 -6.20
CA GLU A 76 -21.52 14.16 -6.75
C GLU A 76 -21.18 13.02 -5.79
N PHE A 77 -20.18 12.23 -6.09
CA PHE A 77 -19.79 11.15 -5.21
C PHE A 77 -18.40 11.39 -4.67
N GLU A 78 -18.23 11.21 -3.38
CA GLU A 78 -16.92 11.32 -2.76
C GLU A 78 -16.47 9.95 -2.27
N LEU A 79 -15.46 9.42 -2.92
CA LEU A 79 -14.98 8.10 -2.57
C LEU A 79 -13.65 8.15 -1.85
N THR A 80 -13.48 7.26 -0.91
CA THR A 80 -12.28 7.16 -0.13
C THR A 80 -11.80 5.71 -0.14
N ASN A 81 -10.53 5.50 -0.42
CA ASN A 81 -9.98 4.15 -0.46
C ASN A 81 -8.99 3.97 0.67
N THR A 82 -8.96 2.81 1.30
CA THR A 82 -8.05 2.62 2.41
C THR A 82 -7.41 1.24 2.38
N ILE A 83 -6.07 1.21 2.34
CA ILE A 83 -5.31 -0.04 2.34
C ILE A 83 -4.57 -0.19 3.65
N ASN A 84 -4.81 -1.27 4.35
CA ASN A 84 -4.16 -1.50 5.63
C ASN A 84 -3.05 -2.53 5.49
N TYR A 85 -1.90 -2.26 6.06
CA TYR A 85 -0.77 -3.16 5.95
C TYR A 85 0.07 -3.12 7.20
N GLU A 86 0.94 -4.10 7.35
CA GLU A 86 1.80 -4.19 8.50
C GLU A 86 3.21 -4.61 8.09
N ILE A 87 4.19 -4.24 8.89
CA ILE A 87 5.59 -4.56 8.62
C ILE A 87 6.05 -5.57 9.63
N VAL A 88 6.17 -6.80 9.21
CA VAL A 88 6.54 -7.86 10.12
C VAL A 88 8.00 -8.23 9.99
N GLY A 89 8.74 -8.12 11.08
CA GLY A 89 10.17 -8.37 11.01
C GLY A 89 10.50 -9.80 11.26
N ALA A 90 11.15 -10.04 12.39
CA ALA A 90 11.55 -11.38 12.76
C ALA A 90 10.63 -11.89 13.84
N ASN A 91 10.57 -13.21 14.00
CA ASN A 91 9.76 -13.86 15.06
C ASN A 91 8.29 -13.52 14.91
N ASP A 92 7.89 -13.13 13.69
CA ASP A 92 6.52 -12.75 13.37
C ASP A 92 6.10 -11.50 14.18
N LEU A 93 7.10 -10.77 14.63
CA LEU A 93 6.93 -9.55 15.41
C LEU A 93 6.68 -8.34 14.49
N VAL A 94 5.73 -7.49 14.86
CA VAL A 94 5.41 -6.29 14.09
C VAL A 94 6.37 -5.15 14.40
N LEU A 95 6.98 -4.60 13.36
CA LEU A 95 7.93 -3.50 13.50
C LEU A 95 7.20 -2.16 13.50
N MET A 96 6.39 -1.96 12.46
CA MET A 96 5.57 -0.77 12.33
C MET A 96 4.29 -1.17 11.63
N SER A 97 3.24 -0.41 11.86
CA SER A 97 1.98 -0.61 11.18
C SER A 97 1.47 0.73 10.64
N ASN A 98 0.96 0.70 9.42
CA ASN A 98 0.46 1.89 8.75
C ASN A 98 -0.58 1.46 7.73
N GLN A 99 -1.35 2.44 7.29
CA GLN A 99 -2.34 2.32 6.25
C GLN A 99 -2.22 3.57 5.37
N VAL A 100 -2.44 3.39 4.09
CA VAL A 100 -2.42 4.49 3.13
C VAL A 100 -3.82 4.72 2.61
N GLN A 101 -4.10 5.95 2.19
CA GLN A 101 -5.42 6.25 1.72
C GLN A 101 -5.43 7.24 0.55
N VAL A 102 -6.47 7.22 -0.24
CA VAL A 102 -6.61 8.16 -1.35
C VAL A 102 -8.06 8.58 -1.47
N GLN A 103 -8.30 9.87 -1.73
CA GLN A 103 -9.66 10.37 -1.77
C GLN A 103 -10.02 11.06 -3.09
N LYS A 104 -10.98 10.55 -3.82
CA LYS A 104 -11.36 11.17 -5.08
C LYS A 104 -12.85 11.41 -5.12
N VAL A 105 -13.19 12.59 -5.65
CA VAL A 105 -14.55 13.02 -5.86
C VAL A 105 -14.89 12.81 -7.31
N TYR A 106 -16.03 12.23 -7.58
CA TYR A 106 -16.44 11.95 -8.94
C TYR A 106 -17.63 12.80 -9.31
N VAL A 107 -17.56 13.42 -10.48
CA VAL A 107 -18.59 14.32 -10.96
C VAL A 107 -19.84 13.56 -11.38
N HIS A 108 -20.98 14.11 -11.02
CA HIS A 108 -22.26 13.52 -11.33
C HIS A 108 -23.21 14.59 -11.83
N ASP A 109 -23.58 14.50 -13.10
CA ASP A 109 -24.50 15.47 -13.67
C ASP A 109 -25.93 15.15 -13.25
N GLU A 110 -26.78 16.17 -13.22
CA GLU A 110 -28.16 16.01 -12.80
C GLU A 110 -28.91 15.02 -13.68
N ASN A 111 -28.62 15.05 -14.98
CA ASN A 111 -29.28 14.16 -15.92
C ASN A 111 -28.55 12.84 -15.98
N ASN A 112 -27.26 12.88 -15.72
CA ASN A 112 -26.44 11.67 -15.72
C ASN A 112 -26.56 10.95 -14.40
N LEU A 113 -27.78 10.76 -13.95
CA LEU A 113 -28.03 10.05 -12.71
C LEU A 113 -27.51 8.62 -12.85
N ILE A 114 -27.73 8.04 -14.01
CA ILE A 114 -27.25 6.70 -14.29
C ILE A 114 -25.93 6.80 -15.05
N GLY A 115 -25.86 7.76 -15.97
CA GLY A 115 -24.68 7.97 -16.79
C GLY A 115 -23.43 8.16 -15.99
N SER A 116 -23.49 9.05 -15.00
CA SER A 116 -22.34 9.30 -14.15
C SER A 116 -22.09 8.10 -13.24
N ASP A 117 -23.14 7.49 -12.74
CA ASP A 117 -23.01 6.37 -11.81
C ASP A 117 -22.27 5.19 -12.46
N GLN A 118 -22.74 4.78 -13.62
CA GLN A 118 -22.10 3.71 -14.39
C GLN A 118 -20.67 4.07 -14.83
N GLU A 119 -20.37 5.36 -14.93
CA GLU A 119 -19.04 5.81 -15.37
C GLU A 119 -18.03 5.71 -14.23
N ALA A 120 -18.54 5.88 -13.02
CA ALA A 120 -17.73 5.89 -11.81
C ALA A 120 -16.83 4.66 -11.67
N ALA A 121 -17.27 3.56 -12.29
CA ALA A 121 -16.50 2.32 -12.30
C ALA A 121 -15.15 2.50 -13.00
N GLN A 122 -15.09 3.40 -13.97
CA GLN A 122 -13.86 3.65 -14.72
C GLN A 122 -12.83 4.32 -13.82
N LEU A 123 -13.30 5.18 -12.95
CA LEU A 123 -12.46 5.83 -11.95
C LEU A 123 -12.15 4.77 -10.91
N ARG A 124 -13.02 3.83 -10.58
CA ARG A 124 -12.59 2.82 -9.61
C ARG A 124 -11.41 2.05 -10.22
N SER A 125 -11.48 1.84 -11.53
CA SER A 125 -10.42 1.21 -12.26
C SER A 125 -9.12 1.98 -12.13
N GLU A 126 -9.23 3.30 -12.35
CA GLU A 126 -8.13 4.23 -12.32
C GLU A 126 -7.41 4.23 -10.97
N MET A 127 -8.17 3.98 -9.90
CA MET A 127 -7.62 3.86 -8.53
C MET A 127 -6.41 2.95 -8.49
N ARG A 128 -6.31 2.04 -9.46
CA ARG A 128 -5.24 1.06 -9.52
C ARG A 128 -3.83 1.64 -9.38
N ARG A 129 -3.71 2.88 -9.93
CA ARG A 129 -2.47 3.65 -9.90
C ARG A 129 -2.28 4.29 -8.54
N ASP A 130 -3.39 4.88 -8.04
CA ASP A 130 -3.35 5.78 -6.86
C ASP A 130 -2.70 5.12 -5.70
N LEU A 131 -3.32 4.01 -5.37
CA LEU A 131 -2.99 3.21 -4.22
C LEU A 131 -1.52 2.85 -4.23
N ILE A 132 -1.04 2.35 -5.35
CA ILE A 132 0.32 1.87 -5.45
C ILE A 132 1.35 2.99 -5.41
N GLN A 133 1.12 4.06 -6.18
CA GLN A 133 2.06 5.17 -6.23
C GLN A 133 2.35 5.72 -4.83
N GLN A 134 1.29 6.02 -4.11
CA GLN A 134 1.41 6.57 -2.76
C GLN A 134 1.87 5.51 -1.77
N LEU A 135 1.52 4.27 -2.02
CA LEU A 135 1.86 3.19 -1.12
C LEU A 135 3.34 2.83 -1.12
N SER A 136 3.88 2.79 -2.36
CA SER A 136 5.28 2.57 -2.64
C SER A 136 6.18 3.52 -1.81
N MET A 137 5.75 4.80 -1.80
CA MET A 137 6.47 5.91 -1.17
C MET A 137 6.85 5.64 0.27
N ARG A 138 5.95 5.04 1.02
CA ARG A 138 6.22 4.75 2.41
C ARG A 138 7.33 3.72 2.53
N LEU A 139 7.37 2.79 1.58
CA LEU A 139 8.44 1.77 1.53
C LEU A 139 9.78 2.45 1.22
N GLN A 140 9.79 3.37 0.25
CA GLN A 140 11.04 4.03 -0.15
C GLN A 140 11.65 4.82 1.00
N ALA A 141 10.82 5.27 1.93
CA ALA A 141 11.28 6.05 3.07
C ALA A 141 11.33 5.21 4.33
N LEU A 142 11.53 3.92 4.21
CA LEU A 142 11.84 3.10 5.36
C LEU A 142 13.23 2.51 5.14
N THR A 143 14.02 2.47 6.18
CA THR A 143 15.38 1.99 6.09
C THR A 143 15.58 0.76 6.97
N PRO A 144 16.64 -0.04 6.71
CA PRO A 144 16.96 -1.20 7.52
C PRO A 144 17.15 -0.83 8.99
N ALA A 145 17.74 0.35 9.23
CA ALA A 145 17.97 0.85 10.59
C ALA A 145 16.65 1.00 11.34
N GLN A 146 15.67 1.64 10.69
CA GLN A 146 14.35 1.86 11.29
C GLN A 146 13.69 0.53 11.64
N LEU A 147 13.88 -0.44 10.78
CA LEU A 147 13.31 -1.76 10.99
C LEU A 147 14.04 -2.48 12.12
N ASP A 148 15.36 -2.35 12.13
CA ASP A 148 16.20 -2.94 13.19
C ASP A 148 15.80 -2.41 14.56
N GLU A 149 15.69 -1.09 14.66
CA GLU A 149 15.36 -0.48 15.93
C GLU A 149 13.94 -0.84 16.37
N ALA A 150 13.00 -0.88 15.41
CA ALA A 150 11.63 -1.24 15.70
C ALA A 150 11.53 -2.66 16.22
N GLN A 151 12.34 -3.57 15.68
CA GLN A 151 12.43 -4.93 16.23
C GLN A 151 12.95 -4.81 17.66
N ARG A 152 14.10 -4.20 17.84
CA ARG A 152 14.76 -4.23 19.13
C ARG A 152 13.89 -3.68 20.26
N GLN A 153 13.32 -2.49 20.02
CA GLN A 153 12.47 -1.85 21.01
C GLN A 153 11.23 -2.70 21.30
N ALA A 154 10.70 -3.36 20.27
CA ALA A 154 9.51 -4.19 20.42
C ALA A 154 9.80 -5.38 21.33
N GLU A 155 10.97 -5.98 21.16
CA GLU A 155 11.38 -7.10 21.99
C GLU A 155 11.52 -6.65 23.44
N ALA A 156 12.18 -5.52 23.63
CA ALA A 156 12.40 -4.97 24.96
C ALA A 156 11.08 -4.55 25.59
N LYS A 157 10.20 -3.97 24.79
CA LYS A 157 8.89 -3.52 25.25
C LYS A 157 8.02 -4.70 25.65
N ALA A 158 8.18 -5.82 24.96
CA ALA A 158 7.43 -7.03 25.26
C ALA A 158 7.95 -7.64 26.55
N LYS A 159 9.27 -7.57 26.73
CA LYS A 159 9.90 -8.09 27.91
C LYS A 159 9.54 -7.27 29.15
N ALA A 160 9.41 -5.96 28.96
CA ALA A 160 9.03 -5.05 30.05
C ALA A 160 7.72 -5.48 30.68
N GLU A 161 6.81 -5.99 29.85
CA GLU A 161 5.53 -6.48 30.33
C GLU A 161 5.73 -7.68 31.25
N ALA A 162 6.67 -8.54 30.90
CA ALA A 162 6.98 -9.72 31.70
C ALA A 162 7.58 -9.32 33.03
N GLU A 163 8.46 -8.33 33.00
CA GLU A 163 9.12 -7.84 34.21
C GLU A 163 8.14 -7.12 35.12
N ALA A 164 7.11 -6.57 34.51
CA ALA A 164 6.08 -5.84 35.24
C ALA A 164 5.27 -6.78 36.14
N LEU A 165 5.31 -8.07 35.85
CA LEU A 165 4.62 -9.06 36.67
C LEU A 165 5.35 -9.26 37.98
N ARG A 166 4.60 -9.30 39.06
CA ARG A 166 5.16 -9.49 40.38
C ARG A 166 5.44 -10.96 40.63
N GLY A 1 35.60 -20.82 -1.73
CA GLY A 1 34.64 -19.79 -2.13
C GLY A 1 35.00 -19.16 -3.45
N THR A 2 34.00 -18.81 -4.24
CA THR A 2 34.25 -18.19 -5.52
C THR A 2 34.51 -16.70 -5.34
N SER A 3 35.52 -16.21 -6.03
CA SER A 3 35.87 -14.82 -5.96
C SER A 3 35.12 -14.02 -7.01
N GLY A 4 34.21 -13.16 -6.58
CA GLY A 4 33.46 -12.34 -7.49
C GLY A 4 32.00 -12.72 -7.56
N PHE A 5 31.20 -11.81 -8.10
CA PHE A 5 29.77 -12.02 -8.24
C PHE A 5 29.27 -11.25 -9.44
N GLN A 6 28.11 -11.61 -9.95
CA GLN A 6 27.55 -10.91 -11.09
C GLN A 6 26.05 -10.75 -10.94
N LEU A 7 25.55 -9.65 -11.47
CA LEU A 7 24.13 -9.32 -11.43
C LEU A 7 23.60 -9.27 -12.86
N ARG A 8 22.51 -8.57 -13.06
CA ARG A 8 21.96 -8.41 -14.40
C ARG A 8 22.74 -7.35 -15.15
N GLY A 9 22.34 -7.10 -16.39
CA GLY A 9 22.99 -6.12 -17.22
C GLY A 9 23.02 -4.76 -16.55
N LEU A 10 21.88 -4.33 -16.06
CA LEU A 10 21.78 -3.07 -15.37
C LEU A 10 21.77 -3.34 -13.88
N GLY A 11 22.68 -2.71 -13.17
CA GLY A 11 22.75 -2.89 -11.75
C GLY A 11 22.87 -1.58 -11.02
N ASP A 12 22.67 -0.49 -11.74
CA ASP A 12 22.75 0.84 -11.15
C ASP A 12 21.47 1.19 -10.42
N ALA A 13 21.34 0.63 -9.24
CA ALA A 13 20.20 0.86 -8.39
C ALA A 13 20.47 0.30 -7.02
N GLN A 14 20.29 1.13 -6.03
CA GLN A 14 20.51 0.71 -4.67
C GLN A 14 19.49 1.35 -3.74
N PHE A 15 18.82 0.53 -2.99
CA PHE A 15 17.81 0.97 -2.07
C PHE A 15 18.16 0.53 -0.68
N ALA A 16 17.31 0.82 0.27
CA ALA A 16 17.50 0.36 1.61
C ALA A 16 17.28 -1.14 1.64
N LEU A 17 16.07 -1.56 1.31
CA LEU A 17 15.76 -2.96 1.21
C LEU A 17 16.17 -3.54 -0.13
N LYS A 18 16.54 -4.78 -0.13
CA LYS A 18 16.97 -5.45 -1.37
C LYS A 18 16.04 -6.60 -1.70
N GLU A 19 15.25 -7.00 -0.72
CA GLU A 19 14.24 -8.01 -0.89
C GLU A 19 13.22 -7.88 0.21
N ILE A 20 11.99 -8.20 -0.13
CA ILE A 20 10.88 -8.07 0.79
C ILE A 20 9.76 -9.06 0.40
N ASP A 21 9.04 -9.57 1.40
CA ASP A 21 7.93 -10.48 1.15
C ASP A 21 6.66 -9.67 1.00
N VAL A 22 5.97 -9.83 -0.10
CA VAL A 22 4.84 -8.97 -0.36
C VAL A 22 3.54 -9.72 -0.57
N SER A 23 2.59 -9.54 0.34
CA SER A 23 1.37 -10.31 0.30
C SER A 23 0.24 -9.66 1.09
N ALA A 24 -0.96 -10.16 0.86
CA ALA A 24 -2.14 -9.80 1.61
C ALA A 24 -2.46 -10.96 2.53
N ARG A 25 -3.53 -10.87 3.31
CA ARG A 25 -3.84 -11.92 4.28
C ARG A 25 -3.72 -13.30 3.64
N ASN A 26 -2.82 -14.12 4.21
CA ASN A 26 -2.46 -15.50 3.73
C ASN A 26 -2.95 -15.86 2.32
N ALA A 27 -2.73 -14.96 1.36
CA ALA A 27 -3.16 -15.16 -0.02
C ALA A 27 -2.84 -13.93 -0.85
N TYR A 28 -3.36 -13.91 -2.06
CA TYR A 28 -3.16 -12.78 -2.93
C TYR A 28 -4.47 -12.19 -3.40
N GLY A 29 -4.44 -10.92 -3.75
CA GLY A 29 -5.62 -10.23 -4.20
C GLY A 29 -5.27 -9.18 -5.22
N PRO A 30 -6.27 -8.43 -5.71
CA PRO A 30 -6.07 -7.42 -6.76
C PRO A 30 -5.18 -6.26 -6.31
N THR A 31 -5.50 -5.66 -5.16
CA THR A 31 -4.80 -4.47 -4.67
C THR A 31 -3.33 -4.75 -4.29
N VAL A 32 -2.96 -6.02 -4.16
CA VAL A 32 -1.59 -6.36 -3.78
C VAL A 32 -0.79 -6.86 -5.00
N ARG A 33 -1.51 -7.29 -6.03
CA ARG A 33 -0.90 -7.80 -7.24
C ARG A 33 -0.03 -6.74 -7.92
N GLU A 34 -0.58 -5.55 -8.12
CA GLU A 34 0.15 -4.46 -8.78
C GLU A 34 1.39 -4.06 -7.98
N LEU A 35 1.35 -4.26 -6.65
CA LEU A 35 2.51 -3.94 -5.81
C LEU A 35 3.70 -4.76 -6.29
N LYS A 36 3.55 -6.09 -6.26
CA LYS A 36 4.62 -7.00 -6.71
C LYS A 36 5.11 -6.61 -8.08
N GLU A 37 4.20 -6.26 -8.98
CA GLU A 37 4.60 -5.81 -10.32
C GLU A 37 5.51 -4.59 -10.22
N THR A 38 5.02 -3.54 -9.59
CA THR A 38 5.75 -2.28 -9.44
C THR A 38 7.09 -2.50 -8.71
N LEU A 39 7.10 -3.22 -7.60
CA LEU A 39 8.36 -3.43 -6.86
C LEU A 39 9.37 -4.15 -7.74
N GLU A 40 8.95 -5.13 -8.51
CA GLU A 40 9.90 -5.84 -9.35
C GLU A 40 10.47 -4.91 -10.44
N ASN A 41 9.64 -3.98 -10.90
CA ASN A 41 10.03 -3.07 -11.97
C ASN A 41 10.76 -1.83 -11.47
N SER A 42 10.99 -1.79 -10.17
CA SER A 42 11.68 -0.68 -9.54
C SER A 42 13.05 -1.12 -9.02
N GLY A 43 13.45 -2.33 -9.39
CA GLY A 43 14.71 -2.88 -8.91
C GLY A 43 14.57 -3.49 -7.54
N VAL A 44 13.39 -3.98 -7.19
CA VAL A 44 13.21 -4.58 -5.88
C VAL A 44 12.80 -6.04 -6.01
N LYS A 45 13.51 -6.95 -5.40
CA LYS A 45 13.15 -8.32 -5.54
C LYS A 45 12.25 -8.76 -4.40
N VAL A 46 11.22 -9.47 -4.75
CA VAL A 46 10.28 -9.97 -3.79
C VAL A 46 10.42 -11.47 -3.69
N THR A 47 10.59 -11.93 -2.47
CA THR A 47 10.75 -13.32 -2.21
C THR A 47 9.74 -13.70 -1.14
N SER A 48 9.59 -14.97 -0.84
CA SER A 48 8.83 -15.36 0.34
C SER A 48 9.74 -15.24 1.56
N ASN A 49 11.04 -15.46 1.32
CA ASN A 49 12.03 -15.61 2.38
C ASN A 49 12.71 -14.31 2.76
N ALA A 50 12.08 -13.19 2.50
CA ALA A 50 12.65 -11.90 2.85
C ALA A 50 12.67 -11.70 4.37
N PRO A 51 13.62 -10.88 4.87
CA PRO A 51 13.74 -10.60 6.30
C PRO A 51 12.58 -9.77 6.81
N TYR A 52 12.04 -8.93 5.95
CA TYR A 52 10.92 -8.09 6.32
C TYR A 52 9.72 -8.40 5.45
N HIS A 53 8.57 -8.45 6.09
CA HIS A 53 7.35 -8.82 5.40
C HIS A 53 6.33 -7.69 5.33
N LEU A 54 5.77 -7.50 4.16
CA LEU A 54 4.67 -6.57 3.98
C LEU A 54 3.46 -7.48 3.92
N VAL A 55 2.59 -7.31 4.90
CA VAL A 55 1.34 -8.03 4.96
C VAL A 55 0.17 -7.04 4.97
N LEU A 56 -0.54 -6.96 3.86
CA LEU A 56 -1.73 -6.09 3.78
C LEU A 56 -2.89 -6.80 4.43
N VAL A 57 -3.39 -6.14 5.48
CA VAL A 57 -4.33 -6.70 6.43
C VAL A 57 -5.79 -6.56 6.04
N ARG A 58 -6.12 -5.43 5.44
CA ARG A 58 -7.50 -5.13 5.08
C ARG A 58 -7.55 -4.00 4.09
N GLU A 59 -8.62 -3.93 3.34
CA GLU A 59 -8.80 -2.88 2.36
C GLU A 59 -10.22 -2.37 2.38
N ASP A 60 -10.40 -1.12 2.74
CA ASP A 60 -11.72 -0.55 2.87
C ASP A 60 -11.97 0.41 1.75
N ASN A 61 -13.21 0.50 1.31
CA ASN A 61 -13.50 1.34 0.19
C ASN A 61 -14.87 1.99 0.24
N GLN A 62 -14.89 3.24 0.68
CA GLN A 62 -16.14 3.88 1.05
C GLN A 62 -16.85 4.56 -0.09
N GLN A 63 -18.09 4.16 -0.25
CA GLN A 63 -18.99 4.75 -1.20
C GLN A 63 -20.37 4.88 -0.55
N ARG A 64 -20.67 6.10 -0.15
CA ARG A 64 -21.93 6.43 0.49
C ARG A 64 -22.38 7.78 -0.04
N THR A 65 -23.60 8.16 0.25
CA THR A 65 -24.13 9.33 -0.37
C THR A 65 -23.92 10.61 0.44
N VAL A 66 -23.62 11.70 -0.22
CA VAL A 66 -23.51 12.97 0.50
C VAL A 66 -24.82 13.75 0.49
N SER A 67 -25.77 13.30 -0.32
CA SER A 67 -27.09 13.95 -0.40
C SER A 67 -26.92 15.40 -0.89
N TYR A 68 -27.48 16.37 -0.16
CA TYR A 68 -27.36 17.77 -0.49
C TYR A 68 -27.93 18.62 0.64
N THR A 69 -27.47 19.84 0.77
CA THR A 69 -27.94 20.70 1.83
C THR A 69 -28.88 21.78 1.30
N GLY A 70 -28.33 22.93 0.99
CA GLY A 70 -29.12 24.01 0.44
C GLY A 70 -28.90 24.15 -1.03
N SER A 71 -27.77 23.64 -1.49
CA SER A 71 -27.41 23.69 -2.89
C SER A 71 -28.23 22.69 -3.69
N ALA A 72 -29.06 23.20 -4.59
CA ALA A 72 -29.96 22.36 -5.39
C ALA A 72 -29.21 21.57 -6.44
N ARG A 73 -27.91 21.71 -6.45
CA ARG A 73 -27.06 21.02 -7.41
C ARG A 73 -26.75 19.63 -6.93
N GLY A 74 -26.82 19.45 -5.64
CA GLY A 74 -26.57 18.17 -5.08
C GLY A 74 -25.17 18.02 -4.54
N ALA A 75 -25.00 17.61 -3.30
CA ALA A 75 -23.68 17.51 -2.72
C ALA A 75 -22.79 16.61 -3.56
N GLU A 76 -21.57 17.04 -3.79
CA GLU A 76 -20.63 16.31 -4.60
C GLU A 76 -20.27 14.99 -3.93
N PHE A 77 -20.38 13.90 -4.68
CA PHE A 77 -20.09 12.57 -4.13
C PHE A 77 -18.62 12.35 -4.24
N GLU A 78 -18.13 11.61 -3.27
CA GLU A 78 -16.70 11.36 -3.12
C GLU A 78 -16.45 9.94 -2.63
N LEU A 79 -15.26 9.45 -2.87
CA LEU A 79 -14.86 8.13 -2.43
C LEU A 79 -13.57 8.23 -1.64
N THR A 80 -13.49 7.41 -0.63
CA THR A 80 -12.33 7.32 0.23
C THR A 80 -11.88 5.87 0.26
N ASN A 81 -10.60 5.64 -0.02
CA ASN A 81 -10.06 4.28 -0.03
C ASN A 81 -9.03 4.12 1.06
N THR A 82 -8.98 2.99 1.71
CA THR A 82 -8.01 2.81 2.76
C THR A 82 -7.38 1.42 2.71
N ILE A 83 -6.07 1.37 2.57
CA ILE A 83 -5.36 0.10 2.52
C ILE A 83 -4.50 -0.05 3.76
N ASN A 84 -4.76 -1.09 4.52
CA ASN A 84 -4.04 -1.31 5.77
C ASN A 84 -2.95 -2.35 5.62
N TYR A 85 -1.79 -2.10 6.15
CA TYR A 85 -0.70 -3.04 6.03
C TYR A 85 0.23 -2.97 7.21
N GLU A 86 1.08 -3.96 7.32
CA GLU A 86 2.03 -4.02 8.41
C GLU A 86 3.36 -4.54 7.95
N ILE A 87 4.38 -4.25 8.72
CA ILE A 87 5.72 -4.67 8.41
C ILE A 87 6.15 -5.66 9.45
N VAL A 88 6.17 -6.91 9.08
CA VAL A 88 6.51 -7.95 10.03
C VAL A 88 7.96 -8.35 9.90
N GLY A 89 8.69 -8.32 11.00
CA GLY A 89 10.10 -8.62 10.93
C GLY A 89 10.36 -10.06 11.24
N ALA A 90 10.93 -10.31 12.40
CA ALA A 90 11.21 -11.64 12.84
C ALA A 90 10.29 -12.00 13.97
N ASN A 91 10.23 -13.28 14.32
CA ASN A 91 9.41 -13.77 15.45
C ASN A 91 7.92 -13.48 15.24
N ASP A 92 7.54 -13.20 13.98
CA ASP A 92 6.15 -12.85 13.62
C ASP A 92 5.73 -11.54 14.28
N LEU A 93 6.73 -10.76 14.67
CA LEU A 93 6.53 -9.51 15.36
C LEU A 93 6.34 -8.36 14.35
N VAL A 94 5.42 -7.45 14.66
CA VAL A 94 5.15 -6.31 13.79
C VAL A 94 6.09 -5.15 14.12
N LEU A 95 6.77 -4.65 13.11
CA LEU A 95 7.72 -3.57 13.29
C LEU A 95 7.05 -2.21 13.25
N MET A 96 6.35 -1.95 12.13
CA MET A 96 5.57 -0.74 11.95
C MET A 96 4.26 -1.12 11.31
N SER A 97 3.27 -0.28 11.52
CA SER A 97 1.98 -0.41 10.87
C SER A 97 1.61 0.93 10.22
N ASN A 98 1.21 0.87 8.96
CA ASN A 98 0.82 2.04 8.18
C ASN A 98 -0.33 1.65 7.28
N GLN A 99 -1.10 2.65 6.93
CA GLN A 99 -2.19 2.56 5.97
C GLN A 99 -2.04 3.77 5.05
N VAL A 100 -2.35 3.54 3.79
CA VAL A 100 -2.35 4.59 2.79
C VAL A 100 -3.78 4.85 2.34
N GLN A 101 -4.07 6.07 1.98
CA GLN A 101 -5.42 6.44 1.61
C GLN A 101 -5.45 7.41 0.44
N VAL A 102 -6.47 7.29 -0.38
CA VAL A 102 -6.66 8.17 -1.54
C VAL A 102 -8.11 8.58 -1.64
N GLN A 103 -8.36 9.83 -2.00
CA GLN A 103 -9.72 10.35 -2.06
C GLN A 103 -10.10 11.01 -3.39
N LYS A 104 -10.99 10.42 -4.15
CA LYS A 104 -11.39 11.01 -5.43
C LYS A 104 -12.84 11.37 -5.34
N VAL A 105 -13.21 12.28 -6.24
CA VAL A 105 -14.54 12.77 -6.39
C VAL A 105 -14.97 12.56 -7.83
N TYR A 106 -16.24 12.39 -8.05
CA TYR A 106 -16.75 12.39 -9.40
C TYR A 106 -17.70 13.54 -9.61
N VAL A 107 -17.42 14.34 -10.63
CA VAL A 107 -18.19 15.52 -10.90
C VAL A 107 -19.55 15.14 -11.46
N HIS A 108 -20.59 15.54 -10.76
CA HIS A 108 -21.94 15.24 -11.17
C HIS A 108 -22.25 15.96 -12.47
N ASP A 109 -22.40 15.21 -13.53
CA ASP A 109 -22.70 15.77 -14.82
C ASP A 109 -24.20 15.96 -14.95
N GLU A 110 -24.60 17.01 -15.64
CA GLU A 110 -26.01 17.35 -15.79
C GLU A 110 -26.75 16.32 -16.64
N ASN A 111 -26.16 15.95 -17.78
CA ASN A 111 -26.79 14.98 -18.66
C ASN A 111 -26.69 13.58 -18.10
N ASN A 112 -25.61 13.33 -17.38
CA ASN A 112 -25.42 12.04 -16.74
C ASN A 112 -25.92 12.09 -15.32
N LEU A 113 -27.14 12.59 -15.16
CA LEU A 113 -27.78 12.70 -13.86
C LEU A 113 -27.79 11.33 -13.18
N ILE A 114 -28.12 10.31 -13.94
CA ILE A 114 -28.12 8.95 -13.45
C ILE A 114 -26.87 8.24 -13.95
N GLY A 115 -26.42 8.66 -15.14
CA GLY A 115 -25.24 8.07 -15.75
C GLY A 115 -24.01 8.23 -14.89
N SER A 116 -23.97 9.29 -14.08
CA SER A 116 -22.87 9.55 -13.17
C SER A 116 -22.65 8.35 -12.23
N ASP A 117 -23.74 7.67 -11.90
CA ASP A 117 -23.68 6.48 -11.03
C ASP A 117 -23.00 5.33 -11.76
N GLN A 118 -23.14 5.34 -13.06
CA GLN A 118 -22.57 4.31 -13.91
C GLN A 118 -21.10 4.62 -14.20
N GLU A 119 -20.78 5.91 -14.16
CA GLU A 119 -19.44 6.37 -14.44
C GLU A 119 -18.56 6.19 -13.21
N ALA A 120 -19.19 6.28 -12.04
CA ALA A 120 -18.50 6.21 -10.75
C ALA A 120 -17.62 4.97 -10.62
N ALA A 121 -18.07 3.87 -11.21
CA ALA A 121 -17.33 2.62 -11.20
C ALA A 121 -15.99 2.78 -11.91
N GLN A 122 -15.93 3.68 -12.88
CA GLN A 122 -14.72 3.91 -13.64
C GLN A 122 -13.66 4.57 -12.76
N LEU A 123 -14.08 5.43 -11.82
CA LEU A 123 -13.12 5.99 -10.87
C LEU A 123 -12.64 4.85 -10.01
N ARG A 124 -13.54 4.03 -9.41
CA ARG A 124 -13.06 2.95 -8.53
C ARG A 124 -11.97 2.10 -9.21
N SER A 125 -12.16 1.85 -10.49
CA SER A 125 -11.21 1.12 -11.29
C SER A 125 -9.84 1.82 -11.35
N GLU A 126 -9.85 3.13 -11.64
CA GLU A 126 -8.63 3.93 -11.74
C GLU A 126 -7.87 3.97 -10.41
N MET A 127 -8.61 3.85 -9.30
CA MET A 127 -8.03 3.87 -7.93
C MET A 127 -6.83 2.93 -7.82
N ARG A 128 -6.86 1.88 -8.62
CA ARG A 128 -5.83 0.86 -8.60
C ARG A 128 -4.44 1.39 -8.97
N ARG A 129 -4.44 2.47 -9.77
CA ARG A 129 -3.20 3.20 -10.08
C ARG A 129 -2.70 3.85 -8.81
N ASP A 130 -3.63 4.52 -8.13
CA ASP A 130 -3.33 5.45 -7.03
C ASP A 130 -2.67 4.78 -5.87
N LEU A 131 -3.36 3.74 -5.42
CA LEU A 131 -2.98 2.96 -4.26
C LEU A 131 -1.56 2.50 -4.36
N ILE A 132 -1.21 1.93 -5.49
CA ILE A 132 0.11 1.39 -5.69
C ILE A 132 1.18 2.48 -5.67
N GLN A 133 0.90 3.59 -6.33
CA GLN A 133 1.84 4.69 -6.40
C GLN A 133 2.14 5.25 -5.00
N GLN A 134 1.10 5.54 -4.25
CA GLN A 134 1.24 6.05 -2.90
C GLN A 134 1.78 4.96 -1.97
N LEU A 135 1.43 3.72 -2.22
CA LEU A 135 1.80 2.65 -1.30
C LEU A 135 3.27 2.24 -1.36
N SER A 136 3.73 2.02 -2.62
CA SER A 136 5.11 1.63 -2.95
C SER A 136 6.16 2.50 -2.26
N MET A 137 5.94 3.83 -2.36
CA MET A 137 6.85 4.85 -1.85
C MET A 137 7.27 4.64 -0.41
N ARG A 138 6.41 4.07 0.41
CA ARG A 138 6.77 3.79 1.80
C ARG A 138 7.99 2.88 1.86
N LEU A 139 8.07 1.91 0.96
CA LEU A 139 9.18 0.96 0.96
C LEU A 139 10.54 1.61 0.68
N GLN A 140 10.53 2.78 0.05
CA GLN A 140 11.80 3.47 -0.22
C GLN A 140 12.20 4.30 1.00
N ALA A 141 11.19 4.72 1.75
CA ALA A 141 11.40 5.55 2.93
C ALA A 141 11.45 4.71 4.20
N LEU A 142 11.63 3.41 4.06
CA LEU A 142 11.94 2.58 5.21
C LEU A 142 13.38 2.16 5.07
N THR A 143 14.11 2.22 6.16
CA THR A 143 15.50 1.84 6.17
C THR A 143 15.71 0.66 7.10
N PRO A 144 16.80 -0.12 6.89
CA PRO A 144 17.11 -1.27 7.73
C PRO A 144 17.19 -0.91 9.21
N ALA A 145 17.70 0.30 9.50
CA ALA A 145 17.83 0.75 10.87
C ALA A 145 16.47 0.90 11.54
N GLN A 146 15.54 1.60 10.87
CA GLN A 146 14.19 1.82 11.40
C GLN A 146 13.48 0.50 11.66
N LEU A 147 13.72 -0.46 10.81
CA LEU A 147 13.10 -1.77 10.92
C LEU A 147 13.74 -2.58 12.05
N ASP A 148 15.05 -2.57 12.11
CA ASP A 148 15.79 -3.32 13.13
C ASP A 148 15.50 -2.76 14.52
N GLU A 149 15.49 -1.43 14.63
CA GLU A 149 15.23 -0.81 15.92
C GLU A 149 13.82 -1.11 16.40
N ALA A 150 12.85 -1.11 15.48
CA ALA A 150 11.47 -1.40 15.81
C ALA A 150 11.33 -2.80 16.37
N GLN A 151 12.09 -3.77 15.82
CA GLN A 151 12.13 -5.10 16.40
C GLN A 151 12.65 -4.95 17.81
N ARG A 152 13.82 -4.37 17.98
CA ARG A 152 14.49 -4.36 19.27
C ARG A 152 13.60 -3.81 20.39
N GLN A 153 13.04 -2.63 20.16
CA GLN A 153 12.19 -1.99 21.15
C GLN A 153 10.91 -2.78 21.40
N ALA A 154 10.39 -3.42 20.36
CA ALA A 154 9.20 -4.24 20.50
C ALA A 154 9.47 -5.44 21.41
N GLU A 155 10.62 -6.08 21.22
CA GLU A 155 11.01 -7.22 22.05
C GLU A 155 11.18 -6.78 23.50
N ALA A 156 11.78 -5.61 23.67
CA ALA A 156 11.98 -5.05 24.99
C ALA A 156 10.65 -4.75 25.66
N LYS A 157 9.74 -4.17 24.90
CA LYS A 157 8.40 -3.85 25.38
C LYS A 157 7.65 -5.13 25.75
N ALA A 158 7.75 -6.14 24.88
CA ALA A 158 7.09 -7.43 25.10
C ALA A 158 7.58 -8.06 26.39
N LYS A 159 8.87 -7.89 26.66
CA LYS A 159 9.49 -8.40 27.86
C LYS A 159 8.99 -7.62 29.07
N ALA A 160 9.02 -6.29 28.96
CA ALA A 160 8.62 -5.41 30.04
C ALA A 160 7.20 -5.71 30.53
N GLU A 161 6.30 -6.00 29.60
CA GLU A 161 4.92 -6.31 29.95
C GLU A 161 4.82 -7.61 30.76
N ALA A 162 5.75 -8.52 30.52
CA ALA A 162 5.78 -9.78 31.23
C ALA A 162 6.38 -9.62 32.61
N GLU A 163 7.46 -8.87 32.69
CA GLU A 163 8.15 -8.62 33.97
C GLU A 163 7.33 -7.70 34.87
N ALA A 164 6.43 -6.96 34.25
CA ALA A 164 5.53 -6.05 34.95
C ALA A 164 4.56 -6.79 35.89
N LEU A 165 4.53 -8.11 35.78
CA LEU A 165 3.64 -8.93 36.61
C LEU A 165 3.96 -8.80 38.11
N ARG A 166 3.10 -9.36 38.94
CA ARG A 166 3.27 -9.28 40.38
C ARG A 166 4.17 -10.40 40.88
N GLY A 1 41.35 -13.43 -22.44
CA GLY A 1 40.53 -12.86 -21.35
C GLY A 1 39.08 -12.71 -21.74
N THR A 2 38.24 -12.41 -20.77
CA THR A 2 36.83 -12.22 -21.02
C THR A 2 36.54 -10.76 -21.37
N SER A 3 35.43 -10.52 -22.03
CA SER A 3 35.05 -9.18 -22.42
C SER A 3 33.60 -8.90 -22.07
N GLY A 4 32.71 -9.81 -22.45
CA GLY A 4 31.31 -9.63 -22.19
C GLY A 4 30.72 -8.55 -23.08
N PHE A 5 29.84 -7.75 -22.52
CA PHE A 5 29.24 -6.66 -23.27
C PHE A 5 29.46 -5.34 -22.57
N GLN A 6 29.39 -4.26 -23.33
CA GLN A 6 29.60 -2.93 -22.81
C GLN A 6 28.34 -2.09 -22.91
N LEU A 7 28.18 -1.14 -22.01
CA LEU A 7 27.02 -0.29 -21.98
C LEU A 7 27.42 1.18 -21.94
N ARG A 8 26.47 2.06 -22.21
CA ARG A 8 26.72 3.49 -22.19
C ARG A 8 25.67 4.16 -21.31
N GLY A 9 26.07 5.23 -20.65
CA GLY A 9 25.15 5.91 -19.75
C GLY A 9 24.98 5.12 -18.46
N LEU A 10 26.09 4.90 -17.76
CA LEU A 10 26.09 4.11 -16.54
C LEU A 10 25.23 4.74 -15.45
N GLY A 11 24.17 4.06 -15.13
CA GLY A 11 23.29 4.52 -14.10
C GLY A 11 22.92 3.40 -13.17
N ASP A 12 23.92 2.83 -12.53
CA ASP A 12 23.73 1.73 -11.60
C ASP A 12 23.35 2.26 -10.24
N ALA A 13 22.33 1.68 -9.65
CA ALA A 13 21.86 2.11 -8.35
C ALA A 13 21.33 0.93 -7.56
N GLN A 14 21.20 1.11 -6.26
CA GLN A 14 20.71 0.07 -5.38
C GLN A 14 19.90 0.69 -4.25
N PHE A 15 18.94 -0.05 -3.76
CA PHE A 15 18.07 0.41 -2.71
C PHE A 15 18.54 -0.09 -1.35
N ALA A 16 17.89 0.39 -0.29
CA ALA A 16 18.20 -0.06 1.06
C ALA A 16 17.88 -1.54 1.17
N LEU A 17 16.64 -1.88 0.92
CA LEU A 17 16.23 -3.27 0.89
C LEU A 17 16.49 -3.86 -0.47
N LYS A 18 16.77 -5.13 -0.51
CA LYS A 18 17.07 -5.80 -1.76
C LYS A 18 16.10 -6.94 -2.00
N GLU A 19 15.41 -7.35 -0.96
CA GLU A 19 14.39 -8.36 -1.05
C GLU A 19 13.30 -8.10 -0.04
N ILE A 20 12.07 -8.28 -0.46
CA ILE A 20 10.92 -8.04 0.38
C ILE A 20 9.79 -8.99 0.00
N ASP A 21 8.99 -9.40 0.99
CA ASP A 21 7.85 -10.28 0.73
C ASP A 21 6.58 -9.47 0.56
N VAL A 22 5.85 -9.70 -0.52
CA VAL A 22 4.61 -8.99 -0.77
C VAL A 22 3.41 -9.83 -0.35
N SER A 23 2.84 -9.57 0.79
CA SER A 23 1.71 -10.36 1.21
C SER A 23 0.51 -9.54 1.62
N ALA A 24 -0.64 -10.16 1.51
CA ALA A 24 -1.89 -9.57 1.91
C ALA A 24 -2.51 -10.46 2.98
N ARG A 25 -3.66 -10.07 3.46
CA ARG A 25 -4.39 -10.87 4.42
C ARG A 25 -5.31 -11.79 3.66
N ASN A 26 -5.39 -13.05 4.09
CA ASN A 26 -6.20 -14.07 3.41
C ASN A 26 -5.61 -14.34 2.02
N ALA A 27 -6.40 -14.94 1.14
CA ALA A 27 -5.92 -15.21 -0.21
C ALA A 27 -5.69 -13.91 -0.97
N TYR A 28 -4.45 -13.69 -1.38
CA TYR A 28 -4.09 -12.47 -2.09
C TYR A 28 -4.58 -12.52 -3.54
N GLY A 29 -4.96 -11.36 -4.05
CA GLY A 29 -5.49 -11.30 -5.41
C GLY A 29 -5.66 -9.86 -5.94
N PRO A 30 -6.30 -8.94 -5.16
CA PRO A 30 -6.54 -7.53 -5.60
C PRO A 30 -5.24 -6.72 -5.84
N THR A 31 -5.27 -5.44 -5.46
CA THR A 31 -4.18 -4.49 -5.70
C THR A 31 -2.79 -4.99 -5.20
N VAL A 32 -2.79 -5.95 -4.26
CA VAL A 32 -1.54 -6.54 -3.77
C VAL A 32 -0.71 -7.11 -4.94
N ARG A 33 -1.39 -7.48 -6.01
CA ARG A 33 -0.75 -8.03 -7.20
C ARG A 33 0.13 -6.98 -7.88
N GLU A 34 -0.46 -5.81 -8.17
CA GLU A 34 0.26 -4.70 -8.82
C GLU A 34 1.49 -4.30 -8.00
N LEU A 35 1.43 -4.47 -6.68
CA LEU A 35 2.57 -4.11 -5.81
C LEU A 35 3.83 -4.84 -6.28
N LYS A 36 3.79 -6.17 -6.22
CA LYS A 36 4.92 -7.01 -6.63
C LYS A 36 5.45 -6.61 -8.01
N GLU A 37 4.55 -6.33 -8.95
CA GLU A 37 4.98 -5.91 -10.29
C GLU A 37 5.80 -4.61 -10.23
N THR A 38 5.33 -3.66 -9.45
CA THR A 38 6.03 -2.38 -9.26
C THR A 38 7.36 -2.62 -8.54
N LEU A 39 7.37 -3.35 -7.44
CA LEU A 39 8.63 -3.58 -6.70
C LEU A 39 9.62 -4.34 -7.58
N GLU A 40 9.17 -5.36 -8.29
CA GLU A 40 10.08 -6.13 -9.13
C GLU A 40 10.70 -5.24 -10.22
N ASN A 41 9.85 -4.41 -10.80
CA ASN A 41 10.23 -3.54 -11.91
C ASN A 41 11.05 -2.31 -11.47
N SER A 42 11.15 -2.12 -10.17
CA SER A 42 11.99 -1.08 -9.62
C SER A 42 13.35 -1.70 -9.21
N GLY A 43 13.52 -2.97 -9.58
CA GLY A 43 14.75 -3.68 -9.29
C GLY A 43 14.65 -4.53 -8.04
N VAL A 44 13.63 -4.31 -7.24
CA VAL A 44 13.53 -5.00 -5.98
C VAL A 44 13.02 -6.42 -6.11
N LYS A 45 13.74 -7.38 -5.59
CA LYS A 45 13.27 -8.74 -5.72
C LYS A 45 12.34 -9.08 -4.59
N VAL A 46 11.24 -9.68 -4.94
CA VAL A 46 10.26 -10.08 -3.99
C VAL A 46 10.31 -11.57 -3.83
N THR A 47 10.57 -12.02 -2.62
CA THR A 47 10.68 -13.41 -2.34
C THR A 47 9.64 -13.76 -1.28
N SER A 48 9.48 -15.02 -0.98
CA SER A 48 8.68 -15.38 0.18
C SER A 48 9.55 -15.28 1.45
N ASN A 49 10.87 -15.43 1.25
CA ASN A 49 11.84 -15.56 2.36
C ASN A 49 12.47 -14.24 2.79
N ALA A 50 11.86 -13.13 2.45
CA ALA A 50 12.41 -11.83 2.81
C ALA A 50 12.47 -11.64 4.33
N PRO A 51 13.49 -10.92 4.82
CA PRO A 51 13.65 -10.64 6.26
C PRO A 51 12.54 -9.73 6.78
N TYR A 52 12.08 -8.83 5.94
CA TYR A 52 11.02 -7.91 6.32
C TYR A 52 9.78 -8.19 5.51
N HIS A 53 8.64 -8.19 6.17
CA HIS A 53 7.41 -8.54 5.51
C HIS A 53 6.38 -7.42 5.44
N LEU A 54 5.80 -7.23 4.29
CA LEU A 54 4.68 -6.32 4.13
C LEU A 54 3.49 -7.23 4.06
N VAL A 55 2.60 -7.06 5.03
CA VAL A 55 1.34 -7.78 5.06
C VAL A 55 0.17 -6.78 5.06
N LEU A 56 -0.50 -6.65 3.93
CA LEU A 56 -1.66 -5.77 3.84
C LEU A 56 -2.86 -6.48 4.44
N VAL A 57 -3.24 -5.97 5.60
CA VAL A 57 -4.23 -6.55 6.49
C VAL A 57 -5.66 -6.51 5.95
N ARG A 58 -5.96 -5.45 5.21
CA ARG A 58 -7.29 -5.25 4.67
C ARG A 58 -7.27 -4.17 3.62
N GLU A 59 -8.25 -4.23 2.74
CA GLU A 59 -8.42 -3.29 1.66
C GLU A 59 -9.88 -2.88 1.59
N ASP A 60 -10.17 -1.64 1.90
CA ASP A 60 -11.55 -1.16 1.90
C ASP A 60 -11.68 0.06 1.05
N ASN A 61 -12.89 0.33 0.59
CA ASN A 61 -13.08 1.44 -0.30
C ASN A 61 -14.50 2.02 -0.28
N GLN A 62 -14.60 3.25 0.19
CA GLN A 62 -15.87 3.82 0.56
C GLN A 62 -16.61 4.48 -0.57
N GLN A 63 -17.92 4.30 -0.52
CA GLN A 63 -18.85 4.86 -1.44
C GLN A 63 -20.15 5.09 -0.69
N ARG A 64 -20.41 6.34 -0.36
CA ARG A 64 -21.61 6.72 0.37
C ARG A 64 -22.09 8.07 -0.11
N THR A 65 -23.30 8.44 0.24
CA THR A 65 -23.86 9.64 -0.30
C THR A 65 -23.66 10.89 0.53
N VAL A 66 -23.33 11.98 -0.11
CA VAL A 66 -23.20 13.23 0.61
C VAL A 66 -24.50 14.00 0.61
N SER A 67 -25.38 13.68 -0.34
CA SER A 67 -26.67 14.35 -0.47
C SER A 67 -26.48 15.80 -0.93
N TYR A 68 -27.52 16.34 -1.55
CA TYR A 68 -27.47 17.69 -2.05
C TYR A 68 -27.90 18.69 -0.98
N THR A 69 -27.20 19.81 -0.89
CA THR A 69 -27.51 20.81 0.12
C THR A 69 -28.44 21.91 -0.43
N GLY A 70 -27.95 22.70 -1.37
CA GLY A 70 -28.75 23.77 -1.92
C GLY A 70 -29.70 23.28 -2.98
N SER A 71 -29.18 23.00 -4.14
CA SER A 71 -29.98 22.50 -5.22
C SER A 71 -29.63 21.04 -5.47
N ALA A 72 -30.41 20.36 -6.31
CA ALA A 72 -30.22 18.93 -6.62
C ALA A 72 -28.84 18.65 -7.19
N ARG A 73 -28.17 19.69 -7.55
CA ARG A 73 -26.85 19.64 -8.14
C ARG A 73 -25.76 19.86 -7.08
N GLY A 74 -26.16 19.79 -5.82
CA GLY A 74 -25.22 19.99 -4.75
C GLY A 74 -24.68 18.69 -4.18
N ALA A 75 -25.23 17.59 -4.67
CA ALA A 75 -24.80 16.26 -4.23
C ALA A 75 -23.50 15.83 -4.89
N GLU A 76 -22.41 16.43 -4.49
CA GLU A 76 -21.12 16.07 -5.01
C GLU A 76 -20.56 14.90 -4.21
N PHE A 77 -20.54 13.73 -4.84
CA PHE A 77 -20.15 12.50 -4.15
C PHE A 77 -18.65 12.36 -4.20
N GLU A 78 -18.14 11.64 -3.22
CA GLU A 78 -16.71 11.43 -3.04
C GLU A 78 -16.44 10.01 -2.60
N LEU A 79 -15.28 9.49 -2.95
CA LEU A 79 -14.89 8.16 -2.56
C LEU A 79 -13.54 8.19 -1.86
N THR A 80 -13.35 7.28 -0.94
CA THR A 80 -12.11 7.18 -0.18
C THR A 80 -11.67 5.72 -0.16
N ASN A 81 -10.38 5.50 -0.33
CA ASN A 81 -9.85 4.15 -0.29
C ASN A 81 -8.91 4.00 0.90
N THR A 82 -8.91 2.85 1.52
CA THR A 82 -8.03 2.66 2.67
C THR A 82 -7.39 1.29 2.61
N ILE A 83 -6.08 1.28 2.57
CA ILE A 83 -5.31 0.06 2.55
C ILE A 83 -4.48 -0.04 3.81
N ASN A 84 -4.78 -1.02 4.63
CA ASN A 84 -4.08 -1.21 5.89
C ASN A 84 -2.99 -2.25 5.75
N TYR A 85 -1.84 -1.99 6.34
CA TYR A 85 -0.74 -2.91 6.25
C TYR A 85 0.11 -2.86 7.50
N GLU A 86 0.99 -3.80 7.61
CA GLU A 86 1.93 -3.85 8.70
C GLU A 86 3.25 -4.39 8.24
N ILE A 87 4.29 -4.09 8.97
CA ILE A 87 5.62 -4.50 8.62
C ILE A 87 6.07 -5.52 9.63
N VAL A 88 6.15 -6.76 9.23
CA VAL A 88 6.48 -7.83 10.13
C VAL A 88 7.94 -8.23 10.02
N GLY A 89 8.65 -8.31 11.13
CA GLY A 89 10.04 -8.65 11.08
C GLY A 89 10.26 -10.09 11.41
N ALA A 90 10.76 -10.34 12.61
CA ALA A 90 10.99 -11.70 13.06
C ALA A 90 10.02 -12.00 14.18
N ASN A 91 9.94 -13.27 14.58
CA ASN A 91 9.08 -13.70 15.71
C ASN A 91 7.61 -13.37 15.46
N ASP A 92 7.26 -13.10 14.20
CA ASP A 92 5.90 -12.74 13.81
C ASP A 92 5.47 -11.44 14.48
N LEU A 93 6.42 -10.65 14.96
CA LEU A 93 6.09 -9.41 15.62
C LEU A 93 6.07 -8.27 14.61
N VAL A 94 5.33 -7.24 14.91
CA VAL A 94 5.18 -6.12 14.00
C VAL A 94 6.18 -5.02 14.29
N LEU A 95 6.84 -4.57 13.24
CA LEU A 95 7.86 -3.54 13.34
C LEU A 95 7.25 -2.16 13.26
N MET A 96 6.46 -1.98 12.21
CA MET A 96 5.77 -0.74 11.93
C MET A 96 4.36 -1.04 11.46
N SER A 97 3.43 -0.20 11.84
CA SER A 97 2.05 -0.31 11.40
C SER A 97 1.52 1.05 10.89
N ASN A 98 0.94 1.03 9.70
CA ASN A 98 0.38 2.23 9.07
C ASN A 98 -0.59 1.76 7.97
N GLN A 99 -1.30 2.74 7.42
CA GLN A 99 -2.22 2.55 6.31
C GLN A 99 -1.98 3.71 5.34
N VAL A 100 -2.29 3.45 4.08
CA VAL A 100 -2.26 4.47 3.05
C VAL A 100 -3.68 4.72 2.56
N GLN A 101 -3.96 5.95 2.19
CA GLN A 101 -5.30 6.30 1.78
C GLN A 101 -5.30 7.25 0.59
N VAL A 102 -6.30 7.14 -0.24
CA VAL A 102 -6.45 8.04 -1.39
C VAL A 102 -7.88 8.52 -1.44
N GLN A 103 -8.06 9.82 -1.64
CA GLN A 103 -9.40 10.38 -1.62
C GLN A 103 -9.76 11.15 -2.89
N LYS A 104 -10.78 10.74 -3.60
CA LYS A 104 -11.13 11.45 -4.85
C LYS A 104 -12.61 11.65 -4.94
N VAL A 105 -12.96 12.77 -5.59
CA VAL A 105 -14.31 13.18 -5.86
C VAL A 105 -14.62 12.96 -7.33
N TYR A 106 -15.76 12.38 -7.62
CA TYR A 106 -16.09 12.03 -8.98
C TYR A 106 -17.07 13.00 -9.63
N VAL A 107 -16.63 13.56 -10.75
CA VAL A 107 -17.39 14.52 -11.51
C VAL A 107 -18.53 13.84 -12.25
N HIS A 108 -19.71 14.41 -12.16
CA HIS A 108 -20.90 13.87 -12.78
C HIS A 108 -21.69 14.96 -13.45
N ASP A 109 -22.32 14.64 -14.54
CA ASP A 109 -23.20 15.58 -15.21
C ASP A 109 -24.61 15.40 -14.69
N GLU A 110 -25.37 16.47 -14.66
CA GLU A 110 -26.74 16.43 -14.16
C GLU A 110 -27.60 15.50 -15.00
N ASN A 111 -27.40 15.52 -16.31
CA ASN A 111 -28.15 14.65 -17.22
C ASN A 111 -27.54 13.26 -17.24
N ASN A 112 -26.46 13.09 -16.51
CA ASN A 112 -25.78 11.81 -16.41
C ASN A 112 -26.04 11.17 -15.06
N LEU A 113 -27.20 11.45 -14.48
CA LEU A 113 -27.55 10.89 -13.18
C LEU A 113 -27.42 9.37 -13.21
N ILE A 114 -27.79 8.79 -14.34
CA ILE A 114 -27.71 7.35 -14.53
C ILE A 114 -26.38 6.99 -15.20
N GLY A 115 -25.98 7.81 -16.17
CA GLY A 115 -24.76 7.57 -16.94
C GLY A 115 -23.50 7.66 -16.10
N SER A 116 -23.48 8.55 -15.13
CA SER A 116 -22.31 8.74 -14.28
C SER A 116 -22.06 7.51 -13.42
N ASP A 117 -23.12 6.83 -13.01
CA ASP A 117 -23.00 5.63 -12.16
C ASP A 117 -22.23 4.53 -12.88
N GLN A 118 -22.69 4.22 -14.09
CA GLN A 118 -22.02 3.22 -14.92
C GLN A 118 -20.66 3.71 -15.41
N GLU A 119 -20.47 5.02 -15.45
CA GLU A 119 -19.23 5.60 -15.92
C GLU A 119 -18.18 5.52 -14.83
N ALA A 120 -18.64 5.72 -13.59
CA ALA A 120 -17.80 5.72 -12.40
C ALA A 120 -16.93 4.48 -12.28
N ALA A 121 -17.36 3.40 -12.90
CA ALA A 121 -16.62 2.15 -12.94
C ALA A 121 -15.21 2.36 -13.51
N GLN A 122 -15.08 3.30 -14.46
CA GLN A 122 -13.79 3.58 -15.08
C GLN A 122 -12.86 4.27 -14.08
N LEU A 123 -13.44 5.11 -13.24
CA LEU A 123 -12.71 5.79 -12.18
C LEU A 123 -12.45 4.73 -11.11
N ARG A 124 -13.31 3.76 -10.88
CA ARG A 124 -12.97 2.75 -9.89
C ARG A 124 -11.81 1.91 -10.44
N SER A 125 -11.86 1.64 -11.73
CA SER A 125 -10.77 0.96 -12.40
C SER A 125 -9.44 1.72 -12.24
N GLU A 126 -9.54 3.04 -12.39
CA GLU A 126 -8.41 3.94 -12.34
C GLU A 126 -7.75 3.96 -10.94
N MET A 127 -8.57 3.74 -9.90
CA MET A 127 -8.07 3.69 -8.49
C MET A 127 -6.86 2.78 -8.36
N ARG A 128 -6.77 1.81 -9.25
CA ARG A 128 -5.73 0.82 -9.22
C ARG A 128 -4.29 1.36 -9.27
N ARG A 129 -4.19 2.57 -9.88
CA ARG A 129 -2.94 3.30 -9.99
C ARG A 129 -2.62 3.93 -8.65
N ASP A 130 -3.65 4.55 -8.07
CA ASP A 130 -3.52 5.45 -6.92
C ASP A 130 -2.85 4.77 -5.76
N LEU A 131 -3.45 3.64 -5.45
CA LEU A 131 -3.05 2.80 -4.35
C LEU A 131 -1.59 2.45 -4.42
N ILE A 132 -1.14 1.96 -5.55
CA ILE A 132 0.24 1.51 -5.69
C ILE A 132 1.24 2.66 -5.59
N GLN A 133 0.95 3.75 -6.28
CA GLN A 133 1.86 4.90 -6.29
C GLN A 133 2.09 5.43 -4.87
N GLN A 134 1.02 5.64 -4.15
CA GLN A 134 1.10 6.11 -2.76
C GLN A 134 1.63 5.00 -1.85
N LEU A 135 1.35 3.76 -2.17
CA LEU A 135 1.72 2.67 -1.30
C LEU A 135 3.20 2.34 -1.28
N SER A 136 3.76 2.30 -2.53
CA SER A 136 5.17 2.12 -2.77
C SER A 136 6.02 3.06 -1.92
N MET A 137 5.56 4.33 -1.90
CA MET A 137 6.22 5.44 -1.25
C MET A 137 6.57 5.15 0.19
N ARG A 138 5.69 4.47 0.90
CA ARG A 138 5.96 4.13 2.29
C ARG A 138 7.08 3.12 2.37
N LEU A 139 7.12 2.18 1.44
CA LEU A 139 8.19 1.19 1.39
C LEU A 139 9.52 1.87 1.07
N GLN A 140 9.46 3.00 0.38
CA GLN A 140 10.65 3.78 0.07
C GLN A 140 11.11 4.58 1.29
N ALA A 141 10.14 5.05 2.05
CA ALA A 141 10.40 5.88 3.22
C ALA A 141 10.44 5.04 4.48
N LEU A 142 10.84 3.80 4.34
CA LEU A 142 11.18 2.99 5.47
C LEU A 142 12.60 2.49 5.27
N THR A 143 13.38 2.50 6.29
CA THR A 143 14.77 2.11 6.17
C THR A 143 15.10 0.92 7.04
N PRO A 144 16.16 0.17 6.67
CA PRO A 144 16.62 -0.96 7.45
C PRO A 144 16.80 -0.61 8.91
N ALA A 145 17.40 0.56 9.16
CA ALA A 145 17.62 1.05 10.52
C ALA A 145 16.30 1.21 11.28
N GLN A 146 15.30 1.82 10.62
CA GLN A 146 13.98 2.01 11.23
C GLN A 146 13.34 0.68 11.58
N LEU A 147 13.51 -0.29 10.71
CA LEU A 147 12.96 -1.61 10.91
C LEU A 147 13.74 -2.38 11.98
N ASP A 148 15.05 -2.25 11.94
CA ASP A 148 15.93 -2.87 12.93
C ASP A 148 15.59 -2.37 14.32
N GLU A 149 15.49 -1.06 14.46
CA GLU A 149 15.19 -0.49 15.76
C GLU A 149 13.77 -0.84 16.22
N ALA A 150 12.84 -0.93 15.26
CA ALA A 150 11.47 -1.31 15.57
C ALA A 150 11.39 -2.75 16.06
N GLN A 151 12.21 -3.64 15.48
CA GLN A 151 12.30 -5.01 16.00
C GLN A 151 12.83 -4.90 17.42
N ARG A 152 13.99 -4.28 17.61
CA ARG A 152 14.66 -4.32 18.90
C ARG A 152 13.76 -3.87 20.05
N GLN A 153 13.12 -2.72 19.87
CA GLN A 153 12.24 -2.18 20.89
C GLN A 153 11.06 -3.11 21.20
N ALA A 154 10.61 -3.83 20.17
CA ALA A 154 9.51 -4.77 20.29
C ALA A 154 9.92 -6.01 21.08
N GLU A 155 11.13 -6.51 20.83
CA GLU A 155 11.65 -7.66 21.58
C GLU A 155 11.69 -7.33 23.06
N ALA A 156 12.17 -6.14 23.37
CA ALA A 156 12.25 -5.67 24.74
C ALA A 156 10.86 -5.50 25.32
N LYS A 157 9.97 -4.93 24.52
CA LYS A 157 8.59 -4.65 24.94
C LYS A 157 7.82 -5.95 25.21
N ALA A 158 7.89 -6.89 24.28
CA ALA A 158 7.16 -8.15 24.40
C ALA A 158 7.55 -8.91 25.66
N LYS A 159 8.83 -8.89 25.98
CA LYS A 159 9.31 -9.54 27.16
C LYS A 159 8.98 -8.73 28.42
N ALA A 160 9.12 -7.42 28.31
CA ALA A 160 8.85 -6.52 29.44
C ALA A 160 7.46 -6.71 29.98
N GLU A 161 6.48 -6.79 29.10
CA GLU A 161 5.09 -6.98 29.51
C GLU A 161 4.91 -8.32 30.22
N ALA A 162 5.72 -9.29 29.84
CA ALA A 162 5.67 -10.61 30.45
C ALA A 162 6.26 -10.57 31.86
N GLU A 163 7.28 -9.75 32.05
CA GLU A 163 7.92 -9.60 33.35
C GLU A 163 7.07 -8.68 34.24
N ALA A 164 6.37 -7.76 33.60
CA ALA A 164 5.54 -6.79 34.31
C ALA A 164 4.29 -7.46 34.90
N LEU A 165 3.88 -8.57 34.32
CA LEU A 165 2.72 -9.28 34.81
C LEU A 165 3.14 -10.31 35.87
N ARG A 166 2.15 -10.90 36.54
CA ARG A 166 2.43 -11.89 37.58
C ARG A 166 2.98 -13.18 36.98
N GLY A 1 31.79 -14.45 -36.87
CA GLY A 1 31.87 -13.30 -37.80
C GLY A 1 31.71 -11.98 -37.10
N THR A 2 30.50 -11.46 -37.06
CA THR A 2 30.24 -10.19 -36.42
C THR A 2 29.94 -10.39 -34.93
N SER A 3 30.82 -9.89 -34.09
CA SER A 3 30.67 -10.02 -32.67
C SER A 3 30.22 -8.70 -32.06
N GLY A 4 29.61 -8.77 -30.89
CA GLY A 4 29.16 -7.59 -30.21
C GLY A 4 29.90 -7.38 -28.91
N PHE A 5 29.22 -6.83 -27.94
CA PHE A 5 29.81 -6.57 -26.64
C PHE A 5 28.76 -6.63 -25.57
N GLN A 6 29.08 -6.08 -24.41
CA GLN A 6 28.17 -6.06 -23.29
C GLN A 6 26.93 -5.18 -23.57
N LEU A 7 26.04 -5.10 -22.60
CA LEU A 7 24.82 -4.32 -22.75
C LEU A 7 25.13 -2.85 -22.99
N ARG A 8 24.42 -2.25 -23.93
CA ARG A 8 24.60 -0.85 -24.24
C ARG A 8 23.62 -0.01 -23.41
N GLY A 9 24.00 0.21 -22.18
CA GLY A 9 23.17 0.95 -21.25
C GLY A 9 23.20 0.32 -19.89
N LEU A 10 23.87 0.95 -18.95
CA LEU A 10 24.02 0.42 -17.61
C LEU A 10 23.22 1.27 -16.63
N GLY A 11 22.24 0.66 -16.01
CA GLY A 11 21.40 1.37 -15.06
C GLY A 11 21.20 0.58 -13.78
N ASP A 12 22.30 0.15 -13.19
CA ASP A 12 22.26 -0.64 -11.96
C ASP A 12 22.21 0.29 -10.77
N ALA A 13 21.49 -0.11 -9.74
CA ALA A 13 21.33 0.72 -8.57
C ALA A 13 21.22 -0.11 -7.31
N GLN A 14 21.38 0.53 -6.16
CA GLN A 14 21.28 -0.13 -4.87
C GLN A 14 20.20 0.51 -4.03
N PHE A 15 19.57 -0.28 -3.18
CA PHE A 15 18.50 0.21 -2.33
C PHE A 15 18.67 -0.31 -0.91
N ALA A 16 17.88 0.22 0.01
CA ALA A 16 17.90 -0.25 1.38
C ALA A 16 17.36 -1.66 1.42
N LEU A 17 16.14 -1.81 0.94
CA LEU A 17 15.55 -3.11 0.81
C LEU A 17 15.93 -3.69 -0.53
N LYS A 18 16.40 -4.90 -0.52
CA LYS A 18 16.83 -5.55 -1.74
C LYS A 18 15.91 -6.72 -2.03
N GLU A 19 15.21 -7.14 -1.00
CA GLU A 19 14.22 -8.18 -1.10
C GLU A 19 13.18 -7.95 -0.03
N ILE A 20 11.94 -8.15 -0.42
CA ILE A 20 10.83 -7.91 0.46
C ILE A 20 9.69 -8.87 0.12
N ASP A 21 8.96 -9.30 1.12
CA ASP A 21 7.85 -10.23 0.93
C ASP A 21 6.55 -9.47 0.76
N VAL A 22 5.82 -9.80 -0.30
CA VAL A 22 4.55 -9.15 -0.56
C VAL A 22 3.40 -10.05 -0.10
N SER A 23 2.79 -9.80 1.01
CA SER A 23 1.71 -10.69 1.40
C SER A 23 0.44 -9.94 1.77
N ALA A 24 -0.69 -10.59 1.53
CA ALA A 24 -1.98 -10.05 1.87
C ALA A 24 -2.60 -10.88 2.98
N ARG A 25 -3.14 -10.23 3.97
CA ARG A 25 -3.80 -10.92 5.07
C ARG A 25 -5.26 -10.54 5.07
N ASN A 26 -6.13 -11.55 5.10
CA ASN A 26 -7.59 -11.34 5.04
C ASN A 26 -7.99 -10.84 3.64
N ALA A 27 -8.49 -11.77 2.82
CA ALA A 27 -8.90 -11.48 1.44
C ALA A 27 -7.70 -11.13 0.56
N TYR A 28 -7.97 -10.55 -0.60
CA TYR A 28 -6.93 -10.18 -1.55
C TYR A 28 -7.49 -9.21 -2.58
N GLY A 29 -6.61 -8.65 -3.39
CA GLY A 29 -7.04 -7.72 -4.41
C GLY A 29 -5.90 -7.41 -5.37
N PRO A 30 -6.18 -6.76 -6.51
CA PRO A 30 -5.16 -6.40 -7.49
C PRO A 30 -3.97 -5.63 -6.88
N THR A 31 -4.25 -4.86 -5.82
CA THR A 31 -3.24 -4.05 -5.15
C THR A 31 -1.99 -4.87 -4.72
N VAL A 32 -2.19 -6.04 -4.13
CA VAL A 32 -1.07 -6.87 -3.68
C VAL A 32 -0.24 -7.37 -4.87
N ARG A 33 -0.91 -7.62 -5.97
CA ARG A 33 -0.24 -8.07 -7.19
C ARG A 33 0.53 -6.90 -7.83
N GLU A 34 -0.11 -5.73 -7.85
CA GLU A 34 0.51 -4.53 -8.41
C GLU A 34 1.73 -4.12 -7.60
N LEU A 35 1.70 -4.36 -6.28
CA LEU A 35 2.87 -4.10 -5.43
C LEU A 35 4.06 -4.87 -5.96
N LYS A 36 3.82 -6.13 -6.31
CA LYS A 36 4.88 -6.99 -6.80
C LYS A 36 5.35 -6.49 -8.15
N GLU A 37 4.43 -6.04 -8.98
CA GLU A 37 4.76 -5.48 -10.29
C GLU A 37 5.69 -4.28 -10.14
N THR A 38 5.24 -3.30 -9.37
CA THR A 38 6.00 -2.08 -9.15
C THR A 38 7.36 -2.37 -8.50
N LEU A 39 7.39 -3.14 -7.41
CA LEU A 39 8.67 -3.43 -6.74
C LEU A 39 9.59 -4.22 -7.67
N GLU A 40 9.09 -5.24 -8.32
CA GLU A 40 9.94 -6.06 -9.19
C GLU A 40 10.54 -5.20 -10.32
N ASN A 41 9.72 -4.33 -10.84
CA ASN A 41 10.06 -3.48 -11.97
C ASN A 41 10.89 -2.24 -11.57
N SER A 42 11.03 -2.03 -10.27
CA SER A 42 11.82 -0.93 -9.74
C SER A 42 13.21 -1.44 -9.27
N GLY A 43 13.53 -2.68 -9.61
CA GLY A 43 14.79 -3.28 -9.17
C GLY A 43 14.68 -3.84 -7.76
N VAL A 44 13.50 -4.26 -7.36
CA VAL A 44 13.33 -4.82 -6.03
C VAL A 44 12.84 -6.25 -6.11
N LYS A 45 13.56 -7.19 -5.57
CA LYS A 45 13.14 -8.58 -5.69
C LYS A 45 12.22 -8.94 -4.54
N VAL A 46 11.14 -9.59 -4.88
CA VAL A 46 10.17 -10.02 -3.94
C VAL A 46 10.23 -11.53 -3.78
N THR A 47 10.48 -11.96 -2.57
CA THR A 47 10.56 -13.35 -2.25
C THR A 47 9.53 -13.65 -1.17
N SER A 48 9.32 -14.89 -0.84
CA SER A 48 8.53 -15.20 0.34
C SER A 48 9.44 -15.09 1.59
N ASN A 49 10.74 -15.25 1.35
CA ASN A 49 11.74 -15.40 2.41
C ASN A 49 12.43 -14.10 2.79
N ALA A 50 11.83 -12.98 2.47
CA ALA A 50 12.44 -11.70 2.78
C ALA A 50 12.53 -11.48 4.30
N PRO A 51 13.49 -10.65 4.74
CA PRO A 51 13.69 -10.38 6.18
C PRO A 51 12.57 -9.51 6.74
N TYR A 52 12.08 -8.61 5.92
CA TYR A 52 11.01 -7.72 6.33
C TYR A 52 9.78 -8.00 5.51
N HIS A 53 8.65 -8.04 6.18
CA HIS A 53 7.41 -8.43 5.53
C HIS A 53 6.38 -7.32 5.47
N LEU A 54 5.81 -7.15 4.30
CA LEU A 54 4.69 -6.24 4.09
C LEU A 54 3.49 -7.16 4.01
N VAL A 55 2.57 -6.98 4.94
CA VAL A 55 1.32 -7.70 4.95
C VAL A 55 0.14 -6.72 4.96
N LEU A 56 -0.65 -6.76 3.90
CA LEU A 56 -1.84 -5.91 3.79
C LEU A 56 -3.00 -6.60 4.46
N VAL A 57 -3.41 -5.98 5.56
CA VAL A 57 -4.39 -6.49 6.51
C VAL A 57 -5.83 -6.43 5.99
N ARG A 58 -6.11 -5.44 5.15
CA ARG A 58 -7.44 -5.28 4.59
C ARG A 58 -7.47 -4.16 3.57
N GLU A 59 -8.55 -4.10 2.80
CA GLU A 59 -8.74 -3.05 1.82
C GLU A 59 -10.20 -2.59 1.82
N ASP A 60 -10.43 -1.37 2.23
CA ASP A 60 -11.78 -0.86 2.35
C ASP A 60 -11.91 0.42 1.58
N ASN A 61 -13.13 0.81 1.25
CA ASN A 61 -13.29 2.03 0.50
C ASN A 61 -14.72 2.53 0.46
N GLN A 62 -14.92 3.71 1.01
CA GLN A 62 -16.26 4.20 1.28
C GLN A 62 -16.88 4.95 0.12
N GLN A 63 -18.14 5.27 0.28
CA GLN A 63 -18.86 6.10 -0.67
C GLN A 63 -19.79 7.02 0.10
N ARG A 64 -19.40 8.27 0.22
CA ARG A 64 -20.17 9.24 0.99
C ARG A 64 -20.31 10.52 0.23
N THR A 65 -21.40 11.21 0.47
CA THR A 65 -21.71 12.40 -0.25
C THR A 65 -21.23 13.64 0.49
N VAL A 66 -20.59 14.56 -0.21
CA VAL A 66 -20.08 15.75 0.45
C VAL A 66 -21.07 16.90 0.35
N SER A 67 -21.86 16.93 -0.69
CA SER A 67 -22.82 17.99 -0.86
C SER A 67 -24.14 17.45 -1.41
N TYR A 68 -25.10 17.34 -0.52
CA TYR A 68 -26.38 16.74 -0.81
C TYR A 68 -27.40 17.16 0.22
N THR A 69 -28.65 16.80 0.00
CA THR A 69 -29.69 17.07 0.98
C THR A 69 -29.54 16.08 2.15
N GLY A 70 -30.23 16.34 3.25
CA GLY A 70 -30.22 15.39 4.36
C GLY A 70 -30.58 13.98 3.92
N SER A 71 -29.63 13.05 4.11
CA SER A 71 -29.79 11.64 3.75
C SER A 71 -29.77 11.46 2.22
N ALA A 72 -29.96 10.21 1.78
CA ALA A 72 -29.95 9.85 0.35
C ALA A 72 -28.54 9.91 -0.24
N ARG A 73 -28.45 9.79 -1.57
CA ARG A 73 -27.16 9.76 -2.26
C ARG A 73 -26.67 11.14 -2.67
N GLY A 74 -27.58 12.10 -2.71
CA GLY A 74 -27.21 13.44 -2.99
C GLY A 74 -26.90 13.76 -4.42
N ALA A 75 -26.05 14.76 -4.57
CA ALA A 75 -25.65 15.25 -5.85
C ALA A 75 -24.22 14.79 -6.20
N GLU A 76 -23.24 15.28 -5.44
CA GLU A 76 -21.84 14.94 -5.69
C GLU A 76 -21.23 14.18 -4.49
N PHE A 77 -20.67 13.00 -4.77
CA PHE A 77 -20.08 12.17 -3.73
C PHE A 77 -18.70 11.66 -4.15
N GLU A 78 -17.74 11.79 -3.25
CA GLU A 78 -16.40 11.28 -3.48
C GLU A 78 -16.14 10.02 -2.69
N LEU A 79 -15.10 9.30 -3.07
CA LEU A 79 -14.76 8.05 -2.43
C LEU A 79 -13.42 8.11 -1.73
N THR A 80 -13.30 7.32 -0.69
CA THR A 80 -12.08 7.24 0.10
C THR A 80 -11.67 5.78 0.15
N ASN A 81 -10.41 5.50 -0.07
CA ASN A 81 -9.92 4.14 -0.05
C ASN A 81 -8.88 3.96 1.04
N THR A 82 -8.83 2.83 1.69
CA THR A 82 -7.86 2.66 2.75
C THR A 82 -7.26 1.26 2.69
N ILE A 83 -5.93 1.21 2.58
CA ILE A 83 -5.22 -0.05 2.55
C ILE A 83 -4.38 -0.17 3.80
N ASN A 84 -4.67 -1.16 4.61
CA ASN A 84 -3.94 -1.35 5.86
C ASN A 84 -2.79 -2.30 5.66
N TYR A 85 -1.62 -1.90 6.13
CA TYR A 85 -0.43 -2.71 5.99
C TYR A 85 0.36 -2.67 7.27
N GLU A 86 1.02 -3.76 7.50
CA GLU A 86 1.79 -3.96 8.69
C GLU A 86 3.17 -4.44 8.28
N ILE A 87 4.15 -4.10 9.08
CA ILE A 87 5.52 -4.48 8.80
C ILE A 87 5.95 -5.49 9.82
N VAL A 88 6.15 -6.72 9.39
CA VAL A 88 6.48 -7.78 10.29
C VAL A 88 7.94 -8.20 10.15
N GLY A 89 8.67 -8.22 11.24
CA GLY A 89 10.08 -8.52 11.17
C GLY A 89 10.36 -9.97 11.45
N ALA A 90 11.04 -10.23 12.54
CA ALA A 90 11.39 -11.57 12.93
C ALA A 90 10.49 -12.01 14.07
N ASN A 91 10.40 -13.32 14.28
CA ASN A 91 9.59 -13.90 15.37
C ASN A 91 8.11 -13.55 15.21
N ASP A 92 7.70 -13.20 13.98
CA ASP A 92 6.31 -12.81 13.68
C ASP A 92 5.93 -11.50 14.39
N LEU A 93 6.95 -10.79 14.83
CA LEU A 93 6.79 -9.56 15.57
C LEU A 93 6.51 -8.36 14.64
N VAL A 94 5.56 -7.52 15.03
CA VAL A 94 5.20 -6.32 14.27
C VAL A 94 6.17 -5.17 14.55
N LEU A 95 6.80 -4.67 13.51
CA LEU A 95 7.80 -3.61 13.65
C LEU A 95 7.20 -2.23 13.56
N MET A 96 6.42 -2.04 12.51
CA MET A 96 5.73 -0.80 12.21
C MET A 96 4.34 -1.13 11.66
N SER A 97 3.37 -0.29 11.94
CA SER A 97 2.03 -0.43 11.38
C SER A 97 1.48 0.93 10.91
N ASN A 98 0.80 0.92 9.77
CA ASN A 98 0.23 2.13 9.18
C ASN A 98 -0.76 1.69 8.10
N GLN A 99 -1.32 2.68 7.43
CA GLN A 99 -2.21 2.49 6.29
C GLN A 99 -2.06 3.69 5.37
N VAL A 100 -2.37 3.50 4.12
CA VAL A 100 -2.36 4.58 3.14
C VAL A 100 -3.76 4.82 2.65
N GLN A 101 -4.01 6.02 2.19
CA GLN A 101 -5.33 6.38 1.72
C GLN A 101 -5.29 7.22 0.45
N VAL A 102 -6.23 6.97 -0.41
CA VAL A 102 -6.40 7.74 -1.64
C VAL A 102 -7.82 8.19 -1.72
N GLN A 103 -8.02 9.46 -2.01
CA GLN A 103 -9.34 10.03 -2.04
C GLN A 103 -9.72 10.62 -3.39
N LYS A 104 -10.57 9.96 -4.13
CA LYS A 104 -10.90 10.39 -5.48
C LYS A 104 -12.39 10.62 -5.56
N VAL A 105 -12.73 11.71 -6.23
CA VAL A 105 -14.10 12.13 -6.45
C VAL A 105 -14.49 11.89 -7.90
N TYR A 106 -15.68 11.35 -8.10
CA TYR A 106 -16.15 11.03 -9.43
C TYR A 106 -17.23 12.01 -9.84
N VAL A 107 -16.95 12.85 -10.83
CA VAL A 107 -17.96 13.79 -11.28
C VAL A 107 -17.79 14.22 -12.75
N HIS A 108 -18.76 13.84 -13.57
CA HIS A 108 -18.91 14.35 -14.93
C HIS A 108 -20.36 14.59 -15.19
N ASP A 109 -20.76 15.84 -15.31
CA ASP A 109 -22.16 16.13 -15.52
C ASP A 109 -22.40 17.04 -16.72
N GLU A 110 -21.86 16.69 -17.88
CA GLU A 110 -22.16 17.48 -19.07
C GLU A 110 -23.58 17.16 -19.53
N ASN A 111 -23.83 15.88 -19.75
CA ASN A 111 -25.16 15.37 -20.05
C ASN A 111 -25.51 14.30 -19.03
N ASN A 112 -24.51 13.97 -18.21
CA ASN A 112 -24.60 12.85 -17.29
C ASN A 112 -25.26 13.22 -15.99
N LEU A 113 -26.56 13.09 -15.95
CA LEU A 113 -27.29 13.29 -14.72
C LEU A 113 -27.38 11.95 -13.99
N ILE A 114 -27.70 10.92 -14.77
CA ILE A 114 -27.72 9.56 -14.27
C ILE A 114 -26.49 8.84 -14.78
N GLY A 115 -26.03 9.27 -15.97
CA GLY A 115 -24.86 8.68 -16.58
C GLY A 115 -23.62 8.87 -15.72
N SER A 116 -23.63 9.90 -14.89
CA SER A 116 -22.54 10.19 -13.98
C SER A 116 -22.37 9.02 -13.01
N ASP A 117 -23.49 8.50 -12.52
CA ASP A 117 -23.49 7.39 -11.56
C ASP A 117 -23.01 6.10 -12.23
N GLN A 118 -23.23 6.01 -13.52
CA GLN A 118 -22.82 4.84 -14.30
C GLN A 118 -21.37 4.97 -14.74
N GLU A 119 -20.91 6.20 -14.81
CA GLU A 119 -19.55 6.50 -15.21
C GLU A 119 -18.62 6.22 -14.05
N ALA A 120 -19.17 6.30 -12.84
CA ALA A 120 -18.43 6.19 -11.60
C ALA A 120 -17.50 4.98 -11.55
N ALA A 121 -17.91 3.91 -12.23
CA ALA A 121 -17.12 2.69 -12.34
C ALA A 121 -15.83 2.94 -13.16
N GLN A 122 -15.89 3.88 -14.09
CA GLN A 122 -14.75 4.22 -14.93
C GLN A 122 -13.65 4.88 -14.09
N LEU A 123 -14.05 5.75 -13.16
CA LEU A 123 -13.09 6.33 -12.22
C LEU A 123 -12.57 5.19 -11.39
N ARG A 124 -13.42 4.27 -10.92
CA ARG A 124 -12.90 3.18 -10.08
C ARG A 124 -11.78 2.43 -10.76
N SER A 125 -11.93 2.28 -12.07
CA SER A 125 -10.93 1.65 -12.90
C SER A 125 -9.60 2.40 -12.80
N GLU A 126 -9.67 3.72 -12.96
CA GLU A 126 -8.54 4.59 -12.89
C GLU A 126 -7.93 4.62 -11.50
N MET A 127 -8.80 4.60 -10.48
CA MET A 127 -8.40 4.67 -9.06
C MET A 127 -7.38 3.59 -8.73
N ARG A 128 -7.38 2.54 -9.54
CA ARG A 128 -6.44 1.44 -9.42
C ARG A 128 -4.98 1.92 -9.41
N ARG A 129 -4.78 3.09 -10.03
CA ARG A 129 -3.45 3.72 -10.13
C ARG A 129 -3.08 4.37 -8.81
N ASP A 130 -4.10 4.95 -8.17
CA ASP A 130 -3.92 5.82 -7.02
C ASP A 130 -3.22 5.14 -5.87
N LEU A 131 -3.78 3.98 -5.55
CA LEU A 131 -3.34 3.14 -4.44
C LEU A 131 -1.86 2.82 -4.52
N ILE A 132 -1.44 2.31 -5.66
CA ILE A 132 -0.07 1.84 -5.83
C ILE A 132 0.94 2.96 -5.76
N GLN A 133 0.68 4.04 -6.48
CA GLN A 133 1.60 5.17 -6.54
C GLN A 133 1.92 5.72 -5.15
N GLN A 134 0.88 5.99 -4.38
CA GLN A 134 1.06 6.51 -3.03
C GLN A 134 1.53 5.42 -2.07
N LEU A 135 1.16 4.18 -2.30
CA LEU A 135 1.48 3.11 -1.37
C LEU A 135 2.95 2.71 -1.39
N SER A 136 3.46 2.50 -2.62
CA SER A 136 4.85 2.14 -2.87
C SER A 136 5.83 3.04 -2.13
N MET A 137 5.48 4.33 -2.08
CA MET A 137 6.29 5.38 -1.49
C MET A 137 6.69 5.09 -0.05
N ARG A 138 5.85 4.38 0.67
CA ARG A 138 6.17 4.03 2.04
C ARG A 138 7.37 3.09 2.07
N LEU A 139 7.39 2.11 1.18
CA LEU A 139 8.47 1.13 1.14
C LEU A 139 9.83 1.76 0.80
N GLN A 140 9.81 2.83 0.00
CA GLN A 140 11.06 3.48 -0.40
C GLN A 140 11.63 4.29 0.77
N ALA A 141 10.75 4.77 1.63
CA ALA A 141 11.16 5.60 2.76
C ALA A 141 11.21 4.77 4.04
N LEU A 142 11.49 3.50 3.91
CA LEU A 142 11.81 2.67 5.06
C LEU A 142 13.25 2.20 4.90
N THR A 143 13.96 2.11 6.00
CA THR A 143 15.32 1.62 6.00
C THR A 143 15.43 0.46 6.95
N PRO A 144 16.39 -0.45 6.72
CA PRO A 144 16.59 -1.60 7.57
C PRO A 144 16.86 -1.21 9.02
N ALA A 145 17.59 -0.10 9.20
CA ALA A 145 17.94 0.40 10.54
C ALA A 145 16.68 0.69 11.37
N GLN A 146 15.72 1.39 10.77
CA GLN A 146 14.48 1.76 11.46
C GLN A 146 13.68 0.52 11.83
N LEU A 147 13.72 -0.47 10.97
CA LEU A 147 13.00 -1.71 11.20
C LEU A 147 13.72 -2.57 12.24
N ASP A 148 15.03 -2.66 12.13
CA ASP A 148 15.85 -3.40 13.10
C ASP A 148 15.66 -2.83 14.50
N GLU A 149 15.68 -1.53 14.62
CA GLU A 149 15.51 -0.92 15.93
C GLU A 149 14.12 -1.20 16.48
N ALA A 150 13.11 -1.25 15.59
CA ALA A 150 11.75 -1.54 15.98
C ALA A 150 11.60 -2.95 16.54
N GLN A 151 12.34 -3.90 15.95
CA GLN A 151 12.39 -5.26 16.50
C GLN A 151 12.90 -5.15 17.94
N ARG A 152 14.08 -4.55 18.10
CA ARG A 152 14.74 -4.48 19.42
C ARG A 152 13.82 -3.96 20.51
N GLN A 153 13.26 -2.79 20.28
CA GLN A 153 12.41 -2.13 21.25
C GLN A 153 11.14 -2.93 21.54
N ALA A 154 10.57 -3.55 20.51
CA ALA A 154 9.37 -4.35 20.67
C ALA A 154 9.64 -5.55 21.56
N GLU A 155 10.72 -6.28 21.28
CA GLU A 155 11.07 -7.48 22.06
C GLU A 155 11.32 -7.13 23.51
N ALA A 156 11.97 -6.00 23.74
CA ALA A 156 12.25 -5.54 25.09
C ALA A 156 10.95 -5.24 25.83
N LYS A 157 10.07 -4.48 25.19
CA LYS A 157 8.79 -4.11 25.78
C LYS A 157 7.91 -5.31 26.06
N ALA A 158 7.85 -6.24 25.10
CA ALA A 158 7.02 -7.43 25.23
C ALA A 158 7.45 -8.26 26.42
N LYS A 159 8.75 -8.38 26.61
CA LYS A 159 9.28 -9.14 27.71
C LYS A 159 9.08 -8.40 29.02
N ALA A 160 9.27 -7.08 28.98
CA ALA A 160 9.11 -6.24 30.16
C ALA A 160 7.72 -6.40 30.76
N GLU A 161 6.73 -6.55 29.89
CA GLU A 161 5.35 -6.76 30.33
C GLU A 161 5.22 -8.10 31.02
N ALA A 162 5.88 -9.10 30.47
CA ALA A 162 5.86 -10.44 31.03
C ALA A 162 6.54 -10.47 32.39
N GLU A 163 7.54 -9.63 32.57
CA GLU A 163 8.23 -9.55 33.84
C GLU A 163 7.50 -8.63 34.81
N ALA A 164 6.72 -7.72 34.26
CA ALA A 164 5.97 -6.75 35.06
C ALA A 164 4.92 -7.43 35.92
N LEU A 165 4.43 -8.58 35.46
CA LEU A 165 3.45 -9.32 36.20
C LEU A 165 4.06 -9.92 37.46
N ARG A 166 3.27 -10.00 38.51
CA ARG A 166 3.75 -10.53 39.77
C ARG A 166 3.81 -12.05 39.71
N GLY A 1 -5.52 -14.13 -19.42
CA GLY A 1 -4.83 -12.83 -19.26
C GLY A 1 -3.68 -12.68 -20.22
N THR A 2 -3.65 -11.59 -20.97
CA THR A 2 -2.60 -11.35 -21.95
C THR A 2 -1.39 -10.66 -21.30
N SER A 3 -0.20 -11.13 -21.64
CA SER A 3 1.02 -10.55 -21.12
C SER A 3 1.80 -9.84 -22.23
N GLY A 4 2.22 -8.61 -21.97
CA GLY A 4 2.95 -7.87 -22.96
C GLY A 4 3.64 -6.66 -22.38
N PHE A 5 3.86 -5.66 -23.24
CA PHE A 5 4.51 -4.40 -22.87
C PHE A 5 5.98 -4.57 -22.52
N GLN A 6 6.66 -3.45 -22.36
CA GLN A 6 8.07 -3.46 -22.02
C GLN A 6 8.27 -3.16 -20.54
N LEU A 7 9.51 -3.22 -20.10
CA LEU A 7 9.85 -2.94 -18.75
C LEU A 7 10.00 -1.43 -18.61
N ARG A 8 9.84 -0.95 -17.40
CA ARG A 8 9.89 0.48 -17.13
C ARG A 8 10.58 0.76 -15.81
N GLY A 9 11.63 0.02 -15.55
CA GLY A 9 12.38 0.19 -14.34
C GLY A 9 13.77 -0.37 -14.45
N LEU A 10 14.74 0.51 -14.58
CA LEU A 10 16.12 0.09 -14.68
C LEU A 10 16.64 -0.21 -13.28
N GLY A 11 17.16 -1.41 -13.09
CA GLY A 11 17.66 -1.79 -11.80
C GLY A 11 19.04 -1.25 -11.51
N ASP A 12 19.26 0.00 -11.85
CA ASP A 12 20.53 0.64 -11.61
C ASP A 12 20.36 1.76 -10.59
N ALA A 13 20.23 1.35 -9.35
CA ALA A 13 20.04 2.26 -8.24
C ALA A 13 20.12 1.50 -6.94
N GLN A 14 20.56 2.16 -5.89
CA GLN A 14 20.64 1.52 -4.60
C GLN A 14 19.42 1.83 -3.76
N PHE A 15 18.81 0.78 -3.26
CA PHE A 15 17.66 0.92 -2.40
C PHE A 15 17.99 0.40 -1.03
N ALA A 16 17.23 0.82 -0.04
CA ALA A 16 17.44 0.34 1.33
C ALA A 16 17.18 -1.15 1.37
N LEU A 17 15.97 -1.51 1.02
CA LEU A 17 15.62 -2.91 0.90
C LEU A 17 15.99 -3.45 -0.46
N LYS A 18 16.38 -4.69 -0.53
CA LYS A 18 16.72 -5.29 -1.81
C LYS A 18 15.85 -6.49 -2.06
N GLU A 19 15.30 -7.02 -0.98
CA GLU A 19 14.40 -8.13 -1.04
C GLU A 19 13.35 -7.94 0.02
N ILE A 20 12.12 -8.15 -0.39
CA ILE A 20 10.97 -7.92 0.45
C ILE A 20 9.86 -8.92 0.07
N ASP A 21 9.15 -9.42 1.06
CA ASP A 21 8.08 -10.41 0.84
C ASP A 21 6.72 -9.73 0.68
N VAL A 22 5.99 -10.10 -0.36
CA VAL A 22 4.67 -9.52 -0.59
C VAL A 22 3.60 -10.48 -0.05
N SER A 23 2.64 -9.96 0.68
CA SER A 23 1.59 -10.82 1.20
C SER A 23 0.33 -10.03 1.58
N ALA A 24 -0.77 -10.75 1.65
CA ALA A 24 -2.04 -10.18 2.03
C ALA A 24 -2.66 -11.04 3.13
N ARG A 25 -3.78 -10.59 3.62
CA ARG A 25 -4.59 -11.36 4.54
C ARG A 25 -5.69 -12.04 3.72
N ASN A 26 -6.56 -12.81 4.38
CA ASN A 26 -7.68 -13.50 3.71
C ASN A 26 -8.38 -12.60 2.67
N ALA A 27 -8.52 -11.32 2.99
CA ALA A 27 -9.12 -10.38 2.07
C ALA A 27 -8.07 -9.90 1.06
N TYR A 28 -8.08 -10.49 -0.11
CA TYR A 28 -7.11 -10.16 -1.14
C TYR A 28 -7.72 -9.23 -2.18
N GLY A 29 -6.96 -8.21 -2.55
CA GLY A 29 -7.41 -7.25 -3.53
C GLY A 29 -6.32 -6.94 -4.54
N PRO A 30 -6.63 -6.14 -5.58
CA PRO A 30 -5.67 -5.80 -6.64
C PRO A 30 -4.42 -5.09 -6.11
N THR A 31 -4.55 -4.49 -4.93
CA THR A 31 -3.48 -3.72 -4.33
C THR A 31 -2.26 -4.59 -3.97
N VAL A 32 -2.47 -5.88 -3.71
CA VAL A 32 -1.34 -6.75 -3.36
C VAL A 32 -0.63 -7.26 -4.62
N ARG A 33 -1.39 -7.44 -5.69
CA ARG A 33 -0.83 -7.93 -6.94
C ARG A 33 0.03 -6.85 -7.60
N GLU A 34 -0.58 -5.69 -7.88
CA GLU A 34 0.13 -4.57 -8.51
C GLU A 34 1.32 -4.14 -7.66
N LEU A 35 1.23 -4.29 -6.33
CA LEU A 35 2.32 -3.94 -5.43
C LEU A 35 3.62 -4.58 -5.93
N LYS A 36 3.68 -5.91 -5.83
CA LYS A 36 4.86 -6.66 -6.24
C LYS A 36 5.32 -6.31 -7.65
N GLU A 37 4.38 -6.11 -8.56
CA GLU A 37 4.74 -5.78 -9.94
C GLU A 37 5.57 -4.50 -9.95
N THR A 38 5.12 -3.51 -9.20
CA THR A 38 5.84 -2.25 -9.09
C THR A 38 7.16 -2.46 -8.36
N LEU A 39 7.16 -3.18 -7.24
CA LEU A 39 8.40 -3.42 -6.49
C LEU A 39 9.40 -4.16 -7.38
N GLU A 40 8.97 -5.19 -8.07
CA GLU A 40 9.88 -5.96 -8.91
C GLU A 40 10.46 -5.09 -10.01
N ASN A 41 9.60 -4.29 -10.62
CA ASN A 41 9.95 -3.45 -11.73
C ASN A 41 10.71 -2.18 -11.31
N SER A 42 10.81 -1.98 -10.01
CA SER A 42 11.60 -0.89 -9.45
C SER A 42 12.99 -1.40 -9.03
N GLY A 43 13.27 -2.64 -9.40
CA GLY A 43 14.54 -3.28 -9.08
C GLY A 43 14.47 -4.17 -7.85
N VAL A 44 13.42 -4.05 -7.06
CA VAL A 44 13.32 -4.84 -5.83
C VAL A 44 13.04 -6.30 -6.12
N LYS A 45 13.66 -7.19 -5.38
CA LYS A 45 13.38 -8.59 -5.56
C LYS A 45 12.51 -9.09 -4.43
N VAL A 46 11.51 -9.82 -4.78
CA VAL A 46 10.57 -10.36 -3.84
C VAL A 46 10.72 -11.85 -3.75
N THR A 47 10.86 -12.30 -2.52
CA THR A 47 11.03 -13.67 -2.21
C THR A 47 10.00 -14.01 -1.13
N SER A 48 9.83 -15.26 -0.79
CA SER A 48 9.01 -15.59 0.36
C SER A 48 9.86 -15.46 1.65
N ASN A 49 11.17 -15.53 1.47
CA ASN A 49 12.13 -15.60 2.60
C ASN A 49 12.70 -14.23 2.99
N ALA A 50 12.14 -13.16 2.46
CA ALA A 50 12.63 -11.81 2.75
C ALA A 50 12.63 -11.52 4.26
N PRO A 51 13.61 -10.74 4.75
CA PRO A 51 13.76 -10.45 6.18
C PRO A 51 12.66 -9.54 6.72
N TYR A 52 12.03 -8.79 5.84
CA TYR A 52 10.95 -7.91 6.22
C TYR A 52 9.73 -8.22 5.39
N HIS A 53 8.59 -8.27 6.03
CA HIS A 53 7.38 -8.65 5.37
C HIS A 53 6.35 -7.53 5.32
N LEU A 54 5.79 -7.33 4.16
CA LEU A 54 4.67 -6.43 4.00
C LEU A 54 3.48 -7.34 3.92
N VAL A 55 2.59 -7.18 4.88
CA VAL A 55 1.34 -7.90 4.91
C VAL A 55 0.18 -6.90 4.91
N LEU A 56 -0.57 -6.91 3.83
CA LEU A 56 -1.76 -6.06 3.72
C LEU A 56 -2.90 -6.79 4.36
N VAL A 57 -3.19 -6.32 5.56
CA VAL A 57 -4.09 -6.95 6.51
C VAL A 57 -5.56 -6.79 6.18
N ARG A 58 -5.93 -5.64 5.63
CA ARG A 58 -7.33 -5.38 5.30
C ARG A 58 -7.45 -4.18 4.39
N GLU A 59 -8.52 -4.10 3.64
CA GLU A 59 -8.70 -3.00 2.72
C GLU A 59 -10.14 -2.55 2.72
N ASP A 60 -10.35 -1.25 2.80
CA ASP A 60 -11.68 -0.68 2.83
C ASP A 60 -11.79 0.41 1.80
N ASN A 61 -12.91 0.51 1.14
CA ASN A 61 -13.10 1.55 0.18
C ASN A 61 -14.53 2.06 0.12
N GLN A 62 -14.76 3.18 0.78
CA GLN A 62 -16.11 3.63 1.07
C GLN A 62 -16.76 4.46 0.00
N GLN A 63 -18.07 4.43 0.00
CA GLN A 63 -18.89 5.31 -0.80
C GLN A 63 -20.07 5.75 0.03
N ARG A 64 -20.03 6.97 0.52
CA ARG A 64 -21.10 7.48 1.35
C ARG A 64 -21.53 8.85 0.82
N THR A 65 -22.73 9.27 1.19
CA THR A 65 -23.26 10.49 0.63
C THR A 65 -23.00 11.74 1.49
N VAL A 66 -22.60 12.85 0.90
CA VAL A 66 -22.43 14.06 1.72
C VAL A 66 -23.71 14.86 1.75
N SER A 67 -24.61 14.57 0.81
CA SER A 67 -25.95 15.17 0.80
C SER A 67 -25.96 16.67 0.49
N TYR A 68 -27.12 17.19 0.17
CA TYR A 68 -27.28 18.60 -0.12
C TYR A 68 -27.88 19.31 1.09
N THR A 69 -27.74 20.63 1.13
CA THR A 69 -28.27 21.41 2.24
C THR A 69 -29.23 22.49 1.73
N GLY A 70 -30.52 22.31 2.04
CA GLY A 70 -31.56 23.27 1.68
C GLY A 70 -31.48 23.74 0.23
N SER A 71 -31.66 22.82 -0.71
CA SER A 71 -31.59 23.14 -2.13
C SER A 71 -31.86 21.87 -2.94
N ALA A 72 -31.29 21.81 -4.13
CA ALA A 72 -31.36 20.61 -4.94
C ALA A 72 -30.22 19.70 -4.51
N ARG A 73 -29.83 18.74 -5.34
CA ARG A 73 -28.84 17.70 -4.97
C ARG A 73 -27.46 18.25 -4.56
N GLY A 74 -27.21 19.50 -4.91
CA GLY A 74 -25.96 20.22 -4.61
C GLY A 74 -24.70 19.35 -4.52
N ALA A 75 -24.31 19.00 -3.30
CA ALA A 75 -23.10 18.23 -3.08
C ALA A 75 -23.10 16.89 -3.83
N GLU A 76 -21.94 16.53 -4.35
CA GLU A 76 -21.78 15.33 -5.14
C GLU A 76 -21.35 14.15 -4.26
N PHE A 77 -20.74 13.15 -4.86
CA PHE A 77 -20.29 11.98 -4.13
C PHE A 77 -18.77 11.94 -4.12
N GLU A 78 -18.24 11.26 -3.12
CA GLU A 78 -16.79 11.14 -2.97
C GLU A 78 -16.43 9.74 -2.49
N LEU A 79 -15.29 9.26 -2.97
CA LEU A 79 -14.80 7.94 -2.62
C LEU A 79 -13.52 8.07 -1.80
N THR A 80 -13.41 7.23 -0.79
CA THR A 80 -12.24 7.15 0.06
C THR A 80 -11.78 5.71 0.06
N ASN A 81 -10.50 5.49 -0.22
CA ASN A 81 -9.96 4.15 -0.27
C ASN A 81 -8.88 3.98 0.80
N THR A 82 -8.84 2.87 1.49
CA THR A 82 -7.85 2.72 2.54
C THR A 82 -7.25 1.31 2.52
N ILE A 83 -5.93 1.25 2.41
CA ILE A 83 -5.22 -0.01 2.39
C ILE A 83 -4.41 -0.13 3.66
N ASN A 84 -4.69 -1.14 4.45
CA ASN A 84 -4.03 -1.34 5.71
C ASN A 84 -2.95 -2.38 5.57
N TYR A 85 -1.80 -2.11 6.14
CA TYR A 85 -0.70 -3.02 6.04
C TYR A 85 0.15 -2.95 7.29
N GLU A 86 1.02 -3.92 7.42
CA GLU A 86 1.92 -3.98 8.54
C GLU A 86 3.27 -4.50 8.09
N ILE A 87 4.28 -4.19 8.84
CA ILE A 87 5.63 -4.59 8.52
C ILE A 87 6.08 -5.61 9.53
N VAL A 88 6.15 -6.84 9.13
CA VAL A 88 6.50 -7.89 10.05
C VAL A 88 7.97 -8.29 9.92
N GLY A 89 8.66 -8.39 11.04
CA GLY A 89 10.07 -8.72 10.98
C GLY A 89 10.30 -10.17 11.31
N ALA A 90 10.81 -10.42 12.50
CA ALA A 90 11.06 -11.77 12.95
C ALA A 90 10.12 -12.10 14.09
N ASN A 91 10.01 -13.39 14.43
CA ASN A 91 9.13 -13.85 15.54
C ASN A 91 7.66 -13.50 15.27
N ASP A 92 7.33 -13.23 13.99
CA ASP A 92 5.96 -12.82 13.60
C ASP A 92 5.57 -11.50 14.26
N LEU A 93 6.59 -10.77 14.68
CA LEU A 93 6.43 -9.53 15.39
C LEU A 93 6.24 -8.37 14.40
N VAL A 94 5.33 -7.48 14.72
CA VAL A 94 5.04 -6.32 13.88
C VAL A 94 5.99 -5.17 14.21
N LEU A 95 6.71 -4.72 13.20
CA LEU A 95 7.72 -3.69 13.39
C LEU A 95 7.13 -2.29 13.27
N MET A 96 6.34 -2.11 12.21
CA MET A 96 5.64 -0.88 11.92
C MET A 96 4.25 -1.23 11.38
N SER A 97 3.29 -0.38 11.70
CA SER A 97 1.95 -0.49 11.16
C SER A 97 1.49 0.86 10.60
N ASN A 98 0.96 0.84 9.39
CA ASN A 98 0.46 2.03 8.71
C ASN A 98 -0.57 1.59 7.68
N GLN A 99 -1.28 2.57 7.17
CA GLN A 99 -2.24 2.42 6.11
C GLN A 99 -2.07 3.62 5.19
N VAL A 100 -2.34 3.40 3.92
CA VAL A 100 -2.33 4.47 2.92
C VAL A 100 -3.75 4.67 2.42
N GLN A 101 -4.05 5.88 1.96
CA GLN A 101 -5.39 6.19 1.52
C GLN A 101 -5.42 7.18 0.35
N VAL A 102 -6.48 7.13 -0.45
CA VAL A 102 -6.67 8.06 -1.57
C VAL A 102 -8.11 8.53 -1.59
N GLN A 103 -8.30 9.83 -1.77
CA GLN A 103 -9.64 10.39 -1.76
C GLN A 103 -10.02 11.07 -3.08
N LYS A 104 -10.93 10.50 -3.84
CA LYS A 104 -11.28 11.07 -5.14
C LYS A 104 -12.78 11.23 -5.25
N VAL A 105 -13.14 12.30 -5.95
CA VAL A 105 -14.51 12.68 -6.24
C VAL A 105 -14.77 12.52 -7.73
N TYR A 106 -16.02 12.27 -8.07
CA TYR A 106 -16.44 12.31 -9.44
C TYR A 106 -17.54 13.32 -9.65
N VAL A 107 -17.55 13.95 -10.82
CA VAL A 107 -18.52 14.96 -11.13
C VAL A 107 -19.89 14.35 -11.36
N HIS A 108 -20.86 14.84 -10.62
CA HIS A 108 -22.21 14.37 -10.72
C HIS A 108 -23.09 15.51 -11.18
N ASP A 109 -23.60 15.39 -12.39
CA ASP A 109 -24.44 16.44 -12.95
C ASP A 109 -25.91 16.11 -12.73
N GLU A 110 -26.75 17.12 -12.90
CA GLU A 110 -28.19 16.99 -12.76
C GLU A 110 -28.74 15.94 -13.73
N ASN A 111 -28.33 16.02 -14.98
CA ASN A 111 -28.80 15.08 -16.00
C ASN A 111 -28.05 13.76 -15.91
N ASN A 112 -27.00 13.76 -15.11
CA ASN A 112 -26.17 12.58 -14.93
C ASN A 112 -26.44 11.95 -13.57
N LEU A 113 -27.70 11.98 -13.16
CA LEU A 113 -28.11 11.43 -11.88
C LEU A 113 -27.66 9.97 -11.78
N ILE A 114 -27.81 9.24 -12.87
CA ILE A 114 -27.41 7.85 -12.91
C ILE A 114 -26.11 7.73 -13.70
N GLY A 115 -26.00 8.53 -14.76
CA GLY A 115 -24.84 8.50 -15.63
C GLY A 115 -23.53 8.69 -14.88
N SER A 116 -23.52 9.62 -13.94
CA SER A 116 -22.32 9.88 -13.14
C SER A 116 -21.90 8.60 -12.42
N ASP A 117 -22.83 7.95 -11.75
CA ASP A 117 -22.52 6.75 -10.99
C ASP A 117 -22.12 5.60 -11.90
N GLN A 118 -22.60 5.62 -13.13
CA GLN A 118 -22.22 4.60 -14.10
C GLN A 118 -20.81 4.85 -14.60
N GLU A 119 -20.45 6.11 -14.73
CA GLU A 119 -19.14 6.51 -15.18
C GLU A 119 -18.14 6.38 -14.05
N ALA A 120 -18.64 6.56 -12.83
CA ALA A 120 -17.84 6.53 -11.60
C ALA A 120 -16.99 5.29 -11.49
N ALA A 121 -17.45 4.21 -12.10
CA ALA A 121 -16.71 2.96 -12.13
C ALA A 121 -15.32 3.16 -12.73
N GLN A 122 -15.21 4.11 -13.67
CA GLN A 122 -13.95 4.42 -14.31
C GLN A 122 -12.99 5.11 -13.35
N LEU A 123 -13.51 5.95 -12.46
CA LEU A 123 -12.66 6.55 -11.43
C LEU A 123 -12.35 5.46 -10.44
N ARG A 124 -13.29 4.61 -10.02
CA ARG A 124 -12.91 3.58 -9.05
C ARG A 124 -11.83 2.67 -9.63
N SER A 125 -12.00 2.30 -10.90
CA SER A 125 -11.02 1.50 -11.61
C SER A 125 -9.68 2.22 -11.70
N GLU A 126 -9.73 3.52 -12.01
CA GLU A 126 -8.54 4.35 -12.17
C GLU A 126 -7.74 4.39 -10.85
N MET A 127 -8.45 4.34 -9.73
CA MET A 127 -7.84 4.34 -8.38
C MET A 127 -6.73 3.32 -8.23
N ARG A 128 -6.76 2.29 -9.06
CA ARG A 128 -5.78 1.24 -9.02
C ARG A 128 -4.35 1.75 -9.27
N ARG A 129 -4.31 2.89 -10.00
CA ARG A 129 -3.07 3.62 -10.26
C ARG A 129 -2.62 4.26 -8.96
N ASP A 130 -3.60 4.93 -8.32
CA ASP A 130 -3.35 5.84 -7.20
C ASP A 130 -2.67 5.17 -6.06
N LEU A 131 -3.34 4.09 -5.65
CA LEU A 131 -2.97 3.28 -4.51
C LEU A 131 -1.53 2.88 -4.59
N ILE A 132 -1.15 2.33 -5.72
CA ILE A 132 0.19 1.82 -5.89
C ILE A 132 1.24 2.93 -5.86
N GLN A 133 0.96 4.02 -6.55
CA GLN A 133 1.90 5.14 -6.60
C GLN A 133 2.19 5.67 -5.20
N GLN A 134 1.15 5.88 -4.42
CA GLN A 134 1.29 6.34 -3.04
C GLN A 134 1.81 5.23 -2.13
N LEU A 135 1.30 4.02 -2.30
CA LEU A 135 1.65 2.91 -1.42
C LEU A 135 3.11 2.49 -1.48
N SER A 136 3.53 2.23 -2.73
CA SER A 136 4.88 1.81 -3.05
C SER A 136 5.96 2.69 -2.42
N MET A 137 5.67 4.02 -2.45
CA MET A 137 6.58 5.07 -2.04
C MET A 137 7.10 4.88 -0.63
N ARG A 138 6.26 4.36 0.27
CA ARG A 138 6.67 4.11 1.65
C ARG A 138 7.90 3.20 1.68
N LEU A 139 7.99 2.27 0.75
CA LEU A 139 9.10 1.32 0.69
C LEU A 139 10.46 2.01 0.46
N GLN A 140 10.42 3.20 -0.12
CA GLN A 140 11.64 3.98 -0.36
C GLN A 140 12.00 4.80 0.88
N ALA A 141 10.98 5.24 1.60
CA ALA A 141 11.17 6.10 2.77
C ALA A 141 11.21 5.28 4.06
N LEU A 142 11.54 4.02 3.94
CA LEU A 142 11.83 3.21 5.10
C LEU A 142 13.20 2.60 4.87
N THR A 143 13.90 2.37 5.96
CA THR A 143 15.23 1.80 5.93
C THR A 143 15.27 0.55 6.80
N PRO A 144 16.21 -0.38 6.53
CA PRO A 144 16.37 -1.58 7.33
C PRO A 144 16.66 -1.21 8.78
N ALA A 145 17.45 -0.15 8.97
CA ALA A 145 17.82 0.34 10.29
C ALA A 145 16.59 0.64 11.15
N GLN A 146 15.67 1.42 10.60
CA GLN A 146 14.45 1.81 11.32
C GLN A 146 13.62 0.58 11.71
N LEU A 147 13.57 -0.38 10.82
CA LEU A 147 12.81 -1.60 11.05
C LEU A 147 13.53 -2.50 12.06
N ASP A 148 14.83 -2.60 11.90
CA ASP A 148 15.68 -3.40 12.79
C ASP A 148 15.59 -2.86 14.21
N GLU A 149 15.64 -1.55 14.38
CA GLU A 149 15.53 -1.00 15.73
C GLU A 149 14.14 -1.24 16.32
N ALA A 150 13.10 -1.16 15.46
CA ALA A 150 11.72 -1.35 15.89
C ALA A 150 11.52 -2.74 16.49
N GLN A 151 12.21 -3.73 15.94
CA GLN A 151 12.21 -5.07 16.53
C GLN A 151 12.65 -4.95 17.98
N ARG A 152 13.82 -4.36 18.21
CA ARG A 152 14.44 -4.36 19.54
C ARG A 152 13.50 -3.86 20.63
N GLN A 153 12.93 -2.69 20.39
CA GLN A 153 12.05 -2.08 21.38
C GLN A 153 10.79 -2.90 21.63
N ALA A 154 10.29 -3.56 20.59
CA ALA A 154 9.15 -4.44 20.72
C ALA A 154 9.52 -5.67 21.54
N GLU A 155 10.74 -6.17 21.33
CA GLU A 155 11.27 -7.29 22.12
C GLU A 155 11.34 -6.88 23.58
N ALA A 156 11.81 -5.66 23.81
CA ALA A 156 11.93 -5.11 25.15
C ALA A 156 10.57 -5.01 25.83
N LYS A 157 9.58 -4.55 25.08
CA LYS A 157 8.21 -4.43 25.58
C LYS A 157 7.67 -5.79 26.01
N ALA A 158 7.92 -6.80 25.19
CA ALA A 158 7.50 -8.16 25.48
C ALA A 158 8.21 -8.69 26.72
N LYS A 159 9.48 -8.31 26.85
CA LYS A 159 10.28 -8.71 27.98
C LYS A 159 9.74 -8.08 29.26
N ALA A 160 9.39 -6.80 29.18
CA ALA A 160 8.87 -6.07 30.33
C ALA A 160 7.69 -6.81 30.95
N GLU A 161 6.80 -7.30 30.10
CA GLU A 161 5.63 -8.03 30.56
C GLU A 161 6.04 -9.35 31.22
N ALA A 162 7.14 -9.93 30.74
CA ALA A 162 7.63 -11.19 31.26
C ALA A 162 8.37 -11.01 32.58
N GLU A 163 8.87 -9.81 32.81
CA GLU A 163 9.54 -9.48 34.06
C GLU A 163 8.57 -8.91 35.10
N ALA A 164 7.68 -8.04 34.66
CA ALA A 164 6.75 -7.32 35.56
C ALA A 164 5.62 -8.21 36.06
N LEU A 165 5.40 -9.35 35.41
CA LEU A 165 4.33 -10.26 35.80
C LEU A 165 4.40 -10.63 37.29
N ARG A 166 3.28 -11.05 37.84
CA ARG A 166 3.22 -11.42 39.23
C ARG A 166 3.04 -12.92 39.36
N GLY A 1 55.08 -4.26 -26.52
CA GLY A 1 53.85 -4.76 -25.87
C GLY A 1 52.97 -3.63 -25.40
N THR A 2 51.74 -3.59 -25.88
CA THR A 2 50.81 -2.55 -25.48
C THR A 2 49.71 -3.14 -24.61
N SER A 3 49.38 -2.45 -23.54
CA SER A 3 48.34 -2.91 -22.63
C SER A 3 47.59 -1.72 -22.02
N GLY A 4 46.40 -1.48 -22.52
CA GLY A 4 45.59 -0.40 -22.03
C GLY A 4 44.23 -0.88 -21.58
N PHE A 5 44.15 -1.32 -20.35
CA PHE A 5 42.91 -1.82 -19.80
C PHE A 5 42.62 -1.17 -18.47
N GLN A 6 41.37 -0.87 -18.22
CA GLN A 6 40.96 -0.26 -16.97
C GLN A 6 39.61 -0.79 -16.53
N LEU A 7 39.18 -0.37 -15.34
CA LEU A 7 37.91 -0.75 -14.79
C LEU A 7 36.73 -0.18 -15.60
N ARG A 8 35.54 -0.49 -15.18
CA ARG A 8 34.35 -0.01 -15.86
C ARG A 8 33.62 1.04 -15.04
N GLY A 9 32.75 1.78 -15.70
CA GLY A 9 31.98 2.80 -15.04
C GLY A 9 30.78 2.21 -14.33
N LEU A 10 31.05 1.57 -13.21
CA LEU A 10 30.01 0.94 -12.41
C LEU A 10 29.04 1.96 -11.85
N GLY A 11 27.77 1.64 -11.95
CA GLY A 11 26.75 2.52 -11.45
C GLY A 11 25.41 1.82 -11.38
N ASP A 12 25.21 1.07 -10.32
CA ASP A 12 23.97 0.31 -10.14
C ASP A 12 23.04 1.01 -9.17
N ALA A 13 21.76 0.89 -9.42
CA ALA A 13 20.77 1.52 -8.59
C ALA A 13 20.04 0.50 -7.74
N GLN A 14 19.94 0.76 -6.46
CA GLN A 14 19.28 -0.13 -5.53
C GLN A 14 18.79 0.64 -4.33
N PHE A 15 18.02 -0.03 -3.51
CA PHE A 15 17.48 0.56 -2.31
C PHE A 15 18.11 -0.08 -1.11
N ALA A 16 17.61 0.26 0.06
CA ALA A 16 18.15 -0.30 1.29
C ALA A 16 17.86 -1.78 1.35
N LEU A 17 16.63 -2.13 1.11
CA LEU A 17 16.25 -3.51 1.11
C LEU A 17 16.43 -4.13 -0.26
N LYS A 18 16.68 -5.40 -0.33
CA LYS A 18 16.90 -6.02 -1.62
C LYS A 18 15.90 -7.12 -1.83
N GLU A 19 15.29 -7.54 -0.76
CA GLU A 19 14.29 -8.58 -0.80
C GLU A 19 13.21 -8.33 0.24
N ILE A 20 11.98 -8.54 -0.19
CA ILE A 20 10.81 -8.32 0.64
C ILE A 20 9.70 -9.30 0.24
N ASP A 21 8.91 -9.72 1.21
CA ASP A 21 7.77 -10.61 0.93
C ASP A 21 6.54 -9.76 0.74
N VAL A 22 5.91 -9.89 -0.40
CA VAL A 22 4.80 -9.03 -0.75
C VAL A 22 3.47 -9.75 -0.90
N SER A 23 2.58 -9.57 0.07
CA SER A 23 1.35 -10.33 0.08
C SER A 23 0.25 -9.67 0.92
N ALA A 24 -0.96 -10.15 0.75
CA ALA A 24 -2.08 -9.73 1.54
C ALA A 24 -2.46 -10.88 2.46
N ARG A 25 -2.96 -10.58 3.64
CA ARG A 25 -3.27 -11.64 4.59
C ARG A 25 -4.38 -12.51 4.03
N ASN A 26 -4.07 -13.81 3.90
CA ASN A 26 -4.95 -14.83 3.32
C ASN A 26 -5.70 -14.32 2.07
N ALA A 27 -5.07 -13.44 1.31
CA ALA A 27 -5.72 -12.87 0.14
C ALA A 27 -4.75 -12.64 -1.01
N TYR A 28 -5.22 -12.90 -2.21
CA TYR A 28 -4.47 -12.70 -3.43
C TYR A 28 -5.42 -12.34 -4.56
N GLY A 29 -5.12 -11.26 -5.28
CA GLY A 29 -6.00 -10.83 -6.34
C GLY A 29 -6.12 -9.31 -6.46
N PRO A 30 -6.36 -8.58 -5.33
CA PRO A 30 -6.45 -7.11 -5.33
C PRO A 30 -5.12 -6.42 -5.71
N THR A 31 -5.03 -5.14 -5.38
CA THR A 31 -3.88 -4.30 -5.73
C THR A 31 -2.53 -4.81 -5.16
N VAL A 32 -2.57 -5.84 -4.33
CA VAL A 32 -1.35 -6.43 -3.78
C VAL A 32 -0.48 -7.00 -4.92
N ARG A 33 -1.14 -7.43 -5.99
CA ARG A 33 -0.46 -7.97 -7.16
C ARG A 33 0.38 -6.88 -7.82
N GLU A 34 -0.22 -5.70 -7.93
CA GLU A 34 0.42 -4.55 -8.56
C GLU A 34 1.67 -4.14 -7.75
N LEU A 35 1.62 -4.33 -6.43
CA LEU A 35 2.76 -4.02 -5.56
C LEU A 35 3.96 -4.81 -6.02
N LYS A 36 3.82 -6.13 -6.01
CA LYS A 36 4.89 -7.04 -6.41
C LYS A 36 5.43 -6.65 -7.79
N GLU A 37 4.55 -6.30 -8.71
CA GLU A 37 4.99 -5.85 -10.02
C GLU A 37 5.85 -4.58 -9.91
N THR A 38 5.29 -3.54 -9.31
CA THR A 38 5.99 -2.27 -9.14
C THR A 38 7.32 -2.47 -8.38
N LEU A 39 7.33 -3.20 -7.28
CA LEU A 39 8.58 -3.40 -6.55
C LEU A 39 9.59 -4.15 -7.42
N GLU A 40 9.17 -5.11 -8.21
CA GLU A 40 10.12 -5.81 -9.07
C GLU A 40 10.69 -4.85 -10.13
N ASN A 41 9.87 -3.90 -10.55
CA ASN A 41 10.26 -2.94 -11.60
C ASN A 41 11.01 -1.71 -11.11
N SER A 42 11.26 -1.69 -9.80
CA SER A 42 11.98 -0.60 -9.17
C SER A 42 13.36 -1.07 -8.67
N GLY A 43 13.72 -2.29 -9.04
CA GLY A 43 14.99 -2.86 -8.60
C GLY A 43 14.85 -3.61 -7.29
N VAL A 44 13.70 -4.21 -7.03
CA VAL A 44 13.51 -4.94 -5.79
C VAL A 44 13.25 -6.41 -6.06
N LYS A 45 13.91 -7.29 -5.36
CA LYS A 45 13.66 -8.70 -5.53
C LYS A 45 12.70 -9.14 -4.44
N VAL A 46 11.70 -9.86 -4.85
CA VAL A 46 10.69 -10.34 -3.96
C VAL A 46 10.79 -11.84 -3.82
N THR A 47 10.74 -12.29 -2.59
CA THR A 47 10.80 -13.67 -2.27
C THR A 47 9.71 -13.96 -1.28
N SER A 48 9.45 -15.20 -0.99
CA SER A 48 8.49 -15.52 0.04
C SER A 48 9.14 -15.37 1.41
N ASN A 49 10.46 -15.58 1.44
CA ASN A 49 11.19 -15.69 2.71
C ASN A 49 12.10 -14.48 2.96
N ALA A 50 11.58 -13.29 2.75
CA ALA A 50 12.34 -12.08 2.98
C ALA A 50 12.44 -11.78 4.49
N PRO A 51 13.42 -10.94 4.92
CA PRO A 51 13.61 -10.62 6.33
C PRO A 51 12.55 -9.67 6.85
N TYR A 52 11.94 -8.93 5.93
CA TYR A 52 10.88 -8.01 6.29
C TYR A 52 9.66 -8.31 5.44
N HIS A 53 8.51 -8.30 6.05
CA HIS A 53 7.28 -8.66 5.35
C HIS A 53 6.30 -7.51 5.24
N LEU A 54 5.76 -7.33 4.05
CA LEU A 54 4.66 -6.41 3.82
C LEU A 54 3.46 -7.31 3.72
N VAL A 55 2.58 -7.17 4.69
CA VAL A 55 1.34 -7.90 4.72
C VAL A 55 0.13 -6.95 4.72
N LEU A 56 -0.60 -6.92 3.64
CA LEU A 56 -1.81 -6.09 3.57
C LEU A 56 -2.95 -6.86 4.20
N VAL A 57 -3.49 -6.24 5.23
CA VAL A 57 -4.42 -6.87 6.16
C VAL A 57 -5.88 -6.66 5.83
N ARG A 58 -6.21 -5.46 5.38
CA ARG A 58 -7.60 -5.09 5.13
C ARG A 58 -7.66 -3.91 4.15
N GLU A 59 -8.76 -3.73 3.46
CA GLU A 59 -8.91 -2.60 2.58
C GLU A 59 -10.36 -2.11 2.56
N ASP A 60 -10.57 -0.82 2.75
CA ASP A 60 -11.91 -0.25 2.75
C ASP A 60 -12.20 0.36 1.40
N ASN A 61 -13.44 0.28 0.96
CA ASN A 61 -13.79 0.83 -0.34
C ASN A 61 -15.13 1.54 -0.32
N GLN A 62 -15.10 2.81 0.02
CA GLN A 62 -16.31 3.56 0.38
C GLN A 62 -17.00 4.23 -0.80
N GLN A 63 -18.31 4.09 -0.83
CA GLN A 63 -19.16 4.78 -1.77
C GLN A 63 -20.24 5.49 -0.98
N ARG A 64 -20.12 6.79 -0.84
CA ARG A 64 -21.10 7.56 -0.06
C ARG A 64 -21.39 8.90 -0.71
N THR A 65 -22.58 9.40 -0.46
CA THR A 65 -23.06 10.60 -1.09
C THR A 65 -22.75 11.85 -0.29
N VAL A 66 -22.30 12.90 -0.94
CA VAL A 66 -22.09 14.14 -0.20
C VAL A 66 -23.32 15.01 -0.23
N SER A 67 -24.25 14.65 -1.12
CA SER A 67 -25.51 15.36 -1.25
C SER A 67 -25.29 16.78 -1.76
N TYR A 68 -26.23 17.67 -1.52
CA TYR A 68 -26.08 19.07 -1.86
C TYR A 68 -26.78 19.91 -0.81
N THR A 69 -26.32 21.12 -0.61
CA THR A 69 -26.95 21.99 0.35
C THR A 69 -27.66 23.14 -0.36
N GLY A 70 -28.96 23.20 -0.17
CA GLY A 70 -29.76 24.18 -0.85
C GLY A 70 -30.88 23.52 -1.62
N SER A 71 -30.77 23.51 -2.93
CA SER A 71 -31.77 22.88 -3.78
C SER A 71 -31.14 22.39 -5.08
N ALA A 72 -30.13 23.09 -5.54
CA ALA A 72 -29.44 22.74 -6.77
C ALA A 72 -28.42 21.62 -6.55
N ARG A 73 -27.87 21.13 -7.64
CA ARG A 73 -26.90 20.02 -7.68
C ARG A 73 -25.52 20.43 -7.11
N GLY A 74 -25.54 21.34 -6.15
CA GLY A 74 -24.34 21.91 -5.54
C GLY A 74 -23.14 20.98 -5.38
N ALA A 75 -23.33 19.80 -4.84
CA ALA A 75 -22.21 18.88 -4.67
C ALA A 75 -22.42 17.57 -5.44
N GLU A 76 -21.33 16.83 -5.60
CA GLU A 76 -21.32 15.58 -6.38
C GLU A 76 -21.27 14.35 -5.46
N PHE A 77 -20.21 13.55 -5.62
CA PHE A 77 -19.92 12.39 -4.79
C PHE A 77 -18.42 12.44 -4.52
N GLU A 78 -18.03 11.82 -3.40
CA GLU A 78 -16.64 11.67 -3.02
C GLU A 78 -16.42 10.28 -2.46
N LEU A 79 -15.35 9.62 -2.88
CA LEU A 79 -15.02 8.30 -2.41
C LEU A 79 -13.66 8.31 -1.75
N THR A 80 -13.49 7.45 -0.77
CA THR A 80 -12.26 7.33 -0.02
C THR A 80 -11.85 5.88 0.06
N ASN A 81 -10.56 5.61 -0.12
CA ASN A 81 -10.06 4.26 -0.07
C ASN A 81 -9.03 4.08 1.02
N THR A 82 -9.00 2.95 1.69
CA THR A 82 -8.02 2.77 2.76
C THR A 82 -7.42 1.37 2.76
N ILE A 83 -6.11 1.27 2.63
CA ILE A 83 -5.45 -0.04 2.58
C ILE A 83 -4.54 -0.20 3.80
N ASN A 84 -4.79 -1.23 4.58
CA ASN A 84 -4.04 -1.45 5.81
C ASN A 84 -2.95 -2.49 5.66
N TYR A 85 -1.79 -2.24 6.22
CA TYR A 85 -0.68 -3.17 6.09
C TYR A 85 0.22 -3.12 7.31
N GLU A 86 1.09 -4.10 7.43
CA GLU A 86 2.02 -4.16 8.53
C GLU A 86 3.39 -4.61 8.08
N ILE A 87 4.39 -4.27 8.85
CA ILE A 87 5.76 -4.62 8.53
C ILE A 87 6.22 -5.63 9.54
N VAL A 88 6.29 -6.87 9.14
CA VAL A 88 6.63 -7.91 10.07
C VAL A 88 8.11 -8.28 10.00
N GLY A 89 8.79 -8.25 11.14
CA GLY A 89 10.19 -8.57 11.17
C GLY A 89 10.36 -9.99 11.59
N ALA A 90 11.57 -10.29 12.05
CA ALA A 90 11.86 -11.59 12.67
C ALA A 90 10.88 -11.90 13.80
N ASN A 91 10.81 -13.18 14.17
CA ASN A 91 9.97 -13.65 15.29
C ASN A 91 8.48 -13.38 15.03
N ASP A 92 8.13 -13.08 13.77
CA ASP A 92 6.74 -12.75 13.38
C ASP A 92 6.29 -11.50 14.12
N LEU A 93 7.24 -10.73 14.58
CA LEU A 93 6.96 -9.52 15.32
C LEU A 93 6.68 -8.36 14.37
N VAL A 94 5.64 -7.60 14.66
CA VAL A 94 5.28 -6.45 13.84
C VAL A 94 6.18 -5.27 14.21
N LEU A 95 6.93 -4.79 13.24
CA LEU A 95 7.87 -3.69 13.46
C LEU A 95 7.15 -2.35 13.45
N MET A 96 6.34 -2.14 12.40
CA MET A 96 5.52 -0.95 12.26
C MET A 96 4.22 -1.33 11.58
N SER A 97 3.20 -0.53 11.83
CA SER A 97 1.91 -0.68 11.19
C SER A 97 1.47 0.67 10.59
N ASN A 98 1.02 0.64 9.35
CA ASN A 98 0.57 1.84 8.64
C ASN A 98 -0.47 1.40 7.61
N GLN A 99 -1.22 2.39 7.17
CA GLN A 99 -2.19 2.25 6.13
C GLN A 99 -2.11 3.49 5.26
N VAL A 100 -2.36 3.32 3.97
CA VAL A 100 -2.36 4.42 3.04
C VAL A 100 -3.77 4.67 2.55
N GLN A 101 -4.04 5.90 2.17
CA GLN A 101 -5.36 6.28 1.77
C GLN A 101 -5.36 7.25 0.60
N VAL A 102 -6.42 7.25 -0.16
CA VAL A 102 -6.57 8.20 -1.26
C VAL A 102 -8.03 8.61 -1.37
N GLN A 103 -8.28 9.87 -1.70
CA GLN A 103 -9.64 10.34 -1.76
C GLN A 103 -10.00 11.03 -3.07
N LYS A 104 -10.78 10.39 -3.91
CA LYS A 104 -11.14 10.96 -5.21
C LYS A 104 -12.60 11.34 -5.16
N VAL A 105 -12.85 12.51 -5.72
CA VAL A 105 -14.17 13.06 -5.88
C VAL A 105 -14.63 12.80 -7.30
N TYR A 106 -15.88 12.39 -7.44
CA TYR A 106 -16.38 11.97 -8.73
C TYR A 106 -17.25 13.06 -9.33
N VAL A 107 -16.90 13.48 -10.53
CA VAL A 107 -17.63 14.53 -11.23
C VAL A 107 -18.96 14.01 -11.75
N HIS A 108 -20.02 14.69 -11.37
CA HIS A 108 -21.35 14.31 -11.78
C HIS A 108 -21.77 15.16 -12.97
N ASP A 109 -21.98 14.53 -14.09
CA ASP A 109 -22.37 15.25 -15.29
C ASP A 109 -23.80 15.76 -15.15
N GLU A 110 -24.02 16.98 -15.61
CA GLU A 110 -25.30 17.64 -15.50
C GLU A 110 -26.40 16.92 -16.29
N ASN A 111 -26.11 16.54 -17.53
CA ASN A 111 -27.12 15.86 -18.34
C ASN A 111 -27.07 14.36 -18.12
N ASN A 112 -25.92 13.88 -17.66
CA ASN A 112 -25.76 12.46 -17.36
C ASN A 112 -26.03 12.20 -15.90
N LEU A 113 -27.25 12.49 -15.48
CA LEU A 113 -27.66 12.29 -14.09
C LEU A 113 -27.59 10.82 -13.72
N ILE A 114 -28.00 9.97 -14.64
CA ILE A 114 -28.00 8.53 -14.40
C ILE A 114 -26.73 7.94 -14.94
N GLY A 115 -26.30 8.46 -16.09
CA GLY A 115 -25.09 7.99 -16.71
C GLY A 115 -23.89 8.18 -15.81
N SER A 116 -23.88 9.28 -15.06
CA SER A 116 -22.81 9.56 -14.11
C SER A 116 -22.63 8.37 -13.16
N ASP A 117 -23.72 7.80 -12.67
CA ASP A 117 -23.64 6.67 -11.73
C ASP A 117 -23.04 5.45 -12.41
N GLN A 118 -23.25 5.37 -13.70
CA GLN A 118 -22.75 4.27 -14.50
C GLN A 118 -21.31 4.54 -14.91
N GLU A 119 -20.96 5.81 -14.99
CA GLU A 119 -19.62 6.24 -15.38
C GLU A 119 -18.68 6.15 -14.21
N ALA A 120 -19.24 6.33 -13.01
CA ALA A 120 -18.48 6.33 -11.76
C ALA A 120 -17.62 5.08 -11.61
N ALA A 121 -18.12 3.98 -12.14
CA ALA A 121 -17.43 2.71 -12.13
C ALA A 121 -16.18 2.76 -13.00
N GLN A 122 -16.20 3.62 -14.02
CA GLN A 122 -15.07 3.77 -14.92
C GLN A 122 -13.87 4.38 -14.18
N LEU A 123 -14.15 5.31 -13.26
CA LEU A 123 -13.11 5.89 -12.41
C LEU A 123 -12.46 4.75 -11.65
N ARG A 124 -13.24 3.76 -11.20
CA ARG A 124 -12.66 2.69 -10.37
C ARG A 124 -11.45 2.06 -11.06
N SER A 125 -11.52 1.95 -12.39
CA SER A 125 -10.45 1.43 -13.18
C SER A 125 -9.15 2.19 -12.92
N GLU A 126 -9.24 3.52 -12.98
CA GLU A 126 -8.10 4.39 -12.79
C GLU A 126 -7.63 4.40 -11.34
N MET A 127 -8.55 4.18 -10.40
CA MET A 127 -8.23 4.13 -8.96
C MET A 127 -7.13 3.10 -8.71
N ARG A 128 -7.03 2.15 -9.63
CA ARG A 128 -6.04 1.09 -9.58
C ARG A 128 -4.60 1.62 -9.50
N ARG A 129 -4.44 2.83 -10.07
CA ARG A 129 -3.16 3.53 -10.12
C ARG A 129 -2.88 4.18 -8.78
N ASP A 130 -3.92 4.82 -8.22
CA ASP A 130 -3.77 5.72 -7.06
C ASP A 130 -3.12 5.05 -5.90
N LEU A 131 -3.75 3.96 -5.53
CA LEU A 131 -3.37 3.14 -4.40
C LEU A 131 -1.91 2.74 -4.49
N ILE A 132 -1.51 2.24 -5.64
CA ILE A 132 -0.15 1.74 -5.84
C ILE A 132 0.88 2.85 -5.78
N GLN A 133 0.61 3.95 -6.48
CA GLN A 133 1.52 5.07 -6.52
C GLN A 133 1.82 5.61 -5.13
N GLN A 134 0.76 5.82 -4.37
CA GLN A 134 0.89 6.27 -2.99
C GLN A 134 1.43 5.17 -2.08
N LEU A 135 1.09 3.92 -2.33
CA LEU A 135 1.45 2.84 -1.42
C LEU A 135 2.92 2.44 -1.47
N SER A 136 3.40 2.25 -2.73
CA SER A 136 4.78 1.89 -3.02
C SER A 136 5.78 2.79 -2.29
N MET A 137 5.42 4.07 -2.27
CA MET A 137 6.21 5.15 -1.72
C MET A 137 6.63 4.89 -0.29
N ARG A 138 5.81 4.18 0.44
CA ARG A 138 6.14 3.85 1.81
C ARG A 138 7.27 2.81 1.89
N LEU A 139 7.27 1.85 0.97
CA LEU A 139 8.34 0.83 0.92
C LEU A 139 9.68 1.48 0.58
N GLN A 140 9.71 2.32 -0.45
CA GLN A 140 10.96 2.98 -0.87
C GLN A 140 11.57 3.78 0.28
N ALA A 141 10.71 4.32 1.12
CA ALA A 141 11.14 5.16 2.23
C ALA A 141 11.14 4.36 3.51
N LEU A 142 11.31 3.06 3.40
CA LEU A 142 11.50 2.22 4.56
C LEU A 142 13.02 2.14 4.78
N THR A 143 13.44 2.20 6.02
CA THR A 143 14.85 2.17 6.32
C THR A 143 15.19 0.99 7.23
N PRO A 144 16.33 0.34 7.01
CA PRO A 144 16.76 -0.81 7.81
C PRO A 144 16.93 -0.44 9.27
N ALA A 145 17.52 0.72 9.52
CA ALA A 145 17.74 1.19 10.89
C ALA A 145 16.43 1.30 11.67
N GLN A 146 15.41 1.90 11.06
CA GLN A 146 14.12 2.05 11.71
C GLN A 146 13.42 0.71 11.93
N LEU A 147 13.67 -0.24 11.04
CA LEU A 147 13.10 -1.57 11.16
C LEU A 147 13.81 -2.34 12.27
N ASP A 148 15.13 -2.24 12.30
CA ASP A 148 15.96 -2.87 13.33
C ASP A 148 15.59 -2.34 14.70
N GLU A 149 15.50 -1.04 14.82
CA GLU A 149 15.18 -0.45 16.11
C GLU A 149 13.76 -0.81 16.55
N ALA A 150 12.83 -0.92 15.59
CA ALA A 150 11.46 -1.29 15.89
C ALA A 150 11.37 -2.71 16.41
N GLN A 151 12.20 -3.62 15.86
CA GLN A 151 12.29 -4.96 16.41
C GLN A 151 12.81 -4.83 17.83
N ARG A 152 13.96 -4.22 18.00
CA ARG A 152 14.63 -4.21 19.29
C ARG A 152 13.75 -3.68 20.41
N GLN A 153 13.18 -2.50 20.20
CA GLN A 153 12.33 -1.87 21.19
C GLN A 153 11.08 -2.70 21.47
N ALA A 154 10.58 -3.38 20.44
CA ALA A 154 9.40 -4.23 20.60
C ALA A 154 9.71 -5.44 21.46
N GLU A 155 10.89 -6.03 21.27
CA GLU A 155 11.30 -7.17 22.09
C GLU A 155 11.39 -6.77 23.57
N ALA A 156 12.00 -5.62 23.81
CA ALA A 156 12.15 -5.10 25.15
C ALA A 156 10.79 -4.74 25.75
N LYS A 157 9.95 -4.11 24.92
CA LYS A 157 8.61 -3.71 25.34
C LYS A 157 7.76 -4.93 25.67
N ALA A 158 7.93 -5.99 24.89
CA ALA A 158 7.21 -7.24 25.10
C ALA A 158 7.59 -7.85 26.44
N LYS A 159 8.85 -7.70 26.81
CA LYS A 159 9.34 -8.21 28.06
C LYS A 159 8.80 -7.37 29.21
N ALA A 160 8.71 -6.06 28.99
CA ALA A 160 8.18 -5.15 30.00
C ALA A 160 6.77 -5.57 30.42
N GLU A 161 6.02 -6.12 29.47
CA GLU A 161 4.69 -6.60 29.74
C GLU A 161 4.74 -7.81 30.66
N ALA A 162 5.75 -8.66 30.45
CA ALA A 162 5.95 -9.85 31.26
C ALA A 162 6.33 -9.47 32.68
N GLU A 163 7.06 -8.40 32.81
CA GLU A 163 7.48 -7.92 34.12
C GLU A 163 6.35 -7.17 34.79
N ALA A 164 5.47 -6.59 33.99
CA ALA A 164 4.35 -5.83 34.51
C ALA A 164 3.21 -6.72 34.99
N LEU A 165 3.08 -7.90 34.40
CA LEU A 165 2.03 -8.82 34.78
C LEU A 165 2.28 -9.37 36.18
N ARG A 166 1.21 -9.74 36.87
CA ARG A 166 1.31 -10.23 38.23
C ARG A 166 1.08 -11.73 38.27
N GLY A 1 30.33 -26.30 -8.99
CA GLY A 1 30.14 -24.85 -8.76
C GLY A 1 29.53 -24.17 -9.97
N THR A 2 28.41 -24.69 -10.44
CA THR A 2 27.73 -24.11 -11.57
C THR A 2 26.50 -23.33 -11.11
N SER A 3 26.60 -22.01 -11.14
CA SER A 3 25.52 -21.14 -10.75
C SER A 3 24.33 -21.32 -11.70
N GLY A 4 24.52 -20.92 -12.94
CA GLY A 4 23.50 -21.08 -13.95
C GLY A 4 22.23 -20.31 -13.66
N PHE A 5 22.37 -19.07 -13.24
CA PHE A 5 21.22 -18.24 -12.97
C PHE A 5 21.49 -16.78 -13.30
N GLN A 6 20.45 -16.06 -13.64
CA GLN A 6 20.55 -14.65 -13.93
C GLN A 6 19.36 -13.91 -13.34
N LEU A 7 19.57 -12.67 -12.99
CA LEU A 7 18.50 -11.85 -12.44
C LEU A 7 17.67 -11.26 -13.55
N ARG A 8 16.36 -11.21 -13.35
CA ARG A 8 15.46 -10.64 -14.34
C ARG A 8 14.85 -9.36 -13.81
N GLY A 9 14.98 -8.29 -14.58
CA GLY A 9 14.48 -7.02 -14.17
C GLY A 9 15.60 -6.04 -13.93
N LEU A 10 15.50 -4.87 -14.55
CA LEU A 10 16.52 -3.86 -14.40
C LEU A 10 16.04 -2.78 -13.46
N GLY A 11 16.73 -2.62 -12.37
CA GLY A 11 16.40 -1.61 -11.39
C GLY A 11 17.63 -1.16 -10.64
N ASP A 12 18.45 -0.37 -11.30
CA ASP A 12 19.69 0.12 -10.70
C ASP A 12 19.44 1.28 -9.76
N ALA A 13 19.36 0.97 -8.49
CA ALA A 13 19.15 1.94 -7.44
C ALA A 13 19.30 1.25 -6.10
N GLN A 14 20.01 1.86 -5.19
CA GLN A 14 20.20 1.28 -3.90
C GLN A 14 19.07 1.66 -2.96
N PHE A 15 18.07 0.83 -2.92
CA PHE A 15 16.95 1.03 -2.04
C PHE A 15 17.29 0.54 -0.66
N ALA A 16 16.37 0.71 0.26
CA ALA A 16 16.55 0.25 1.61
C ALA A 16 16.61 -1.27 1.60
N LEU A 17 15.48 -1.88 1.29
CA LEU A 17 15.41 -3.32 1.19
C LEU A 17 15.89 -3.84 -0.15
N LYS A 18 16.32 -5.07 -0.19
CA LYS A 18 16.78 -5.67 -1.44
C LYS A 18 15.87 -6.81 -1.80
N GLU A 19 15.13 -7.25 -0.82
CA GLU A 19 14.14 -8.27 -0.99
C GLU A 19 13.12 -8.12 0.10
N ILE A 20 11.90 -8.39 -0.27
CA ILE A 20 10.75 -8.26 0.60
C ILE A 20 9.67 -9.24 0.16
N ASP A 21 8.89 -9.71 1.11
CA ASP A 21 7.82 -10.65 0.82
C ASP A 21 6.50 -9.93 0.64
N VAL A 22 5.72 -10.31 -0.36
CA VAL A 22 4.42 -9.70 -0.55
C VAL A 22 3.30 -10.64 -0.04
N SER A 23 2.78 -10.42 1.15
CA SER A 23 1.72 -11.29 1.63
C SER A 23 0.39 -10.57 1.80
N ALA A 24 -0.66 -11.21 1.31
CA ALA A 24 -2.01 -10.71 1.45
C ALA A 24 -2.70 -11.46 2.58
N ARG A 25 -3.11 -10.73 3.60
CA ARG A 25 -3.82 -11.34 4.72
C ARG A 25 -5.31 -11.11 4.52
N ASN A 26 -6.15 -11.86 5.26
CA ASN A 26 -7.62 -11.76 5.16
C ASN A 26 -8.12 -12.46 3.90
N ALA A 27 -7.74 -11.94 2.74
CA ALA A 27 -8.14 -12.50 1.48
C ALA A 27 -7.28 -11.93 0.36
N TYR A 28 -7.29 -12.57 -0.79
CA TYR A 28 -6.51 -12.11 -1.92
C TYR A 28 -7.28 -11.03 -2.69
N GLY A 29 -6.57 -10.00 -3.09
CA GLY A 29 -7.19 -8.93 -3.83
C GLY A 29 -6.26 -8.39 -4.89
N PRO A 30 -6.63 -7.31 -5.57
CA PRO A 30 -5.81 -6.73 -6.63
C PRO A 30 -4.62 -5.96 -6.05
N THR A 31 -4.73 -5.59 -4.79
CA THR A 31 -3.71 -4.82 -4.11
C THR A 31 -2.35 -5.56 -4.10
N VAL A 32 -2.40 -6.87 -3.87
CA VAL A 32 -1.18 -7.68 -3.82
C VAL A 32 -0.56 -7.85 -5.21
N ARG A 33 -1.40 -7.88 -6.24
CA ARG A 33 -0.92 -8.04 -7.60
C ARG A 33 -0.17 -6.80 -8.08
N GLU A 34 -0.87 -5.67 -8.14
CA GLU A 34 -0.27 -4.43 -8.60
C GLU A 34 0.96 -4.04 -7.76
N LEU A 35 0.90 -4.27 -6.43
CA LEU A 35 2.03 -3.97 -5.54
C LEU A 35 3.31 -4.66 -6.02
N LYS A 36 3.21 -5.92 -6.37
CA LYS A 36 4.40 -6.71 -6.68
C LYS A 36 4.90 -6.37 -8.06
N GLU A 37 3.99 -6.06 -8.94
CA GLU A 37 4.35 -5.65 -10.30
C GLU A 37 5.18 -4.36 -10.25
N THR A 38 4.90 -3.53 -9.26
CA THR A 38 5.61 -2.29 -9.07
C THR A 38 6.91 -2.50 -8.26
N LEU A 39 6.85 -3.21 -7.14
CA LEU A 39 8.07 -3.46 -6.31
C LEU A 39 9.13 -4.15 -7.15
N GLU A 40 8.78 -5.20 -7.87
CA GLU A 40 9.80 -5.94 -8.62
C GLU A 40 10.40 -5.08 -9.72
N ASN A 41 9.56 -4.21 -10.23
CA ASN A 41 9.83 -3.33 -11.33
C ASN A 41 10.70 -2.14 -10.96
N SER A 42 10.82 -1.91 -9.67
CA SER A 42 11.67 -0.86 -9.14
C SER A 42 13.02 -1.45 -8.72
N GLY A 43 13.23 -2.70 -9.09
CA GLY A 43 14.47 -3.39 -8.78
C GLY A 43 14.37 -4.23 -7.54
N VAL A 44 13.32 -4.05 -6.76
CA VAL A 44 13.16 -4.79 -5.53
C VAL A 44 12.74 -6.22 -5.77
N LYS A 45 13.53 -7.19 -5.40
CA LYS A 45 13.13 -8.55 -5.65
C LYS A 45 12.22 -9.00 -4.52
N VAL A 46 11.17 -9.66 -4.92
CA VAL A 46 10.19 -10.14 -4.00
C VAL A 46 10.29 -11.65 -3.90
N THR A 47 10.50 -12.13 -2.70
CA THR A 47 10.64 -13.53 -2.44
C THR A 47 9.63 -13.94 -1.37
N SER A 48 9.52 -15.21 -1.09
CA SER A 48 8.76 -15.64 0.07
C SER A 48 9.68 -15.56 1.30
N ASN A 49 10.98 -15.73 1.04
CA ASN A 49 12.01 -15.91 2.08
C ASN A 49 12.60 -14.58 2.58
N ALA A 50 11.97 -13.47 2.25
CA ALA A 50 12.48 -12.18 2.66
C ALA A 50 12.50 -12.03 4.18
N PRO A 51 13.51 -11.31 4.71
CA PRO A 51 13.66 -11.08 6.16
C PRO A 51 12.54 -10.21 6.71
N TYR A 52 12.09 -9.26 5.91
CA TYR A 52 11.03 -8.37 6.32
C TYR A 52 9.80 -8.64 5.50
N HIS A 53 8.66 -8.66 6.16
CA HIS A 53 7.44 -9.01 5.49
C HIS A 53 6.43 -7.88 5.42
N LEU A 54 5.88 -7.69 4.24
CA LEU A 54 4.79 -6.76 4.03
C LEU A 54 3.59 -7.66 3.98
N VAL A 55 2.71 -7.46 4.95
CA VAL A 55 1.45 -8.15 5.01
C VAL A 55 0.30 -7.15 4.98
N LEU A 56 -0.42 -7.13 3.88
CA LEU A 56 -1.58 -6.26 3.75
C LEU A 56 -2.76 -6.95 4.40
N VAL A 57 -3.19 -6.31 5.48
CA VAL A 57 -4.18 -6.83 6.41
C VAL A 57 -5.59 -6.79 5.85
N ARG A 58 -5.91 -5.74 5.11
CA ARG A 58 -7.26 -5.57 4.59
C ARG A 58 -7.41 -4.32 3.72
N GLU A 59 -7.87 -4.45 2.50
CA GLU A 59 -8.09 -3.26 1.73
C GLU A 59 -9.56 -2.87 1.65
N ASP A 60 -9.88 -1.67 2.09
CA ASP A 60 -11.25 -1.20 2.14
C ASP A 60 -11.48 -0.21 1.03
N ASN A 61 -12.60 -0.32 0.37
CA ASN A 61 -12.86 0.55 -0.74
C ASN A 61 -14.25 1.18 -0.72
N GLN A 62 -14.31 2.36 -0.13
CA GLN A 62 -15.59 2.91 0.32
C GLN A 62 -16.35 3.66 -0.73
N GLN A 63 -17.65 3.41 -0.72
CA GLN A 63 -18.62 4.10 -1.52
C GLN A 63 -19.77 4.52 -0.61
N ARG A 64 -19.81 5.78 -0.26
CA ARG A 64 -20.85 6.31 0.62
C ARG A 64 -21.30 7.67 0.12
N THR A 65 -22.50 8.06 0.49
CA THR A 65 -23.07 9.26 -0.06
C THR A 65 -22.79 10.53 0.74
N VAL A 66 -22.50 11.60 0.07
CA VAL A 66 -22.37 12.90 0.76
C VAL A 66 -23.70 13.61 0.76
N SER A 67 -24.50 13.34 -0.28
CA SER A 67 -25.83 13.91 -0.42
C SER A 67 -25.79 15.41 -0.77
N TYR A 68 -26.64 15.79 -1.70
CA TYR A 68 -26.81 17.16 -2.10
C TYR A 68 -27.41 17.97 -0.95
N THR A 69 -27.12 19.25 -0.89
CA THR A 69 -27.64 20.09 0.17
C THR A 69 -28.42 21.27 -0.43
N GLY A 70 -29.63 21.48 0.09
CA GLY A 70 -30.41 22.66 -0.28
C GLY A 70 -31.15 22.53 -1.59
N SER A 71 -30.42 22.56 -2.67
CA SER A 71 -30.99 22.51 -4.01
C SER A 71 -31.11 21.05 -4.49
N ALA A 72 -30.95 20.84 -5.79
CA ALA A 72 -31.00 19.52 -6.38
C ALA A 72 -29.75 18.72 -6.00
N ARG A 73 -29.53 17.60 -6.71
CA ARG A 73 -28.41 16.63 -6.43
C ARG A 73 -26.99 17.25 -6.61
N GLY A 74 -26.86 18.53 -6.34
CA GLY A 74 -25.64 19.21 -6.63
C GLY A 74 -24.61 19.32 -5.52
N ALA A 75 -24.24 18.19 -4.97
CA ALA A 75 -23.13 18.12 -4.04
C ALA A 75 -22.10 17.17 -4.60
N GLU A 76 -20.87 17.36 -4.21
CA GLU A 76 -19.80 16.53 -4.74
C GLU A 76 -19.70 15.21 -3.99
N PHE A 77 -19.86 14.11 -4.72
CA PHE A 77 -19.70 12.79 -4.15
C PHE A 77 -18.23 12.51 -4.27
N GLU A 78 -17.75 11.78 -3.28
CA GLU A 78 -16.34 11.54 -3.11
C GLU A 78 -16.12 10.14 -2.56
N LEU A 79 -15.11 9.48 -3.09
CA LEU A 79 -14.76 8.13 -2.69
C LEU A 79 -13.40 8.15 -2.01
N THR A 80 -13.24 7.24 -1.07
CA THR A 80 -12.00 7.10 -0.32
C THR A 80 -11.60 5.63 -0.30
N ASN A 81 -10.33 5.37 -0.55
CA ASN A 81 -9.84 4.01 -0.56
C ASN A 81 -8.78 3.81 0.53
N THR A 82 -8.75 2.70 1.22
CA THR A 82 -7.74 2.55 2.26
C THR A 82 -7.17 1.13 2.26
N ILE A 83 -5.85 1.05 2.34
CA ILE A 83 -5.17 -0.24 2.43
C ILE A 83 -4.41 -0.32 3.74
N ASN A 84 -4.72 -1.32 4.54
CA ASN A 84 -4.05 -1.50 5.81
C ASN A 84 -2.91 -2.49 5.65
N TYR A 85 -1.73 -2.12 6.11
CA TYR A 85 -0.56 -2.96 5.97
C TYR A 85 0.27 -2.94 7.23
N GLU A 86 1.06 -3.96 7.41
CA GLU A 86 1.90 -4.08 8.57
C GLU A 86 3.29 -4.55 8.16
N ILE A 87 4.27 -4.18 8.95
CA ILE A 87 5.65 -4.53 8.68
C ILE A 87 6.08 -5.55 9.69
N VAL A 88 6.35 -6.75 9.25
CA VAL A 88 6.70 -7.81 10.15
C VAL A 88 8.17 -8.17 10.09
N GLY A 89 8.84 -8.19 11.23
CA GLY A 89 10.27 -8.45 11.23
C GLY A 89 10.57 -9.89 11.47
N ALA A 90 11.30 -10.15 12.54
CA ALA A 90 11.69 -11.48 12.90
C ALA A 90 10.78 -12.00 13.99
N ASN A 91 10.62 -13.32 14.05
CA ASN A 91 9.75 -13.97 15.05
C ASN A 91 8.29 -13.56 14.85
N ASP A 92 7.99 -13.04 13.65
CA ASP A 92 6.63 -12.56 13.31
C ASP A 92 6.27 -11.35 14.15
N LEU A 93 7.27 -10.69 14.68
CA LEU A 93 7.11 -9.52 15.51
C LEU A 93 6.77 -8.30 14.64
N VAL A 94 5.75 -7.54 15.03
CA VAL A 94 5.33 -6.35 14.29
C VAL A 94 6.31 -5.19 14.51
N LEU A 95 6.89 -4.69 13.42
CA LEU A 95 7.88 -3.65 13.52
C LEU A 95 7.28 -2.25 13.42
N MET A 96 6.44 -2.09 12.40
CA MET A 96 5.74 -0.86 12.10
C MET A 96 4.38 -1.21 11.49
N SER A 97 3.39 -0.38 11.76
CA SER A 97 2.08 -0.54 11.17
C SER A 97 1.55 0.83 10.68
N ASN A 98 0.96 0.81 9.49
CA ASN A 98 0.45 2.02 8.83
C ASN A 98 -0.59 1.58 7.78
N GLN A 99 -1.30 2.58 7.27
CA GLN A 99 -2.27 2.43 6.21
C GLN A 99 -2.16 3.67 5.32
N VAL A 100 -2.38 3.48 4.04
CA VAL A 100 -2.36 4.56 3.05
C VAL A 100 -3.74 4.73 2.46
N GLN A 101 -4.01 5.91 1.91
CA GLN A 101 -5.32 6.16 1.37
C GLN A 101 -5.30 7.11 0.16
N VAL A 102 -6.38 7.13 -0.58
CA VAL A 102 -6.51 8.10 -1.68
C VAL A 102 -7.95 8.60 -1.73
N GLN A 103 -8.12 9.90 -1.95
CA GLN A 103 -9.46 10.47 -1.94
C GLN A 103 -9.84 11.20 -3.24
N LYS A 104 -10.75 10.65 -4.01
CA LYS A 104 -11.17 11.29 -5.26
C LYS A 104 -12.64 11.63 -5.23
N VAL A 105 -12.92 12.81 -5.74
CA VAL A 105 -14.27 13.31 -5.86
C VAL A 105 -14.75 13.09 -7.30
N TYR A 106 -15.98 12.59 -7.45
CA TYR A 106 -16.51 12.31 -8.77
C TYR A 106 -17.62 13.30 -9.08
N VAL A 107 -17.43 14.06 -10.14
CA VAL A 107 -18.40 15.07 -10.52
C VAL A 107 -19.65 14.43 -11.12
N HIS A 108 -20.78 14.64 -10.47
CA HIS A 108 -22.03 14.12 -10.96
C HIS A 108 -22.77 15.20 -11.71
N ASP A 109 -22.90 15.02 -13.00
CA ASP A 109 -23.58 16.00 -13.83
C ASP A 109 -25.06 15.66 -13.96
N GLU A 110 -25.90 16.68 -14.09
CA GLU A 110 -27.34 16.49 -14.18
C GLU A 110 -27.76 15.87 -15.52
N ASN A 111 -27.04 16.19 -16.58
CA ASN A 111 -27.33 15.64 -17.90
C ASN A 111 -26.86 14.21 -17.95
N ASN A 112 -25.82 13.94 -17.18
CA ASN A 112 -25.30 12.60 -17.02
C ASN A 112 -25.78 12.03 -15.72
N LEU A 113 -27.05 12.31 -15.40
CA LEU A 113 -27.67 11.87 -14.17
C LEU A 113 -27.48 10.37 -13.95
N ILE A 114 -27.61 9.61 -15.02
CA ILE A 114 -27.44 8.18 -14.97
C ILE A 114 -26.03 7.82 -15.43
N GLY A 115 -25.57 8.53 -16.45
CA GLY A 115 -24.25 8.28 -17.02
C GLY A 115 -23.13 8.45 -16.02
N SER A 116 -23.25 9.44 -15.13
CA SER A 116 -22.23 9.70 -14.12
C SER A 116 -22.02 8.48 -13.22
N ASP A 117 -23.10 7.78 -12.88
CA ASP A 117 -23.02 6.58 -12.05
C ASP A 117 -22.31 5.47 -12.80
N GLN A 118 -22.37 5.55 -14.11
CA GLN A 118 -21.73 4.58 -14.98
C GLN A 118 -20.26 4.95 -15.18
N GLU A 119 -19.96 6.23 -15.01
CA GLU A 119 -18.61 6.75 -15.19
C GLU A 119 -17.79 6.46 -13.96
N ALA A 120 -18.48 6.39 -12.82
CA ALA A 120 -17.87 6.19 -11.52
C ALA A 120 -16.93 4.99 -11.48
N ALA A 121 -17.32 3.94 -12.20
CA ALA A 121 -16.53 2.72 -12.34
C ALA A 121 -15.27 2.99 -13.17
N GLN A 122 -15.36 3.95 -14.09
CA GLN A 122 -14.23 4.33 -14.93
C GLN A 122 -13.17 4.97 -14.03
N LEU A 123 -13.63 5.80 -13.09
CA LEU A 123 -12.73 6.36 -12.08
C LEU A 123 -12.17 5.18 -11.31
N ARG A 124 -13.02 4.25 -10.86
CA ARG A 124 -12.53 3.14 -10.04
C ARG A 124 -11.42 2.36 -10.75
N SER A 125 -11.56 2.26 -12.06
CA SER A 125 -10.56 1.64 -12.91
C SER A 125 -9.22 2.37 -12.80
N GLU A 126 -9.30 3.69 -12.99
CA GLU A 126 -8.17 4.58 -12.93
C GLU A 126 -7.56 4.60 -11.54
N MET A 127 -8.43 4.55 -10.53
CA MET A 127 -8.04 4.61 -9.11
C MET A 127 -6.99 3.55 -8.78
N ARG A 128 -6.97 2.51 -9.58
CA ARG A 128 -6.02 1.41 -9.44
C ARG A 128 -4.56 1.89 -9.49
N ARG A 129 -4.36 3.04 -10.16
CA ARG A 129 -3.06 3.65 -10.30
C ARG A 129 -2.66 4.29 -8.99
N ASP A 130 -3.66 4.97 -8.39
CA ASP A 130 -3.44 5.89 -7.27
C ASP A 130 -2.79 5.22 -6.11
N LEU A 131 -3.48 4.19 -5.65
CA LEU A 131 -3.11 3.45 -4.47
C LEU A 131 -1.70 2.96 -4.52
N ILE A 132 -1.30 2.42 -5.66
CA ILE A 132 0.03 1.86 -5.79
C ILE A 132 1.10 2.94 -5.75
N GLN A 133 0.85 4.04 -6.44
CA GLN A 133 1.80 5.15 -6.49
C GLN A 133 2.07 5.68 -5.10
N GLN A 134 1.02 5.94 -4.36
CA GLN A 134 1.14 6.43 -2.99
C GLN A 134 1.64 5.32 -2.05
N LEU A 135 1.25 4.08 -2.31
CA LEU A 135 1.58 2.98 -1.40
C LEU A 135 3.06 2.59 -1.42
N SER A 136 3.58 2.44 -2.65
CA SER A 136 4.98 2.11 -2.91
C SER A 136 5.94 3.02 -2.13
N MET A 137 5.56 4.31 -2.06
CA MET A 137 6.33 5.38 -1.43
C MET A 137 6.71 5.06 0.00
N ARG A 138 5.88 4.30 0.67
CA ARG A 138 6.17 3.91 2.03
C ARG A 138 7.38 2.97 2.08
N LEU A 139 7.44 2.04 1.13
CA LEU A 139 8.53 1.06 1.05
C LEU A 139 9.90 1.70 0.80
N GLN A 140 9.92 2.87 0.18
CA GLN A 140 11.19 3.55 -0.09
C GLN A 140 11.63 4.37 1.12
N ALA A 141 10.64 4.88 1.85
CA ALA A 141 10.89 5.76 2.98
C ALA A 141 10.91 4.98 4.30
N LEU A 142 11.20 3.70 4.21
CA LEU A 142 11.50 2.92 5.38
C LEU A 142 12.94 2.47 5.23
N THR A 143 13.68 2.46 6.31
CA THR A 143 15.08 2.06 6.25
C THR A 143 15.33 0.85 7.13
N PRO A 144 16.38 0.07 6.84
CA PRO A 144 16.73 -1.09 7.63
C PRO A 144 16.98 -0.72 9.09
N ALA A 145 17.62 0.43 9.29
CA ALA A 145 17.89 0.94 10.63
C ALA A 145 16.61 1.17 11.42
N GLN A 146 15.60 1.75 10.77
CA GLN A 146 14.32 2.02 11.43
C GLN A 146 13.60 0.74 11.78
N LEU A 147 13.72 -0.24 10.92
CA LEU A 147 13.08 -1.53 11.14
C LEU A 147 13.84 -2.32 12.21
N ASP A 148 15.15 -2.30 12.11
CA ASP A 148 16.03 -2.98 13.07
C ASP A 148 15.79 -2.43 14.47
N GLU A 149 15.72 -1.12 14.61
CA GLU A 149 15.49 -0.54 15.92
C GLU A 149 14.08 -0.83 16.42
N ALA A 150 13.11 -0.90 15.52
CA ALA A 150 11.75 -1.20 15.89
C ALA A 150 11.61 -2.62 16.42
N GLN A 151 12.43 -3.54 15.91
CA GLN A 151 12.49 -4.89 16.47
C GLN A 151 12.95 -4.78 17.93
N ARG A 152 14.12 -4.17 18.17
CA ARG A 152 14.71 -4.15 19.52
C ARG A 152 13.77 -3.57 20.57
N GLN A 153 13.17 -2.43 20.25
CA GLN A 153 12.27 -1.76 21.18
C GLN A 153 11.03 -2.59 21.48
N ALA A 154 10.53 -3.26 20.46
CA ALA A 154 9.38 -4.12 20.61
C ALA A 154 9.73 -5.36 21.43
N GLU A 155 10.92 -5.89 21.21
CA GLU A 155 11.42 -7.04 22.00
C GLU A 155 11.43 -6.67 23.47
N ALA A 156 11.96 -5.48 23.75
CA ALA A 156 12.04 -4.96 25.10
C ALA A 156 10.65 -4.79 25.69
N LYS A 157 9.75 -4.20 24.92
CA LYS A 157 8.37 -3.97 25.36
C LYS A 157 7.67 -5.29 25.66
N ALA A 158 7.76 -6.23 24.73
CA ALA A 158 7.12 -7.53 24.86
C ALA A 158 7.59 -8.25 26.12
N LYS A 159 8.89 -8.12 26.39
CA LYS A 159 9.46 -8.74 27.56
C LYS A 159 9.07 -7.98 28.82
N ALA A 160 9.14 -6.66 28.78
CA ALA A 160 8.81 -5.83 29.93
C ALA A 160 7.39 -6.03 30.39
N GLU A 161 6.47 -6.21 29.45
CA GLU A 161 5.08 -6.48 29.80
C GLU A 161 4.97 -7.84 30.47
N ALA A 162 5.74 -8.79 29.97
CA ALA A 162 5.75 -10.15 30.51
C ALA A 162 6.30 -10.16 31.93
N GLU A 163 7.38 -9.43 32.15
CA GLU A 163 8.02 -9.36 33.46
C GLU A 163 7.16 -8.57 34.44
N ALA A 164 6.31 -7.72 33.90
CA ALA A 164 5.40 -6.91 34.69
C ALA A 164 4.26 -7.75 35.27
N LEU A 165 3.99 -8.88 34.63
CA LEU A 165 2.91 -9.77 35.07
C LEU A 165 3.20 -10.35 36.46
N ARG A 166 2.12 -10.62 37.18
CA ARG A 166 2.21 -11.17 38.52
C ARG A 166 2.72 -12.61 38.51
N GLY A 1 21.89 -8.15 -27.70
CA GLY A 1 23.06 -7.55 -27.04
C GLY A 1 23.37 -6.17 -27.56
N THR A 2 24.11 -5.41 -26.80
CA THR A 2 24.50 -4.07 -27.19
C THR A 2 25.93 -3.79 -26.75
N SER A 3 26.58 -2.85 -27.39
CA SER A 3 27.95 -2.51 -27.06
C SER A 3 28.19 -1.02 -27.21
N GLY A 4 29.36 -0.58 -26.83
CA GLY A 4 29.72 0.82 -26.94
C GLY A 4 30.92 1.14 -26.09
N PHE A 5 30.69 1.28 -24.80
CA PHE A 5 31.74 1.55 -23.84
C PHE A 5 31.53 0.73 -22.59
N GLN A 6 32.60 0.51 -21.86
CA GLN A 6 32.52 -0.27 -20.65
C GLN A 6 31.98 0.55 -19.50
N LEU A 7 31.20 -0.08 -18.66
CA LEU A 7 30.62 0.57 -17.51
C LEU A 7 31.33 0.13 -16.26
N ARG A 8 30.84 0.59 -15.12
CA ARG A 8 31.41 0.21 -13.83
C ARG A 8 31.32 -1.29 -13.62
N GLY A 9 32.11 -1.81 -12.69
CA GLY A 9 32.11 -3.24 -12.41
C GLY A 9 30.79 -3.72 -11.87
N LEU A 10 30.04 -2.81 -11.31
CA LEU A 10 28.72 -3.13 -10.77
C LEU A 10 27.66 -3.10 -11.83
N GLY A 11 26.52 -3.63 -11.50
CA GLY A 11 25.43 -3.64 -12.43
C GLY A 11 24.55 -2.42 -12.26
N ASP A 12 23.76 -2.42 -11.21
CA ASP A 12 22.87 -1.31 -10.95
C ASP A 12 22.61 -1.17 -9.46
N ALA A 13 22.46 0.06 -9.01
CA ALA A 13 22.22 0.35 -7.62
C ALA A 13 20.74 0.25 -7.31
N GLN A 14 20.41 0.01 -6.06
CA GLN A 14 19.04 -0.13 -5.64
C GLN A 14 18.81 0.53 -4.30
N PHE A 15 17.67 0.29 -3.75
CA PHE A 15 17.25 0.93 -2.53
C PHE A 15 17.87 0.28 -1.30
N ALA A 16 17.47 0.75 -0.13
CA ALA A 16 17.96 0.23 1.13
C ALA A 16 17.67 -1.26 1.24
N LEU A 17 16.43 -1.61 1.01
CA LEU A 17 16.05 -2.99 0.98
C LEU A 17 16.27 -3.58 -0.39
N LYS A 18 16.53 -4.85 -0.46
CA LYS A 18 16.75 -5.44 -1.76
C LYS A 18 15.81 -6.59 -1.99
N GLU A 19 15.18 -7.03 -0.91
CA GLU A 19 14.22 -8.09 -0.98
C GLU A 19 13.19 -7.93 0.12
N ILE A 20 11.96 -8.21 -0.24
CA ILE A 20 10.83 -8.06 0.65
C ILE A 20 9.72 -9.04 0.24
N ASP A 21 8.97 -9.54 1.21
CA ASP A 21 7.90 -10.48 0.94
C ASP A 21 6.58 -9.75 0.75
N VAL A 22 5.86 -10.07 -0.31
CA VAL A 22 4.61 -9.41 -0.58
C VAL A 22 3.38 -10.27 -0.17
N SER A 23 2.79 -9.99 0.97
CA SER A 23 1.62 -10.76 1.38
C SER A 23 0.33 -9.95 1.33
N ALA A 24 -0.73 -10.59 0.86
CA ALA A 24 -2.04 -9.97 0.79
C ALA A 24 -2.89 -10.45 1.96
N ARG A 25 -4.02 -9.78 2.08
CA ARG A 25 -5.12 -10.21 2.92
C ARG A 25 -5.96 -11.19 2.11
N ASN A 26 -6.23 -12.35 2.68
CA ASN A 26 -6.98 -13.39 1.97
C ASN A 26 -6.22 -13.84 0.70
N ALA A 27 -5.25 -14.72 0.91
CA ALA A 27 -4.41 -15.27 -0.15
C ALA A 27 -3.79 -14.19 -1.04
N TYR A 28 -4.41 -13.95 -2.20
CA TYR A 28 -3.92 -12.97 -3.15
C TYR A 28 -5.06 -12.14 -3.73
N GLY A 29 -5.08 -10.87 -3.39
CA GLY A 29 -6.07 -9.96 -3.92
C GLY A 29 -5.54 -9.23 -5.16
N PRO A 30 -6.22 -8.16 -5.58
CA PRO A 30 -5.79 -7.38 -6.74
C PRO A 30 -4.55 -6.52 -6.44
N THR A 31 -4.67 -5.68 -5.42
CA THR A 31 -3.62 -4.73 -5.04
C THR A 31 -2.25 -5.38 -4.78
N VAL A 32 -2.25 -6.65 -4.37
CA VAL A 32 -1.00 -7.33 -4.08
C VAL A 32 -0.20 -7.61 -5.37
N ARG A 33 -0.93 -7.78 -6.48
CA ARG A 33 -0.29 -8.04 -7.76
C ARG A 33 0.50 -6.82 -8.22
N GLU A 34 -0.20 -5.69 -8.36
CA GLU A 34 0.42 -4.46 -8.82
C GLU A 34 1.56 -4.01 -7.91
N LEU A 35 1.40 -4.24 -6.58
CA LEU A 35 2.48 -3.94 -5.64
C LEU A 35 3.74 -4.65 -6.10
N LYS A 36 3.70 -5.99 -6.07
CA LYS A 36 4.81 -6.83 -6.49
C LYS A 36 5.35 -6.40 -7.85
N GLU A 37 4.46 -6.08 -8.78
CA GLU A 37 4.87 -5.60 -10.08
C GLU A 37 5.75 -4.36 -9.95
N THR A 38 5.21 -3.34 -9.31
CA THR A 38 5.92 -2.08 -9.13
C THR A 38 7.22 -2.28 -8.32
N LEU A 39 7.18 -3.05 -7.25
CA LEU A 39 8.40 -3.29 -6.46
C LEU A 39 9.46 -3.94 -7.34
N GLU A 40 9.10 -4.89 -8.17
CA GLU A 40 10.10 -5.52 -9.01
C GLU A 40 10.66 -4.55 -10.05
N ASN A 41 9.80 -3.63 -10.50
CA ASN A 41 10.17 -2.69 -11.55
C ASN A 41 10.90 -1.47 -11.04
N SER A 42 11.07 -1.43 -9.73
CA SER A 42 11.81 -0.38 -9.07
C SER A 42 13.17 -0.92 -8.63
N GLY A 43 13.48 -2.13 -9.08
CA GLY A 43 14.76 -2.75 -8.78
C GLY A 43 14.70 -3.71 -7.60
N VAL A 44 13.59 -3.71 -6.88
CA VAL A 44 13.45 -4.57 -5.72
C VAL A 44 13.18 -6.02 -6.12
N LYS A 45 13.65 -6.95 -5.34
CA LYS A 45 13.33 -8.34 -5.58
C LYS A 45 12.40 -8.82 -4.48
N VAL A 46 11.37 -9.51 -4.88
CA VAL A 46 10.39 -9.99 -3.95
C VAL A 46 10.48 -11.49 -3.84
N THR A 47 10.67 -11.96 -2.62
CA THR A 47 10.78 -13.36 -2.34
C THR A 47 9.71 -13.72 -1.31
N SER A 48 9.52 -14.97 -1.02
CA SER A 48 8.67 -15.33 0.11
C SER A 48 9.49 -15.22 1.40
N ASN A 49 10.80 -15.44 1.25
CA ASN A 49 11.72 -15.62 2.39
C ASN A 49 12.46 -14.32 2.76
N ALA A 50 11.88 -13.19 2.46
CA ALA A 50 12.50 -11.92 2.79
C ALA A 50 12.53 -11.68 4.30
N PRO A 51 13.51 -10.88 4.79
CA PRO A 51 13.65 -10.60 6.23
C PRO A 51 12.47 -9.80 6.77
N TYR A 52 11.99 -8.85 5.98
CA TYR A 52 10.89 -7.99 6.39
C TYR A 52 9.67 -8.29 5.56
N HIS A 53 8.53 -8.36 6.22
CA HIS A 53 7.30 -8.75 5.57
C HIS A 53 6.27 -7.62 5.47
N LEU A 54 5.71 -7.45 4.30
CA LEU A 54 4.60 -6.54 4.08
C LEU A 54 3.39 -7.45 3.97
N VAL A 55 2.42 -7.17 4.85
CA VAL A 55 1.12 -7.80 4.82
C VAL A 55 0.03 -6.73 4.77
N LEU A 56 -0.68 -6.66 3.67
CA LEU A 56 -1.82 -5.77 3.59
C LEU A 56 -2.99 -6.51 4.19
N VAL A 57 -3.42 -5.99 5.34
CA VAL A 57 -4.35 -6.65 6.24
C VAL A 57 -5.82 -6.39 5.96
N ARG A 58 -6.09 -5.16 5.55
CA ARG A 58 -7.47 -4.70 5.33
C ARG A 58 -7.44 -3.60 4.29
N GLU A 59 -8.44 -3.61 3.43
CA GLU A 59 -8.58 -2.65 2.36
C GLU A 59 -10.04 -2.18 2.29
N ASP A 60 -10.26 -0.90 2.46
CA ASP A 60 -11.60 -0.35 2.44
C ASP A 60 -11.79 0.48 1.19
N ASN A 61 -13.02 0.54 0.70
CA ASN A 61 -13.29 1.28 -0.51
C ASN A 61 -14.68 1.94 -0.52
N GLN A 62 -14.73 3.20 -0.11
CA GLN A 62 -16.01 3.86 0.16
C GLN A 62 -16.63 4.52 -1.04
N GLN A 63 -17.90 4.22 -1.25
CA GLN A 63 -18.70 4.81 -2.28
C GLN A 63 -20.12 4.99 -1.74
N ARG A 64 -20.42 6.22 -1.40
CA ARG A 64 -21.70 6.65 -0.86
C ARG A 64 -22.05 7.99 -1.47
N THR A 65 -23.28 8.42 -1.28
CA THR A 65 -23.75 9.58 -1.98
C THR A 65 -23.63 10.88 -1.18
N VAL A 66 -23.43 11.98 -1.86
CA VAL A 66 -23.41 13.27 -1.18
C VAL A 66 -24.76 13.96 -1.22
N SER A 67 -25.57 13.63 -2.25
CA SER A 67 -26.88 14.24 -2.45
C SER A 67 -26.73 15.70 -2.88
N TYR A 68 -27.80 16.47 -2.80
CA TYR A 68 -27.75 17.88 -3.13
C TYR A 68 -28.36 18.69 -2.01
N THR A 69 -27.95 19.92 -1.86
CA THR A 69 -28.49 20.79 -0.84
C THR A 69 -29.23 21.96 -1.49
N GLY A 70 -30.43 22.23 -1.03
CA GLY A 70 -31.15 23.38 -1.51
C GLY A 70 -31.89 23.10 -2.79
N SER A 71 -31.50 23.78 -3.85
CA SER A 71 -32.17 23.63 -5.12
C SER A 71 -31.19 23.27 -6.24
N ALA A 72 -30.15 24.07 -6.39
CA ALA A 72 -29.23 23.89 -7.51
C ALA A 72 -27.79 23.67 -7.04
N ARG A 73 -27.63 23.25 -5.82
CA ARG A 73 -26.31 23.02 -5.25
C ARG A 73 -25.88 21.56 -5.38
N GLY A 74 -26.36 20.91 -6.46
CA GLY A 74 -26.02 19.51 -6.75
C GLY A 74 -24.58 19.14 -6.40
N ALA A 75 -24.40 18.38 -5.36
CA ALA A 75 -23.07 18.02 -4.93
C ALA A 75 -22.58 16.78 -5.65
N GLU A 76 -21.27 16.67 -5.75
CA GLU A 76 -20.65 15.53 -6.38
C GLU A 76 -20.13 14.56 -5.33
N PHE A 77 -20.13 13.30 -5.65
CA PHE A 77 -19.71 12.27 -4.69
C PHE A 77 -18.22 12.10 -4.77
N GLU A 78 -17.73 11.28 -3.86
CA GLU A 78 -16.31 11.03 -3.73
C GLU A 78 -16.07 9.63 -3.19
N LEU A 79 -14.86 9.15 -3.38
CA LEU A 79 -14.47 7.85 -2.90
C LEU A 79 -13.21 7.97 -2.04
N THR A 80 -13.18 7.21 -0.98
CA THR A 80 -12.05 7.14 -0.08
C THR A 80 -11.61 5.70 -0.04
N ASN A 81 -10.33 5.48 -0.21
CA ASN A 81 -9.78 4.14 -0.20
C ASN A 81 -8.76 3.97 0.91
N THR A 82 -8.76 2.88 1.60
CA THR A 82 -7.80 2.73 2.69
C THR A 82 -7.16 1.36 2.63
N ILE A 83 -5.85 1.34 2.60
CA ILE A 83 -5.09 0.10 2.60
C ILE A 83 -4.31 0.00 3.89
N ASN A 84 -4.66 -0.95 4.74
CA ASN A 84 -4.00 -1.14 6.01
C ASN A 84 -2.97 -2.23 5.92
N TYR A 85 -1.85 -2.05 6.55
CA TYR A 85 -0.80 -3.03 6.47
C TYR A 85 0.07 -2.99 7.70
N GLU A 86 0.96 -3.94 7.81
CA GLU A 86 1.89 -3.99 8.90
C GLU A 86 3.23 -4.51 8.42
N ILE A 87 4.27 -4.20 9.16
CA ILE A 87 5.61 -4.58 8.80
C ILE A 87 6.08 -5.61 9.80
N VAL A 88 6.14 -6.85 9.38
CA VAL A 88 6.48 -7.91 10.28
C VAL A 88 7.95 -8.32 10.17
N GLY A 89 8.67 -8.30 11.27
CA GLY A 89 10.08 -8.62 11.20
C GLY A 89 10.33 -10.06 11.51
N ALA A 90 10.79 -10.32 12.71
CA ALA A 90 11.04 -11.68 13.16
C ALA A 90 10.06 -11.99 14.28
N ASN A 91 10.01 -13.26 14.69
CA ASN A 91 9.16 -13.71 15.81
C ASN A 91 7.68 -13.43 15.54
N ASP A 92 7.36 -13.11 14.29
CA ASP A 92 5.99 -12.75 13.89
C ASP A 92 5.53 -11.49 14.61
N LEU A 93 6.49 -10.68 15.08
CA LEU A 93 6.15 -9.44 15.75
C LEU A 93 6.11 -8.29 14.75
N VAL A 94 5.33 -7.28 15.05
CA VAL A 94 5.17 -6.14 14.15
C VAL A 94 6.17 -5.03 14.48
N LEU A 95 6.82 -4.52 13.44
CA LEU A 95 7.80 -3.46 13.58
C LEU A 95 7.11 -2.10 13.56
N MET A 96 6.33 -1.87 12.50
CA MET A 96 5.54 -0.67 12.36
C MET A 96 4.21 -1.02 11.74
N SER A 97 3.21 -0.23 12.07
CA SER A 97 1.90 -0.34 11.49
C SER A 97 1.51 1.00 10.87
N ASN A 98 1.12 0.95 9.62
CA ASN A 98 0.72 2.12 8.85
C ASN A 98 -0.28 1.68 7.80
N GLN A 99 -1.03 2.65 7.33
CA GLN A 99 -1.99 2.49 6.25
C GLN A 99 -1.81 3.68 5.34
N VAL A 100 -2.05 3.46 4.07
CA VAL A 100 -2.01 4.49 3.07
C VAL A 100 -3.42 4.71 2.54
N GLN A 101 -3.70 5.91 2.08
CA GLN A 101 -5.03 6.23 1.60
C GLN A 101 -4.99 7.13 0.39
N VAL A 102 -6.05 7.12 -0.37
CA VAL A 102 -6.19 8.03 -1.48
C VAL A 102 -7.65 8.46 -1.58
N GLN A 103 -7.88 9.73 -1.84
CA GLN A 103 -9.23 10.24 -1.86
C GLN A 103 -9.59 10.96 -3.17
N LYS A 104 -10.42 10.36 -3.98
CA LYS A 104 -10.81 10.96 -5.25
C LYS A 104 -12.26 11.35 -5.20
N VAL A 105 -12.49 12.63 -5.48
CA VAL A 105 -13.82 13.16 -5.66
C VAL A 105 -14.20 12.95 -7.12
N TYR A 106 -15.43 12.62 -7.38
CA TYR A 106 -15.88 12.42 -8.73
C TYR A 106 -16.95 13.41 -9.13
N VAL A 107 -16.69 14.13 -10.20
CA VAL A 107 -17.59 15.18 -10.67
C VAL A 107 -18.85 14.59 -11.31
N HIS A 108 -19.98 14.95 -10.75
CA HIS A 108 -21.26 14.50 -11.24
C HIS A 108 -21.92 15.61 -12.05
N ASP A 109 -22.17 15.35 -13.33
CA ASP A 109 -22.82 16.34 -14.18
C ASP A 109 -24.31 16.38 -13.87
N GLU A 110 -24.86 17.59 -13.85
CA GLU A 110 -26.27 17.80 -13.54
C GLU A 110 -27.18 17.18 -14.60
N ASN A 111 -26.68 17.11 -15.82
CA ASN A 111 -27.46 16.60 -16.95
C ASN A 111 -27.29 15.09 -17.08
N ASN A 112 -26.44 14.52 -16.25
CA ASN A 112 -26.19 13.10 -16.27
C ASN A 112 -26.42 12.48 -14.90
N LEU A 113 -27.67 12.29 -14.56
CA LEU A 113 -28.02 11.70 -13.28
C LEU A 113 -27.65 10.22 -13.28
N ILE A 114 -28.08 9.51 -14.30
CA ILE A 114 -27.82 8.09 -14.41
C ILE A 114 -26.49 7.87 -15.11
N GLY A 115 -26.24 8.70 -16.13
CA GLY A 115 -25.03 8.62 -16.90
C GLY A 115 -23.80 8.70 -16.04
N SER A 116 -23.75 9.71 -15.19
CA SER A 116 -22.61 9.90 -14.31
C SER A 116 -22.50 8.73 -13.32
N ASP A 117 -23.63 8.25 -12.82
CA ASP A 117 -23.61 7.18 -11.81
C ASP A 117 -23.06 5.88 -12.38
N GLN A 118 -23.64 5.42 -13.48
CA GLN A 118 -23.17 4.21 -14.15
C GLN A 118 -21.76 4.39 -14.72
N GLU A 119 -21.36 5.61 -15.00
CA GLU A 119 -20.05 5.90 -15.55
C GLU A 119 -19.01 5.84 -14.44
N ALA A 120 -19.43 6.19 -13.23
CA ALA A 120 -18.55 6.24 -12.08
C ALA A 120 -17.84 4.93 -11.82
N ALA A 121 -18.48 3.84 -12.25
CA ALA A 121 -17.91 2.51 -12.14
C ALA A 121 -16.66 2.37 -13.02
N GLN A 122 -16.60 3.14 -14.11
CA GLN A 122 -15.47 3.10 -15.03
C GLN A 122 -14.22 3.66 -14.36
N LEU A 123 -14.42 4.66 -13.46
CA LEU A 123 -13.33 5.25 -12.68
C LEU A 123 -12.58 4.13 -11.99
N ARG A 124 -13.28 3.10 -11.54
CA ARG A 124 -12.62 2.03 -10.76
C ARG A 124 -11.36 1.50 -11.47
N SER A 125 -11.37 1.54 -12.79
CA SER A 125 -10.23 1.16 -13.60
C SER A 125 -8.96 1.96 -13.23
N GLU A 126 -9.10 3.31 -13.22
CA GLU A 126 -7.99 4.21 -12.94
C GLU A 126 -7.63 4.20 -11.46
N MET A 127 -8.61 3.97 -10.60
CA MET A 127 -8.40 3.94 -9.15
C MET A 127 -7.35 2.89 -8.78
N ARG A 128 -7.27 1.89 -9.61
CA ARG A 128 -6.33 0.80 -9.45
C ARG A 128 -4.88 1.30 -9.48
N ARG A 129 -4.70 2.45 -10.16
CA ARG A 129 -3.40 3.09 -10.32
C ARG A 129 -2.98 3.73 -9.00
N ASP A 130 -3.95 4.40 -8.36
CA ASP A 130 -3.68 5.31 -7.24
C ASP A 130 -3.05 4.64 -6.07
N LEU A 131 -3.73 3.59 -5.67
CA LEU A 131 -3.41 2.80 -4.50
C LEU A 131 -1.98 2.36 -4.51
N ILE A 132 -1.53 1.84 -5.64
CA ILE A 132 -0.19 1.31 -5.76
C ILE A 132 0.87 2.39 -5.70
N GLN A 133 0.64 3.49 -6.42
CA GLN A 133 1.60 4.58 -6.45
C GLN A 133 1.87 5.12 -5.06
N GLN A 134 0.81 5.41 -4.33
CA GLN A 134 0.92 5.91 -2.96
C GLN A 134 1.41 4.82 -2.04
N LEU A 135 1.10 3.57 -2.34
CA LEU A 135 1.46 2.48 -1.46
C LEU A 135 2.94 2.11 -1.48
N SER A 136 3.45 2.03 -2.72
CA SER A 136 4.85 1.76 -3.04
C SER A 136 5.79 2.67 -2.25
N MET A 137 5.41 3.95 -2.20
CA MET A 137 6.20 5.02 -1.59
C MET A 137 6.56 4.74 -0.14
N ARG A 138 5.70 4.02 0.54
CA ARG A 138 5.98 3.66 1.91
C ARG A 138 7.08 2.60 2.00
N LEU A 139 7.05 1.63 1.08
CA LEU A 139 8.09 0.60 1.01
C LEU A 139 9.41 1.24 0.62
N GLN A 140 9.38 2.13 -0.37
CA GLN A 140 10.62 2.76 -0.87
C GLN A 140 11.34 3.52 0.25
N ALA A 141 10.57 3.99 1.22
CA ALA A 141 11.13 4.72 2.33
C ALA A 141 11.16 3.86 3.58
N LEU A 142 11.20 2.54 3.42
CA LEU A 142 11.36 1.67 4.57
C LEU A 142 12.84 1.66 4.92
N THR A 143 13.19 2.50 5.84
CA THR A 143 14.55 2.60 6.30
C THR A 143 14.92 1.44 7.21
N PRO A 144 16.04 0.74 6.90
CA PRO A 144 16.49 -0.41 7.67
C PRO A 144 16.68 -0.06 9.14
N ALA A 145 17.26 1.11 9.39
CA ALA A 145 17.49 1.58 10.74
C ALA A 145 16.20 1.62 11.55
N GLN A 146 15.10 2.03 10.91
CA GLN A 146 13.81 2.11 11.59
C GLN A 146 13.27 0.71 11.84
N LEU A 147 13.45 -0.18 10.89
CA LEU A 147 12.99 -1.54 11.00
C LEU A 147 13.74 -2.27 12.12
N ASP A 148 15.05 -2.17 12.08
CA ASP A 148 15.92 -2.77 13.08
C ASP A 148 15.55 -2.28 14.47
N GLU A 149 15.44 -0.99 14.65
CA GLU A 149 15.13 -0.48 15.98
C GLU A 149 13.72 -0.86 16.43
N ALA A 150 12.79 -0.94 15.48
CA ALA A 150 11.44 -1.37 15.78
C ALA A 150 11.41 -2.82 16.23
N GLN A 151 12.27 -3.67 15.63
CA GLN A 151 12.44 -5.03 16.12
C GLN A 151 13.00 -4.92 17.52
N ARG A 152 14.14 -4.26 17.69
CA ARG A 152 14.84 -4.28 18.97
C ARG A 152 13.92 -3.91 20.14
N GLN A 153 13.25 -2.79 20.01
CA GLN A 153 12.35 -2.31 21.05
C GLN A 153 11.26 -3.32 21.41
N ALA A 154 10.83 -4.08 20.40
CA ALA A 154 9.76 -5.04 20.55
C ALA A 154 10.24 -6.30 21.28
N GLU A 155 11.44 -6.77 20.97
CA GLU A 155 11.98 -7.94 21.66
C GLU A 155 12.33 -7.59 23.10
N ALA A 156 12.89 -6.41 23.28
CA ALA A 156 13.25 -5.93 24.60
C ALA A 156 12.01 -5.80 25.48
N LYS A 157 10.93 -5.34 24.86
CA LYS A 157 9.67 -5.15 25.55
C LYS A 157 9.01 -6.50 25.82
N ALA A 158 9.08 -7.39 24.83
CA ALA A 158 8.48 -8.72 24.95
C ALA A 158 9.11 -9.50 26.10
N LYS A 159 10.42 -9.43 26.21
CA LYS A 159 11.13 -10.11 27.27
C LYS A 159 10.82 -9.47 28.62
N ALA A 160 10.72 -8.14 28.62
CA ALA A 160 10.40 -7.40 29.83
C ALA A 160 9.04 -7.83 30.37
N GLU A 161 8.13 -8.16 29.46
CA GLU A 161 6.81 -8.66 29.83
C GLU A 161 6.96 -9.98 30.58
N ALA A 162 7.84 -10.83 30.11
CA ALA A 162 8.07 -12.13 30.73
C ALA A 162 8.69 -11.97 32.10
N GLU A 163 9.66 -11.08 32.20
CA GLU A 163 10.37 -10.82 33.45
C GLU A 163 9.44 -10.15 34.47
N ALA A 164 8.43 -9.48 33.96
CA ALA A 164 7.45 -8.80 34.80
C ALA A 164 6.65 -9.81 35.63
N LEU A 165 6.46 -11.00 35.09
CA LEU A 165 5.75 -12.04 35.80
C LEU A 165 6.65 -12.72 36.81
N ARG A 166 6.05 -13.13 37.92
CA ARG A 166 6.79 -13.74 39.00
C ARG A 166 6.98 -15.23 38.72
N GLY A 1 47.91 -17.14 -26.75
CA GLY A 1 47.65 -15.72 -26.44
C GLY A 1 47.60 -15.47 -24.95
N THR A 2 47.36 -14.24 -24.57
CA THR A 2 47.27 -13.89 -23.17
C THR A 2 45.82 -13.98 -22.69
N SER A 3 45.43 -15.13 -22.20
CA SER A 3 44.09 -15.33 -21.73
C SER A 3 43.97 -14.96 -20.25
N GLY A 4 43.86 -13.68 -19.99
CA GLY A 4 43.74 -13.20 -18.64
C GLY A 4 42.97 -11.91 -18.59
N PHE A 5 41.81 -11.91 -19.22
CA PHE A 5 40.97 -10.73 -19.28
C PHE A 5 39.62 -11.00 -18.66
N GLN A 6 39.08 -10.00 -18.00
CA GLN A 6 37.78 -10.10 -17.38
C GLN A 6 37.03 -8.79 -17.49
N LEU A 7 35.71 -8.84 -17.38
CA LEU A 7 34.92 -7.63 -17.39
C LEU A 7 34.80 -7.10 -15.98
N ARG A 8 34.52 -5.83 -15.86
CA ARG A 8 34.45 -5.18 -14.57
C ARG A 8 33.87 -3.80 -14.70
N GLY A 9 33.46 -3.23 -13.60
CA GLY A 9 32.88 -1.92 -13.62
C GLY A 9 31.45 -1.94 -13.20
N LEU A 10 31.19 -2.43 -12.00
CA LEU A 10 29.86 -2.50 -11.48
C LEU A 10 29.55 -1.21 -10.76
N GLY A 11 28.98 -0.29 -11.48
CA GLY A 11 28.63 0.98 -10.91
C GLY A 11 27.14 1.18 -10.83
N ASP A 12 26.48 0.25 -10.19
CA ASP A 12 25.04 0.29 -10.06
C ASP A 12 24.65 0.75 -8.67
N ALA A 13 23.53 1.44 -8.56
CA ALA A 13 23.06 1.96 -7.29
C ALA A 13 22.44 0.86 -6.44
N GLN A 14 22.20 1.14 -5.18
CA GLN A 14 21.61 0.17 -4.29
C GLN A 14 20.64 0.84 -3.31
N PHE A 15 19.52 0.21 -3.11
CA PHE A 15 18.50 0.70 -2.21
C PHE A 15 18.75 0.19 -0.80
N ALA A 16 17.86 0.55 0.11
CA ALA A 16 17.94 0.09 1.47
C ALA A 16 17.68 -1.41 1.51
N LEU A 17 16.45 -1.79 1.24
CA LEU A 17 16.10 -3.19 1.19
C LEU A 17 16.46 -3.80 -0.16
N LYS A 18 16.83 -5.04 -0.15
CA LYS A 18 17.23 -5.72 -1.37
C LYS A 18 16.28 -6.84 -1.70
N GLU A 19 15.39 -7.13 -0.77
CA GLU A 19 14.35 -8.11 -1.00
C GLU A 19 13.21 -7.85 -0.04
N ILE A 20 12.01 -8.15 -0.49
CA ILE A 20 10.83 -7.97 0.33
C ILE A 20 9.73 -8.93 -0.12
N ASP A 21 8.90 -9.35 0.83
CA ASP A 21 7.77 -10.24 0.53
C ASP A 21 6.50 -9.43 0.37
N VAL A 22 5.72 -9.68 -0.67
CA VAL A 22 4.50 -8.91 -0.86
C VAL A 22 3.25 -9.72 -0.48
N SER A 23 2.69 -9.49 0.68
CA SER A 23 1.55 -10.31 1.06
C SER A 23 0.36 -9.51 1.57
N ALA A 24 -0.74 -10.23 1.70
CA ALA A 24 -1.97 -9.71 2.24
C ALA A 24 -2.47 -10.71 3.27
N ARG A 25 -3.32 -10.27 4.20
CA ARG A 25 -3.70 -11.14 5.32
C ARG A 25 -4.29 -12.46 4.84
N ASN A 26 -3.62 -13.56 5.24
CA ASN A 26 -3.99 -14.95 4.92
C ASN A 26 -4.57 -15.13 3.51
N ALA A 27 -4.14 -14.31 2.56
CA ALA A 27 -4.70 -14.38 1.22
C ALA A 27 -3.89 -13.56 0.23
N TYR A 28 -4.46 -13.39 -0.95
CA TYR A 28 -3.85 -12.65 -2.03
C TYR A 28 -4.90 -11.76 -2.71
N GLY A 29 -4.53 -11.12 -3.80
CA GLY A 29 -5.48 -10.29 -4.50
C GLY A 29 -4.82 -9.42 -5.54
N PRO A 30 -5.61 -8.78 -6.42
CA PRO A 30 -5.09 -7.92 -7.47
C PRO A 30 -4.30 -6.73 -6.91
N THR A 31 -4.75 -6.21 -5.78
CA THR A 31 -4.12 -5.07 -5.15
C THR A 31 -2.65 -5.36 -4.77
N VAL A 32 -2.42 -6.48 -4.10
CA VAL A 32 -1.07 -6.84 -3.68
C VAL A 32 -0.21 -7.24 -4.88
N ARG A 33 -0.87 -7.75 -5.91
CA ARG A 33 -0.20 -8.12 -7.15
C ARG A 33 0.48 -6.90 -7.80
N GLU A 34 -0.22 -5.76 -7.78
CA GLU A 34 0.34 -4.51 -8.33
C GLU A 34 1.62 -4.14 -7.58
N LEU A 35 1.63 -4.39 -6.25
CA LEU A 35 2.82 -4.12 -5.43
C LEU A 35 4.00 -4.90 -5.98
N LYS A 36 3.76 -6.14 -6.32
CA LYS A 36 4.81 -7.00 -6.82
C LYS A 36 5.31 -6.47 -8.15
N GLU A 37 4.39 -6.02 -8.98
CA GLU A 37 4.76 -5.47 -10.26
C GLU A 37 5.65 -4.23 -10.11
N THR A 38 5.15 -3.24 -9.39
CA THR A 38 5.89 -1.99 -9.16
C THR A 38 7.22 -2.24 -8.44
N LEU A 39 7.25 -2.98 -7.36
CA LEU A 39 8.54 -3.20 -6.69
C LEU A 39 9.46 -4.00 -7.60
N GLU A 40 8.95 -4.90 -8.40
CA GLU A 40 9.82 -5.60 -9.33
C GLU A 40 10.36 -4.64 -10.39
N ASN A 41 9.51 -3.71 -10.81
CA ASN A 41 9.82 -2.77 -11.88
C ASN A 41 10.62 -1.54 -11.43
N SER A 42 10.93 -1.53 -10.15
CA SER A 42 11.74 -0.49 -9.54
C SER A 42 13.09 -1.06 -9.13
N GLY A 43 13.35 -2.29 -9.57
CA GLY A 43 14.61 -2.95 -9.29
C GLY A 43 14.57 -3.85 -8.09
N VAL A 44 13.52 -3.78 -7.30
CA VAL A 44 13.43 -4.56 -6.08
C VAL A 44 13.09 -6.01 -6.35
N LYS A 45 13.77 -6.93 -5.73
CA LYS A 45 13.42 -8.30 -5.91
C LYS A 45 12.48 -8.72 -4.80
N VAL A 46 11.42 -9.36 -5.19
CA VAL A 46 10.43 -9.83 -4.28
C VAL A 46 10.54 -11.32 -4.16
N THR A 47 10.60 -11.77 -2.94
CA THR A 47 10.76 -13.16 -2.66
C THR A 47 9.72 -13.57 -1.62
N SER A 48 9.56 -14.85 -1.39
CA SER A 48 8.75 -15.29 -0.29
C SER A 48 9.59 -15.19 0.99
N ASN A 49 10.90 -15.34 0.83
CA ASN A 49 11.83 -15.51 1.94
C ASN A 49 12.46 -14.22 2.41
N ALA A 50 11.82 -13.09 2.18
CA ALA A 50 12.37 -11.82 2.61
C ALA A 50 12.34 -11.69 4.13
N PRO A 51 13.35 -11.01 4.71
CA PRO A 51 13.45 -10.81 6.17
C PRO A 51 12.32 -9.94 6.70
N TYR A 52 11.92 -8.96 5.92
CA TYR A 52 10.86 -8.06 6.33
C TYR A 52 9.62 -8.32 5.52
N HIS A 53 8.49 -8.34 6.19
CA HIS A 53 7.25 -8.71 5.55
C HIS A 53 6.24 -7.58 5.48
N LEU A 54 5.65 -7.42 4.31
CA LEU A 54 4.56 -6.49 4.08
C LEU A 54 3.35 -7.40 3.98
N VAL A 55 2.39 -7.15 4.88
CA VAL A 55 1.12 -7.85 4.84
C VAL A 55 -0.05 -6.84 4.84
N LEU A 56 -0.75 -6.75 3.73
CA LEU A 56 -1.92 -5.88 3.64
C LEU A 56 -3.09 -6.60 4.30
N VAL A 57 -3.45 -6.05 5.45
CA VAL A 57 -4.42 -6.62 6.37
C VAL A 57 -5.85 -6.51 5.89
N ARG A 58 -6.17 -5.39 5.27
CA ARG A 58 -7.52 -5.08 4.86
C ARG A 58 -7.52 -3.98 3.82
N GLU A 59 -8.54 -3.96 3.00
CA GLU A 59 -8.68 -2.96 1.97
C GLU A 59 -10.10 -2.44 2.00
N ASP A 60 -10.27 -1.20 2.42
CA ASP A 60 -11.58 -0.62 2.56
C ASP A 60 -11.78 0.41 1.49
N ASN A 61 -13.02 0.61 1.09
CA ASN A 61 -13.27 1.54 0.03
C ASN A 61 -14.67 2.14 0.05
N GLN A 62 -14.76 3.33 0.59
CA GLN A 62 -16.04 3.92 0.93
C GLN A 62 -16.70 4.71 -0.19
N GLN A 63 -17.99 4.46 -0.35
CA GLN A 63 -18.84 5.24 -1.23
C GLN A 63 -20.23 5.35 -0.57
N ARG A 64 -20.50 6.53 -0.04
CA ARG A 64 -21.75 6.80 0.65
C ARG A 64 -22.29 8.16 0.19
N THR A 65 -23.52 8.46 0.53
CA THR A 65 -24.17 9.63 0.03
C THR A 65 -23.92 10.91 0.82
N VAL A 66 -23.62 12.00 0.15
CA VAL A 66 -23.49 13.27 0.85
C VAL A 66 -24.82 14.02 0.86
N SER A 67 -25.68 13.69 -0.11
CA SER A 67 -26.98 14.32 -0.26
C SER A 67 -26.81 15.78 -0.74
N TYR A 68 -27.87 16.55 -0.66
CA TYR A 68 -27.82 17.94 -1.07
C TYR A 68 -28.42 18.84 -0.01
N THR A 69 -27.98 20.07 0.01
CA THR A 69 -28.44 21.01 0.99
C THR A 69 -29.25 22.14 0.35
N GLY A 70 -30.56 22.08 0.53
CA GLY A 70 -31.45 23.03 -0.09
C GLY A 70 -32.47 22.37 -0.97
N SER A 71 -32.61 22.83 -2.21
CA SER A 71 -33.57 22.26 -3.14
C SER A 71 -32.87 21.57 -4.32
N ALA A 72 -31.64 21.96 -4.58
CA ALA A 72 -30.89 21.40 -5.69
C ALA A 72 -29.84 20.41 -5.18
N ARG A 73 -29.51 19.44 -6.05
CA ARG A 73 -28.53 18.36 -5.77
C ARG A 73 -27.07 18.87 -5.57
N GLY A 74 -26.95 20.10 -5.06
CA GLY A 74 -25.66 20.78 -4.83
C GLY A 74 -24.42 19.89 -4.69
N ALA A 75 -24.35 19.13 -3.62
CA ALA A 75 -23.17 18.31 -3.34
C ALA A 75 -23.16 17.01 -4.14
N GLU A 76 -21.99 16.69 -4.68
CA GLU A 76 -21.80 15.44 -5.40
C GLU A 76 -21.24 14.37 -4.46
N PHE A 77 -21.11 13.15 -4.94
CA PHE A 77 -20.70 12.03 -4.09
C PHE A 77 -19.19 11.97 -4.02
N GLU A 78 -18.68 11.26 -3.02
CA GLU A 78 -17.25 11.18 -2.76
C GLU A 78 -16.78 9.75 -2.66
N LEU A 79 -15.49 9.56 -2.88
CA LEU A 79 -14.90 8.24 -2.91
C LEU A 79 -13.54 8.27 -2.21
N THR A 80 -13.37 7.37 -1.25
CA THR A 80 -12.12 7.26 -0.50
C THR A 80 -11.70 5.80 -0.47
N ASN A 81 -10.40 5.57 -0.53
CA ASN A 81 -9.85 4.22 -0.41
C ASN A 81 -8.93 4.07 0.79
N THR A 82 -8.92 2.95 1.44
CA THR A 82 -8.03 2.78 2.57
C THR A 82 -7.42 1.38 2.53
N ILE A 83 -6.10 1.34 2.42
CA ILE A 83 -5.37 0.08 2.41
C ILE A 83 -4.58 -0.05 3.69
N ASN A 84 -4.92 -1.05 4.48
CA ASN A 84 -4.27 -1.27 5.76
C ASN A 84 -3.17 -2.30 5.61
N TYR A 85 -2.01 -2.02 6.17
CA TYR A 85 -0.88 -2.92 6.06
C TYR A 85 -0.03 -2.89 7.31
N GLU A 86 0.76 -3.93 7.48
CA GLU A 86 1.59 -4.07 8.63
C GLU A 86 2.98 -4.53 8.21
N ILE A 87 3.98 -4.18 9.02
CA ILE A 87 5.36 -4.54 8.75
C ILE A 87 5.80 -5.55 9.78
N VAL A 88 6.00 -6.77 9.36
CA VAL A 88 6.35 -7.82 10.27
C VAL A 88 7.82 -8.22 10.16
N GLY A 89 8.55 -8.15 11.25
CA GLY A 89 9.97 -8.43 11.19
C GLY A 89 10.27 -9.88 11.45
N ALA A 90 10.97 -10.13 12.55
CA ALA A 90 11.32 -11.48 12.93
C ALA A 90 10.41 -11.95 14.03
N ASN A 91 10.29 -13.27 14.21
CA ASN A 91 9.47 -13.85 15.29
C ASN A 91 8.00 -13.49 15.11
N ASP A 92 7.63 -13.05 13.90
CA ASP A 92 6.25 -12.62 13.58
C ASP A 92 5.89 -11.36 14.37
N LEU A 93 6.91 -10.67 14.82
CA LEU A 93 6.76 -9.47 15.62
C LEU A 93 6.51 -8.25 14.71
N VAL A 94 5.54 -7.42 15.10
CA VAL A 94 5.19 -6.22 14.34
C VAL A 94 6.20 -5.10 14.57
N LEU A 95 6.77 -4.59 13.50
CA LEU A 95 7.76 -3.52 13.61
C LEU A 95 7.08 -2.14 13.59
N MET A 96 6.29 -1.92 12.54
CA MET A 96 5.49 -0.71 12.39
C MET A 96 4.22 -1.09 11.67
N SER A 97 3.20 -0.28 11.83
CA SER A 97 1.94 -0.45 11.12
C SER A 97 1.42 0.90 10.61
N ASN A 98 0.82 0.89 9.42
CA ASN A 98 0.30 2.10 8.78
C ASN A 98 -0.70 1.67 7.71
N GLN A 99 -1.38 2.65 7.17
CA GLN A 99 -2.32 2.50 6.10
C GLN A 99 -2.15 3.70 5.17
N VAL A 100 -2.44 3.49 3.90
CA VAL A 100 -2.42 4.57 2.92
C VAL A 100 -3.83 4.83 2.43
N GLN A 101 -4.09 6.05 1.99
CA GLN A 101 -5.43 6.40 1.56
C GLN A 101 -5.41 7.33 0.35
N VAL A 102 -6.45 7.24 -0.46
CA VAL A 102 -6.59 8.13 -1.61
C VAL A 102 -8.03 8.62 -1.67
N GLN A 103 -8.18 9.90 -1.95
CA GLN A 103 -9.51 10.52 -1.91
C GLN A 103 -9.91 11.20 -3.22
N LYS A 104 -10.84 10.63 -3.96
CA LYS A 104 -11.26 11.23 -5.22
C LYS A 104 -12.76 11.49 -5.23
N VAL A 105 -13.16 12.30 -6.19
CA VAL A 105 -14.55 12.71 -6.37
C VAL A 105 -14.95 12.47 -7.82
N TYR A 106 -16.22 12.31 -8.07
CA TYR A 106 -16.68 11.91 -9.40
C TYR A 106 -17.02 13.11 -10.26
N VAL A 107 -16.25 13.25 -11.34
CA VAL A 107 -16.48 14.27 -12.32
C VAL A 107 -17.71 13.88 -13.10
N HIS A 108 -18.68 14.74 -13.11
CA HIS A 108 -19.95 14.41 -13.70
C HIS A 108 -20.38 15.47 -14.68
N ASP A 109 -20.90 15.02 -15.80
CA ASP A 109 -21.47 15.92 -16.76
C ASP A 109 -22.97 15.90 -16.61
N GLU A 110 -23.61 17.04 -16.79
CA GLU A 110 -25.05 17.15 -16.59
C GLU A 110 -25.83 16.28 -17.59
N ASN A 111 -25.27 16.08 -18.78
CA ASN A 111 -25.93 15.25 -19.79
C ASN A 111 -25.77 13.79 -19.40
N ASN A 112 -24.85 13.54 -18.49
CA ASN A 112 -24.57 12.22 -18.00
C ASN A 112 -25.05 12.09 -16.56
N LEU A 113 -26.17 12.74 -16.26
CA LEU A 113 -26.76 12.72 -14.92
C LEU A 113 -26.89 11.29 -14.39
N ILE A 114 -27.28 10.37 -15.26
CA ILE A 114 -27.41 8.97 -14.90
C ILE A 114 -26.19 8.20 -15.37
N GLY A 115 -25.65 8.63 -16.51
CA GLY A 115 -24.49 7.98 -17.08
C GLY A 115 -23.27 8.02 -16.18
N SER A 116 -23.08 9.14 -15.50
CA SER A 116 -21.93 9.32 -14.61
C SER A 116 -21.97 8.29 -13.48
N ASP A 117 -23.17 7.88 -13.06
CA ASP A 117 -23.33 6.88 -12.00
C ASP A 117 -22.78 5.54 -12.46
N GLN A 118 -22.84 5.34 -13.76
CA GLN A 118 -22.37 4.12 -14.39
C GLN A 118 -20.89 4.25 -14.69
N GLU A 119 -20.46 5.49 -14.82
CA GLU A 119 -19.09 5.81 -15.18
C GLU A 119 -18.19 5.71 -13.98
N ALA A 120 -18.78 5.88 -12.79
CA ALA A 120 -18.05 5.85 -11.53
C ALA A 120 -17.20 4.60 -11.39
N ALA A 121 -17.61 3.52 -12.06
CA ALA A 121 -16.84 2.30 -12.09
C ALA A 121 -15.43 2.53 -12.67
N GLN A 122 -15.33 3.51 -13.57
CA GLN A 122 -14.07 3.85 -14.19
C GLN A 122 -13.13 4.52 -13.19
N LEU A 123 -13.70 5.27 -12.24
CA LEU A 123 -12.87 5.84 -11.17
C LEU A 123 -12.40 4.69 -10.31
N ARG A 124 -13.24 3.71 -9.98
CA ARG A 124 -12.75 2.63 -9.13
C ARG A 124 -11.64 1.85 -9.85
N SER A 125 -11.77 1.81 -11.17
CA SER A 125 -10.78 1.19 -12.03
C SER A 125 -9.43 1.94 -11.91
N GLU A 126 -9.51 3.26 -12.10
CA GLU A 126 -8.37 4.18 -12.06
C GLU A 126 -7.69 4.17 -10.70
N MET A 127 -8.49 3.99 -9.64
CA MET A 127 -7.99 3.92 -8.26
C MET A 127 -6.85 2.91 -8.14
N ARG A 128 -6.81 1.96 -9.05
CA ARG A 128 -5.81 0.92 -9.06
C ARG A 128 -4.38 1.42 -9.14
N ARG A 129 -4.25 2.61 -9.78
CA ARG A 129 -2.99 3.30 -9.91
C ARG A 129 -2.66 3.96 -8.58
N ASP A 130 -3.70 4.64 -8.04
CA ASP A 130 -3.57 5.57 -6.90
C ASP A 130 -2.91 4.91 -5.73
N LEU A 131 -3.56 3.82 -5.35
CA LEU A 131 -3.18 3.03 -4.20
C LEU A 131 -1.73 2.64 -4.26
N ILE A 132 -1.32 2.09 -5.37
CA ILE A 132 0.02 1.57 -5.53
C ILE A 132 1.08 2.66 -5.59
N GLN A 133 0.81 3.72 -6.31
CA GLN A 133 1.76 4.81 -6.43
C GLN A 133 2.13 5.35 -5.06
N GLN A 134 1.12 5.64 -4.26
CA GLN A 134 1.32 6.13 -2.90
C GLN A 134 1.82 5.02 -1.97
N LEU A 135 1.32 3.81 -2.14
CA LEU A 135 1.63 2.70 -1.24
C LEU A 135 3.08 2.22 -1.32
N SER A 136 3.49 1.94 -2.57
CA SER A 136 4.83 1.46 -2.90
C SER A 136 5.94 2.30 -2.26
N MET A 137 5.65 3.61 -2.19
CA MET A 137 6.56 4.61 -1.68
C MET A 137 6.98 4.33 -0.24
N ARG A 138 6.12 3.72 0.52
CA ARG A 138 6.46 3.42 1.89
C ARG A 138 7.49 2.30 2.00
N LEU A 139 7.41 1.28 1.12
CA LEU A 139 8.41 0.21 1.11
C LEU A 139 9.79 0.78 0.79
N GLN A 140 9.90 1.54 -0.29
CA GLN A 140 11.19 2.09 -0.73
C GLN A 140 11.91 2.87 0.38
N ALA A 141 11.15 3.42 1.31
CA ALA A 141 11.72 4.21 2.40
C ALA A 141 11.75 3.42 3.70
N LEU A 142 11.71 2.10 3.62
CA LEU A 142 11.90 1.30 4.82
C LEU A 142 13.38 1.28 5.17
N THR A 143 13.76 2.15 6.08
CA THR A 143 15.13 2.22 6.51
C THR A 143 15.45 1.05 7.41
N PRO A 144 16.51 0.27 7.09
CA PRO A 144 16.92 -0.88 7.89
C PRO A 144 17.07 -0.52 9.35
N ALA A 145 17.68 0.64 9.62
CA ALA A 145 17.91 1.11 10.98
C ALA A 145 16.61 1.21 11.76
N GLN A 146 15.57 1.75 11.12
CA GLN A 146 14.28 1.93 11.78
C GLN A 146 13.61 0.59 12.05
N LEU A 147 13.74 -0.33 11.11
CA LEU A 147 13.15 -1.66 11.26
C LEU A 147 13.86 -2.46 12.35
N ASP A 148 15.18 -2.41 12.33
CA ASP A 148 16.01 -3.07 13.34
C ASP A 148 15.68 -2.53 14.72
N GLU A 149 15.63 -1.23 14.87
CA GLU A 149 15.36 -0.66 16.17
C GLU A 149 13.94 -0.97 16.62
N ALA A 150 12.98 -0.97 15.68
CA ALA A 150 11.60 -1.29 15.99
C ALA A 150 11.48 -2.71 16.52
N GLN A 151 12.26 -3.63 15.96
CA GLN A 151 12.35 -4.98 16.51
C GLN A 151 12.89 -4.86 17.92
N ARG A 152 14.06 -4.25 18.07
CA ARG A 152 14.73 -4.24 19.37
C ARG A 152 13.83 -3.73 20.48
N GLN A 153 13.28 -2.55 20.28
CA GLN A 153 12.44 -1.91 21.27
C GLN A 153 11.19 -2.75 21.61
N ALA A 154 10.67 -3.45 20.61
CA ALA A 154 9.50 -4.28 20.79
C ALA A 154 9.79 -5.48 21.67
N GLU A 155 10.93 -6.15 21.45
CA GLU A 155 11.29 -7.29 22.28
C GLU A 155 11.74 -6.82 23.65
N ALA A 156 12.38 -5.67 23.69
CA ALA A 156 12.82 -5.08 24.95
C ALA A 156 11.62 -4.77 25.83
N LYS A 157 10.59 -4.20 25.22
CA LYS A 157 9.36 -3.87 25.92
C LYS A 157 8.68 -5.14 26.42
N ALA A 158 8.62 -6.15 25.54
CA ALA A 158 8.01 -7.43 25.88
C ALA A 158 8.72 -8.07 27.06
N LYS A 159 10.03 -7.95 27.06
CA LYS A 159 10.84 -8.49 28.13
C LYS A 159 10.59 -7.71 29.41
N ALA A 160 10.53 -6.39 29.29
CA ALA A 160 10.27 -5.52 30.44
C ALA A 160 8.97 -5.89 31.12
N GLU A 161 7.95 -6.17 30.31
CA GLU A 161 6.65 -6.58 30.83
C GLU A 161 6.77 -7.87 31.63
N ALA A 162 7.63 -8.76 31.16
CA ALA A 162 7.86 -10.04 31.83
C ALA A 162 8.66 -9.84 33.12
N GLU A 163 9.67 -8.97 33.06
CA GLU A 163 10.49 -8.65 34.22
C GLU A 163 9.66 -7.97 35.29
N ALA A 164 8.63 -7.27 34.87
CA ALA A 164 7.72 -6.60 35.79
C ALA A 164 6.89 -7.61 36.57
N LEU A 165 6.84 -8.84 36.08
CA LEU A 165 6.09 -9.91 36.72
C LEU A 165 6.90 -10.53 37.86
N ARG A 166 6.23 -11.27 38.72
CA ARG A 166 6.87 -11.90 39.86
C ARG A 166 7.20 -13.34 39.53
N GLY A 1 18.65 -18.79 -32.13
CA GLY A 1 18.85 -17.47 -32.75
C GLY A 1 19.01 -16.38 -31.72
N THR A 2 18.25 -15.31 -31.88
CA THR A 2 18.29 -14.21 -30.94
C THR A 2 17.34 -14.46 -29.78
N SER A 3 17.80 -14.20 -28.57
CA SER A 3 16.99 -14.39 -27.39
C SER A 3 16.91 -13.10 -26.58
N GLY A 4 16.03 -13.07 -25.60
CA GLY A 4 15.89 -11.89 -24.76
C GLY A 4 16.89 -11.86 -23.64
N PHE A 5 17.43 -10.68 -23.36
CA PHE A 5 18.41 -10.52 -22.31
C PHE A 5 18.01 -9.39 -21.37
N GLN A 6 18.87 -9.06 -20.44
CA GLN A 6 18.60 -8.00 -19.49
C GLN A 6 18.93 -6.65 -20.10
N LEU A 7 18.31 -5.61 -19.57
CA LEU A 7 18.51 -4.27 -20.08
C LEU A 7 19.88 -3.71 -19.74
N ARG A 8 20.29 -2.72 -20.52
CA ARG A 8 21.55 -2.07 -20.34
C ARG A 8 21.35 -0.58 -20.10
N GLY A 9 22.42 0.18 -20.13
CA GLY A 9 22.33 1.60 -19.96
C GLY A 9 22.38 2.00 -18.51
N LEU A 10 21.59 1.35 -17.70
CA LEU A 10 21.54 1.63 -16.27
C LEU A 10 21.95 0.44 -15.47
N GLY A 11 21.90 0.59 -14.18
CA GLY A 11 22.23 -0.50 -13.31
C GLY A 11 22.96 -0.06 -12.06
N ASP A 12 23.66 1.06 -12.15
CA ASP A 12 24.42 1.58 -11.00
C ASP A 12 23.50 2.31 -10.03
N ALA A 13 22.80 1.53 -9.24
CA ALA A 13 21.88 2.04 -8.24
C ALA A 13 21.56 0.94 -7.25
N GLN A 14 21.50 1.28 -5.98
CA GLN A 14 21.25 0.30 -4.95
C GLN A 14 20.18 0.76 -4.00
N PHE A 15 19.29 -0.14 -3.67
CA PHE A 15 18.22 0.17 -2.77
C PHE A 15 18.53 -0.40 -1.38
N ALA A 16 17.77 0.05 -0.39
CA ALA A 16 17.95 -0.41 0.96
C ALA A 16 17.57 -1.88 1.08
N LEU A 17 16.30 -2.16 0.89
CA LEU A 17 15.82 -3.53 0.96
C LEU A 17 15.77 -4.19 -0.38
N LYS A 18 16.78 -4.96 -0.68
CA LYS A 18 16.86 -5.62 -1.97
C LYS A 18 15.91 -6.81 -2.06
N GLU A 19 15.43 -7.28 -0.91
CA GLU A 19 14.49 -8.37 -0.86
C GLU A 19 13.52 -8.18 0.28
N ILE A 20 12.27 -8.46 -0.01
CA ILE A 20 11.19 -8.29 0.93
C ILE A 20 10.06 -9.27 0.59
N ASP A 21 9.38 -9.78 1.61
CA ASP A 21 8.28 -10.70 1.42
C ASP A 21 7.02 -9.90 1.25
N VAL A 22 6.33 -10.04 0.14
CA VAL A 22 5.19 -9.19 -0.10
C VAL A 22 3.90 -9.94 -0.35
N SER A 23 2.94 -9.75 0.52
CA SER A 23 1.74 -10.55 0.48
C SER A 23 0.58 -9.85 1.17
N ALA A 24 -0.57 -10.47 1.10
CA ALA A 24 -1.77 -9.97 1.72
C ALA A 24 -2.29 -10.95 2.76
N ARG A 25 -3.19 -10.49 3.61
CA ARG A 25 -3.84 -11.33 4.60
C ARG A 25 -5.04 -12.02 3.98
N ASN A 26 -5.74 -12.84 4.78
CA ASN A 26 -6.92 -13.59 4.32
C ASN A 26 -7.89 -12.68 3.55
N ALA A 27 -8.09 -11.48 4.06
CA ALA A 27 -8.93 -10.50 3.40
C ALA A 27 -8.08 -9.61 2.51
N TYR A 28 -8.21 -9.80 1.19
CA TYR A 28 -7.43 -9.02 0.25
C TYR A 28 -8.19 -8.79 -1.05
N GLY A 29 -7.86 -7.70 -1.71
CA GLY A 29 -8.47 -7.39 -2.98
C GLY A 29 -7.50 -7.58 -4.14
N PRO A 30 -7.91 -7.24 -5.37
CA PRO A 30 -7.08 -7.42 -6.57
C PRO A 30 -6.01 -6.34 -6.73
N THR A 31 -5.82 -5.53 -5.70
CA THR A 31 -4.86 -4.44 -5.76
C THR A 31 -3.50 -4.88 -5.21
N VAL A 32 -3.48 -6.01 -4.51
CA VAL A 32 -2.25 -6.51 -3.88
C VAL A 32 -1.23 -6.97 -4.92
N ARG A 33 -1.73 -7.45 -6.05
CA ARG A 33 -0.87 -7.88 -7.15
C ARG A 33 -0.02 -6.75 -7.71
N GLU A 34 -0.66 -5.61 -7.97
CA GLU A 34 0.03 -4.45 -8.56
C GLU A 34 1.22 -4.01 -7.71
N LEU A 35 1.13 -4.19 -6.38
CA LEU A 35 2.25 -3.84 -5.49
C LEU A 35 3.53 -4.55 -5.95
N LYS A 36 3.57 -5.87 -5.78
CA LYS A 36 4.74 -6.69 -6.13
C LYS A 36 5.22 -6.39 -7.53
N GLU A 37 4.31 -6.16 -8.47
CA GLU A 37 4.70 -5.83 -9.82
C GLU A 37 5.59 -4.59 -9.81
N THR A 38 5.07 -3.51 -9.26
CA THR A 38 5.81 -2.25 -9.16
C THR A 38 7.15 -2.48 -8.45
N LEU A 39 7.15 -3.20 -7.34
CA LEU A 39 8.42 -3.44 -6.62
C LEU A 39 9.38 -4.22 -7.51
N GLU A 40 8.89 -5.21 -8.21
CA GLU A 40 9.74 -6.01 -9.07
C GLU A 40 10.35 -5.16 -10.19
N ASN A 41 9.56 -4.28 -10.76
CA ASN A 41 10.02 -3.43 -11.88
C ASN A 41 10.77 -2.19 -11.43
N SER A 42 10.99 -2.09 -10.12
CA SER A 42 11.71 -0.97 -9.55
C SER A 42 13.08 -1.42 -9.00
N GLY A 43 13.47 -2.64 -9.35
CA GLY A 43 14.74 -3.18 -8.87
C GLY A 43 14.60 -3.85 -7.51
N VAL A 44 13.45 -4.39 -7.19
CA VAL A 44 13.28 -5.07 -5.92
C VAL A 44 12.97 -6.52 -6.14
N LYS A 45 13.59 -7.40 -5.37
CA LYS A 45 13.32 -8.80 -5.51
C LYS A 45 12.42 -9.23 -4.35
N VAL A 46 11.37 -9.94 -4.69
CA VAL A 46 10.43 -10.40 -3.71
C VAL A 46 10.55 -11.90 -3.58
N THR A 47 10.80 -12.32 -2.36
CA THR A 47 10.97 -13.70 -2.04
C THR A 47 9.94 -14.07 -0.98
N SER A 48 9.78 -15.33 -0.67
CA SER A 48 8.93 -15.73 0.41
C SER A 48 9.66 -15.57 1.74
N ASN A 49 10.99 -15.70 1.69
CA ASN A 49 11.81 -15.80 2.91
C ASN A 49 12.62 -14.53 3.20
N ALA A 50 12.10 -13.40 2.83
CA ALA A 50 12.80 -12.15 3.08
C ALA A 50 12.79 -11.81 4.57
N PRO A 51 13.79 -11.05 5.05
CA PRO A 51 13.91 -10.69 6.47
C PRO A 51 12.77 -9.79 6.94
N TYR A 52 12.27 -8.94 6.05
CA TYR A 52 11.20 -8.03 6.39
C TYR A 52 9.98 -8.33 5.56
N HIS A 53 8.83 -8.30 6.20
CA HIS A 53 7.60 -8.67 5.54
C HIS A 53 6.62 -7.51 5.41
N LEU A 54 6.08 -7.36 4.21
CA LEU A 54 4.98 -6.46 3.94
C LEU A 54 3.81 -7.38 3.81
N VAL A 55 2.85 -7.19 4.68
CA VAL A 55 1.62 -7.92 4.65
C VAL A 55 0.42 -6.95 4.63
N LEU A 56 -0.25 -6.88 3.51
CA LEU A 56 -1.45 -6.04 3.40
C LEU A 56 -2.59 -6.78 4.05
N VAL A 57 -3.01 -6.21 5.18
CA VAL A 57 -3.94 -6.82 6.10
C VAL A 57 -5.39 -6.75 5.63
N ARG A 58 -5.82 -5.58 5.15
CA ARG A 58 -7.23 -5.34 4.83
C ARG A 58 -7.39 -4.13 3.93
N GLU A 59 -8.55 -3.92 3.35
CA GLU A 59 -8.76 -2.70 2.58
C GLU A 59 -10.22 -2.28 2.53
N ASP A 60 -10.47 -1.02 2.83
CA ASP A 60 -11.83 -0.49 2.89
C ASP A 60 -12.15 0.20 1.61
N ASN A 61 -13.41 0.21 1.23
CA ASN A 61 -13.75 0.82 -0.02
C ASN A 61 -15.08 1.57 0.02
N GLN A 62 -14.99 2.84 0.38
CA GLN A 62 -16.16 3.62 0.77
C GLN A 62 -16.87 4.27 -0.38
N GLN A 63 -18.14 3.92 -0.48
CA GLN A 63 -19.04 4.52 -1.43
C GLN A 63 -20.30 4.87 -0.68
N ARG A 64 -20.44 6.16 -0.38
CA ARG A 64 -21.59 6.68 0.35
C ARG A 64 -21.99 8.02 -0.21
N THR A 65 -23.19 8.45 0.10
CA THR A 65 -23.74 9.63 -0.51
C THR A 65 -23.43 10.92 0.25
N VAL A 66 -23.11 11.97 -0.46
CA VAL A 66 -22.92 13.27 0.17
C VAL A 66 -24.22 14.08 0.16
N SER A 67 -25.08 13.76 -0.81
CA SER A 67 -26.37 14.42 -0.96
C SER A 67 -26.18 15.87 -1.47
N TYR A 68 -27.25 16.63 -1.47
CA TYR A 68 -27.21 18.01 -1.92
C TYR A 68 -28.02 18.88 -0.98
N THR A 69 -27.52 20.06 -0.71
CA THR A 69 -28.20 20.99 0.16
C THR A 69 -28.74 22.16 -0.65
N GLY A 70 -29.96 22.59 -0.34
CA GLY A 70 -30.60 23.69 -1.05
C GLY A 70 -29.77 24.98 -1.08
N SER A 71 -28.85 25.12 -0.14
CA SER A 71 -27.99 26.30 -0.10
C SER A 71 -26.96 26.25 -1.23
N ALA A 72 -26.83 25.10 -1.87
CA ALA A 72 -25.91 24.92 -2.98
C ALA A 72 -26.65 24.44 -4.21
N ARG A 73 -25.90 24.14 -5.26
CA ARG A 73 -26.49 23.70 -6.52
C ARG A 73 -26.29 22.20 -6.73
N GLY A 74 -25.72 21.55 -5.72
CA GLY A 74 -25.49 20.13 -5.79
C GLY A 74 -24.08 19.78 -5.40
N ALA A 75 -23.94 18.68 -4.68
CA ALA A 75 -22.64 18.23 -4.26
C ALA A 75 -22.31 16.89 -4.90
N GLU A 76 -21.17 16.83 -5.56
CA GLU A 76 -20.71 15.61 -6.19
C GLU A 76 -20.37 14.56 -5.13
N PHE A 77 -20.34 13.30 -5.52
CA PHE A 77 -20.05 12.23 -4.58
C PHE A 77 -18.56 12.14 -4.50
N GLU A 78 -18.12 11.57 -3.40
CA GLU A 78 -16.71 11.44 -3.10
C GLU A 78 -16.44 10.08 -2.50
N LEU A 79 -15.40 9.44 -2.97
CA LEU A 79 -15.05 8.11 -2.50
C LEU A 79 -13.70 8.15 -1.80
N THR A 80 -13.54 7.27 -0.83
CA THR A 80 -12.33 7.14 -0.05
C THR A 80 -11.90 5.67 0.00
N ASN A 81 -10.62 5.43 -0.23
CA ASN A 81 -10.08 4.08 -0.23
C ASN A 81 -9.05 3.92 0.87
N THR A 82 -9.03 2.82 1.58
CA THR A 82 -8.07 2.68 2.66
C THR A 82 -7.47 1.27 2.66
N ILE A 83 -6.15 1.20 2.57
CA ILE A 83 -5.45 -0.08 2.56
C ILE A 83 -4.57 -0.21 3.78
N ASN A 84 -4.79 -1.25 4.56
CA ASN A 84 -4.05 -1.44 5.79
C ASN A 84 -2.89 -2.41 5.60
N TYR A 85 -1.72 -2.03 6.03
CA TYR A 85 -0.56 -2.88 5.85
C TYR A 85 0.31 -2.83 7.06
N GLU A 86 1.00 -3.92 7.26
CA GLU A 86 1.79 -4.12 8.43
C GLU A 86 3.17 -4.59 8.03
N ILE A 87 4.15 -4.23 8.83
CA ILE A 87 5.53 -4.60 8.58
C ILE A 87 5.93 -5.59 9.62
N VAL A 88 6.06 -6.82 9.24
CA VAL A 88 6.37 -7.86 10.17
C VAL A 88 7.84 -8.24 10.12
N GLY A 89 8.47 -8.35 11.27
CA GLY A 89 9.86 -8.71 11.31
C GLY A 89 9.99 -10.13 11.76
N ALA A 90 11.18 -10.48 12.18
CA ALA A 90 11.46 -11.78 12.78
C ALA A 90 10.49 -12.08 13.93
N ASN A 91 10.33 -13.37 14.25
CA ASN A 91 9.42 -13.81 15.33
C ASN A 91 7.97 -13.46 15.04
N ASP A 92 7.69 -13.05 13.79
CA ASP A 92 6.33 -12.61 13.37
C ASP A 92 5.93 -11.37 14.15
N LEU A 93 6.91 -10.67 14.67
CA LEU A 93 6.68 -9.49 15.48
C LEU A 93 6.38 -8.30 14.58
N VAL A 94 5.40 -7.50 14.97
CA VAL A 94 5.00 -6.32 14.21
C VAL A 94 6.01 -5.18 14.42
N LEU A 95 6.65 -4.77 13.34
CA LEU A 95 7.68 -3.74 13.41
C LEU A 95 7.07 -2.35 13.30
N MET A 96 6.33 -2.19 12.21
CA MET A 96 5.64 -0.96 11.89
C MET A 96 4.27 -1.31 11.31
N SER A 97 3.29 -0.46 11.58
CA SER A 97 1.98 -0.62 11.00
C SER A 97 1.45 0.73 10.49
N ASN A 98 0.85 0.71 9.32
CA ASN A 98 0.30 1.91 8.70
C ASN A 98 -0.78 1.48 7.72
N GLN A 99 -1.47 2.48 7.22
CA GLN A 99 -2.47 2.36 6.19
C GLN A 99 -2.33 3.57 5.28
N VAL A 100 -2.57 3.34 4.00
CA VAL A 100 -2.54 4.40 3.00
C VAL A 100 -3.94 4.62 2.47
N GLN A 101 -4.20 5.81 1.98
CA GLN A 101 -5.53 6.13 1.51
C GLN A 101 -5.50 7.03 0.26
N VAL A 102 -6.55 6.98 -0.51
CA VAL A 102 -6.69 7.86 -1.67
C VAL A 102 -8.14 8.34 -1.74
N GLN A 103 -8.32 9.64 -1.96
CA GLN A 103 -9.65 10.22 -1.97
C GLN A 103 -10.03 10.93 -3.29
N LYS A 104 -10.91 10.34 -4.07
CA LYS A 104 -11.29 10.94 -5.35
C LYS A 104 -12.78 11.26 -5.34
N VAL A 105 -13.10 12.39 -5.96
CA VAL A 105 -14.46 12.89 -6.09
C VAL A 105 -14.97 12.62 -7.51
N TYR A 106 -16.22 12.24 -7.64
CA TYR A 106 -16.78 11.86 -8.93
C TYR A 106 -17.78 12.89 -9.43
N VAL A 107 -17.65 13.26 -10.69
CA VAL A 107 -18.54 14.24 -11.32
C VAL A 107 -19.91 13.63 -11.58
N HIS A 108 -20.96 14.34 -11.22
CA HIS A 108 -22.31 13.84 -11.39
C HIS A 108 -23.20 14.90 -12.03
N ASP A 109 -23.63 14.64 -13.25
CA ASP A 109 -24.52 15.54 -13.95
C ASP A 109 -25.95 15.03 -13.83
N GLU A 110 -26.91 15.93 -13.89
CA GLU A 110 -28.32 15.57 -13.78
C GLU A 110 -28.76 14.70 -14.95
N ASN A 111 -28.27 15.02 -16.14
CA ASN A 111 -28.62 14.26 -17.34
C ASN A 111 -27.94 12.93 -17.31
N ASN A 112 -26.78 12.90 -16.68
CA ASN A 112 -26.00 11.68 -16.56
C ASN A 112 -26.28 11.02 -15.23
N LEU A 113 -27.54 11.05 -14.81
CA LEU A 113 -27.94 10.41 -13.56
C LEU A 113 -27.51 8.94 -13.55
N ILE A 114 -27.64 8.29 -14.70
CA ILE A 114 -27.24 6.91 -14.84
C ILE A 114 -25.80 6.82 -15.34
N GLY A 115 -25.48 7.69 -16.31
CA GLY A 115 -24.14 7.72 -16.88
C GLY A 115 -23.06 7.99 -15.86
N SER A 116 -23.40 8.74 -14.83
CA SER A 116 -22.49 9.07 -13.76
C SER A 116 -22.04 7.79 -13.03
N ASP A 117 -22.97 6.85 -12.86
CA ASP A 117 -22.67 5.57 -12.22
C ASP A 117 -21.84 4.71 -13.17
N GLN A 118 -22.06 4.92 -14.46
CA GLN A 118 -21.33 4.18 -15.49
C GLN A 118 -19.90 4.70 -15.59
N GLU A 119 -19.72 5.99 -15.30
CA GLU A 119 -18.42 6.62 -15.38
C GLU A 119 -17.62 6.32 -14.14
N ALA A 120 -18.35 6.19 -13.04
CA ALA A 120 -17.77 5.99 -11.72
C ALA A 120 -16.81 4.83 -11.67
N ALA A 121 -17.13 3.78 -12.41
CA ALA A 121 -16.31 2.59 -12.51
C ALA A 121 -14.91 2.90 -13.05
N GLN A 122 -14.82 3.88 -13.95
CA GLN A 122 -13.53 4.26 -14.53
C GLN A 122 -12.66 4.98 -13.52
N LEU A 123 -13.27 5.78 -12.68
CA LEU A 123 -12.56 6.44 -11.59
C LEU A 123 -12.27 5.38 -10.55
N ARG A 124 -13.13 4.38 -10.32
CA ARG A 124 -12.75 3.36 -9.35
C ARG A 124 -11.60 2.55 -9.91
N SER A 125 -11.64 2.31 -11.21
CA SER A 125 -10.56 1.66 -11.91
C SER A 125 -9.26 2.41 -11.72
N GLU A 126 -9.34 3.73 -11.86
CA GLU A 126 -8.20 4.63 -11.79
C GLU A 126 -7.57 4.66 -10.38
N MET A 127 -8.40 4.40 -9.36
CA MET A 127 -7.93 4.34 -7.95
C MET A 127 -6.67 3.47 -7.81
N ARG A 128 -6.56 2.48 -8.68
CA ARG A 128 -5.48 1.53 -8.63
C ARG A 128 -4.14 2.10 -9.11
N ARG A 129 -4.18 3.13 -9.98
CA ARG A 129 -2.97 3.85 -10.34
C ARG A 129 -2.46 4.53 -9.09
N ASP A 130 -3.40 5.25 -8.45
CA ASP A 130 -3.09 6.19 -7.38
C ASP A 130 -2.45 5.54 -6.21
N LEU A 131 -3.19 4.61 -5.67
CA LEU A 131 -2.86 3.91 -4.47
C LEU A 131 -1.50 3.24 -4.54
N ILE A 132 -1.22 2.56 -5.63
CA ILE A 132 0.06 1.85 -5.77
C ILE A 132 1.24 2.82 -5.71
N GLN A 133 1.13 3.92 -6.44
CA GLN A 133 2.19 4.93 -6.46
C GLN A 133 2.40 5.49 -5.06
N GLN A 134 1.31 5.85 -4.42
CA GLN A 134 1.35 6.42 -3.07
C GLN A 134 1.77 5.37 -2.06
N LEU A 135 1.43 4.12 -2.30
CA LEU A 135 1.74 3.08 -1.36
C LEU A 135 3.20 2.68 -1.37
N SER A 136 3.71 2.55 -2.63
CA SER A 136 5.10 2.26 -2.93
C SER A 136 6.02 3.21 -2.15
N MET A 137 5.62 4.50 -2.20
CA MET A 137 6.31 5.64 -1.61
C MET A 137 6.70 5.41 -0.16
N ARG A 138 5.84 4.75 0.56
CA ARG A 138 6.13 4.48 1.96
C ARG A 138 7.25 3.45 2.07
N LEU A 139 7.20 2.41 1.25
CA LEU A 139 8.25 1.37 1.29
C LEU A 139 9.62 1.97 1.03
N GLN A 140 9.74 2.76 -0.04
CA GLN A 140 11.02 3.38 -0.40
C GLN A 140 11.61 4.21 0.75
N ALA A 141 10.74 4.76 1.59
CA ALA A 141 11.15 5.61 2.69
C ALA A 141 11.18 4.82 4.00
N LEU A 142 11.29 3.52 3.91
CA LEU A 142 11.59 2.72 5.07
C LEU A 142 13.02 2.24 4.93
N THR A 143 13.76 2.27 6.03
CA THR A 143 15.14 1.87 6.02
C THR A 143 15.34 0.66 6.90
N PRO A 144 16.43 -0.10 6.68
CA PRO A 144 16.75 -1.27 7.49
C PRO A 144 16.83 -0.90 8.97
N ALA A 145 17.36 0.29 9.25
CA ALA A 145 17.50 0.78 10.60
C ALA A 145 16.14 0.94 11.27
N GLN A 146 15.22 1.64 10.59
CA GLN A 146 13.86 1.87 11.10
C GLN A 146 13.16 0.56 11.43
N LEU A 147 13.34 -0.42 10.57
CA LEU A 147 12.71 -1.70 10.76
C LEU A 147 13.38 -2.51 11.87
N ASP A 148 14.70 -2.49 11.89
CA ASP A 148 15.47 -3.20 12.91
C ASP A 148 15.22 -2.63 14.28
N GLU A 149 15.21 -1.31 14.38
CA GLU A 149 14.98 -0.65 15.64
C GLU A 149 13.58 -0.94 16.16
N ALA A 150 12.60 -1.01 15.24
CA ALA A 150 11.23 -1.31 15.59
C ALA A 150 11.11 -2.71 16.14
N GLN A 151 11.88 -3.65 15.58
CA GLN A 151 11.96 -4.98 16.16
C GLN A 151 12.54 -4.84 17.54
N ARG A 152 13.72 -4.25 17.66
CA ARG A 152 14.44 -4.25 18.91
C ARG A 152 13.63 -3.74 20.10
N GLN A 153 13.08 -2.54 19.93
CA GLN A 153 12.28 -1.92 20.98
C GLN A 153 11.05 -2.75 21.33
N ALA A 154 10.52 -3.46 20.34
CA ALA A 154 9.37 -4.31 20.55
C ALA A 154 9.78 -5.54 21.36
N GLU A 155 10.98 -6.07 21.08
CA GLU A 155 11.51 -7.22 21.81
C GLU A 155 11.64 -6.86 23.29
N ALA A 156 12.18 -5.68 23.55
CA ALA A 156 12.35 -5.19 24.90
C ALA A 156 11.00 -4.93 25.56
N LYS A 157 10.08 -4.33 24.81
CA LYS A 157 8.75 -4.04 25.31
C LYS A 157 8.00 -5.34 25.65
N ALA A 158 8.22 -6.36 24.83
CA ALA A 158 7.60 -7.67 25.05
C ALA A 158 8.05 -8.24 26.38
N LYS A 159 9.31 -8.01 26.72
CA LYS A 159 9.86 -8.45 27.99
C LYS A 159 9.29 -7.60 29.13
N ALA A 160 9.15 -6.30 28.88
CA ALA A 160 8.59 -5.38 29.86
C ALA A 160 7.17 -5.77 30.22
N GLU A 161 6.42 -6.26 29.23
CA GLU A 161 5.06 -6.73 29.45
C GLU A 161 5.05 -7.88 30.44
N ALA A 162 6.09 -8.69 30.41
CA ALA A 162 6.22 -9.82 31.30
C ALA A 162 6.60 -9.36 32.70
N GLU A 163 7.59 -8.48 32.77
CA GLU A 163 8.10 -7.98 34.05
C GLU A 163 7.05 -7.10 34.74
N ALA A 164 6.14 -6.57 33.96
CA ALA A 164 5.06 -5.72 34.46
C ALA A 164 4.07 -6.53 35.31
N LEU A 165 4.15 -7.84 35.19
CA LEU A 165 3.27 -8.73 35.95
C LEU A 165 3.72 -8.86 37.39
N ARG A 166 3.05 -9.73 38.12
CA ARG A 166 3.33 -9.96 39.51
C ARG A 166 4.02 -11.31 39.73
N GLY A 1 0.83 -14.85 -34.92
CA GLY A 1 1.66 -13.68 -34.62
C GLY A 1 2.71 -13.97 -33.56
N THR A 2 3.37 -12.95 -33.09
CA THR A 2 4.39 -13.10 -32.08
C THR A 2 4.49 -11.83 -31.22
N SER A 3 4.59 -12.00 -29.92
CA SER A 3 4.70 -10.87 -29.02
C SER A 3 5.66 -11.14 -27.87
N GLY A 4 6.85 -10.58 -27.97
CA GLY A 4 7.84 -10.74 -26.93
C GLY A 4 8.41 -9.40 -26.53
N PHE A 5 8.35 -9.09 -25.25
CA PHE A 5 8.82 -7.80 -24.77
C PHE A 5 9.38 -7.89 -23.37
N GLN A 6 9.86 -6.77 -22.87
CA GLN A 6 10.40 -6.70 -21.54
C GLN A 6 9.60 -5.71 -20.70
N LEU A 7 9.96 -5.59 -19.43
CA LEU A 7 9.32 -4.65 -18.54
C LEU A 7 9.70 -3.22 -18.93
N ARG A 8 9.00 -2.25 -18.38
CA ARG A 8 9.26 -0.86 -18.74
C ARG A 8 9.80 -0.07 -17.58
N GLY A 9 11.10 0.09 -17.55
CA GLY A 9 11.73 0.83 -16.51
C GLY A 9 12.86 0.06 -15.87
N LEU A 10 14.08 0.44 -16.17
CA LEU A 10 15.25 -0.24 -15.62
C LEU A 10 15.54 0.20 -14.21
N GLY A 11 15.25 -0.67 -13.26
CA GLY A 11 15.50 -0.36 -11.89
C GLY A 11 16.86 -0.83 -11.44
N ASP A 12 17.87 -0.55 -12.23
CA ASP A 12 19.24 -0.95 -11.92
C ASP A 12 19.88 0.06 -10.97
N ALA A 13 19.85 -0.27 -9.69
CA ALA A 13 20.41 0.58 -8.65
C ALA A 13 20.49 -0.19 -7.32
N GLN A 14 21.14 0.41 -6.34
CA GLN A 14 21.26 -0.22 -5.03
C GLN A 14 20.35 0.48 -4.02
N PHE A 15 19.54 -0.30 -3.36
CA PHE A 15 18.60 0.23 -2.39
C PHE A 15 18.89 -0.32 -1.01
N ALA A 16 18.20 0.22 -0.01
CA ALA A 16 18.35 -0.26 1.35
C ALA A 16 17.81 -1.66 1.43
N LEU A 17 16.59 -1.83 0.98
CA LEU A 17 15.99 -3.13 0.89
C LEU A 17 16.34 -3.76 -0.43
N LYS A 18 16.73 -5.00 -0.39
CA LYS A 18 17.12 -5.72 -1.58
C LYS A 18 16.16 -6.86 -1.83
N GLU A 19 15.44 -7.25 -0.79
CA GLU A 19 14.44 -8.27 -0.88
C GLU A 19 13.30 -7.95 0.07
N ILE A 20 12.09 -8.18 -0.38
CA ILE A 20 10.91 -7.92 0.43
C ILE A 20 9.79 -8.90 0.07
N ASP A 21 9.07 -9.34 1.08
CA ASP A 21 7.99 -10.29 0.90
C ASP A 21 6.66 -9.58 0.70
N VAL A 22 5.91 -10.03 -0.29
CA VAL A 22 4.60 -9.49 -0.56
C VAL A 22 3.55 -10.46 -0.01
N SER A 23 2.53 -9.96 0.65
CA SER A 23 1.51 -10.84 1.16
C SER A 23 0.15 -10.16 1.18
N ALA A 24 -0.87 -10.92 0.83
CA ALA A 24 -2.24 -10.42 0.81
C ALA A 24 -3.02 -11.01 1.98
N ARG A 25 -3.89 -10.19 2.54
CA ARG A 25 -4.85 -10.63 3.54
C ARG A 25 -6.21 -10.05 3.16
N ASN A 26 -7.28 -10.72 3.61
CA ASN A 26 -8.67 -10.30 3.30
C ASN A 26 -9.04 -10.63 1.86
N ALA A 27 -8.27 -10.09 0.92
CA ALA A 27 -8.50 -10.30 -0.49
C ALA A 27 -7.18 -10.41 -1.23
N TYR A 28 -7.21 -10.95 -2.44
CA TYR A 28 -6.01 -11.10 -3.23
C TYR A 28 -6.34 -11.03 -4.71
N GLY A 29 -5.32 -10.98 -5.54
CA GLY A 29 -5.53 -10.92 -6.96
C GLY A 29 -4.74 -9.80 -7.61
N PRO A 30 -5.42 -8.77 -8.13
CA PRO A 30 -4.76 -7.64 -8.82
C PRO A 30 -3.79 -6.87 -7.91
N THR A 31 -4.31 -6.31 -6.82
CA THR A 31 -3.54 -5.46 -5.90
C THR A 31 -2.18 -6.08 -5.48
N VAL A 32 -2.17 -7.37 -5.14
CA VAL A 32 -0.95 -8.01 -4.69
C VAL A 32 0.03 -8.20 -5.87
N ARG A 33 -0.51 -8.44 -7.05
CA ARG A 33 0.31 -8.60 -8.23
C ARG A 33 0.88 -7.25 -8.64
N GLU A 34 0.06 -6.21 -8.51
CA GLU A 34 0.47 -4.86 -8.86
C GLU A 34 1.64 -4.41 -7.97
N LEU A 35 1.56 -4.69 -6.67
CA LEU A 35 2.68 -4.42 -5.76
C LEU A 35 3.94 -5.11 -6.26
N LYS A 36 3.80 -6.35 -6.64
CA LYS A 36 4.93 -7.15 -7.08
C LYS A 36 5.45 -6.63 -8.40
N GLU A 37 4.56 -6.25 -9.30
CA GLU A 37 4.97 -5.77 -10.60
C GLU A 37 5.67 -4.41 -10.48
N THR A 38 5.28 -3.61 -9.49
CA THR A 38 5.91 -2.33 -9.22
C THR A 38 7.24 -2.54 -8.49
N LEU A 39 7.25 -3.26 -7.38
CA LEU A 39 8.52 -3.46 -6.63
C LEU A 39 9.54 -4.18 -7.53
N GLU A 40 9.12 -5.18 -8.26
CA GLU A 40 10.04 -5.93 -9.12
C GLU A 40 10.64 -5.01 -10.21
N ASN A 41 9.79 -4.16 -10.75
CA ASN A 41 10.16 -3.29 -11.85
C ASN A 41 10.93 -2.03 -11.39
N SER A 42 10.91 -1.80 -10.09
CA SER A 42 11.67 -0.71 -9.50
C SER A 42 13.04 -1.23 -9.03
N GLY A 43 13.36 -2.45 -9.44
CA GLY A 43 14.64 -3.05 -9.11
C GLY A 43 14.59 -3.94 -7.89
N VAL A 44 13.51 -3.88 -7.13
CA VAL A 44 13.43 -4.62 -5.90
C VAL A 44 13.06 -6.08 -6.11
N LYS A 45 13.77 -7.00 -5.51
CA LYS A 45 13.40 -8.38 -5.68
C LYS A 45 12.45 -8.77 -4.55
N VAL A 46 11.40 -9.43 -4.95
CA VAL A 46 10.39 -9.89 -4.04
C VAL A 46 10.51 -11.37 -3.89
N THR A 47 10.60 -11.81 -2.66
CA THR A 47 10.76 -13.20 -2.34
C THR A 47 9.72 -13.57 -1.29
N SER A 48 9.57 -14.82 -0.99
CA SER A 48 8.77 -15.19 0.15
C SER A 48 9.64 -15.06 1.41
N ASN A 49 10.94 -15.31 1.22
CA ASN A 49 11.90 -15.46 2.34
C ASN A 49 12.57 -14.14 2.74
N ALA A 50 11.95 -13.03 2.44
CA ALA A 50 12.51 -11.74 2.81
C ALA A 50 12.52 -11.56 4.33
N PRO A 51 13.44 -10.73 4.86
CA PRO A 51 13.54 -10.49 6.29
C PRO A 51 12.39 -9.64 6.81
N TYR A 52 11.90 -8.75 5.96
CA TYR A 52 10.81 -7.87 6.32
C TYR A 52 9.61 -8.19 5.46
N HIS A 53 8.45 -8.22 6.08
CA HIS A 53 7.24 -8.62 5.40
C HIS A 53 6.20 -7.51 5.29
N LEU A 54 5.65 -7.35 4.10
CA LEU A 54 4.54 -6.44 3.85
C LEU A 54 3.33 -7.34 3.77
N VAL A 55 2.40 -7.11 4.68
CA VAL A 55 1.12 -7.80 4.68
C VAL A 55 -0.03 -6.78 4.64
N LEU A 56 -0.75 -6.74 3.53
CA LEU A 56 -1.93 -5.88 3.43
C LEU A 56 -3.08 -6.60 4.08
N VAL A 57 -3.47 -6.04 5.23
CA VAL A 57 -4.40 -6.64 6.16
C VAL A 57 -5.86 -6.48 5.77
N ARG A 58 -6.20 -5.31 5.22
CA ARG A 58 -7.58 -5.01 4.90
C ARG A 58 -7.68 -3.83 3.94
N GLU A 59 -8.81 -3.67 3.26
CA GLU A 59 -8.98 -2.53 2.37
C GLU A 59 -10.41 -2.03 2.37
N ASP A 60 -10.59 -0.72 2.44
CA ASP A 60 -11.91 -0.13 2.47
C ASP A 60 -12.10 0.78 1.30
N ASN A 61 -13.22 0.68 0.62
CA ASN A 61 -13.45 1.53 -0.52
C ASN A 61 -14.87 2.08 -0.57
N GLN A 62 -15.02 3.29 -0.03
CA GLN A 62 -16.34 3.83 0.27
C GLN A 62 -17.02 4.56 -0.86
N GLN A 63 -18.23 4.15 -1.16
CA GLN A 63 -19.09 4.87 -2.07
C GLN A 63 -20.24 5.43 -1.25
N ARG A 64 -20.22 6.71 -0.98
CA ARG A 64 -21.27 7.29 -0.17
C ARG A 64 -21.71 8.63 -0.72
N THR A 65 -22.93 9.01 -0.36
CA THR A 65 -23.55 10.19 -0.85
C THR A 65 -23.16 11.45 -0.09
N VAL A 66 -22.71 12.47 -0.78
CA VAL A 66 -22.41 13.72 -0.12
C VAL A 66 -23.62 14.62 -0.14
N SER A 67 -24.57 14.31 -1.02
CA SER A 67 -25.81 15.04 -1.12
C SER A 67 -25.59 16.46 -1.66
N TYR A 68 -26.59 16.95 -2.34
CA TYR A 68 -26.50 18.25 -2.96
C TYR A 68 -27.04 19.35 -2.06
N THR A 69 -26.21 20.34 -1.81
CA THR A 69 -26.63 21.47 -1.03
C THR A 69 -27.06 22.61 -1.97
N GLY A 70 -26.55 22.55 -3.20
CA GLY A 70 -26.87 23.56 -4.18
C GLY A 70 -28.09 23.21 -5.01
N SER A 71 -29.25 23.63 -4.53
CA SER A 71 -30.52 23.49 -5.24
C SER A 71 -30.91 22.03 -5.52
N ALA A 72 -30.42 21.46 -6.62
CA ALA A 72 -30.82 20.10 -7.01
C ALA A 72 -29.65 19.20 -7.34
N ARG A 73 -28.60 19.76 -7.86
CA ARG A 73 -27.43 18.98 -8.26
C ARG A 73 -26.12 19.57 -7.72
N GLY A 74 -26.21 20.32 -6.62
CA GLY A 74 -25.04 20.96 -6.02
C GLY A 74 -23.83 20.03 -5.84
N ALA A 75 -24.08 18.80 -5.43
CA ALA A 75 -23.01 17.85 -5.19
C ALA A 75 -23.41 16.46 -5.64
N GLU A 76 -22.43 15.70 -6.07
CA GLU A 76 -22.69 14.36 -6.58
C GLU A 76 -22.19 13.25 -5.64
N PHE A 77 -21.01 12.68 -5.91
CA PHE A 77 -20.51 11.56 -5.13
C PHE A 77 -19.00 11.64 -4.91
N GLU A 78 -18.53 11.01 -3.84
CA GLU A 78 -17.09 10.98 -3.54
C GLU A 78 -16.62 9.56 -3.24
N LEU A 79 -15.31 9.35 -3.33
CA LEU A 79 -14.71 8.04 -3.10
C LEU A 79 -13.45 8.18 -2.25
N THR A 80 -13.34 7.34 -1.24
CA THR A 80 -12.16 7.26 -0.38
C THR A 80 -11.77 5.79 -0.25
N ASN A 81 -10.48 5.53 -0.31
CA ASN A 81 -9.96 4.18 -0.16
C ASN A 81 -9.03 4.06 1.04
N THR A 82 -8.98 2.94 1.68
CA THR A 82 -8.08 2.79 2.81
C THR A 82 -7.41 1.43 2.76
N ILE A 83 -6.10 1.42 2.61
CA ILE A 83 -5.34 0.19 2.56
C ILE A 83 -4.55 0.03 3.84
N ASN A 84 -4.82 -1.03 4.58
CA ASN A 84 -4.17 -1.25 5.85
C ASN A 84 -3.07 -2.30 5.72
N TYR A 85 -1.92 -2.04 6.29
CA TYR A 85 -0.81 -2.96 6.18
C TYR A 85 0.07 -2.90 7.40
N GLU A 86 0.88 -3.91 7.55
CA GLU A 86 1.76 -4.03 8.67
C GLU A 86 3.12 -4.56 8.23
N ILE A 87 4.15 -4.23 8.98
CA ILE A 87 5.50 -4.64 8.68
C ILE A 87 5.94 -5.63 9.69
N VAL A 88 6.01 -6.88 9.30
CA VAL A 88 6.36 -7.93 10.21
C VAL A 88 7.82 -8.33 10.11
N GLY A 89 8.55 -8.25 11.21
CA GLY A 89 9.97 -8.53 11.16
C GLY A 89 10.26 -9.97 11.46
N ALA A 90 10.89 -10.20 12.60
CA ALA A 90 11.23 -11.54 13.01
C ALA A 90 10.29 -11.97 14.11
N ASN A 91 10.19 -13.28 14.33
CA ASN A 91 9.33 -13.84 15.39
C ASN A 91 7.87 -13.47 15.16
N ASP A 92 7.54 -13.06 13.92
CA ASP A 92 6.18 -12.61 13.56
C ASP A 92 5.80 -11.36 14.34
N LEU A 93 6.82 -10.64 14.81
CA LEU A 93 6.65 -9.44 15.59
C LEU A 93 6.43 -8.23 14.68
N VAL A 94 5.48 -7.36 15.05
CA VAL A 94 5.16 -6.16 14.30
C VAL A 94 6.19 -5.04 14.53
N LEU A 95 6.81 -4.57 13.47
CA LEU A 95 7.81 -3.52 13.56
C LEU A 95 7.16 -2.14 13.48
N MET A 96 6.45 -1.91 12.38
CA MET A 96 5.69 -0.69 12.18
C MET A 96 4.36 -1.07 11.54
N SER A 97 3.34 -0.27 11.79
CA SER A 97 2.05 -0.45 11.17
C SER A 97 1.53 0.89 10.63
N ASN A 98 1.08 0.89 9.38
CA ASN A 98 0.59 2.10 8.70
C ASN A 98 -0.54 1.68 7.77
N GLN A 99 -1.29 2.68 7.36
CA GLN A 99 -2.32 2.58 6.38
C GLN A 99 -2.20 3.80 5.47
N VAL A 100 -2.44 3.59 4.19
CA VAL A 100 -2.43 4.67 3.22
C VAL A 100 -3.83 4.88 2.69
N GLN A 101 -4.11 6.07 2.20
CA GLN A 101 -5.43 6.36 1.71
C GLN A 101 -5.43 7.29 0.51
N VAL A 102 -6.41 7.15 -0.34
CA VAL A 102 -6.55 8.01 -1.51
C VAL A 102 -7.98 8.54 -1.56
N GLN A 103 -8.13 9.83 -1.83
CA GLN A 103 -9.44 10.43 -1.82
C GLN A 103 -9.81 11.10 -3.15
N LYS A 104 -10.68 10.51 -3.92
CA LYS A 104 -11.08 11.07 -5.22
C LYS A 104 -12.48 11.61 -5.09
N VAL A 105 -12.69 12.69 -5.82
CA VAL A 105 -13.98 13.31 -5.96
C VAL A 105 -14.44 13.05 -7.39
N TYR A 106 -15.68 12.67 -7.57
CA TYR A 106 -16.15 12.35 -8.91
C TYR A 106 -17.02 13.48 -9.44
N VAL A 107 -16.83 13.83 -10.70
CA VAL A 107 -17.58 14.90 -11.31
C VAL A 107 -18.83 14.37 -12.01
N HIS A 108 -19.96 15.00 -11.75
CA HIS A 108 -21.21 14.61 -12.36
C HIS A 108 -21.51 15.53 -13.54
N ASP A 109 -21.58 14.96 -14.71
CA ASP A 109 -21.87 15.73 -15.91
C ASP A 109 -23.36 16.02 -16.00
N GLU A 110 -23.68 17.15 -16.60
CA GLU A 110 -25.06 17.60 -16.74
C GLU A 110 -25.82 16.81 -17.80
N ASN A 111 -25.11 16.31 -18.80
CA ASN A 111 -25.74 15.56 -19.87
C ASN A 111 -25.82 14.10 -19.49
N ASN A 112 -24.86 13.67 -18.69
CA ASN A 112 -24.84 12.31 -18.20
C ASN A 112 -25.38 12.24 -16.80
N LEU A 113 -26.70 12.27 -16.69
CA LEU A 113 -27.35 12.17 -15.42
C LEU A 113 -27.25 10.73 -14.93
N ILE A 114 -27.63 9.81 -15.80
CA ILE A 114 -27.57 8.39 -15.48
C ILE A 114 -26.22 7.83 -15.92
N GLY A 115 -25.70 8.37 -17.01
CA GLY A 115 -24.40 7.93 -17.51
C GLY A 115 -23.29 8.16 -16.51
N SER A 116 -23.44 9.18 -15.69
CA SER A 116 -22.47 9.51 -14.65
C SER A 116 -22.35 8.35 -13.64
N ASP A 117 -23.50 7.78 -13.27
CA ASP A 117 -23.55 6.67 -12.30
C ASP A 117 -22.90 5.41 -12.90
N GLN A 118 -22.94 5.34 -14.21
CA GLN A 118 -22.39 4.22 -14.95
C GLN A 118 -20.90 4.41 -15.21
N GLU A 119 -20.47 5.67 -15.18
CA GLU A 119 -19.10 6.04 -15.43
C GLU A 119 -18.24 5.77 -14.21
N ALA A 120 -18.88 5.86 -13.04
CA ALA A 120 -18.20 5.76 -11.76
C ALA A 120 -17.34 4.52 -11.62
N ALA A 121 -17.79 3.43 -12.26
CA ALA A 121 -17.06 2.16 -12.28
C ALA A 121 -15.69 2.33 -12.94
N GLN A 122 -15.62 3.16 -13.98
CA GLN A 122 -14.36 3.41 -14.69
C GLN A 122 -13.35 4.09 -13.77
N LEU A 123 -13.87 4.96 -12.91
CA LEU A 123 -13.05 5.62 -11.90
C LEU A 123 -12.74 4.57 -10.86
N ARG A 124 -13.63 3.63 -10.56
CA ARG A 124 -13.28 2.65 -9.55
C ARG A 124 -12.16 1.76 -10.09
N SER A 125 -12.26 1.47 -11.38
CA SER A 125 -11.24 0.71 -12.08
C SER A 125 -9.90 1.47 -12.17
N GLU A 126 -9.99 2.78 -12.49
CA GLU A 126 -8.82 3.65 -12.60
C GLU A 126 -8.06 3.71 -11.28
N MET A 127 -8.81 3.68 -10.17
CA MET A 127 -8.25 3.77 -8.80
C MET A 127 -7.08 2.83 -8.59
N ARG A 128 -7.05 1.78 -9.38
CA ARG A 128 -6.02 0.77 -9.28
C ARG A 128 -4.58 1.31 -9.39
N ARG A 129 -4.46 2.46 -10.08
CA ARG A 129 -3.20 3.17 -10.22
C ARG A 129 -2.84 3.86 -8.91
N ASP A 130 -3.85 4.52 -8.32
CA ASP A 130 -3.65 5.47 -7.20
C ASP A 130 -3.02 4.82 -6.02
N LEU A 131 -3.70 3.78 -5.57
CA LEU A 131 -3.36 3.01 -4.40
C LEU A 131 -1.93 2.54 -4.44
N ILE A 132 -1.53 1.96 -5.55
CA ILE A 132 -0.18 1.41 -5.67
C ILE A 132 0.89 2.50 -5.61
N GLN A 133 0.65 3.61 -6.31
CA GLN A 133 1.62 4.71 -6.37
C GLN A 133 1.90 5.28 -4.99
N GLN A 134 0.84 5.61 -4.25
CA GLN A 134 0.99 6.17 -2.92
C GLN A 134 1.44 5.11 -1.92
N LEU A 135 1.03 3.88 -2.14
CA LEU A 135 1.35 2.81 -1.21
C LEU A 135 2.82 2.41 -1.21
N SER A 136 3.34 2.23 -2.44
CA SER A 136 4.74 1.88 -2.69
C SER A 136 5.71 2.80 -1.95
N MET A 137 5.37 4.10 -1.97
CA MET A 137 6.22 5.18 -1.46
C MET A 137 6.70 4.98 -0.04
N ARG A 138 5.87 4.43 0.80
CA ARG A 138 6.27 4.21 2.19
C ARG A 138 7.44 3.23 2.28
N LEU A 139 7.48 2.26 1.37
CA LEU A 139 8.55 1.27 1.35
C LEU A 139 9.93 1.88 1.04
N GLN A 140 9.95 3.00 0.34
CA GLN A 140 11.24 3.61 0.01
C GLN A 140 11.77 4.42 1.17
N ALA A 141 10.85 4.91 1.99
CA ALA A 141 11.20 5.74 3.13
C ALA A 141 11.24 4.91 4.41
N LEU A 142 11.37 3.61 4.29
CA LEU A 142 11.67 2.80 5.45
C LEU A 142 13.07 2.22 5.25
N THR A 143 13.85 2.21 6.30
CA THR A 143 15.22 1.75 6.21
C THR A 143 15.44 0.54 7.10
N PRO A 144 16.49 -0.26 6.81
CA PRO A 144 16.85 -1.41 7.62
C PRO A 144 17.03 -1.02 9.08
N ALA A 145 17.65 0.15 9.30
CA ALA A 145 17.88 0.67 10.63
C ALA A 145 16.57 0.85 11.40
N GLN A 146 15.60 1.52 10.78
CA GLN A 146 14.30 1.77 11.41
C GLN A 146 13.59 0.47 11.76
N LEU A 147 13.79 -0.53 10.93
CA LEU A 147 13.18 -1.83 11.13
C LEU A 147 13.88 -2.61 12.24
N ASP A 148 15.20 -2.62 12.20
CA ASP A 148 16.02 -3.30 13.22
C ASP A 148 15.73 -2.73 14.60
N GLU A 149 15.69 -1.42 14.71
CA GLU A 149 15.42 -0.79 15.99
C GLU A 149 14.00 -1.11 16.45
N ALA A 150 13.05 -1.13 15.52
CA ALA A 150 11.66 -1.45 15.84
C ALA A 150 11.55 -2.86 16.40
N GLN A 151 12.34 -3.80 15.86
CA GLN A 151 12.40 -5.13 16.44
C GLN A 151 12.96 -4.99 17.83
N ARG A 152 14.15 -4.40 17.97
CA ARG A 152 14.85 -4.43 19.24
C ARG A 152 14.01 -3.88 20.38
N GLN A 153 13.46 -2.70 20.18
CA GLN A 153 12.62 -2.05 21.19
C GLN A 153 11.40 -2.89 21.55
N ALA A 154 10.84 -3.60 20.56
CA ALA A 154 9.68 -4.43 20.78
C ALA A 154 10.00 -5.63 21.65
N GLU A 155 11.17 -6.23 21.42
CA GLU A 155 11.61 -7.37 22.22
C GLU A 155 11.89 -6.94 23.66
N ALA A 156 12.54 -5.80 23.80
CA ALA A 156 12.87 -5.26 25.12
C ALA A 156 11.61 -5.01 25.92
N LYS A 157 10.62 -4.41 25.27
CA LYS A 157 9.34 -4.11 25.90
C LYS A 157 8.57 -5.40 26.23
N ALA A 158 8.72 -6.40 25.36
CA ALA A 158 8.05 -7.68 25.57
C ALA A 158 8.52 -8.31 26.88
N LYS A 159 9.81 -8.18 27.15
CA LYS A 159 10.38 -8.69 28.38
C LYS A 159 9.99 -7.81 29.55
N ALA A 160 9.97 -6.50 29.32
CA ALA A 160 9.60 -5.54 30.35
C ALA A 160 8.23 -5.84 30.91
N GLU A 161 7.30 -6.22 30.03
CA GLU A 161 5.96 -6.59 30.45
C GLU A 161 6.01 -7.80 31.37
N ALA A 162 6.84 -8.77 31.03
CA ALA A 162 7.00 -9.98 31.84
C ALA A 162 7.51 -9.64 33.23
N GLU A 163 8.45 -8.69 33.29
CA GLU A 163 9.03 -8.27 34.55
C GLU A 163 8.03 -7.42 35.35
N ALA A 164 7.19 -6.69 34.64
CA ALA A 164 6.18 -5.84 35.26
C ALA A 164 4.98 -6.66 35.73
N LEU A 165 4.84 -7.84 35.18
CA LEU A 165 3.75 -8.74 35.54
C LEU A 165 4.02 -9.43 36.87
N ARG A 166 3.14 -10.34 37.23
CA ARG A 166 3.26 -11.08 38.47
C ARG A 166 4.23 -12.24 38.30
N GLY A 1 22.80 -23.10 -28.03
CA GLY A 1 22.91 -21.72 -28.53
C GLY A 1 24.11 -21.00 -27.97
N THR A 2 24.38 -19.82 -28.47
CA THR A 2 25.49 -19.05 -28.00
C THR A 2 25.23 -17.56 -28.21
N SER A 3 25.58 -16.78 -27.21
CA SER A 3 25.44 -15.35 -27.27
C SER A 3 26.78 -14.70 -27.03
N GLY A 4 27.31 -14.05 -28.05
CA GLY A 4 28.62 -13.42 -27.93
C GLY A 4 28.53 -12.05 -27.29
N PHE A 5 27.84 -11.98 -26.18
CA PHE A 5 27.67 -10.73 -25.47
C PHE A 5 27.97 -10.92 -24.00
N GLN A 6 28.47 -9.89 -23.38
CA GLN A 6 28.83 -9.92 -21.97
C GLN A 6 27.85 -9.11 -21.15
N LEU A 7 28.02 -9.14 -19.83
CA LEU A 7 27.16 -8.39 -18.94
C LEU A 7 27.32 -6.89 -19.11
N ARG A 8 26.47 -6.13 -18.46
CA ARG A 8 26.52 -4.68 -18.52
C ARG A 8 27.15 -4.12 -17.28
N GLY A 9 27.40 -2.83 -17.28
CA GLY A 9 28.01 -2.20 -16.15
C GLY A 9 27.01 -1.74 -15.14
N LEU A 10 27.14 -0.51 -14.73
CA LEU A 10 26.26 0.05 -13.72
C LEU A 10 25.16 0.86 -14.34
N GLY A 11 24.01 0.25 -14.45
CA GLY A 11 22.86 0.92 -14.99
C GLY A 11 21.62 0.60 -14.20
N ASP A 12 21.80 0.38 -12.92
CA ASP A 12 20.71 0.01 -12.03
C ASP A 12 20.81 0.83 -10.74
N ALA A 13 19.79 0.77 -9.93
CA ALA A 13 19.75 1.53 -8.71
C ALA A 13 19.69 0.62 -7.49
N GLN A 14 20.52 0.91 -6.52
CA GLN A 14 20.55 0.13 -5.30
C GLN A 14 19.68 0.79 -4.24
N PHE A 15 18.96 -0.01 -3.51
CA PHE A 15 18.07 0.49 -2.48
C PHE A 15 18.43 -0.12 -1.14
N ALA A 16 17.75 0.33 -0.10
CA ALA A 16 17.97 -0.19 1.23
C ALA A 16 17.45 -1.62 1.30
N LEU A 17 16.22 -1.78 0.88
CA LEU A 17 15.63 -3.10 0.80
C LEU A 17 15.88 -3.70 -0.56
N LYS A 18 16.22 -4.95 -0.61
CA LYS A 18 16.49 -5.55 -1.91
C LYS A 18 15.67 -6.79 -2.11
N GLU A 19 15.06 -7.28 -1.04
CA GLU A 19 14.14 -8.39 -1.12
C GLU A 19 13.07 -8.22 -0.06
N ILE A 20 11.85 -8.46 -0.48
CA ILE A 20 10.69 -8.28 0.38
C ILE A 20 9.58 -9.25 -0.06
N ASP A 21 8.72 -9.65 0.87
CA ASP A 21 7.61 -10.53 0.52
C ASP A 21 6.32 -9.73 0.34
N VAL A 22 5.52 -10.09 -0.65
CA VAL A 22 4.24 -9.41 -0.86
C VAL A 22 3.05 -10.27 -0.41
N SER A 23 2.48 -10.00 0.74
CA SER A 23 1.32 -10.79 1.17
C SER A 23 0.08 -9.94 1.38
N ALA A 24 -1.04 -10.44 0.87
CA ALA A 24 -2.34 -9.82 1.08
C ALA A 24 -3.06 -10.59 2.17
N ARG A 25 -4.28 -10.18 2.46
CA ARG A 25 -5.16 -10.94 3.33
C ARG A 25 -5.92 -11.97 2.47
N ASN A 26 -5.96 -13.21 2.92
CA ASN A 26 -6.71 -14.30 2.25
C ASN A 26 -6.06 -14.75 0.94
N ALA A 27 -5.99 -13.88 -0.05
CA ALA A 27 -5.45 -14.25 -1.35
C ALA A 27 -4.59 -13.14 -1.92
N TYR A 28 -3.65 -13.50 -2.79
CA TYR A 28 -2.75 -12.53 -3.41
C TYR A 28 -3.32 -12.03 -4.75
N GLY A 29 -4.60 -12.20 -4.92
CA GLY A 29 -5.28 -11.74 -6.13
C GLY A 29 -5.51 -10.22 -6.20
N PRO A 30 -5.92 -9.56 -5.06
CA PRO A 30 -6.18 -8.10 -5.00
C PRO A 30 -5.00 -7.20 -5.47
N THR A 31 -5.10 -5.90 -5.11
CA THR A 31 -4.14 -4.87 -5.56
C THR A 31 -2.66 -5.19 -5.21
N VAL A 32 -2.44 -6.21 -4.37
CA VAL A 32 -1.08 -6.62 -4.01
C VAL A 32 -0.32 -7.09 -5.27
N ARG A 33 -1.07 -7.52 -6.27
CA ARG A 33 -0.51 -7.96 -7.55
C ARG A 33 0.31 -6.84 -8.19
N GLU A 34 -0.24 -5.63 -8.18
CA GLU A 34 0.41 -4.47 -8.77
C GLU A 34 1.65 -4.08 -7.96
N LEU A 35 1.61 -4.33 -6.65
CA LEU A 35 2.76 -4.06 -5.78
C LEU A 35 3.96 -4.85 -6.29
N LYS A 36 3.80 -6.17 -6.32
CA LYS A 36 4.86 -7.07 -6.81
C LYS A 36 5.39 -6.60 -8.15
N GLU A 37 4.52 -6.25 -9.06
CA GLU A 37 4.97 -5.75 -10.35
C GLU A 37 5.84 -4.49 -10.21
N THR A 38 5.28 -3.46 -9.59
CA THR A 38 6.01 -2.20 -9.38
C THR A 38 7.34 -2.47 -8.64
N LEU A 39 7.35 -3.23 -7.57
CA LEU A 39 8.60 -3.49 -6.86
C LEU A 39 9.57 -4.25 -7.77
N GLU A 40 9.10 -5.20 -8.52
CA GLU A 40 9.98 -5.94 -9.41
C GLU A 40 10.57 -5.01 -10.49
N ASN A 41 9.72 -4.13 -11.02
CA ASN A 41 10.12 -3.22 -12.11
C ASN A 41 10.94 -2.03 -11.66
N SER A 42 11.18 -1.98 -10.35
CA SER A 42 12.02 -0.97 -9.75
C SER A 42 13.35 -1.60 -9.33
N GLY A 43 13.51 -2.89 -9.67
CA GLY A 43 14.73 -3.60 -9.36
C GLY A 43 14.63 -4.44 -8.10
N VAL A 44 13.58 -4.25 -7.32
CA VAL A 44 13.42 -4.98 -6.07
C VAL A 44 13.03 -6.42 -6.31
N LYS A 45 13.60 -7.34 -5.57
CA LYS A 45 13.22 -8.71 -5.73
C LYS A 45 12.27 -9.11 -4.63
N VAL A 46 11.22 -9.76 -5.03
CA VAL A 46 10.22 -10.21 -4.13
C VAL A 46 10.32 -11.70 -4.00
N THR A 47 10.47 -12.14 -2.77
CA THR A 47 10.68 -13.52 -2.45
C THR A 47 9.63 -13.96 -1.44
N SER A 48 9.53 -15.23 -1.18
CA SER A 48 8.69 -15.71 -0.11
C SER A 48 9.44 -15.58 1.22
N ASN A 49 10.77 -15.59 1.14
CA ASN A 49 11.64 -15.71 2.32
C ASN A 49 12.37 -14.40 2.64
N ALA A 50 11.76 -13.27 2.36
CA ALA A 50 12.35 -11.97 2.67
C ALA A 50 12.59 -11.79 4.19
N PRO A 51 13.52 -10.90 4.57
CA PRO A 51 13.83 -10.64 5.99
C PRO A 51 12.80 -9.71 6.63
N TYR A 52 11.97 -9.11 5.79
CA TYR A 52 10.93 -8.21 6.24
C TYR A 52 9.68 -8.47 5.45
N HIS A 53 8.56 -8.52 6.13
CA HIS A 53 7.32 -8.91 5.52
C HIS A 53 6.32 -7.77 5.40
N LEU A 54 5.76 -7.62 4.22
CA LEU A 54 4.67 -6.69 3.97
C LEU A 54 3.46 -7.59 3.90
N VAL A 55 2.54 -7.35 4.82
CA VAL A 55 1.24 -7.99 4.83
C VAL A 55 0.16 -6.93 4.78
N LEU A 56 -0.58 -6.88 3.71
CA LEU A 56 -1.69 -5.95 3.65
C LEU A 56 -2.88 -6.64 4.26
N VAL A 57 -3.18 -6.12 5.45
CA VAL A 57 -4.13 -6.66 6.38
C VAL A 57 -5.56 -6.54 5.89
N ARG A 58 -5.91 -5.43 5.25
CA ARG A 58 -7.27 -5.24 4.81
C ARG A 58 -7.49 -3.98 3.98
N GLU A 59 -8.01 -4.06 2.78
CA GLU A 59 -8.25 -2.83 2.07
C GLU A 59 -9.74 -2.46 1.96
N ASP A 60 -10.07 -1.27 2.43
CA ASP A 60 -11.46 -0.80 2.47
C ASP A 60 -11.63 0.35 1.54
N ASN A 61 -12.86 0.69 1.20
CA ASN A 61 -13.05 1.78 0.29
C ASN A 61 -14.45 2.41 0.32
N GLN A 62 -14.49 3.63 0.82
CA GLN A 62 -15.75 4.24 1.24
C GLN A 62 -16.49 4.95 0.14
N GLN A 63 -17.72 5.23 0.47
CA GLN A 63 -18.64 5.99 -0.32
C GLN A 63 -19.46 6.85 0.64
N ARG A 64 -19.10 8.12 0.68
CA ARG A 64 -19.71 9.09 1.57
C ARG A 64 -19.90 10.40 0.85
N THR A 65 -20.87 11.18 1.28
CA THR A 65 -21.10 12.45 0.70
C THR A 65 -20.47 13.62 1.46
N VAL A 66 -19.62 14.40 0.82
CA VAL A 66 -18.93 15.50 1.53
C VAL A 66 -19.46 16.83 1.07
N SER A 67 -20.44 16.81 0.22
CA SER A 67 -21.05 18.02 -0.27
C SER A 67 -20.07 18.84 -1.14
N TYR A 68 -20.47 20.01 -1.54
CA TYR A 68 -19.60 20.92 -2.20
C TYR A 68 -19.49 22.16 -1.33
N THR A 69 -18.42 22.91 -1.48
CA THR A 69 -18.25 24.14 -0.75
C THR A 69 -19.16 25.23 -1.33
N GLY A 70 -20.44 25.11 -1.03
CA GLY A 70 -21.42 26.04 -1.51
C GLY A 70 -22.75 25.36 -1.69
N SER A 71 -23.47 25.73 -2.72
CA SER A 71 -24.78 25.15 -2.98
C SER A 71 -24.80 24.44 -4.34
N ALA A 72 -23.64 24.01 -4.80
CA ALA A 72 -23.52 23.35 -6.08
C ALA A 72 -23.21 21.86 -5.92
N ARG A 73 -22.94 21.21 -7.05
CA ARG A 73 -22.66 19.75 -7.10
C ARG A 73 -21.17 19.50 -7.29
N GLY A 74 -20.38 20.46 -6.86
CA GLY A 74 -18.94 20.43 -7.06
C GLY A 74 -18.22 19.16 -6.63
N ALA A 75 -18.47 18.68 -5.42
CA ALA A 75 -17.75 17.50 -4.93
C ALA A 75 -18.56 16.72 -3.90
N GLU A 76 -19.88 16.69 -4.06
CA GLU A 76 -20.74 16.00 -3.10
C GLU A 76 -20.40 14.50 -2.98
N PHE A 77 -20.07 13.90 -4.09
CA PHE A 77 -19.67 12.49 -4.15
C PHE A 77 -18.14 12.42 -4.05
N GLU A 78 -17.67 11.67 -3.06
CA GLU A 78 -16.24 11.49 -2.84
C GLU A 78 -15.95 10.05 -2.42
N LEU A 79 -14.86 9.51 -2.95
CA LEU A 79 -14.42 8.16 -2.63
C LEU A 79 -13.13 8.23 -1.83
N THR A 80 -13.03 7.37 -0.86
CA THR A 80 -11.84 7.27 -0.03
C THR A 80 -11.44 5.81 0.04
N ASN A 81 -10.18 5.54 -0.18
CA ASN A 81 -9.69 4.18 -0.14
C ASN A 81 -8.73 4.00 1.01
N THR A 82 -8.72 2.86 1.65
CA THR A 82 -7.83 2.69 2.78
C THR A 82 -7.17 1.32 2.71
N ILE A 83 -5.85 1.31 2.61
CA ILE A 83 -5.10 0.08 2.54
C ILE A 83 -4.29 -0.08 3.80
N ASN A 84 -4.58 -1.12 4.57
CA ASN A 84 -3.90 -1.34 5.82
C ASN A 84 -2.81 -2.39 5.68
N TYR A 85 -1.63 -2.14 6.19
CA TYR A 85 -0.52 -3.07 6.05
C TYR A 85 0.35 -3.05 7.29
N GLU A 86 1.13 -4.09 7.43
CA GLU A 86 1.97 -4.23 8.57
C GLU A 86 3.37 -4.68 8.15
N ILE A 87 4.36 -4.31 8.94
CA ILE A 87 5.75 -4.65 8.67
C ILE A 87 6.19 -5.66 9.71
N VAL A 88 6.40 -6.88 9.30
CA VAL A 88 6.75 -7.92 10.23
C VAL A 88 8.24 -8.25 10.19
N GLY A 89 8.89 -8.24 11.33
CA GLY A 89 10.32 -8.48 11.36
C GLY A 89 10.64 -9.91 11.60
N ALA A 90 11.40 -10.15 12.65
CA ALA A 90 11.79 -11.49 13.00
C ALA A 90 10.88 -12.02 14.09
N ASN A 91 10.78 -13.34 14.18
CA ASN A 91 9.97 -13.99 15.23
C ASN A 91 8.49 -13.66 15.08
N ASP A 92 8.10 -13.23 13.87
CA ASP A 92 6.70 -12.84 13.56
C ASP A 92 6.31 -11.59 14.36
N LEU A 93 7.31 -10.88 14.84
CA LEU A 93 7.10 -9.69 15.63
C LEU A 93 6.76 -8.49 14.74
N VAL A 94 5.71 -7.76 15.13
CA VAL A 94 5.27 -6.57 14.40
C VAL A 94 6.26 -5.43 14.61
N LEU A 95 6.86 -4.93 13.54
CA LEU A 95 7.85 -3.90 13.66
C LEU A 95 7.25 -2.51 13.53
N MET A 96 6.56 -2.30 12.43
CA MET A 96 5.88 -1.07 12.12
C MET A 96 4.51 -1.39 11.55
N SER A 97 3.55 -0.54 11.85
CA SER A 97 2.21 -0.65 11.29
C SER A 97 1.76 0.70 10.72
N ASN A 98 1.23 0.67 9.51
CA ASN A 98 0.78 1.88 8.82
C ASN A 98 -0.27 1.46 7.80
N GLN A 99 -1.02 2.45 7.37
CA GLN A 99 -2.01 2.33 6.35
C GLN A 99 -1.92 3.58 5.48
N VAL A 100 -2.15 3.39 4.19
CA VAL A 100 -2.12 4.48 3.24
C VAL A 100 -3.51 4.72 2.71
N GLN A 101 -3.80 5.94 2.29
CA GLN A 101 -5.13 6.24 1.84
C GLN A 101 -5.17 7.24 0.67
N VAL A 102 -6.19 7.16 -0.14
CA VAL A 102 -6.35 8.08 -1.27
C VAL A 102 -7.78 8.56 -1.35
N GLN A 103 -7.97 9.85 -1.62
CA GLN A 103 -9.32 10.40 -1.68
C GLN A 103 -9.65 11.05 -3.02
N LYS A 104 -10.51 10.43 -3.80
CA LYS A 104 -10.81 10.93 -5.14
C LYS A 104 -12.31 11.19 -5.23
N VAL A 105 -12.62 12.29 -5.92
CA VAL A 105 -13.97 12.74 -6.16
C VAL A 105 -14.31 12.52 -7.64
N TYR A 106 -15.47 11.94 -7.91
CA TYR A 106 -15.89 11.72 -9.29
C TYR A 106 -17.34 12.13 -9.46
N VAL A 107 -17.57 13.18 -10.23
CA VAL A 107 -18.91 13.66 -10.47
C VAL A 107 -19.06 14.23 -11.88
N HIS A 108 -19.85 13.58 -12.70
CA HIS A 108 -20.21 14.14 -14.00
C HIS A 108 -21.68 13.87 -14.23
N ASP A 109 -22.51 14.88 -14.06
CA ASP A 109 -23.95 14.74 -14.22
C ASP A 109 -24.56 15.84 -15.07
N GLU A 110 -24.07 16.07 -16.26
CA GLU A 110 -24.66 17.10 -17.08
C GLU A 110 -25.99 16.58 -17.60
N ASN A 111 -25.94 15.41 -18.19
CA ASN A 111 -27.14 14.66 -18.54
C ASN A 111 -27.08 13.33 -17.81
N ASN A 112 -25.89 13.04 -17.30
CA ASN A 112 -25.55 11.77 -16.67
C ASN A 112 -26.00 11.72 -15.22
N LEU A 113 -27.27 11.56 -15.00
CA LEU A 113 -27.78 11.40 -13.66
C LEU A 113 -27.80 9.92 -13.29
N ILE A 114 -28.01 9.10 -14.31
CA ILE A 114 -28.03 7.67 -14.17
C ILE A 114 -26.75 7.09 -14.74
N GLY A 115 -26.33 7.65 -15.87
CA GLY A 115 -25.13 7.22 -16.54
C GLY A 115 -23.88 7.48 -15.73
N SER A 116 -23.95 8.43 -14.79
CA SER A 116 -22.83 8.75 -13.93
C SER A 116 -22.44 7.50 -13.14
N ASP A 117 -23.45 6.81 -12.66
CA ASP A 117 -23.27 5.59 -11.88
C ASP A 117 -22.58 4.52 -12.70
N GLN A 118 -22.85 4.52 -13.99
CA GLN A 118 -22.27 3.56 -14.91
C GLN A 118 -20.89 4.02 -15.36
N GLU A 119 -20.69 5.33 -15.35
CA GLU A 119 -19.44 5.92 -15.80
C GLU A 119 -18.37 5.82 -14.72
N ALA A 120 -18.78 6.13 -13.50
CA ALA A 120 -17.87 6.15 -12.36
C ALA A 120 -17.10 4.86 -12.15
N ALA A 121 -17.67 3.77 -12.66
CA ALA A 121 -17.03 2.47 -12.61
C ALA A 121 -15.69 2.50 -13.36
N GLN A 122 -15.62 3.33 -14.40
CA GLN A 122 -14.40 3.47 -15.20
C GLN A 122 -13.31 4.12 -14.34
N LEU A 123 -13.74 5.06 -13.52
CA LEU A 123 -12.88 5.75 -12.57
C LEU A 123 -12.63 4.77 -11.43
N ARG A 124 -13.54 3.89 -11.05
CA ARG A 124 -13.14 2.97 -9.98
C ARG A 124 -12.05 2.05 -10.51
N SER A 125 -12.10 1.78 -11.81
CA SER A 125 -11.05 1.05 -12.49
C SER A 125 -9.71 1.80 -12.36
N GLU A 126 -9.79 3.12 -12.61
CA GLU A 126 -8.66 4.02 -12.58
C GLU A 126 -8.03 4.06 -11.19
N MET A 127 -8.88 4.21 -10.18
CA MET A 127 -8.47 4.46 -8.78
C MET A 127 -7.39 3.48 -8.30
N ARG A 128 -7.33 2.33 -8.93
CA ARG A 128 -6.34 1.31 -8.59
C ARG A 128 -4.89 1.81 -8.78
N ARG A 129 -4.75 2.78 -9.70
CA ARG A 129 -3.46 3.43 -9.95
C ARG A 129 -2.98 4.09 -8.67
N ASP A 130 -3.92 4.79 -8.02
CA ASP A 130 -3.63 5.72 -6.93
C ASP A 130 -2.97 5.04 -5.76
N LEU A 131 -3.56 3.90 -5.45
CA LEU A 131 -3.15 3.04 -4.35
C LEU A 131 -1.69 2.69 -4.45
N ILE A 132 -1.27 2.17 -5.58
CA ILE A 132 0.08 1.69 -5.77
C ILE A 132 1.11 2.81 -5.71
N GLN A 133 0.83 3.89 -6.41
CA GLN A 133 1.75 5.02 -6.47
C GLN A 133 2.03 5.57 -5.07
N GLN A 134 0.97 5.82 -4.33
CA GLN A 134 1.11 6.31 -2.97
C GLN A 134 1.63 5.23 -2.03
N LEU A 135 1.32 3.98 -2.30
CA LEU A 135 1.67 2.92 -1.40
C LEU A 135 3.15 2.55 -1.41
N SER A 136 3.68 2.49 -2.66
CA SER A 136 5.09 2.27 -2.95
C SER A 136 5.97 3.20 -2.13
N MET A 137 5.49 4.46 -2.05
CA MET A 137 6.19 5.58 -1.44
C MET A 137 6.63 5.32 -0.02
N ARG A 138 5.77 4.72 0.77
CA ARG A 138 6.12 4.45 2.14
C ARG A 138 7.22 3.40 2.23
N LEU A 139 7.20 2.44 1.30
CA LEU A 139 8.22 1.42 1.23
C LEU A 139 9.60 2.04 0.97
N GLN A 140 9.69 2.93 -0.02
CA GLN A 140 10.96 3.60 -0.32
C GLN A 140 11.42 4.43 0.89
N ALA A 141 10.47 4.90 1.68
CA ALA A 141 10.77 5.74 2.84
C ALA A 141 10.79 4.93 4.13
N LEU A 142 10.96 3.63 4.03
CA LEU A 142 11.26 2.84 5.21
C LEU A 142 12.71 2.39 5.08
N THR A 143 13.43 2.44 6.17
CA THR A 143 14.82 2.06 6.17
C THR A 143 15.06 0.86 7.07
N PRO A 144 16.15 0.11 6.83
CA PRO A 144 16.50 -1.04 7.65
C PRO A 144 16.60 -0.67 9.13
N ALA A 145 17.13 0.53 9.40
CA ALA A 145 17.27 1.03 10.76
C ALA A 145 15.93 1.12 11.46
N GLN A 146 14.95 1.75 10.79
CA GLN A 146 13.60 1.92 11.36
C GLN A 146 13.01 0.59 11.78
N LEU A 147 13.23 -0.41 10.95
CA LEU A 147 12.70 -1.74 11.20
C LEU A 147 13.51 -2.44 12.30
N ASP A 148 14.82 -2.41 12.15
CA ASP A 148 15.75 -3.03 13.09
C ASP A 148 15.54 -2.46 14.50
N GLU A 149 15.45 -1.15 14.63
CA GLU A 149 15.23 -0.54 15.94
C GLU A 149 13.85 -0.89 16.51
N ALA A 150 12.84 -0.96 15.64
CA ALA A 150 11.48 -1.24 16.05
C ALA A 150 11.33 -2.63 16.62
N GLN A 151 12.15 -3.56 16.12
CA GLN A 151 12.20 -4.91 16.69
C GLN A 151 12.60 -4.79 18.17
N ARG A 152 13.75 -4.15 18.43
CA ARG A 152 14.29 -4.08 19.79
C ARG A 152 13.33 -3.46 20.79
N GLN A 153 12.81 -2.29 20.44
CA GLN A 153 11.91 -1.58 21.34
C GLN A 153 10.66 -2.39 21.62
N ALA A 154 10.16 -3.11 20.60
CA ALA A 154 9.00 -3.94 20.76
C ALA A 154 9.29 -5.14 21.66
N GLU A 155 10.46 -5.75 21.47
CA GLU A 155 10.88 -6.89 22.29
C GLU A 155 11.03 -6.46 23.74
N ALA A 156 11.68 -5.32 23.93
CA ALA A 156 11.90 -4.77 25.25
C ALA A 156 10.58 -4.46 25.94
N LYS A 157 9.68 -3.83 25.20
CA LYS A 157 8.38 -3.43 25.74
C LYS A 157 7.55 -4.64 26.13
N ALA A 158 7.48 -5.62 25.23
CA ALA A 158 6.67 -6.82 25.46
C ALA A 158 7.19 -7.62 26.64
N LYS A 159 8.51 -7.74 26.73
CA LYS A 159 9.12 -8.49 27.80
C LYS A 159 9.03 -7.75 29.13
N ALA A 160 9.18 -6.42 29.07
CA ALA A 160 9.13 -5.59 30.27
C ALA A 160 7.82 -5.80 31.02
N GLU A 161 6.74 -5.95 30.27
CA GLU A 161 5.43 -6.18 30.85
C GLU A 161 5.42 -7.46 31.69
N ALA A 162 6.08 -8.49 31.16
CA ALA A 162 6.17 -9.77 31.84
C ALA A 162 6.98 -9.64 33.13
N GLU A 163 8.05 -8.87 33.07
CA GLU A 163 8.92 -8.67 34.22
C GLU A 163 8.25 -7.77 35.25
N ALA A 164 7.36 -6.93 34.77
CA ALA A 164 6.61 -6.01 35.62
C ALA A 164 5.52 -6.75 36.39
N LEU A 165 5.16 -7.93 35.93
CA LEU A 165 4.15 -8.75 36.58
C LEU A 165 4.66 -9.31 37.92
N ARG A 166 3.79 -10.01 38.61
CA ARG A 166 4.11 -10.57 39.92
C ARG A 166 5.11 -11.71 39.80
N GLY A 1 6.79 -3.86 -38.00
CA GLY A 1 8.23 -3.88 -37.67
C GLY A 1 8.64 -2.68 -36.85
N THR A 2 9.45 -2.90 -35.84
CA THR A 2 9.89 -1.83 -34.98
C THR A 2 11.33 -2.03 -34.52
N SER A 3 12.08 -0.96 -34.50
CA SER A 3 13.46 -0.97 -34.04
C SER A 3 13.72 0.28 -33.21
N GLY A 4 13.16 0.30 -32.02
CA GLY A 4 13.29 1.44 -31.15
C GLY A 4 14.62 1.47 -30.42
N PHE A 5 15.44 2.44 -30.74
CA PHE A 5 16.72 2.59 -30.09
C PHE A 5 16.57 3.46 -28.85
N GLN A 6 17.46 3.30 -27.91
CA GLN A 6 17.36 4.03 -26.67
C GLN A 6 18.72 4.56 -26.23
N LEU A 7 18.72 5.79 -25.77
CA LEU A 7 19.92 6.40 -25.28
C LEU A 7 19.99 6.22 -23.78
N ARG A 8 21.14 5.83 -23.29
CA ARG A 8 21.29 5.55 -21.88
C ARG A 8 22.68 5.92 -21.41
N GLY A 9 22.87 5.92 -20.10
CA GLY A 9 24.15 6.24 -19.54
C GLY A 9 24.46 5.37 -18.35
N LEU A 10 24.35 5.93 -17.17
CA LEU A 10 24.65 5.21 -15.95
C LEU A 10 23.41 4.57 -15.37
N GLY A 11 23.50 3.28 -15.13
CA GLY A 11 22.40 2.54 -14.58
C GLY A 11 22.80 1.72 -13.39
N ASP A 12 23.67 2.27 -12.56
CA ASP A 12 24.13 1.59 -11.37
C ASP A 12 23.56 2.26 -10.13
N ALA A 13 22.80 1.52 -9.37
CA ALA A 13 22.19 2.04 -8.16
C ALA A 13 22.04 0.93 -7.13
N GLN A 14 21.46 1.27 -6.00
CA GLN A 14 21.22 0.32 -4.93
C GLN A 14 20.09 0.80 -4.05
N PHE A 15 19.44 -0.12 -3.38
CA PHE A 15 18.34 0.20 -2.51
C PHE A 15 18.64 -0.22 -1.09
N ALA A 16 17.83 0.27 -0.15
CA ALA A 16 17.98 -0.14 1.24
C ALA A 16 17.64 -1.59 1.33
N LEU A 17 16.41 -1.90 1.02
CA LEU A 17 15.97 -3.26 1.01
C LEU A 17 16.19 -3.86 -0.35
N LYS A 18 16.52 -5.10 -0.44
CA LYS A 18 16.78 -5.68 -1.74
C LYS A 18 15.88 -6.87 -2.00
N GLU A 19 15.10 -7.23 -1.00
CA GLU A 19 14.12 -8.27 -1.11
C GLU A 19 13.01 -8.04 -0.10
N ILE A 20 11.78 -8.29 -0.51
CA ILE A 20 10.63 -8.08 0.34
C ILE A 20 9.51 -9.05 -0.03
N ASP A 21 8.75 -9.46 0.96
CA ASP A 21 7.62 -10.36 0.75
C ASP A 21 6.35 -9.56 0.55
N VAL A 22 5.64 -9.83 -0.54
CA VAL A 22 4.42 -9.12 -0.82
C VAL A 22 3.21 -9.97 -0.42
N SER A 23 2.60 -9.72 0.71
CA SER A 23 1.48 -10.59 1.09
C SER A 23 0.15 -9.85 1.23
N ALA A 24 -0.90 -10.53 0.78
CA ALA A 24 -2.27 -10.03 0.89
C ALA A 24 -2.97 -10.79 2.00
N ARG A 25 -3.84 -10.10 2.72
CA ARG A 25 -4.68 -10.72 3.74
C ARG A 25 -6.10 -10.17 3.61
N ASN A 26 -7.08 -11.08 3.54
CA ASN A 26 -8.51 -10.72 3.39
C ASN A 26 -8.83 -10.16 2.00
N ALA A 27 -8.04 -9.23 1.53
CA ALA A 27 -8.22 -8.64 0.23
C ALA A 27 -7.24 -9.25 -0.75
N TYR A 28 -7.75 -9.88 -1.80
CA TYR A 28 -6.91 -10.53 -2.77
C TYR A 28 -7.28 -10.05 -4.17
N GLY A 29 -6.40 -9.28 -4.78
CA GLY A 29 -6.68 -8.78 -6.11
C GLY A 29 -5.57 -7.87 -6.62
N PRO A 30 -5.93 -6.83 -7.40
CA PRO A 30 -4.94 -5.90 -7.98
C PRO A 30 -4.15 -5.14 -6.92
N THR A 31 -4.73 -5.02 -5.73
CA THR A 31 -4.10 -4.31 -4.61
C THR A 31 -2.71 -4.89 -4.27
N VAL A 32 -2.56 -6.21 -4.41
CA VAL A 32 -1.31 -6.85 -4.11
C VAL A 32 -0.49 -7.11 -5.39
N ARG A 33 -1.19 -7.38 -6.49
CA ARG A 33 -0.53 -7.65 -7.76
C ARG A 33 0.19 -6.42 -8.29
N GLU A 34 -0.49 -5.28 -8.29
CA GLU A 34 0.08 -4.05 -8.81
C GLU A 34 1.29 -3.63 -7.97
N LEU A 35 1.22 -3.85 -6.65
CA LEU A 35 2.34 -3.56 -5.76
C LEU A 35 3.54 -4.39 -6.22
N LYS A 36 3.33 -5.69 -6.27
CA LYS A 36 4.36 -6.64 -6.68
C LYS A 36 4.92 -6.27 -8.06
N GLU A 37 4.06 -5.94 -9.00
CA GLU A 37 4.50 -5.49 -10.33
C GLU A 37 5.43 -4.27 -10.21
N THR A 38 4.99 -3.29 -9.47
CA THR A 38 5.74 -2.06 -9.27
C THR A 38 7.08 -2.33 -8.58
N LEU A 39 7.09 -3.09 -7.50
CA LEU A 39 8.35 -3.34 -6.79
C LEU A 39 9.29 -4.19 -7.64
N GLU A 40 8.78 -5.19 -8.33
CA GLU A 40 9.63 -6.00 -9.19
C GLU A 40 10.27 -5.13 -10.29
N ASN A 41 9.43 -4.30 -10.89
CA ASN A 41 9.83 -3.47 -12.00
C ASN A 41 10.65 -2.22 -11.58
N SER A 42 10.75 -2.00 -10.27
CA SER A 42 11.60 -0.94 -9.73
C SER A 42 12.95 -1.55 -9.31
N GLY A 43 13.14 -2.83 -9.63
CA GLY A 43 14.37 -3.52 -9.33
C GLY A 43 14.30 -4.39 -8.09
N VAL A 44 13.27 -4.22 -7.30
CA VAL A 44 13.19 -4.92 -6.02
C VAL A 44 12.75 -6.37 -6.16
N LYS A 45 13.51 -7.30 -5.62
CA LYS A 45 13.10 -8.67 -5.73
C LYS A 45 12.12 -8.98 -4.63
N VAL A 46 11.07 -9.64 -5.00
CA VAL A 46 10.09 -10.05 -4.09
C VAL A 46 10.17 -11.55 -3.92
N THR A 47 10.18 -11.97 -2.68
CA THR A 47 10.33 -13.34 -2.35
C THR A 47 9.26 -13.71 -1.32
N SER A 48 9.12 -14.96 -1.00
CA SER A 48 8.27 -15.33 0.11
C SER A 48 9.05 -15.18 1.42
N ASN A 49 10.37 -15.30 1.31
CA ASN A 49 11.25 -15.37 2.47
C ASN A 49 12.15 -14.15 2.63
N ALA A 50 11.61 -12.97 2.45
CA ALA A 50 12.37 -11.75 2.70
C ALA A 50 12.53 -11.56 4.21
N PRO A 51 13.47 -10.69 4.66
CA PRO A 51 13.67 -10.47 6.08
C PRO A 51 12.56 -9.59 6.67
N TYR A 52 12.11 -8.63 5.88
CA TYR A 52 11.04 -7.76 6.29
C TYR A 52 9.81 -8.06 5.47
N HIS A 53 8.68 -8.09 6.12
CA HIS A 53 7.46 -8.49 5.47
C HIS A 53 6.44 -7.37 5.36
N LEU A 54 5.88 -7.21 4.19
CA LEU A 54 4.76 -6.30 4.00
C LEU A 54 3.57 -7.22 3.94
N VAL A 55 2.72 -7.08 4.93
CA VAL A 55 1.49 -7.83 5.00
C VAL A 55 0.31 -6.88 4.96
N LEU A 56 -0.39 -6.84 3.84
CA LEU A 56 -1.59 -6.02 3.71
C LEU A 56 -2.74 -6.79 4.34
N VAL A 57 -3.03 -6.40 5.57
CA VAL A 57 -3.95 -7.08 6.48
C VAL A 57 -5.40 -6.98 6.04
N ARG A 58 -5.78 -5.85 5.47
CA ARG A 58 -7.18 -5.63 5.12
C ARG A 58 -7.33 -4.43 4.21
N GLU A 59 -8.44 -4.32 3.53
CA GLU A 59 -8.65 -3.21 2.63
C GLU A 59 -10.11 -2.76 2.59
N ASP A 60 -10.33 -1.48 2.80
CA ASP A 60 -11.68 -0.92 2.82
C ASP A 60 -11.87 0.02 1.66
N ASN A 61 -13.11 0.33 1.33
CA ASN A 61 -13.34 1.20 0.20
C ASN A 61 -14.70 1.88 0.22
N GLN A 62 -14.68 3.15 0.59
CA GLN A 62 -15.88 3.87 0.93
C GLN A 62 -16.56 4.49 -0.26
N GLN A 63 -17.83 4.16 -0.38
CA GLN A 63 -18.70 4.68 -1.39
C GLN A 63 -20.10 4.75 -0.81
N ARG A 64 -20.50 5.96 -0.45
CA ARG A 64 -21.80 6.23 0.14
C ARG A 64 -22.28 7.57 -0.37
N THR A 65 -23.53 7.90 -0.13
CA THR A 65 -24.07 9.08 -0.71
C THR A 65 -23.88 10.34 0.12
N VAL A 66 -23.45 11.43 -0.47
CA VAL A 66 -23.31 12.66 0.30
C VAL A 66 -24.57 13.47 0.26
N SER A 67 -25.40 13.21 -0.76
CA SER A 67 -26.63 13.96 -0.99
C SER A 67 -26.30 15.33 -1.60
N TYR A 68 -27.27 15.91 -2.28
CA TYR A 68 -27.09 17.18 -2.92
C TYR A 68 -27.16 18.33 -1.93
N THR A 69 -26.04 19.01 -1.77
CA THR A 69 -25.97 20.16 -0.91
C THR A 69 -26.57 21.35 -1.65
N GLY A 70 -27.74 21.77 -1.21
CA GLY A 70 -28.35 22.95 -1.76
C GLY A 70 -29.78 22.71 -2.15
N SER A 71 -30.32 23.62 -2.92
CA SER A 71 -31.65 23.49 -3.42
C SER A 71 -31.60 22.77 -4.76
N ALA A 72 -30.41 22.75 -5.35
CA ALA A 72 -30.19 22.10 -6.60
C ALA A 72 -29.33 20.86 -6.43
N ARG A 73 -29.10 20.19 -7.54
CA ARG A 73 -28.37 18.90 -7.65
C ARG A 73 -26.88 18.93 -7.20
N GLY A 74 -26.53 19.78 -6.21
CA GLY A 74 -25.14 19.83 -5.69
C GLY A 74 -24.70 18.52 -4.99
N ALA A 75 -24.92 17.39 -5.61
CA ALA A 75 -24.51 16.11 -5.06
C ALA A 75 -23.06 15.81 -5.43
N GLU A 76 -22.16 16.06 -4.49
CA GLU A 76 -20.75 15.82 -4.69
C GLU A 76 -20.38 14.42 -4.20
N PHE A 77 -20.42 13.43 -5.08
CA PHE A 77 -20.13 12.06 -4.66
C PHE A 77 -18.64 11.92 -4.68
N GLU A 78 -18.18 11.18 -3.69
CA GLU A 78 -16.76 10.97 -3.48
C GLU A 78 -16.51 9.58 -2.90
N LEU A 79 -15.34 9.05 -3.17
CA LEU A 79 -14.95 7.74 -2.68
C LEU A 79 -13.60 7.79 -1.97
N THR A 80 -13.43 6.92 -1.00
CA THR A 80 -12.20 6.85 -0.24
C THR A 80 -11.73 5.41 -0.21
N ASN A 81 -10.45 5.20 -0.47
CA ASN A 81 -9.89 3.86 -0.48
C ASN A 81 -8.89 3.70 0.65
N THR A 82 -8.89 2.61 1.37
CA THR A 82 -7.95 2.46 2.49
C THR A 82 -7.36 1.06 2.52
N ILE A 83 -6.02 1.01 2.50
CA ILE A 83 -5.29 -0.24 2.55
C ILE A 83 -4.52 -0.33 3.85
N ASN A 84 -4.82 -1.33 4.64
CA ASN A 84 -4.17 -1.53 5.93
C ASN A 84 -3.02 -2.51 5.79
N TYR A 85 -1.88 -2.18 6.34
CA TYR A 85 -0.74 -3.05 6.23
C TYR A 85 0.15 -2.98 7.45
N GLU A 86 1.02 -3.95 7.58
CA GLU A 86 1.94 -4.00 8.68
C GLU A 86 3.29 -4.52 8.24
N ILE A 87 4.31 -4.19 8.97
CA ILE A 87 5.66 -4.57 8.65
C ILE A 87 6.12 -5.58 9.66
N VAL A 88 6.22 -6.82 9.24
CA VAL A 88 6.56 -7.88 10.14
C VAL A 88 8.02 -8.27 10.04
N GLY A 89 8.74 -8.23 11.16
CA GLY A 89 10.16 -8.52 11.11
C GLY A 89 10.44 -9.96 11.43
N ALA A 90 10.99 -10.18 12.60
CA ALA A 90 11.32 -11.53 13.04
C ALA A 90 10.36 -11.96 14.12
N ASN A 91 10.23 -13.27 14.31
CA ASN A 91 9.31 -13.85 15.32
C ASN A 91 7.86 -13.49 15.00
N ASP A 92 7.62 -13.10 13.73
CA ASP A 92 6.29 -12.65 13.28
C ASP A 92 5.85 -11.41 14.05
N LEU A 93 6.83 -10.69 14.56
CA LEU A 93 6.60 -9.49 15.35
C LEU A 93 6.39 -8.28 14.41
N VAL A 94 5.42 -7.43 14.74
CA VAL A 94 5.12 -6.25 13.94
C VAL A 94 6.05 -5.10 14.32
N LEU A 95 6.77 -4.59 13.34
CA LEU A 95 7.71 -3.50 13.55
C LEU A 95 7.00 -2.15 13.52
N MET A 96 6.20 -1.96 12.46
CA MET A 96 5.40 -0.76 12.30
C MET A 96 4.09 -1.15 11.65
N SER A 97 3.06 -0.38 11.94
CA SER A 97 1.76 -0.56 11.33
C SER A 97 1.29 0.78 10.76
N ASN A 98 0.86 0.77 9.51
CA ASN A 98 0.40 1.97 8.81
C ASN A 98 -0.62 1.52 7.77
N GLN A 99 -1.37 2.50 7.30
CA GLN A 99 -2.35 2.35 6.26
C GLN A 99 -2.14 3.49 5.30
N VAL A 100 -2.38 3.22 4.05
CA VAL A 100 -2.35 4.24 3.02
C VAL A 100 -3.74 4.44 2.47
N GLN A 101 -4.03 5.61 1.98
CA GLN A 101 -5.35 5.89 1.51
C GLN A 101 -5.36 6.86 0.34
N VAL A 102 -6.44 6.91 -0.38
CA VAL A 102 -6.56 7.90 -1.45
C VAL A 102 -8.01 8.33 -1.54
N GLN A 103 -8.23 9.62 -1.76
CA GLN A 103 -9.57 10.14 -1.77
C GLN A 103 -9.94 10.80 -3.10
N LYS A 104 -10.76 10.13 -3.88
CA LYS A 104 -11.15 10.65 -5.18
C LYS A 104 -12.59 11.06 -5.12
N VAL A 105 -12.85 12.25 -5.63
CA VAL A 105 -14.18 12.76 -5.75
C VAL A 105 -14.66 12.50 -7.19
N TYR A 106 -15.92 12.18 -7.34
CA TYR A 106 -16.44 11.82 -8.64
C TYR A 106 -17.22 12.96 -9.26
N VAL A 107 -16.87 13.30 -10.48
CA VAL A 107 -17.56 14.33 -11.21
C VAL A 107 -18.88 13.78 -11.72
N HIS A 108 -19.96 14.37 -11.27
CA HIS A 108 -21.26 13.92 -11.69
C HIS A 108 -21.90 14.92 -12.63
N ASP A 109 -22.06 14.53 -13.87
CA ASP A 109 -22.71 15.38 -14.85
C ASP A 109 -24.20 15.36 -14.63
N GLU A 110 -24.81 16.51 -14.72
CA GLU A 110 -26.23 16.64 -14.50
C GLU A 110 -27.01 15.89 -15.59
N ASN A 111 -26.41 15.81 -16.77
CA ASN A 111 -27.03 15.13 -17.89
C ASN A 111 -26.83 13.63 -17.80
N ASN A 112 -25.98 13.21 -16.87
CA ASN A 112 -25.69 11.80 -16.69
C ASN A 112 -26.15 11.35 -15.33
N LEU A 113 -27.44 11.17 -15.21
CA LEU A 113 -28.02 10.68 -13.99
C LEU A 113 -27.83 9.18 -13.94
N ILE A 114 -27.75 8.58 -15.13
CA ILE A 114 -27.55 7.16 -15.27
C ILE A 114 -26.12 6.88 -15.67
N GLY A 115 -25.68 7.59 -16.72
CA GLY A 115 -24.35 7.40 -17.27
C GLY A 115 -23.23 7.59 -16.27
N SER A 116 -23.36 8.59 -15.41
CA SER A 116 -22.32 8.89 -14.43
C SER A 116 -22.05 7.67 -13.55
N ASP A 117 -23.10 7.00 -13.10
CA ASP A 117 -22.97 5.83 -12.24
C ASP A 117 -22.33 4.68 -12.99
N GLN A 118 -22.54 4.65 -14.28
CA GLN A 118 -22.00 3.59 -15.11
C GLN A 118 -20.58 3.89 -15.50
N GLU A 119 -20.27 5.16 -15.60
CA GLU A 119 -18.94 5.62 -15.99
C GLU A 119 -17.99 5.55 -14.82
N ALA A 120 -18.55 5.72 -13.62
CA ALA A 120 -17.80 5.75 -12.37
C ALA A 120 -16.88 4.54 -12.22
N ALA A 121 -17.24 3.44 -12.91
CA ALA A 121 -16.43 2.25 -12.92
C ALA A 121 -15.01 2.55 -13.45
N GLN A 122 -14.93 3.50 -14.38
CA GLN A 122 -13.64 3.87 -14.98
C GLN A 122 -12.76 4.60 -13.96
N LEU A 123 -13.38 5.43 -13.11
CA LEU A 123 -12.63 6.09 -12.02
C LEU A 123 -12.27 4.99 -11.05
N ARG A 124 -13.10 4.00 -10.80
CA ARG A 124 -12.68 2.97 -9.84
C ARG A 124 -11.50 2.20 -10.43
N SER A 125 -11.56 1.98 -11.73
CA SER A 125 -10.48 1.32 -12.46
C SER A 125 -9.14 2.10 -12.30
N GLU A 126 -9.22 3.41 -12.47
CA GLU A 126 -8.05 4.30 -12.42
C GLU A 126 -7.43 4.33 -11.03
N MET A 127 -8.26 4.21 -9.99
CA MET A 127 -7.78 4.21 -8.58
C MET A 127 -6.65 3.21 -8.38
N ARG A 128 -6.64 2.19 -9.21
CA ARG A 128 -5.66 1.14 -9.15
C ARG A 128 -4.21 1.64 -9.24
N ARG A 129 -4.06 2.82 -9.88
CA ARG A 129 -2.76 3.47 -10.01
C ARG A 129 -2.38 4.15 -8.70
N ASP A 130 -3.36 4.85 -8.12
CA ASP A 130 -3.14 5.81 -7.03
C ASP A 130 -2.49 5.17 -5.84
N LEU A 131 -3.20 4.18 -5.33
CA LEU A 131 -2.83 3.49 -4.11
C LEU A 131 -1.41 2.96 -4.17
N ILE A 132 -1.07 2.35 -5.28
CA ILE A 132 0.23 1.73 -5.44
C ILE A 132 1.35 2.75 -5.43
N GLN A 133 1.18 3.82 -6.19
CA GLN A 133 2.18 4.88 -6.27
C GLN A 133 2.49 5.44 -4.89
N GLN A 134 1.43 5.77 -4.17
CA GLN A 134 1.56 6.31 -2.82
C GLN A 134 2.05 5.23 -1.85
N LEU A 135 1.66 3.99 -2.07
CA LEU A 135 1.97 2.91 -1.14
C LEU A 135 3.44 2.51 -1.17
N SER A 136 3.91 2.31 -2.43
CA SER A 136 5.28 1.95 -2.76
C SER A 136 6.30 2.85 -2.05
N MET A 137 5.99 4.15 -2.08
CA MET A 137 6.84 5.20 -1.55
C MET A 137 7.24 4.97 -0.10
N ARG A 138 6.36 4.37 0.67
CA ARG A 138 6.66 4.08 2.07
C ARG A 138 7.83 3.11 2.17
N LEU A 139 7.86 2.11 1.30
CA LEU A 139 8.95 1.13 1.30
C LEU A 139 10.28 1.78 0.96
N GLN A 140 10.22 2.76 0.06
CA GLN A 140 11.41 3.48 -0.39
C GLN A 140 12.03 4.28 0.76
N ALA A 141 11.19 4.75 1.65
CA ALA A 141 11.64 5.52 2.79
C ALA A 141 11.68 4.67 4.05
N LEU A 142 11.72 3.36 3.89
CA LEU A 142 12.00 2.51 5.03
C LEU A 142 13.47 2.16 5.00
N THR A 143 14.11 2.23 6.15
CA THR A 143 15.51 1.93 6.24
C THR A 143 15.72 0.71 7.11
N PRO A 144 16.82 -0.04 6.90
CA PRO A 144 17.12 -1.20 7.71
C PRO A 144 17.23 -0.82 9.19
N ALA A 145 17.78 0.36 9.44
CA ALA A 145 17.94 0.87 10.79
C ALA A 145 16.59 1.05 11.49
N GLN A 146 15.66 1.75 10.82
CA GLN A 146 14.33 2.02 11.37
C GLN A 146 13.59 0.72 11.69
N LEU A 147 13.78 -0.27 10.84
CA LEU A 147 13.14 -1.55 11.01
C LEU A 147 13.81 -2.34 12.14
N ASP A 148 15.13 -2.31 12.18
CA ASP A 148 15.89 -2.98 13.23
C ASP A 148 15.53 -2.43 14.59
N GLU A 149 15.51 -1.11 14.71
CA GLU A 149 15.22 -0.49 15.99
C GLU A 149 13.80 -0.80 16.45
N ALA A 150 12.86 -0.84 15.49
CA ALA A 150 11.48 -1.16 15.80
C ALA A 150 11.34 -2.57 16.37
N GLN A 151 12.13 -3.52 15.84
CA GLN A 151 12.15 -4.86 16.44
C GLN A 151 12.63 -4.71 17.87
N ARG A 152 13.80 -4.13 18.06
CA ARG A 152 14.44 -4.10 19.37
C ARG A 152 13.50 -3.58 20.47
N GLN A 153 12.94 -2.41 20.23
CA GLN A 153 12.06 -1.77 21.20
C GLN A 153 10.81 -2.60 21.47
N ALA A 154 10.31 -3.28 20.44
CA ALA A 154 9.13 -4.12 20.58
C ALA A 154 9.40 -5.31 21.49
N GLU A 155 10.55 -5.97 21.30
CA GLU A 155 10.91 -7.12 22.14
C GLU A 155 11.05 -6.69 23.59
N ALA A 156 11.73 -5.57 23.81
CA ALA A 156 11.91 -5.03 25.14
C ALA A 156 10.57 -4.70 25.77
N LYS A 157 9.66 -4.15 24.97
CA LYS A 157 8.33 -3.79 25.44
C LYS A 157 7.52 -5.02 25.82
N ALA A 158 7.50 -6.00 24.93
CA ALA A 158 6.73 -7.23 25.14
C ALA A 158 7.14 -7.91 26.43
N LYS A 159 8.42 -7.90 26.72
CA LYS A 159 8.94 -8.49 27.92
C LYS A 159 8.62 -7.61 29.14
N ALA A 160 8.75 -6.30 28.98
CA ALA A 160 8.49 -5.36 30.06
C ALA A 160 7.07 -5.48 30.58
N GLU A 161 6.12 -5.67 29.66
CA GLU A 161 4.72 -5.82 30.04
C GLU A 161 4.51 -7.10 30.85
N ALA A 162 5.34 -8.10 30.57
CA ALA A 162 5.27 -9.37 31.27
C ALA A 162 5.89 -9.27 32.66
N GLU A 163 6.96 -8.50 32.78
CA GLU A 163 7.63 -8.32 34.06
C GLU A 163 6.83 -7.40 34.96
N ALA A 164 6.00 -6.57 34.36
CA ALA A 164 5.15 -5.64 35.09
C ALA A 164 3.92 -6.36 35.68
N LEU A 165 3.69 -7.58 35.23
CA LEU A 165 2.56 -8.39 35.69
C LEU A 165 2.65 -8.68 37.20
N ARG A 166 1.58 -9.23 37.73
CA ARG A 166 1.50 -9.55 39.15
C ARG A 166 1.92 -11.00 39.39
N GLY A 1 25.53 -3.88 -39.40
CA GLY A 1 26.57 -3.12 -38.68
C GLY A 1 26.02 -1.87 -38.05
N THR A 2 26.75 -1.32 -37.09
CA THR A 2 26.34 -0.10 -36.41
C THR A 2 27.55 0.61 -35.80
N SER A 3 27.43 1.92 -35.64
CA SER A 3 28.50 2.71 -35.07
C SER A 3 27.91 3.88 -34.28
N GLY A 4 28.68 4.40 -33.34
CA GLY A 4 28.20 5.48 -32.52
C GLY A 4 27.28 5.01 -31.42
N PHE A 5 27.72 4.01 -30.68
CA PHE A 5 26.93 3.44 -29.61
C PHE A 5 27.77 3.26 -28.37
N GLN A 6 27.16 3.42 -27.22
CA GLN A 6 27.83 3.25 -25.95
C GLN A 6 26.84 2.84 -24.88
N LEU A 7 27.36 2.49 -23.73
CA LEU A 7 26.53 2.12 -22.61
C LEU A 7 26.60 3.19 -21.55
N ARG A 8 25.75 3.10 -20.55
CA ARG A 8 25.72 4.08 -19.49
C ARG A 8 26.52 3.61 -18.30
N GLY A 9 26.61 4.47 -17.30
CA GLY A 9 27.34 4.14 -16.11
C GLY A 9 26.71 3.02 -15.34
N LEU A 10 25.59 3.30 -14.71
CA LEU A 10 24.86 2.29 -13.96
C LEU A 10 23.58 1.93 -14.67
N GLY A 11 23.16 0.70 -14.48
CA GLY A 11 21.93 0.24 -15.09
C GLY A 11 20.73 0.73 -14.33
N ASP A 12 20.89 0.92 -13.03
CA ASP A 12 19.83 1.41 -12.17
C ASP A 12 20.42 1.91 -10.86
N ALA A 13 19.57 2.37 -9.98
CA ALA A 13 19.99 2.88 -8.69
C ALA A 13 19.87 1.79 -7.63
N GLN A 14 20.12 2.15 -6.40
CA GLN A 14 20.02 1.19 -5.32
C GLN A 14 19.06 1.69 -4.25
N PHE A 15 18.40 0.77 -3.59
CA PHE A 15 17.45 1.09 -2.54
C PHE A 15 17.95 0.58 -1.21
N ALA A 16 17.23 0.92 -0.15
CA ALA A 16 17.58 0.44 1.17
C ALA A 16 17.41 -1.06 1.23
N LEU A 17 16.18 -1.52 1.03
CA LEU A 17 15.91 -2.93 1.00
C LEU A 17 16.12 -3.50 -0.38
N LYS A 18 16.42 -4.78 -0.46
CA LYS A 18 16.65 -5.41 -1.76
C LYS A 18 15.71 -6.56 -1.94
N GLU A 19 15.28 -7.10 -0.83
CA GLU A 19 14.37 -8.21 -0.80
C GLU A 19 13.21 -7.91 0.14
N ILE A 20 12.02 -8.15 -0.34
CA ILE A 20 10.82 -7.94 0.45
C ILE A 20 9.73 -8.91 0.01
N ASP A 21 8.96 -9.40 0.95
CA ASP A 21 7.89 -10.33 0.67
C ASP A 21 6.56 -9.61 0.52
N VAL A 22 5.80 -9.96 -0.51
CA VAL A 22 4.49 -9.35 -0.70
C VAL A 22 3.40 -10.28 -0.20
N SER A 23 2.88 -10.07 0.97
CA SER A 23 1.82 -10.91 1.43
C SER A 23 0.57 -10.14 1.80
N ALA A 24 -0.53 -10.84 1.80
CA ALA A 24 -1.80 -10.30 2.18
C ALA A 24 -2.39 -11.22 3.24
N ARG A 25 -3.56 -10.90 3.70
CA ARG A 25 -4.28 -11.79 4.60
C ARG A 25 -4.93 -12.90 3.78
N ASN A 26 -5.61 -13.83 4.45
CA ASN A 26 -6.31 -14.93 3.78
C ASN A 26 -7.12 -14.42 2.59
N ALA A 27 -7.70 -13.24 2.75
CA ALA A 27 -8.42 -12.59 1.67
C ALA A 27 -7.43 -11.81 0.80
N TYR A 28 -7.16 -12.34 -0.37
CA TYR A 28 -6.20 -11.73 -1.28
C TYR A 28 -6.91 -10.93 -2.36
N GLY A 29 -6.37 -9.77 -2.65
CA GLY A 29 -6.92 -8.93 -3.68
C GLY A 29 -5.88 -8.58 -4.72
N PRO A 30 -6.26 -7.94 -5.82
CA PRO A 30 -5.33 -7.58 -6.90
C PRO A 30 -4.27 -6.56 -6.44
N THR A 31 -4.57 -5.83 -5.38
CA THR A 31 -3.68 -4.82 -4.85
C THR A 31 -2.29 -5.40 -4.50
N VAL A 32 -2.26 -6.57 -3.88
CA VAL A 32 -1.00 -7.20 -3.49
C VAL A 32 -0.22 -7.65 -4.74
N ARG A 33 -0.94 -7.94 -5.80
CA ARG A 33 -0.35 -8.34 -7.07
C ARG A 33 0.41 -7.17 -7.69
N GLU A 34 -0.25 -6.01 -7.75
CA GLU A 34 0.36 -4.79 -8.29
C GLU A 34 1.65 -4.42 -7.53
N LEU A 35 1.67 -4.69 -6.23
CA LEU A 35 2.86 -4.46 -5.41
C LEU A 35 4.04 -5.25 -5.97
N LYS A 36 3.79 -6.54 -6.22
CA LYS A 36 4.81 -7.43 -6.76
C LYS A 36 5.31 -6.90 -8.10
N GLU A 37 4.38 -6.49 -8.95
CA GLU A 37 4.74 -5.94 -10.24
C GLU A 37 5.66 -4.72 -10.08
N THR A 38 5.17 -3.72 -9.37
CA THR A 38 5.91 -2.46 -9.17
C THR A 38 7.27 -2.73 -8.51
N LEU A 39 7.34 -3.53 -7.47
CA LEU A 39 8.63 -3.79 -6.81
C LEU A 39 9.56 -4.51 -7.77
N GLU A 40 9.05 -5.44 -8.54
CA GLU A 40 9.90 -6.16 -9.50
C GLU A 40 10.47 -5.20 -10.57
N ASN A 41 9.64 -4.27 -11.02
CA ASN A 41 10.04 -3.33 -12.08
C ASN A 41 10.79 -2.10 -11.57
N SER A 42 11.08 -2.11 -10.27
CA SER A 42 11.82 -1.02 -9.63
C SER A 42 13.21 -1.51 -9.17
N GLY A 43 13.57 -2.73 -9.57
CA GLY A 43 14.85 -3.30 -9.13
C GLY A 43 14.73 -3.88 -7.73
N VAL A 44 13.55 -4.28 -7.32
CA VAL A 44 13.41 -4.85 -5.99
C VAL A 44 13.02 -6.31 -6.11
N LYS A 45 13.69 -7.19 -5.41
CA LYS A 45 13.36 -8.58 -5.50
C LYS A 45 12.41 -8.94 -4.40
N VAL A 46 11.35 -9.57 -4.80
CA VAL A 46 10.35 -10.03 -3.90
C VAL A 46 10.43 -11.52 -3.77
N THR A 47 10.64 -11.97 -2.57
CA THR A 47 10.80 -13.35 -2.31
C THR A 47 9.76 -13.78 -1.30
N SER A 48 9.60 -15.05 -1.07
CA SER A 48 8.73 -15.49 -0.02
C SER A 48 9.45 -15.38 1.32
N ASN A 49 10.77 -15.53 1.25
CA ASN A 49 11.61 -15.64 2.44
C ASN A 49 12.35 -14.35 2.77
N ALA A 50 11.74 -13.22 2.45
CA ALA A 50 12.35 -11.93 2.78
C ALA A 50 12.43 -11.73 4.29
N PRO A 51 13.42 -10.96 4.78
CA PRO A 51 13.58 -10.70 6.21
C PRO A 51 12.49 -9.78 6.75
N TYR A 52 11.99 -8.91 5.90
CA TYR A 52 10.91 -8.02 6.27
C TYR A 52 9.70 -8.31 5.43
N HIS A 53 8.56 -8.33 6.06
CA HIS A 53 7.34 -8.68 5.37
C HIS A 53 6.34 -7.55 5.32
N LEU A 54 5.79 -7.34 4.14
CA LEU A 54 4.70 -6.43 3.95
C LEU A 54 3.50 -7.35 3.86
N VAL A 55 2.59 -7.18 4.79
CA VAL A 55 1.35 -7.89 4.80
C VAL A 55 0.17 -6.91 4.80
N LEU A 56 -0.53 -6.86 3.69
CA LEU A 56 -1.71 -6.01 3.57
C LEU A 56 -2.87 -6.75 4.21
N VAL A 57 -3.34 -6.11 5.27
CA VAL A 57 -4.27 -6.70 6.23
C VAL A 57 -5.74 -6.54 5.86
N ARG A 58 -6.06 -5.38 5.33
CA ARG A 58 -7.44 -5.03 5.04
C ARG A 58 -7.50 -3.88 4.05
N GLU A 59 -8.55 -3.85 3.26
CA GLU A 59 -8.73 -2.80 2.27
C GLU A 59 -10.19 -2.36 2.26
N ASP A 60 -10.41 -1.08 2.52
CA ASP A 60 -11.77 -0.52 2.55
C ASP A 60 -11.94 0.42 1.39
N ASN A 61 -13.14 0.47 0.84
CA ASN A 61 -13.39 1.31 -0.31
C ASN A 61 -14.75 2.00 -0.26
N GLN A 62 -14.73 3.25 0.17
CA GLN A 62 -15.96 3.95 0.54
C GLN A 62 -16.64 4.68 -0.58
N GLN A 63 -17.94 4.51 -0.66
CA GLN A 63 -18.80 5.23 -1.57
C GLN A 63 -20.13 5.49 -0.86
N ARG A 64 -20.28 6.73 -0.44
CA ARG A 64 -21.49 7.23 0.21
C ARG A 64 -21.83 8.59 -0.40
N THR A 65 -23.02 9.08 -0.12
CA THR A 65 -23.47 10.29 -0.76
C THR A 65 -23.26 11.56 0.09
N VAL A 66 -22.94 12.69 -0.49
CA VAL A 66 -22.88 13.91 0.32
C VAL A 66 -24.24 14.62 0.34
N SER A 67 -25.06 14.35 -0.68
CA SER A 67 -26.40 14.92 -0.79
C SER A 67 -26.35 16.41 -1.16
N TYR A 68 -27.39 16.87 -1.86
CA TYR A 68 -27.49 18.26 -2.26
C TYR A 68 -28.52 18.96 -1.39
N THR A 69 -28.32 20.24 -1.17
CA THR A 69 -29.24 21.02 -0.36
C THR A 69 -30.52 21.31 -1.17
N GLY A 70 -31.51 21.86 -0.50
CA GLY A 70 -32.81 22.05 -1.11
C GLY A 70 -32.90 23.34 -1.86
N SER A 71 -31.83 23.67 -2.55
CA SER A 71 -31.76 24.89 -3.31
C SER A 71 -31.02 24.66 -4.62
N ALA A 72 -30.07 23.71 -4.62
CA ALA A 72 -29.31 23.44 -5.82
C ALA A 72 -28.68 22.04 -5.80
N ARG A 73 -28.33 21.59 -6.98
CA ARG A 73 -27.67 20.29 -7.27
C ARG A 73 -26.25 20.17 -6.66
N GLY A 74 -26.01 20.85 -5.56
CA GLY A 74 -24.67 20.89 -4.96
C GLY A 74 -24.15 19.56 -4.40
N ALA A 75 -24.84 18.47 -4.68
CA ALA A 75 -24.40 17.13 -4.28
C ALA A 75 -23.21 16.67 -5.12
N GLU A 76 -22.63 15.56 -4.70
CA GLU A 76 -21.49 14.95 -5.37
C GLU A 76 -21.21 13.60 -4.74
N PHE A 77 -20.37 12.82 -5.37
CA PHE A 77 -19.94 11.54 -4.84
C PHE A 77 -18.45 11.59 -4.65
N GLU A 78 -17.99 10.97 -3.60
CA GLU A 78 -16.57 10.95 -3.31
C GLU A 78 -16.13 9.55 -2.89
N LEU A 79 -15.02 9.14 -3.44
CA LEU A 79 -14.44 7.84 -3.16
C LEU A 79 -13.22 7.99 -2.27
N THR A 80 -13.19 7.22 -1.22
CA THR A 80 -12.08 7.16 -0.31
C THR A 80 -11.66 5.72 -0.27
N ASN A 81 -10.38 5.48 -0.44
CA ASN A 81 -9.86 4.13 -0.40
C ASN A 81 -8.84 3.97 0.72
N THR A 82 -8.88 2.90 1.46
CA THR A 82 -7.92 2.75 2.54
C THR A 82 -7.29 1.36 2.49
N ILE A 83 -5.97 1.34 2.39
CA ILE A 83 -5.22 0.10 2.36
C ILE A 83 -4.43 -0.04 3.65
N ASN A 84 -4.74 -1.05 4.43
CA ASN A 84 -4.08 -1.27 5.70
C ASN A 84 -3.01 -2.32 5.55
N TYR A 85 -1.86 -2.08 6.14
CA TYR A 85 -0.75 -3.00 6.03
C TYR A 85 0.08 -2.96 7.29
N GLU A 86 0.90 -3.97 7.43
CA GLU A 86 1.74 -4.11 8.57
C GLU A 86 3.14 -4.55 8.13
N ILE A 87 4.13 -4.21 8.92
CA ILE A 87 5.51 -4.56 8.62
C ILE A 87 5.96 -5.57 9.64
N VAL A 88 6.20 -6.79 9.20
CA VAL A 88 6.58 -7.83 10.12
C VAL A 88 8.06 -8.19 10.00
N GLY A 89 8.76 -8.22 11.12
CA GLY A 89 10.18 -8.51 11.08
C GLY A 89 10.45 -9.96 11.37
N ALA A 90 11.08 -10.22 12.50
CA ALA A 90 11.38 -11.57 12.91
C ALA A 90 10.44 -11.94 14.04
N ASN A 91 10.38 -13.22 14.39
CA ASN A 91 9.55 -13.71 15.51
C ASN A 91 8.06 -13.46 15.26
N ASP A 92 7.73 -13.13 13.99
CA ASP A 92 6.33 -12.79 13.61
C ASP A 92 5.90 -11.53 14.37
N LEU A 93 6.89 -10.78 14.82
CA LEU A 93 6.68 -9.57 15.60
C LEU A 93 6.42 -8.36 14.70
N VAL A 94 5.48 -7.52 15.09
CA VAL A 94 5.11 -6.33 14.35
C VAL A 94 6.15 -5.22 14.53
N LEU A 95 6.71 -4.76 13.41
CA LEU A 95 7.75 -3.75 13.47
C LEU A 95 7.18 -2.34 13.36
N MET A 96 6.44 -2.14 12.28
CA MET A 96 5.77 -0.89 11.96
C MET A 96 4.38 -1.22 11.44
N SER A 97 3.42 -0.34 11.75
CA SER A 97 2.08 -0.46 11.20
C SER A 97 1.61 0.90 10.66
N ASN A 98 1.09 0.89 9.44
CA ASN A 98 0.59 2.09 8.78
C ASN A 98 -0.43 1.67 7.74
N GLN A 99 -1.17 2.65 7.27
CA GLN A 99 -2.13 2.51 6.20
C GLN A 99 -2.00 3.76 5.31
N VAL A 100 -2.22 3.56 4.03
CA VAL A 100 -2.21 4.66 3.05
C VAL A 100 -3.61 4.85 2.50
N GLN A 101 -3.89 6.03 1.97
CA GLN A 101 -5.23 6.30 1.47
C GLN A 101 -5.23 7.27 0.28
N VAL A 102 -6.29 7.24 -0.49
CA VAL A 102 -6.46 8.18 -1.61
C VAL A 102 -7.90 8.66 -1.64
N GLN A 103 -8.10 9.96 -1.87
CA GLN A 103 -9.44 10.54 -1.86
C GLN A 103 -9.82 11.27 -3.15
N LYS A 104 -10.77 10.77 -3.90
CA LYS A 104 -11.16 11.41 -5.15
C LYS A 104 -12.67 11.59 -5.22
N VAL A 105 -13.07 12.82 -5.59
CA VAL A 105 -14.46 13.18 -5.77
C VAL A 105 -14.83 12.98 -7.24
N TYR A 106 -15.98 12.39 -7.50
CA TYR A 106 -16.40 12.16 -8.87
C TYR A 106 -17.79 12.75 -9.09
N VAL A 107 -17.87 13.81 -9.88
CA VAL A 107 -19.15 14.42 -10.18
C VAL A 107 -19.16 15.16 -11.54
N HIS A 108 -19.98 14.70 -12.46
CA HIS A 108 -20.25 15.40 -13.70
C HIS A 108 -21.72 15.32 -13.96
N ASP A 109 -22.42 16.40 -13.80
CA ASP A 109 -23.86 16.37 -13.92
C ASP A 109 -24.40 17.42 -14.86
N GLU A 110 -23.90 17.47 -16.08
CA GLU A 110 -24.49 18.38 -17.01
C GLU A 110 -25.78 17.76 -17.51
N ASN A 111 -25.64 16.53 -17.98
CA ASN A 111 -26.77 15.72 -18.41
C ASN A 111 -26.78 14.39 -17.64
N ASN A 112 -25.69 14.15 -16.92
CA ASN A 112 -25.48 12.87 -16.23
C ASN A 112 -26.15 12.82 -14.88
N LEU A 113 -27.41 12.46 -14.88
CA LEU A 113 -28.14 12.28 -13.65
C LEU A 113 -27.98 10.82 -13.22
N ILE A 114 -28.14 9.92 -14.17
CA ILE A 114 -28.01 8.49 -13.92
C ILE A 114 -26.66 8.03 -14.45
N GLY A 115 -26.26 8.60 -15.58
CA GLY A 115 -24.99 8.26 -16.21
C GLY A 115 -23.82 8.43 -15.28
N SER A 116 -23.90 9.42 -14.41
CA SER A 116 -22.85 9.68 -13.42
C SER A 116 -22.55 8.44 -12.60
N ASP A 117 -23.59 7.72 -12.22
CA ASP A 117 -23.45 6.52 -11.41
C ASP A 117 -22.83 5.38 -12.22
N GLN A 118 -23.07 5.43 -13.51
CA GLN A 118 -22.57 4.41 -14.42
C GLN A 118 -21.13 4.70 -14.82
N GLU A 119 -20.78 5.98 -14.84
CA GLU A 119 -19.47 6.43 -15.24
C GLU A 119 -18.48 6.26 -14.11
N ALA A 120 -19.00 6.38 -12.89
CA ALA A 120 -18.21 6.32 -11.68
C ALA A 120 -17.32 5.09 -11.60
N ALA A 121 -17.74 4.02 -12.25
CA ALA A 121 -16.98 2.79 -12.30
C ALA A 121 -15.63 2.97 -13.04
N GLN A 122 -15.60 3.91 -13.99
CA GLN A 122 -14.37 4.17 -14.77
C GLN A 122 -13.31 4.82 -13.88
N LEU A 123 -13.76 5.76 -13.06
CA LEU A 123 -12.90 6.44 -12.09
C LEU A 123 -12.68 5.44 -10.97
N ARG A 124 -13.59 4.58 -10.59
CA ARG A 124 -13.24 3.67 -9.50
C ARG A 124 -12.16 2.70 -10.02
N SER A 125 -12.24 2.32 -11.27
CA SER A 125 -11.18 1.52 -11.88
C SER A 125 -9.84 2.24 -11.82
N GLU A 126 -9.90 3.56 -12.04
CA GLU A 126 -8.72 4.41 -12.08
C GLU A 126 -7.97 4.41 -10.75
N MET A 127 -8.73 4.37 -9.65
CA MET A 127 -8.15 4.41 -8.28
C MET A 127 -7.04 3.40 -8.10
N ARG A 128 -7.06 2.35 -8.90
CA ARG A 128 -6.07 1.30 -8.84
C ARG A 128 -4.65 1.80 -9.12
N ARG A 129 -4.59 2.89 -9.90
CA ARG A 129 -3.32 3.56 -10.18
C ARG A 129 -2.82 4.18 -8.89
N ASP A 130 -3.78 4.81 -8.20
CA ASP A 130 -3.51 5.69 -7.07
C ASP A 130 -2.83 5.00 -5.94
N LEU A 131 -3.45 3.88 -5.60
CA LEU A 131 -3.07 3.03 -4.50
C LEU A 131 -1.61 2.68 -4.57
N ILE A 132 -1.19 2.18 -5.71
CA ILE A 132 0.16 1.70 -5.89
C ILE A 132 1.19 2.82 -5.78
N GLN A 133 0.92 3.94 -6.44
CA GLN A 133 1.84 5.07 -6.42
C GLN A 133 2.05 5.59 -5.00
N GLN A 134 0.96 5.82 -4.28
CA GLN A 134 1.03 6.30 -2.90
C GLN A 134 1.56 5.19 -1.99
N LEU A 135 1.22 3.96 -2.25
CA LEU A 135 1.59 2.89 -1.34
C LEU A 135 3.07 2.50 -1.40
N SER A 136 3.57 2.36 -2.66
CA SER A 136 4.96 2.03 -2.94
C SER A 136 5.95 2.92 -2.18
N MET A 137 5.55 4.21 -2.13
CA MET A 137 6.33 5.30 -1.59
C MET A 137 6.82 5.05 -0.17
N ARG A 138 6.02 4.41 0.62
CA ARG A 138 6.46 4.13 1.96
C ARG A 138 7.55 3.06 2.01
N LEU A 139 7.55 2.15 1.04
CA LEU A 139 8.60 1.15 0.93
C LEU A 139 9.93 1.81 0.55
N GLN A 140 9.90 2.71 -0.45
CA GLN A 140 11.14 3.39 -0.88
C GLN A 140 11.75 4.17 0.28
N ALA A 141 10.89 4.72 1.12
CA ALA A 141 11.31 5.56 2.23
C ALA A 141 11.32 4.76 3.53
N LEU A 142 11.42 3.46 3.41
CA LEU A 142 11.61 2.63 4.56
C LEU A 142 13.12 2.53 4.74
N THR A 143 13.58 2.59 5.97
CA THR A 143 14.98 2.48 6.25
C THR A 143 15.20 1.31 7.19
N PRO A 144 16.21 0.47 6.91
CA PRO A 144 16.53 -0.70 7.73
C PRO A 144 16.69 -0.36 9.21
N ALA A 145 17.26 0.81 9.48
CA ALA A 145 17.49 1.28 10.85
C ALA A 145 16.22 1.30 11.70
N GLN A 146 15.15 1.93 11.19
CA GLN A 146 13.90 2.02 11.93
C GLN A 146 13.27 0.65 12.14
N LEU A 147 13.49 -0.23 11.18
CA LEU A 147 12.93 -1.57 11.25
C LEU A 147 13.66 -2.41 12.31
N ASP A 148 14.98 -2.38 12.26
CA ASP A 148 15.81 -3.11 13.22
C ASP A 148 15.55 -2.60 14.63
N GLU A 149 15.48 -1.29 14.80
CA GLU A 149 15.24 -0.74 16.13
C GLU A 149 13.84 -1.10 16.62
N ALA A 150 12.87 -1.14 15.70
CA ALA A 150 11.50 -1.50 16.03
C ALA A 150 11.40 -2.93 16.54
N GLN A 151 12.20 -3.83 15.98
CA GLN A 151 12.27 -5.19 16.53
C GLN A 151 12.78 -5.09 17.95
N ARG A 152 13.95 -4.51 18.14
CA ARG A 152 14.61 -4.55 19.43
C ARG A 152 13.73 -4.04 20.57
N GLN A 153 13.15 -2.86 20.35
CA GLN A 153 12.29 -2.23 21.33
C GLN A 153 11.06 -3.08 21.64
N ALA A 154 10.54 -3.75 20.61
CA ALA A 154 9.39 -4.61 20.77
C ALA A 154 9.75 -5.84 21.58
N GLU A 155 10.93 -6.42 21.31
CA GLU A 155 11.40 -7.59 22.06
C GLU A 155 11.47 -7.25 23.54
N ALA A 156 12.11 -6.12 23.82
CA ALA A 156 12.29 -5.64 25.18
C ALA A 156 10.94 -5.41 25.86
N LYS A 157 10.06 -4.71 25.17
CA LYS A 157 8.75 -4.39 25.68
C LYS A 157 7.91 -5.67 25.90
N ALA A 158 7.96 -6.58 24.95
CA ALA A 158 7.21 -7.83 25.03
C ALA A 158 7.66 -8.67 26.22
N LYS A 159 8.96 -8.69 26.46
CA LYS A 159 9.52 -9.42 27.57
C LYS A 159 9.24 -8.73 28.89
N ALA A 160 9.30 -7.40 28.88
CA ALA A 160 9.01 -6.61 30.07
C ALA A 160 7.61 -6.89 30.58
N GLU A 161 6.66 -6.98 29.65
CA GLU A 161 5.27 -7.26 29.98
C GLU A 161 5.12 -8.63 30.63
N ALA A 162 6.04 -9.52 30.30
CA ALA A 162 6.04 -10.85 30.88
C ALA A 162 6.60 -10.83 32.28
N GLU A 163 7.82 -10.31 32.43
CA GLU A 163 8.51 -10.22 33.71
C GLU A 163 7.77 -9.33 34.71
N ALA A 164 6.93 -8.48 34.18
CA ALA A 164 6.09 -7.60 35.00
C ALA A 164 5.18 -8.39 35.96
N LEU A 165 5.05 -9.70 35.71
CA LEU A 165 4.22 -10.57 36.56
C LEU A 165 4.80 -10.71 37.98
N ARG A 166 4.12 -11.50 38.80
CA ARG A 166 4.57 -11.74 40.16
C ARG A 166 5.76 -12.70 40.17
N GLY A 1 26.26 -9.48 -41.38
CA GLY A 1 25.83 -10.35 -40.26
C GLY A 1 25.17 -9.54 -39.16
N THR A 2 24.36 -10.21 -38.35
CA THR A 2 23.67 -9.55 -37.26
C THR A 2 24.63 -9.07 -36.18
N SER A 3 24.60 -7.79 -35.88
CA SER A 3 25.46 -7.21 -34.87
C SER A 3 24.78 -6.01 -34.22
N GLY A 4 24.75 -6.01 -32.90
CA GLY A 4 24.15 -4.92 -32.18
C GLY A 4 23.27 -5.39 -31.06
N PHE A 5 23.65 -5.08 -29.84
CA PHE A 5 22.88 -5.46 -28.68
C PHE A 5 21.80 -4.44 -28.38
N GLN A 6 20.95 -4.74 -27.42
CA GLN A 6 19.86 -3.86 -27.06
C GLN A 6 20.35 -2.63 -26.32
N LEU A 7 19.71 -1.51 -26.60
CA LEU A 7 20.05 -0.26 -25.96
C LEU A 7 19.40 -0.18 -24.60
N ARG A 8 20.14 0.28 -23.63
CA ARG A 8 19.66 0.36 -22.26
C ARG A 8 19.92 1.74 -21.69
N GLY A 9 19.29 2.03 -20.58
CA GLY A 9 19.47 3.33 -19.96
C GLY A 9 20.33 3.23 -18.72
N LEU A 10 19.72 2.86 -17.61
CA LEU A 10 20.44 2.71 -16.37
C LEU A 10 20.02 1.42 -15.68
N GLY A 11 20.96 0.52 -15.54
CA GLY A 11 20.68 -0.75 -14.90
C GLY A 11 21.56 -0.98 -13.71
N ASP A 12 21.70 0.04 -12.88
CA ASP A 12 22.56 -0.03 -11.70
C ASP A 12 22.09 0.95 -10.64
N ALA A 13 21.46 0.42 -9.61
CA ALA A 13 20.96 1.22 -8.51
C ALA A 13 20.63 0.31 -7.34
N GLN A 14 20.54 0.88 -6.16
CA GLN A 14 20.20 0.10 -4.98
C GLN A 14 19.29 0.87 -4.05
N PHE A 15 18.49 0.12 -3.33
CA PHE A 15 17.56 0.68 -2.38
C PHE A 15 17.88 0.18 -1.00
N ALA A 16 17.04 0.51 -0.05
CA ALA A 16 17.18 0.00 1.30
C ALA A 16 16.93 -1.48 1.28
N LEU A 17 15.73 -1.85 0.89
CA LEU A 17 15.37 -3.25 0.74
C LEU A 17 15.80 -3.79 -0.61
N LYS A 18 16.27 -5.02 -0.63
CA LYS A 18 16.68 -5.65 -1.88
C LYS A 18 15.78 -6.81 -2.16
N GLU A 19 15.17 -7.29 -1.11
CA GLU A 19 14.21 -8.35 -1.19
C GLU A 19 13.23 -8.19 -0.05
N ILE A 20 11.98 -8.47 -0.37
CA ILE A 20 10.90 -8.30 0.57
C ILE A 20 9.79 -9.30 0.24
N ASP A 21 9.13 -9.81 1.26
CA ASP A 21 8.04 -10.75 1.05
C ASP A 21 6.76 -9.96 0.94
N VAL A 22 6.03 -10.12 -0.14
CA VAL A 22 4.86 -9.30 -0.32
C VAL A 22 3.59 -10.10 -0.54
N SER A 23 2.73 -10.07 0.45
CA SER A 23 1.65 -11.04 0.50
C SER A 23 0.30 -10.42 0.84
N ALA A 24 -0.73 -11.14 0.45
CA ALA A 24 -2.08 -10.78 0.77
C ALA A 24 -2.61 -11.72 1.85
N ARG A 25 -3.61 -11.27 2.56
CA ARG A 25 -4.26 -12.09 3.58
C ARG A 25 -5.41 -12.87 2.97
N ASN A 26 -6.11 -13.67 3.79
CA ASN A 26 -7.31 -14.41 3.36
C ASN A 26 -8.16 -13.58 2.40
N ALA A 27 -8.41 -12.33 2.78
CA ALA A 27 -9.10 -11.41 1.90
C ALA A 27 -8.07 -10.62 1.11
N TYR A 28 -7.84 -11.05 -0.12
CA TYR A 28 -6.82 -10.46 -0.96
C TYR A 28 -7.43 -9.50 -1.97
N GLY A 29 -6.61 -8.62 -2.49
CA GLY A 29 -7.05 -7.68 -3.49
C GLY A 29 -6.05 -7.54 -4.60
N PRO A 30 -6.44 -6.96 -5.75
CA PRO A 30 -5.54 -6.79 -6.90
C PRO A 30 -4.36 -5.86 -6.59
N THR A 31 -4.54 -5.03 -5.58
CA THR A 31 -3.52 -4.07 -5.16
C THR A 31 -2.19 -4.76 -4.81
N VAL A 32 -2.30 -5.94 -4.20
CA VAL A 32 -1.12 -6.70 -3.79
C VAL A 32 -0.31 -7.16 -5.00
N ARG A 33 -1.04 -7.56 -6.03
CA ARG A 33 -0.42 -8.02 -7.28
C ARG A 33 0.34 -6.88 -7.94
N GLU A 34 -0.31 -5.73 -8.08
CA GLU A 34 0.30 -4.56 -8.71
C GLU A 34 1.55 -4.14 -7.92
N LEU A 35 1.53 -4.34 -6.59
CA LEU A 35 2.69 -4.02 -5.75
C LEU A 35 3.93 -4.70 -6.29
N LYS A 36 3.95 -6.01 -6.20
CA LYS A 36 5.09 -6.81 -6.65
C LYS A 36 5.52 -6.48 -8.08
N GLU A 37 4.55 -6.15 -8.95
CA GLU A 37 4.88 -5.71 -10.31
C GLU A 37 5.78 -4.47 -10.27
N THR A 38 5.32 -3.47 -9.53
CA THR A 38 6.07 -2.22 -9.35
C THR A 38 7.43 -2.51 -8.72
N LEU A 39 7.47 -3.30 -7.67
CA LEU A 39 8.75 -3.62 -7.01
C LEU A 39 9.67 -4.37 -7.98
N GLU A 40 9.17 -5.41 -8.62
CA GLU A 40 9.99 -6.20 -9.54
C GLU A 40 10.56 -5.32 -10.66
N ASN A 41 9.72 -4.43 -11.14
CA ASN A 41 10.06 -3.57 -12.24
C ASN A 41 10.85 -2.30 -11.82
N SER A 42 10.99 -2.14 -10.51
CA SER A 42 11.76 -1.02 -9.95
C SER A 42 13.14 -1.50 -9.49
N GLY A 43 13.45 -2.76 -9.78
CA GLY A 43 14.71 -3.36 -9.33
C GLY A 43 14.61 -3.90 -7.92
N VAL A 44 13.43 -4.34 -7.50
CA VAL A 44 13.25 -4.90 -6.17
C VAL A 44 12.80 -6.33 -6.26
N LYS A 45 13.52 -7.25 -5.69
CA LYS A 45 13.14 -8.62 -5.81
C LYS A 45 12.25 -9.05 -4.64
N VAL A 46 11.20 -9.76 -4.97
CA VAL A 46 10.29 -10.26 -3.98
C VAL A 46 10.43 -11.75 -3.88
N THR A 47 10.63 -12.21 -2.67
CA THR A 47 10.80 -13.59 -2.39
C THR A 47 9.82 -13.98 -1.30
N SER A 48 9.71 -15.25 -1.00
CA SER A 48 8.98 -15.66 0.19
C SER A 48 9.93 -15.55 1.40
N ASN A 49 11.22 -15.75 1.13
CA ASN A 49 12.25 -15.89 2.19
C ASN A 49 12.88 -14.55 2.58
N ALA A 50 12.20 -13.45 2.30
CA ALA A 50 12.72 -12.14 2.67
C ALA A 50 12.71 -11.93 4.19
N PRO A 51 13.60 -11.03 4.68
CA PRO A 51 13.71 -10.75 6.12
C PRO A 51 12.59 -9.85 6.64
N TYR A 52 12.01 -9.06 5.75
CA TYR A 52 10.92 -8.15 6.14
C TYR A 52 9.68 -8.46 5.34
N HIS A 53 8.54 -8.47 6.01
CA HIS A 53 7.30 -8.85 5.37
C HIS A 53 6.28 -7.69 5.31
N LEU A 54 5.70 -7.51 4.13
CA LEU A 54 4.59 -6.58 3.93
C LEU A 54 3.39 -7.49 3.81
N VAL A 55 2.41 -7.23 4.67
CA VAL A 55 1.12 -7.89 4.62
C VAL A 55 -0.02 -6.87 4.64
N LEU A 56 -0.91 -6.92 3.65
CA LEU A 56 -2.08 -6.02 3.63
C LEU A 56 -3.23 -6.70 4.34
N VAL A 57 -3.65 -6.01 5.40
CA VAL A 57 -4.55 -6.50 6.43
C VAL A 57 -6.02 -6.29 6.14
N ARG A 58 -6.38 -5.15 5.55
CA ARG A 58 -7.77 -4.86 5.25
C ARG A 58 -7.95 -3.64 4.37
N GLU A 59 -8.39 -3.82 3.16
CA GLU A 59 -8.63 -2.68 2.31
C GLU A 59 -10.11 -2.21 2.34
N ASP A 60 -10.32 -0.94 2.60
CA ASP A 60 -11.68 -0.39 2.71
C ASP A 60 -11.91 0.57 1.58
N ASN A 61 -13.16 0.84 1.26
CA ASN A 61 -13.45 1.73 0.16
C ASN A 61 -14.85 2.35 0.21
N GLN A 62 -14.89 3.58 0.68
CA GLN A 62 -16.14 4.23 1.04
C GLN A 62 -16.83 4.95 -0.09
N GLN A 63 -18.14 4.82 -0.14
CA GLN A 63 -18.95 5.56 -1.07
C GLN A 63 -20.00 6.33 -0.27
N ARG A 64 -19.85 7.64 -0.20
CA ARG A 64 -20.77 8.45 0.58
C ARG A 64 -21.05 9.77 -0.10
N THR A 65 -22.22 10.32 0.17
CA THR A 65 -22.70 11.50 -0.52
C THR A 65 -22.37 12.79 0.25
N VAL A 66 -21.95 13.83 -0.42
CA VAL A 66 -21.68 15.08 0.28
C VAL A 66 -22.90 15.96 0.33
N SER A 67 -23.88 15.69 -0.53
CA SER A 67 -25.14 16.44 -0.56
C SER A 67 -24.95 17.87 -1.07
N TYR A 68 -25.96 18.41 -1.73
CA TYR A 68 -25.86 19.74 -2.19
C TYR A 68 -26.26 20.71 -1.10
N THR A 69 -25.40 21.66 -0.78
CA THR A 69 -25.70 22.64 0.26
C THR A 69 -26.69 23.69 -0.27
N GLY A 70 -26.54 24.05 -1.53
CA GLY A 70 -27.45 24.97 -2.18
C GLY A 70 -28.89 24.45 -2.19
N SER A 71 -29.81 25.30 -2.59
CA SER A 71 -31.23 24.93 -2.62
C SER A 71 -31.53 23.93 -3.72
N ALA A 72 -30.59 23.76 -4.64
CA ALA A 72 -30.76 22.84 -5.73
C ALA A 72 -30.48 21.39 -5.30
N ARG A 73 -30.40 20.51 -6.27
CA ARG A 73 -30.26 19.09 -6.01
C ARG A 73 -28.91 18.55 -6.50
N GLY A 74 -27.89 19.41 -6.50
CA GLY A 74 -26.53 19.04 -6.93
C GLY A 74 -26.02 17.74 -6.33
N ALA A 75 -25.12 17.89 -5.36
CA ALA A 75 -24.56 16.78 -4.61
C ALA A 75 -23.74 15.81 -5.46
N GLU A 76 -22.44 15.92 -5.32
CA GLU A 76 -21.53 15.04 -6.01
C GLU A 76 -21.09 13.91 -5.07
N PHE A 77 -20.29 12.99 -5.57
CA PHE A 77 -19.85 11.88 -4.76
C PHE A 77 -18.33 11.89 -4.67
N GLU A 78 -17.83 11.24 -3.63
CA GLU A 78 -16.40 11.11 -3.42
C GLU A 78 -16.12 9.87 -2.61
N LEU A 79 -15.08 9.17 -2.99
CA LEU A 79 -14.73 7.93 -2.33
C LEU A 79 -13.45 8.07 -1.53
N THR A 80 -13.40 7.30 -0.45
CA THR A 80 -12.26 7.25 0.43
C THR A 80 -11.79 5.81 0.44
N ASN A 81 -10.53 5.61 0.16
CA ASN A 81 -9.99 4.25 0.13
C ASN A 81 -8.95 4.08 1.19
N THR A 82 -8.91 2.96 1.84
CA THR A 82 -7.94 2.79 2.90
C THR A 82 -7.33 1.40 2.84
N ILE A 83 -6.03 1.34 2.66
CA ILE A 83 -5.35 0.06 2.59
C ILE A 83 -4.46 -0.09 3.79
N ASN A 84 -4.75 -1.09 4.61
CA ASN A 84 -4.02 -1.28 5.84
C ASN A 84 -2.95 -2.34 5.68
N TYR A 85 -1.77 -2.09 6.21
CA TYR A 85 -0.66 -3.02 6.08
C TYR A 85 0.20 -2.98 7.32
N GLU A 86 1.00 -3.99 7.46
CA GLU A 86 1.85 -4.12 8.60
C GLU A 86 3.24 -4.57 8.16
N ILE A 87 4.23 -4.22 8.95
CA ILE A 87 5.60 -4.58 8.65
C ILE A 87 6.07 -5.58 9.67
N VAL A 88 6.29 -6.80 9.24
CA VAL A 88 6.65 -7.86 10.15
C VAL A 88 8.14 -8.21 10.03
N GLY A 89 8.82 -8.32 11.15
CA GLY A 89 10.24 -8.62 11.11
C GLY A 89 10.52 -10.07 11.40
N ALA A 90 11.15 -10.33 12.52
CA ALA A 90 11.48 -11.69 12.93
C ALA A 90 10.56 -12.12 14.05
N ASN A 91 10.39 -13.45 14.20
CA ASN A 91 9.49 -14.02 15.21
C ASN A 91 8.05 -13.59 14.96
N ASP A 92 7.78 -13.11 13.74
CA ASP A 92 6.46 -12.59 13.36
C ASP A 92 6.08 -11.38 14.21
N LEU A 93 7.10 -10.70 14.70
CA LEU A 93 6.93 -9.54 15.54
C LEU A 93 6.59 -8.31 14.69
N VAL A 94 5.59 -7.56 15.13
CA VAL A 94 5.14 -6.36 14.43
C VAL A 94 6.14 -5.23 14.62
N LEU A 95 6.70 -4.75 13.53
CA LEU A 95 7.72 -3.70 13.60
C LEU A 95 7.15 -2.30 13.47
N MET A 96 6.44 -2.09 12.37
CA MET A 96 5.76 -0.85 12.05
C MET A 96 4.36 -1.19 11.54
N SER A 97 3.41 -0.33 11.84
CA SER A 97 2.07 -0.43 11.31
C SER A 97 1.62 0.93 10.74
N ASN A 98 1.08 0.89 9.53
CA ASN A 98 0.60 2.11 8.84
C ASN A 98 -0.42 1.65 7.81
N GLN A 99 -1.12 2.64 7.27
CA GLN A 99 -2.09 2.48 6.22
C GLN A 99 -1.92 3.65 5.25
N VAL A 100 -2.20 3.42 4.00
CA VAL A 100 -2.19 4.48 2.99
C VAL A 100 -3.60 4.69 2.49
N GLN A 101 -3.88 5.89 2.03
CA GLN A 101 -5.20 6.23 1.58
C GLN A 101 -5.20 7.11 0.34
N VAL A 102 -6.24 7.01 -0.45
CA VAL A 102 -6.41 7.89 -1.61
C VAL A 102 -7.82 8.45 -1.59
N GLN A 103 -7.94 9.77 -1.75
CA GLN A 103 -9.23 10.41 -1.68
C GLN A 103 -9.64 11.13 -2.98
N LYS A 104 -10.61 10.64 -3.69
CA LYS A 104 -11.00 11.30 -4.94
C LYS A 104 -12.50 11.48 -5.02
N VAL A 105 -12.86 12.62 -5.58
CA VAL A 105 -14.23 13.01 -5.81
C VAL A 105 -14.59 12.79 -7.28
N TYR A 106 -15.79 12.31 -7.50
CA TYR A 106 -16.26 11.96 -8.83
C TYR A 106 -17.20 13.01 -9.37
N VAL A 107 -16.95 13.43 -10.60
CA VAL A 107 -17.75 14.46 -11.24
C VAL A 107 -19.09 13.91 -11.68
N HIS A 108 -20.14 14.51 -11.18
CA HIS A 108 -21.49 14.11 -11.52
C HIS A 108 -22.19 15.27 -12.21
N ASP A 109 -22.46 15.13 -13.48
CA ASP A 109 -23.11 16.19 -14.24
C ASP A 109 -24.63 16.04 -14.14
N GLU A 110 -25.34 17.14 -14.35
CA GLU A 110 -26.79 17.16 -14.28
C GLU A 110 -27.41 16.24 -15.32
N ASN A 111 -26.95 16.35 -16.56
CA ASN A 111 -27.51 15.54 -17.63
C ASN A 111 -27.03 14.11 -17.51
N ASN A 112 -25.93 13.92 -16.81
CA ASN A 112 -25.37 12.60 -16.60
C ASN A 112 -25.85 12.03 -15.27
N LEU A 113 -27.09 12.36 -14.91
CA LEU A 113 -27.68 11.90 -13.66
C LEU A 113 -27.55 10.38 -13.49
N ILE A 114 -27.74 9.65 -14.56
CA ILE A 114 -27.64 8.21 -14.52
C ILE A 114 -26.30 7.75 -15.09
N GLY A 115 -25.84 8.47 -16.10
CA GLY A 115 -24.59 8.15 -16.76
C GLY A 115 -23.38 8.25 -15.85
N SER A 116 -23.31 9.32 -15.06
CA SER A 116 -22.17 9.56 -14.17
C SER A 116 -21.96 8.37 -13.23
N ASP A 117 -23.04 7.84 -12.68
CA ASP A 117 -22.97 6.72 -11.76
C ASP A 117 -22.43 5.47 -12.45
N GLN A 118 -22.68 5.39 -13.73
CA GLN A 118 -22.22 4.26 -14.53
C GLN A 118 -20.80 4.47 -15.00
N GLU A 119 -20.41 5.72 -15.13
CA GLU A 119 -19.09 6.10 -15.60
C GLU A 119 -18.07 6.00 -14.49
N ALA A 120 -18.54 6.21 -13.26
CA ALA A 120 -17.69 6.20 -12.06
C ALA A 120 -16.85 4.94 -11.94
N ALA A 121 -17.37 3.85 -12.50
CA ALA A 121 -16.67 2.58 -12.53
C ALA A 121 -15.37 2.66 -13.34
N GLN A 122 -15.35 3.56 -14.34
CA GLN A 122 -14.17 3.73 -15.18
C GLN A 122 -13.06 4.39 -14.36
N LEU A 123 -13.46 5.26 -13.45
CA LEU A 123 -12.53 5.88 -12.51
C LEU A 123 -12.11 4.77 -11.55
N ARG A 124 -12.92 3.79 -11.23
CA ARG A 124 -12.42 2.75 -10.33
C ARG A 124 -11.22 2.04 -10.99
N SER A 125 -11.26 1.90 -12.31
CA SER A 125 -10.13 1.36 -13.06
C SER A 125 -8.86 2.17 -12.78
N GLU A 126 -9.04 3.47 -12.84
CA GLU A 126 -8.00 4.45 -12.63
C GLU A 126 -7.49 4.45 -11.21
N MET A 127 -8.39 4.17 -10.26
CA MET A 127 -8.07 4.09 -8.84
C MET A 127 -6.96 3.08 -8.59
N ARG A 128 -6.82 2.12 -9.51
CA ARG A 128 -5.83 1.07 -9.41
C ARG A 128 -4.39 1.61 -9.40
N ARG A 129 -4.23 2.79 -10.03
CA ARG A 129 -2.92 3.43 -10.13
C ARG A 129 -2.59 4.08 -8.81
N ASP A 130 -3.63 4.67 -8.20
CA ASP A 130 -3.50 5.55 -7.04
C ASP A 130 -2.80 4.88 -5.90
N LEU A 131 -3.40 3.74 -5.58
CA LEU A 131 -3.01 2.92 -4.46
C LEU A 131 -1.55 2.59 -4.50
N ILE A 132 -1.10 2.12 -5.64
CA ILE A 132 0.28 1.67 -5.81
C ILE A 132 1.28 2.82 -5.68
N GLN A 133 1.01 3.91 -6.38
CA GLN A 133 1.90 5.06 -6.36
C GLN A 133 2.12 5.59 -4.95
N GLN A 134 1.04 5.81 -4.24
CA GLN A 134 1.10 6.30 -2.88
C GLN A 134 1.59 5.23 -1.91
N LEU A 135 1.31 3.96 -2.18
CA LEU A 135 1.67 2.89 -1.27
C LEU A 135 3.15 2.56 -1.28
N SER A 136 3.68 2.45 -2.52
CA SER A 136 5.09 2.19 -2.79
C SER A 136 6.00 3.13 -1.99
N MET A 137 5.55 4.39 -1.90
CA MET A 137 6.30 5.47 -1.26
C MET A 137 6.67 5.15 0.17
N ARG A 138 5.83 4.41 0.87
CA ARG A 138 6.15 4.04 2.23
C ARG A 138 7.31 3.07 2.24
N LEU A 139 7.30 2.14 1.30
CA LEU A 139 8.37 1.15 1.15
C LEU A 139 9.71 1.81 0.82
N GLN A 140 9.67 2.94 0.11
CA GLN A 140 10.90 3.62 -0.25
C GLN A 140 11.41 4.45 0.93
N ALA A 141 10.49 4.93 1.75
CA ALA A 141 10.84 5.78 2.89
C ALA A 141 10.91 4.99 4.19
N LEU A 142 10.96 3.68 4.11
CA LEU A 142 11.29 2.90 5.28
C LEU A 142 12.74 2.46 5.12
N THR A 143 13.43 2.40 6.23
CA THR A 143 14.83 2.01 6.25
C THR A 143 15.03 0.78 7.12
N PRO A 144 16.10 0.01 6.88
CA PRO A 144 16.40 -1.16 7.67
C PRO A 144 16.61 -0.79 9.14
N ALA A 145 17.23 0.37 9.36
CA ALA A 145 17.48 0.88 10.71
C ALA A 145 16.17 1.09 11.46
N GLN A 146 15.23 1.77 10.82
CA GLN A 146 13.94 2.09 11.42
C GLN A 146 13.17 0.83 11.76
N LEU A 147 13.31 -0.17 10.92
CA LEU A 147 12.63 -1.43 11.15
C LEU A 147 13.33 -2.23 12.26
N ASP A 148 14.65 -2.26 12.21
CA ASP A 148 15.45 -2.98 13.21
C ASP A 148 15.24 -2.42 14.60
N GLU A 149 15.24 -1.11 14.72
CA GLU A 149 15.05 -0.46 16.00
C GLU A 149 13.66 -0.77 16.57
N ALA A 150 12.67 -0.84 15.68
CA ALA A 150 11.31 -1.17 16.09
C ALA A 150 11.23 -2.60 16.60
N GLN A 151 12.03 -3.49 16.03
CA GLN A 151 12.19 -4.83 16.56
C GLN A 151 12.72 -4.70 17.97
N ARG A 152 13.86 -4.05 18.12
CA ARG A 152 14.55 -3.98 19.39
C ARG A 152 13.66 -3.49 20.54
N GLN A 153 13.05 -2.34 20.33
CA GLN A 153 12.19 -1.72 21.34
C GLN A 153 11.04 -2.64 21.76
N ALA A 154 10.51 -3.38 20.79
CA ALA A 154 9.39 -4.28 21.03
C ALA A 154 9.78 -5.49 21.85
N GLU A 155 11.00 -5.97 21.62
CA GLU A 155 11.56 -7.06 22.40
C GLU A 155 11.80 -6.61 23.82
N ALA A 156 12.29 -5.39 23.96
CA ALA A 156 12.56 -4.81 25.26
C ALA A 156 11.29 -4.72 26.08
N LYS A 157 10.20 -4.27 25.45
CA LYS A 157 8.92 -4.14 26.14
C LYS A 157 8.36 -5.50 26.51
N ALA A 158 8.53 -6.47 25.61
CA ALA A 158 8.06 -7.83 25.83
C ALA A 158 8.73 -8.43 27.06
N LYS A 159 10.01 -8.12 27.22
CA LYS A 159 10.76 -8.58 28.36
C LYS A 159 10.41 -7.79 29.61
N ALA A 160 10.30 -6.47 29.45
CA ALA A 160 10.00 -5.57 30.56
C ALA A 160 8.71 -5.95 31.25
N GLU A 161 7.68 -6.25 30.47
CA GLU A 161 6.39 -6.66 31.04
C GLU A 161 6.53 -7.98 31.79
N ALA A 162 7.48 -8.79 31.39
CA ALA A 162 7.73 -10.06 32.05
C ALA A 162 8.41 -9.84 33.39
N GLU A 163 9.35 -8.91 33.42
CA GLU A 163 10.08 -8.58 34.64
C GLU A 163 9.20 -7.80 35.60
N ALA A 164 8.30 -7.01 35.05
CA ALA A 164 7.40 -6.17 35.84
C ALA A 164 6.50 -6.99 36.75
N LEU A 165 6.04 -8.13 36.27
CA LEU A 165 5.17 -8.99 37.07
C LEU A 165 5.95 -9.65 38.19
N ARG A 166 5.46 -9.49 39.41
CA ARG A 166 6.11 -10.04 40.59
C ARG A 166 5.87 -11.54 40.69
N GLY A 1 12.92 -8.11 -37.16
CA GLY A 1 13.38 -9.47 -37.52
C GLY A 1 13.75 -10.28 -36.29
N THR A 2 14.03 -11.56 -36.49
CA THR A 2 14.38 -12.42 -35.38
C THR A 2 15.90 -12.40 -35.16
N SER A 3 16.31 -12.50 -33.90
CA SER A 3 17.72 -12.46 -33.52
C SER A 3 17.88 -12.68 -32.02
N GLY A 4 16.96 -12.12 -31.25
CA GLY A 4 17.03 -12.24 -29.82
C GLY A 4 17.82 -11.12 -29.21
N PHE A 5 17.34 -9.90 -29.38
CA PHE A 5 18.00 -8.73 -28.83
C PHE A 5 17.20 -8.16 -27.69
N GLN A 6 17.81 -7.24 -26.95
CA GLN A 6 17.14 -6.57 -25.85
C GLN A 6 17.54 -5.10 -25.80
N LEU A 7 16.71 -4.31 -25.15
CA LEU A 7 16.95 -2.89 -25.01
C LEU A 7 17.52 -2.60 -23.64
N ARG A 8 18.15 -1.45 -23.49
CA ARG A 8 18.74 -1.08 -22.22
C ARG A 8 18.35 0.35 -21.85
N GLY A 9 18.57 0.69 -20.60
CA GLY A 9 18.28 2.02 -20.13
C GLY A 9 19.25 2.41 -19.04
N LEU A 10 19.13 1.74 -17.92
CA LEU A 10 20.00 1.94 -16.79
C LEU A 10 19.85 0.77 -15.85
N GLY A 11 20.70 -0.21 -16.01
CA GLY A 11 20.60 -1.41 -15.22
C GLY A 11 21.42 -1.35 -13.96
N ASP A 12 21.38 -0.23 -13.28
CA ASP A 12 22.12 -0.05 -12.04
C ASP A 12 21.27 0.69 -11.02
N ALA A 13 21.01 0.04 -9.90
CA ALA A 13 20.20 0.61 -8.86
C ALA A 13 20.43 -0.11 -7.55
N GLN A 14 20.54 0.64 -6.48
CA GLN A 14 20.70 0.06 -5.16
C GLN A 14 19.82 0.78 -4.17
N PHE A 15 19.13 0.01 -3.36
CA PHE A 15 18.25 0.55 -2.36
C PHE A 15 18.65 0.02 -1.01
N ALA A 16 17.90 0.38 0.01
CA ALA A 16 18.17 -0.11 1.34
C ALA A 16 17.84 -1.58 1.40
N LEU A 17 16.61 -1.90 1.06
CA LEU A 17 16.21 -3.27 1.04
C LEU A 17 16.44 -3.93 -0.31
N LYS A 18 16.79 -5.17 -0.34
CA LYS A 18 17.06 -5.81 -1.63
C LYS A 18 16.14 -6.96 -1.87
N GLU A 19 15.46 -7.35 -0.83
CA GLU A 19 14.47 -8.40 -0.89
C GLU A 19 13.35 -8.13 0.08
N ILE A 20 12.14 -8.40 -0.36
CA ILE A 20 10.94 -8.18 0.45
C ILE A 20 9.85 -9.17 0.03
N ASP A 21 9.03 -9.57 0.99
CA ASP A 21 7.95 -10.51 0.75
C ASP A 21 6.63 -9.78 0.53
N VAL A 22 5.89 -10.15 -0.50
CA VAL A 22 4.62 -9.50 -0.80
C VAL A 22 3.44 -10.35 -0.34
N SER A 23 2.81 -10.08 0.77
CA SER A 23 1.72 -10.95 1.16
C SER A 23 0.39 -10.24 1.41
N ALA A 24 -0.68 -10.88 0.98
CA ALA A 24 -2.03 -10.42 1.23
C ALA A 24 -2.63 -11.26 2.35
N ARG A 25 -3.54 -10.70 3.09
CA ARG A 25 -4.24 -11.46 4.10
C ARG A 25 -5.66 -11.71 3.62
N ASN A 26 -6.18 -12.91 3.88
CA ASN A 26 -7.52 -13.30 3.45
C ASN A 26 -7.58 -13.49 1.92
N ALA A 27 -7.74 -12.39 1.18
CA ALA A 27 -7.82 -12.44 -0.28
C ALA A 27 -7.82 -11.04 -0.89
N TYR A 28 -6.75 -10.69 -1.59
CA TYR A 28 -6.66 -9.39 -2.25
C TYR A 28 -6.09 -9.51 -3.64
N GLY A 29 -6.40 -8.54 -4.48
CA GLY A 29 -5.94 -8.59 -5.85
C GLY A 29 -5.03 -7.44 -6.21
N PRO A 30 -5.57 -6.38 -6.86
CA PRO A 30 -4.79 -5.22 -7.32
C PRO A 30 -3.85 -4.64 -6.24
N THR A 31 -4.37 -4.46 -5.04
CA THR A 31 -3.61 -3.86 -3.94
C THR A 31 -2.36 -4.67 -3.55
N VAL A 32 -2.35 -5.97 -3.86
CA VAL A 32 -1.21 -6.80 -3.53
C VAL A 32 -0.43 -7.21 -4.79
N ARG A 33 -1.15 -7.48 -5.87
CA ARG A 33 -0.55 -7.88 -7.13
C ARG A 33 0.31 -6.78 -7.74
N GLU A 34 -0.25 -5.60 -7.86
CA GLU A 34 0.46 -4.48 -8.48
C GLU A 34 1.65 -4.03 -7.64
N LEU A 35 1.58 -4.24 -6.32
CA LEU A 35 2.72 -3.96 -5.46
C LEU A 35 3.91 -4.79 -5.93
N LYS A 36 3.67 -6.09 -6.06
CA LYS A 36 4.72 -7.02 -6.47
C LYS A 36 5.23 -6.65 -7.85
N GLU A 37 4.33 -6.28 -8.74
CA GLU A 37 4.71 -5.82 -10.07
C GLU A 37 5.67 -4.62 -9.98
N THR A 38 5.20 -3.57 -9.31
CA THR A 38 5.95 -2.33 -9.14
C THR A 38 7.30 -2.57 -8.44
N LEU A 39 7.32 -3.30 -7.34
CA LEU A 39 8.59 -3.54 -6.64
C LEU A 39 9.56 -4.30 -7.54
N GLU A 40 9.10 -5.29 -8.27
CA GLU A 40 10.02 -6.03 -9.14
C GLU A 40 10.57 -5.13 -10.25
N ASN A 41 9.73 -4.23 -10.72
CA ASN A 41 10.07 -3.34 -11.84
C ASN A 41 10.85 -2.09 -11.43
N SER A 42 11.11 -1.98 -10.14
CA SER A 42 11.85 -0.86 -9.59
C SER A 42 13.23 -1.31 -9.07
N GLY A 43 13.63 -2.52 -9.43
CA GLY A 43 14.91 -3.04 -8.96
C GLY A 43 14.80 -3.71 -7.61
N VAL A 44 13.63 -4.21 -7.26
CA VAL A 44 13.47 -4.85 -5.97
C VAL A 44 13.12 -6.31 -6.14
N LYS A 45 13.81 -7.20 -5.48
CA LYS A 45 13.48 -8.59 -5.63
C LYS A 45 12.56 -9.02 -4.50
N VAL A 46 11.55 -9.73 -4.87
CA VAL A 46 10.56 -10.22 -3.96
C VAL A 46 10.70 -11.71 -3.81
N THR A 47 10.83 -12.12 -2.58
CA THR A 47 11.03 -13.49 -2.26
C THR A 47 10.02 -13.92 -1.19
N SER A 48 9.93 -15.19 -0.89
CA SER A 48 9.21 -15.60 0.30
C SER A 48 10.16 -15.45 1.50
N ASN A 49 11.46 -15.58 1.20
CA ASN A 49 12.52 -15.67 2.21
C ASN A 49 12.96 -14.30 2.76
N ALA A 50 12.26 -13.25 2.37
CA ALA A 50 12.60 -11.90 2.82
C ALA A 50 12.55 -11.79 4.35
N PRO A 51 13.40 -10.93 4.94
CA PRO A 51 13.45 -10.77 6.39
C PRO A 51 12.35 -9.84 6.89
N TYR A 52 11.86 -9.00 6.00
CA TYR A 52 10.79 -8.08 6.35
C TYR A 52 9.58 -8.40 5.51
N HIS A 53 8.42 -8.38 6.14
CA HIS A 53 7.20 -8.75 5.46
C HIS A 53 6.22 -7.59 5.30
N LEU A 54 5.69 -7.46 4.11
CA LEU A 54 4.61 -6.54 3.83
C LEU A 54 3.40 -7.44 3.72
N VAL A 55 2.42 -7.19 4.57
CA VAL A 55 1.16 -7.90 4.52
C VAL A 55 -0.01 -6.91 4.47
N LEU A 56 -0.77 -6.97 3.39
CA LEU A 56 -1.98 -6.14 3.25
C LEU A 56 -3.11 -6.86 3.94
N VAL A 57 -3.56 -6.25 5.02
CA VAL A 57 -4.46 -6.85 5.98
C VAL A 57 -5.93 -6.59 5.68
N ARG A 58 -6.21 -5.39 5.20
CA ARG A 58 -7.57 -4.94 4.97
C ARG A 58 -7.60 -3.87 3.89
N GLU A 59 -8.66 -3.83 3.12
CA GLU A 59 -8.82 -2.82 2.09
C GLU A 59 -10.23 -2.29 2.10
N ASP A 60 -10.38 -1.01 2.36
CA ASP A 60 -11.68 -0.39 2.50
C ASP A 60 -12.01 0.36 1.24
N ASN A 61 -13.15 0.07 0.65
CA ASN A 61 -13.48 0.66 -0.61
C ASN A 61 -14.80 1.44 -0.60
N GLN A 62 -14.68 2.75 -0.45
CA GLN A 62 -15.85 3.58 -0.21
C GLN A 62 -16.53 4.07 -1.47
N GLN A 63 -17.77 4.44 -1.30
CA GLN A 63 -18.66 4.82 -2.36
C GLN A 63 -19.25 6.19 -2.12
N ARG A 64 -20.14 6.77 -2.95
CA ARG A 64 -20.53 8.17 -2.66
C ARG A 64 -21.10 8.25 -1.23
N THR A 65 -20.27 8.74 -0.34
CA THR A 65 -20.66 9.17 0.97
C THR A 65 -20.36 10.65 1.08
N VAL A 66 -20.94 11.33 2.04
CA VAL A 66 -20.78 12.79 2.10
C VAL A 66 -19.82 13.10 3.20
N SER A 67 -19.52 12.16 4.08
CA SER A 67 -18.67 12.49 5.22
C SER A 67 -19.38 13.64 5.94
N TYR A 68 -18.57 14.52 6.54
CA TYR A 68 -19.04 15.73 7.18
C TYR A 68 -17.90 16.47 7.81
N THR A 69 -18.18 17.66 8.29
CA THR A 69 -17.20 18.43 9.03
C THR A 69 -17.28 18.07 10.50
N GLY A 70 -18.27 17.21 10.78
CA GLY A 70 -18.64 16.85 12.13
C GLY A 70 -20.11 17.15 12.36
N SER A 71 -20.90 17.06 11.28
CA SER A 71 -22.33 17.40 11.33
C SER A 71 -23.21 16.38 10.56
N ALA A 72 -22.79 15.10 10.56
CA ALA A 72 -23.54 13.96 9.95
C ALA A 72 -23.63 13.99 8.41
N ARG A 73 -24.21 15.00 7.89
CA ARG A 73 -24.43 15.14 6.43
C ARG A 73 -23.92 16.48 5.90
N GLY A 74 -22.90 16.99 6.56
CA GLY A 74 -22.36 18.30 6.25
C GLY A 74 -22.00 18.57 4.77
N ALA A 75 -21.06 17.80 4.22
CA ALA A 75 -20.49 18.09 2.90
C ALA A 75 -21.16 17.29 1.76
N GLU A 76 -20.54 17.37 0.56
CA GLU A 76 -21.02 16.65 -0.63
C GLU A 76 -20.43 15.25 -0.65
N PHE A 77 -20.60 14.56 -1.78
CA PHE A 77 -20.20 13.17 -1.84
C PHE A 77 -18.76 12.91 -2.27
N GLU A 78 -18.18 11.80 -1.83
CA GLU A 78 -16.82 11.46 -2.20
C GLU A 78 -16.54 10.00 -1.91
N LEU A 79 -15.60 9.42 -2.63
CA LEU A 79 -15.21 8.03 -2.41
C LEU A 79 -13.77 7.99 -1.89
N THR A 80 -13.52 7.06 -0.98
CA THR A 80 -12.20 6.95 -0.35
C THR A 80 -11.73 5.48 -0.30
N ASN A 81 -10.45 5.27 -0.52
CA ASN A 81 -9.89 3.93 -0.48
C ASN A 81 -8.87 3.79 0.64
N THR A 82 -8.88 2.71 1.41
CA THR A 82 -7.94 2.57 2.51
C THR A 82 -7.32 1.19 2.53
N ILE A 83 -6.00 1.13 2.41
CA ILE A 83 -5.28 -0.14 2.41
C ILE A 83 -4.46 -0.25 3.68
N ASN A 84 -4.71 -1.29 4.45
CA ASN A 84 -4.03 -1.50 5.72
C ASN A 84 -2.94 -2.54 5.58
N TYR A 85 -1.75 -2.25 6.09
CA TYR A 85 -0.63 -3.16 5.96
C TYR A 85 0.27 -3.08 7.18
N GLU A 86 1.07 -4.09 7.35
CA GLU A 86 1.96 -4.18 8.48
C GLU A 86 3.32 -4.68 8.03
N ILE A 87 4.35 -4.35 8.80
CA ILE A 87 5.71 -4.79 8.51
C ILE A 87 6.14 -5.76 9.57
N VAL A 88 6.14 -7.02 9.24
CA VAL A 88 6.47 -8.04 10.20
C VAL A 88 7.92 -8.47 10.07
N GLY A 89 8.64 -8.50 11.18
CA GLY A 89 10.03 -8.86 11.12
C GLY A 89 10.26 -10.30 11.52
N ALA A 90 10.78 -10.50 12.71
CA ALA A 90 11.04 -11.84 13.19
C ALA A 90 10.09 -12.21 14.31
N ASN A 91 9.93 -13.51 14.54
CA ASN A 91 9.05 -14.03 15.61
C ASN A 91 7.60 -13.63 15.39
N ASP A 92 7.27 -13.25 14.15
CA ASP A 92 5.91 -12.79 13.79
C ASP A 92 5.57 -11.48 14.50
N LEU A 93 6.63 -10.77 14.88
CA LEU A 93 6.53 -9.49 15.58
C LEU A 93 6.40 -8.32 14.60
N VAL A 94 5.52 -7.38 14.93
CA VAL A 94 5.27 -6.20 14.11
C VAL A 94 6.30 -5.10 14.38
N LEU A 95 6.95 -4.64 13.33
CA LEU A 95 7.94 -3.59 13.46
C LEU A 95 7.30 -2.21 13.34
N MET A 96 6.63 -1.98 12.22
CA MET A 96 5.88 -0.75 12.01
C MET A 96 4.53 -1.13 11.40
N SER A 97 3.53 -0.32 11.66
CA SER A 97 2.22 -0.49 11.08
C SER A 97 1.73 0.83 10.48
N ASN A 98 1.15 0.75 9.30
CA ASN A 98 0.63 1.94 8.62
C ASN A 98 -0.43 1.47 7.62
N GLN A 99 -1.18 2.43 7.15
CA GLN A 99 -2.19 2.25 6.14
C GLN A 99 -2.11 3.46 5.23
N VAL A 100 -2.40 3.25 3.96
CA VAL A 100 -2.42 4.32 3.00
C VAL A 100 -3.83 4.57 2.53
N GLN A 101 -4.12 5.77 2.10
CA GLN A 101 -5.45 6.12 1.72
C GLN A 101 -5.50 7.06 0.53
N VAL A 102 -6.59 7.06 -0.18
CA VAL A 102 -6.75 7.95 -1.31
C VAL A 102 -8.19 8.44 -1.36
N GLN A 103 -8.38 9.70 -1.71
CA GLN A 103 -9.71 10.26 -1.74
C GLN A 103 -10.09 10.89 -3.06
N LYS A 104 -10.97 10.27 -3.81
CA LYS A 104 -11.39 10.82 -5.10
C LYS A 104 -12.85 11.17 -5.06
N VAL A 105 -13.12 12.41 -5.37
CA VAL A 105 -14.47 12.90 -5.55
C VAL A 105 -14.88 12.61 -6.98
N TYR A 106 -16.11 12.23 -7.18
CA TYR A 106 -16.56 11.87 -8.50
C TYR A 106 -17.33 12.98 -9.16
N VAL A 107 -16.97 13.26 -10.40
CA VAL A 107 -17.63 14.30 -11.16
C VAL A 107 -19.03 13.85 -11.57
N HIS A 108 -19.97 14.73 -11.45
CA HIS A 108 -21.35 14.41 -11.76
C HIS A 108 -21.90 15.36 -12.81
N ASP A 109 -22.49 14.78 -13.83
CA ASP A 109 -23.10 15.54 -14.90
C ASP A 109 -24.62 15.44 -14.78
N GLU A 110 -25.30 16.56 -14.88
CA GLU A 110 -26.75 16.59 -14.70
C GLU A 110 -27.49 16.00 -15.90
N ASN A 111 -26.89 16.13 -17.08
CA ASN A 111 -27.53 15.61 -18.29
C ASN A 111 -27.26 14.13 -18.39
N ASN A 112 -26.13 13.73 -17.85
CA ASN A 112 -25.73 12.33 -17.79
C ASN A 112 -26.02 11.79 -16.42
N LEU A 113 -27.22 12.05 -15.91
CA LEU A 113 -27.59 11.59 -14.56
C LEU A 113 -27.43 10.07 -14.43
N ILE A 114 -27.76 9.36 -15.49
CA ILE A 114 -27.62 7.91 -15.49
C ILE A 114 -26.21 7.52 -15.91
N GLY A 115 -25.74 8.18 -16.95
CA GLY A 115 -24.41 7.92 -17.48
C GLY A 115 -23.32 8.17 -16.46
N SER A 116 -23.43 9.27 -15.72
CA SER A 116 -22.47 9.66 -14.70
C SER A 116 -22.30 8.53 -13.67
N ASP A 117 -23.40 7.94 -13.20
CA ASP A 117 -23.31 6.85 -12.23
C ASP A 117 -22.51 5.70 -12.83
N GLN A 118 -22.90 5.31 -14.03
CA GLN A 118 -22.19 4.29 -14.81
C GLN A 118 -20.72 4.69 -15.08
N GLU A 119 -20.41 5.99 -15.03
CA GLU A 119 -19.05 6.48 -15.30
C GLU A 119 -18.18 6.28 -14.08
N ALA A 120 -18.84 6.31 -12.93
CA ALA A 120 -18.17 6.23 -11.64
C ALA A 120 -17.24 5.03 -11.52
N ALA A 121 -17.62 3.95 -12.20
CA ALA A 121 -16.82 2.74 -12.25
C ALA A 121 -15.45 3.01 -12.87
N GLN A 122 -15.39 3.95 -13.81
CA GLN A 122 -14.13 4.30 -14.46
C GLN A 122 -13.21 5.03 -13.50
N LEU A 123 -13.81 5.84 -12.62
CA LEU A 123 -13.05 6.51 -11.57
C LEU A 123 -12.67 5.45 -10.56
N ARG A 124 -13.52 4.46 -10.25
CA ARG A 124 -13.07 3.45 -9.29
C ARG A 124 -11.92 2.69 -9.91
N SER A 125 -12.01 2.48 -11.21
CA SER A 125 -10.97 1.84 -11.97
C SER A 125 -9.65 2.60 -11.85
N GLU A 126 -9.76 3.92 -12.05
CA GLU A 126 -8.68 4.87 -12.03
C GLU A 126 -7.98 4.93 -10.68
N MET A 127 -8.76 4.92 -9.59
CA MET A 127 -8.18 4.99 -8.23
C MET A 127 -7.13 3.91 -8.03
N ARG A 128 -7.30 2.80 -8.72
CA ARG A 128 -6.39 1.67 -8.67
C ARG A 128 -4.94 2.09 -9.03
N ARG A 129 -4.83 3.14 -9.84
CA ARG A 129 -3.53 3.69 -10.24
C ARG A 129 -2.86 4.36 -9.05
N ASP A 130 -3.66 5.11 -8.29
CA ASP A 130 -3.16 6.07 -7.32
C ASP A 130 -2.48 5.43 -6.13
N LEU A 131 -3.22 4.50 -5.53
CA LEU A 131 -2.81 3.80 -4.31
C LEU A 131 -1.44 3.15 -4.44
N ILE A 132 -1.21 2.44 -5.54
CA ILE A 132 0.06 1.75 -5.72
C ILE A 132 1.22 2.73 -5.73
N GLN A 133 1.03 3.84 -6.40
CA GLN A 133 2.05 4.87 -6.49
C GLN A 133 2.33 5.47 -5.12
N GLN A 134 1.28 5.76 -4.37
CA GLN A 134 1.42 6.30 -3.02
C GLN A 134 1.99 5.23 -2.09
N LEU A 135 1.49 4.01 -2.19
CA LEU A 135 1.82 2.94 -1.27
C LEU A 135 3.28 2.51 -1.33
N SER A 136 3.75 2.27 -2.58
CA SER A 136 5.13 1.89 -2.87
C SER A 136 6.14 2.80 -2.17
N MET A 137 5.79 4.09 -2.15
CA MET A 137 6.62 5.16 -1.58
C MET A 137 6.99 4.91 -0.15
N ARG A 138 6.13 4.24 0.58
CA ARG A 138 6.42 3.95 1.96
C ARG A 138 7.54 2.91 2.07
N LEU A 139 7.52 1.92 1.18
CA LEU A 139 8.58 0.92 1.16
C LEU A 139 9.91 1.53 0.74
N GLN A 140 9.86 2.49 -0.18
CA GLN A 140 11.09 3.11 -0.70
C GLN A 140 11.78 3.93 0.39
N ALA A 141 11.00 4.48 1.29
CA ALA A 141 11.52 5.31 2.35
C ALA A 141 11.59 4.52 3.63
N LEU A 142 11.56 3.21 3.53
CA LEU A 142 11.79 2.36 4.65
C LEU A 142 13.26 2.01 4.62
N THR A 143 13.91 2.09 5.77
CA THR A 143 15.30 1.74 5.87
C THR A 143 15.47 0.64 6.91
N PRO A 144 16.51 -0.20 6.74
CA PRO A 144 16.78 -1.30 7.66
C PRO A 144 16.93 -0.86 9.11
N ALA A 145 17.49 0.34 9.28
CA ALA A 145 17.66 0.93 10.60
C ALA A 145 16.32 1.10 11.33
N GLN A 146 15.32 1.63 10.61
CA GLN A 146 13.98 1.83 11.17
C GLN A 146 13.39 0.51 11.63
N LEU A 147 13.65 -0.52 10.85
CA LEU A 147 13.13 -1.84 11.12
C LEU A 147 13.87 -2.48 12.30
N ASP A 148 15.18 -2.31 12.32
CA ASP A 148 16.02 -2.80 13.42
C ASP A 148 15.54 -2.23 14.74
N GLU A 149 15.36 -0.94 14.77
CA GLU A 149 14.98 -0.28 16.00
C GLU A 149 13.54 -0.59 16.40
N ALA A 150 12.63 -0.69 15.42
CA ALA A 150 11.27 -1.02 15.71
C ALA A 150 11.13 -2.40 16.32
N GLN A 151 11.90 -3.36 15.80
CA GLN A 151 11.94 -4.68 16.41
C GLN A 151 12.48 -4.51 17.81
N ARG A 152 13.66 -3.93 17.97
CA ARG A 152 14.29 -3.90 19.28
C ARG A 152 13.44 -3.28 20.36
N GLN A 153 12.87 -2.12 20.08
CA GLN A 153 12.02 -1.44 21.06
C GLN A 153 10.74 -2.22 21.34
N ALA A 154 10.24 -2.93 20.33
CA ALA A 154 9.07 -3.77 20.50
C ALA A 154 9.39 -4.96 21.40
N GLU A 155 10.54 -5.60 21.12
CA GLU A 155 10.94 -6.78 21.89
C GLU A 155 11.23 -6.43 23.34
N ALA A 156 11.79 -5.25 23.56
CA ALA A 156 12.05 -4.77 24.91
C ALA A 156 10.75 -4.66 25.69
N LYS A 157 9.71 -4.19 25.00
CA LYS A 157 8.41 -4.05 25.62
C LYS A 157 7.70 -5.40 25.73
N ALA A 158 7.98 -6.28 24.78
CA ALA A 158 7.40 -7.63 24.78
C ALA A 158 7.78 -8.36 26.06
N LYS A 159 9.00 -8.11 26.52
CA LYS A 159 9.48 -8.67 27.75
C LYS A 159 8.80 -7.99 28.93
N ALA A 160 8.68 -6.67 28.86
CA ALA A 160 8.07 -5.87 29.92
C ALA A 160 6.62 -6.30 30.17
N GLU A 161 5.93 -6.69 29.11
CA GLU A 161 4.56 -7.15 29.23
C GLU A 161 4.46 -8.43 30.05
N ALA A 162 5.49 -9.25 29.97
CA ALA A 162 5.54 -10.48 30.73
C ALA A 162 5.90 -10.19 32.18
N GLU A 163 6.88 -9.30 32.37
CA GLU A 163 7.32 -8.87 33.69
C GLU A 163 6.21 -8.16 34.42
N ALA A 164 5.27 -7.60 33.66
CA ALA A 164 4.12 -6.88 34.21
C ALA A 164 3.28 -7.79 35.11
N LEU A 165 3.37 -9.09 34.89
CA LEU A 165 2.67 -10.05 35.70
C LEU A 165 3.62 -10.67 36.71
N ARG A 166 3.11 -10.94 37.91
CA ARG A 166 3.89 -11.54 39.00
C ARG A 166 5.18 -10.77 39.29
N GLY A 1 39.80 -12.76 -20.36
CA GLY A 1 38.42 -12.53 -19.91
C GLY A 1 38.10 -11.07 -19.82
N THR A 2 37.01 -10.65 -20.41
CA THR A 2 36.60 -9.28 -20.38
C THR A 2 35.08 -9.18 -20.23
N SER A 3 34.63 -8.28 -19.38
CA SER A 3 33.21 -8.07 -19.16
C SER A 3 32.72 -6.96 -20.08
N GLY A 4 32.01 -7.35 -21.13
CA GLY A 4 31.49 -6.38 -22.07
C GLY A 4 30.06 -6.01 -21.78
N PHE A 5 29.75 -5.85 -20.52
CA PHE A 5 28.40 -5.49 -20.11
C PHE A 5 28.28 -4.00 -19.89
N GLN A 6 27.07 -3.55 -19.61
CA GLN A 6 26.81 -2.14 -19.42
C GLN A 6 26.06 -1.92 -18.12
N LEU A 7 26.22 -0.74 -17.56
CA LEU A 7 25.56 -0.39 -16.32
C LEU A 7 24.53 0.69 -16.55
N ARG A 8 23.74 0.98 -15.53
CA ARG A 8 22.71 1.98 -15.59
C ARG A 8 22.22 2.29 -14.19
N GLY A 9 21.60 3.44 -14.03
CA GLY A 9 21.07 3.80 -12.73
C GLY A 9 21.85 4.91 -12.08
N LEU A 10 22.15 5.95 -12.84
CA LEU A 10 22.85 7.10 -12.32
C LEU A 10 21.84 8.14 -11.90
N GLY A 11 21.96 8.60 -10.66
CA GLY A 11 21.02 9.58 -10.15
C GLY A 11 19.63 9.01 -10.02
N ASP A 12 19.51 7.91 -9.29
CA ASP A 12 18.24 7.24 -9.12
C ASP A 12 17.85 7.22 -7.63
N ALA A 13 16.62 6.82 -7.36
CA ALA A 13 16.11 6.77 -5.99
C ALA A 13 16.66 5.56 -5.25
N GLN A 14 16.18 5.37 -4.04
CA GLN A 14 16.61 4.26 -3.22
C GLN A 14 15.44 3.40 -2.82
N PHE A 15 15.74 2.26 -2.24
CA PHE A 15 14.73 1.35 -1.77
C PHE A 15 15.09 0.79 -0.42
N ALA A 16 16.40 0.73 -0.15
CA ALA A 16 16.94 0.18 1.09
C ALA A 16 16.74 -1.34 1.15
N LEU A 17 15.49 -1.76 1.01
CA LEU A 17 15.17 -3.17 1.04
C LEU A 17 15.33 -3.81 -0.31
N LYS A 18 16.40 -4.55 -0.45
CA LYS A 18 16.69 -5.24 -1.69
C LYS A 18 15.73 -6.42 -1.90
N GLU A 19 15.16 -6.90 -0.81
CA GLU A 19 14.21 -7.98 -0.86
C GLU A 19 13.19 -7.85 0.25
N ILE A 20 11.95 -8.18 -0.08
CA ILE A 20 10.84 -8.08 0.83
C ILE A 20 9.74 -9.06 0.39
N ASP A 21 8.91 -9.48 1.32
CA ASP A 21 7.78 -10.35 0.98
C ASP A 21 6.54 -9.50 0.78
N VAL A 22 5.87 -9.69 -0.34
CA VAL A 22 4.74 -8.87 -0.68
C VAL A 22 3.39 -9.61 -0.61
N SER A 23 2.61 -9.38 0.43
CA SER A 23 1.40 -10.17 0.60
C SER A 23 0.18 -9.37 1.00
N ALA A 24 -0.96 -10.01 0.81
CA ALA A 24 -2.26 -9.50 1.19
C ALA A 24 -2.83 -10.45 2.23
N ARG A 25 -4.03 -10.17 2.68
CA ARG A 25 -4.78 -11.15 3.44
C ARG A 25 -5.18 -12.23 2.45
N ASN A 26 -4.86 -13.50 2.78
CA ASN A 26 -5.04 -14.68 1.87
C ASN A 26 -6.14 -14.48 0.81
N ALA A 27 -5.72 -13.92 -0.33
CA ALA A 27 -6.58 -13.65 -1.48
C ALA A 27 -5.80 -12.83 -2.51
N TYR A 28 -5.73 -13.33 -3.72
CA TYR A 28 -5.02 -12.63 -4.76
C TYR A 28 -5.97 -12.27 -5.89
N GLY A 29 -5.69 -11.17 -6.55
CA GLY A 29 -6.55 -10.70 -7.61
C GLY A 29 -6.71 -9.19 -7.61
N PRO A 30 -7.13 -8.59 -6.45
CA PRO A 30 -7.29 -7.13 -6.34
C PRO A 30 -5.96 -6.36 -6.48
N THR A 31 -6.00 -5.08 -6.11
CA THR A 31 -4.88 -4.16 -6.23
C THR A 31 -3.57 -4.68 -5.60
N VAL A 32 -3.69 -5.64 -4.68
CA VAL A 32 -2.53 -6.18 -3.97
C VAL A 32 -1.52 -6.83 -4.93
N ARG A 33 -1.99 -7.28 -6.08
CA ARG A 33 -1.12 -7.93 -7.03
C ARG A 33 -0.25 -6.92 -7.78
N GLU A 34 -0.76 -5.70 -7.93
CA GLU A 34 -0.04 -4.65 -8.64
C GLU A 34 1.22 -4.24 -7.84
N LEU A 35 1.25 -4.52 -6.53
CA LEU A 35 2.43 -4.19 -5.71
C LEU A 35 3.70 -4.83 -6.27
N LYS A 36 3.56 -6.03 -6.80
CA LYS A 36 4.70 -6.77 -7.32
C LYS A 36 5.19 -6.14 -8.62
N GLU A 37 4.27 -5.65 -9.42
CA GLU A 37 4.61 -5.03 -10.69
C GLU A 37 5.52 -3.81 -10.47
N THR A 38 5.15 -2.99 -9.50
CA THR A 38 5.90 -1.77 -9.18
C THR A 38 7.22 -2.08 -8.47
N LEU A 39 7.18 -2.82 -7.37
CA LEU A 39 8.39 -3.10 -6.58
C LEU A 39 9.41 -3.83 -7.45
N GLU A 40 9.03 -4.85 -8.19
CA GLU A 40 10.03 -5.57 -8.96
C GLU A 40 10.63 -4.68 -10.05
N ASN A 41 9.79 -3.87 -10.64
CA ASN A 41 10.19 -3.01 -11.73
C ASN A 41 10.95 -1.77 -11.27
N SER A 42 10.99 -1.58 -9.94
CA SER A 42 11.77 -0.52 -9.33
C SER A 42 13.12 -1.09 -8.87
N GLY A 43 13.36 -2.35 -9.24
CA GLY A 43 14.61 -3.02 -8.90
C GLY A 43 14.52 -3.90 -7.66
N VAL A 44 13.44 -3.77 -6.91
CA VAL A 44 13.26 -4.56 -5.69
C VAL A 44 12.93 -6.01 -5.99
N LYS A 45 13.56 -6.92 -5.30
CA LYS A 45 13.24 -8.30 -5.49
C LYS A 45 12.30 -8.74 -4.39
N VAL A 46 11.25 -9.41 -4.77
CA VAL A 46 10.28 -9.88 -3.85
C VAL A 46 10.38 -11.38 -3.74
N THR A 47 10.61 -11.84 -2.54
CA THR A 47 10.76 -13.24 -2.29
C THR A 47 9.73 -13.66 -1.27
N SER A 48 9.56 -14.94 -1.04
CA SER A 48 8.79 -15.36 0.10
C SER A 48 9.70 -15.29 1.33
N ASN A 49 10.97 -15.58 1.07
CA ASN A 49 11.99 -15.80 2.10
C ASN A 49 12.62 -14.49 2.61
N ALA A 50 11.96 -13.38 2.38
CA ALA A 50 12.48 -12.08 2.81
C ALA A 50 12.57 -11.97 4.33
N PRO A 51 13.50 -11.13 4.83
CA PRO A 51 13.67 -10.91 6.28
C PRO A 51 12.63 -9.97 6.87
N TYR A 52 11.86 -9.32 5.99
CA TYR A 52 10.82 -8.40 6.41
C TYR A 52 9.55 -8.66 5.62
N HIS A 53 8.43 -8.66 6.31
CA HIS A 53 7.17 -9.04 5.71
C HIS A 53 6.17 -7.87 5.60
N LEU A 54 5.58 -7.72 4.45
CA LEU A 54 4.47 -6.77 4.26
C LEU A 54 3.26 -7.66 4.14
N VAL A 55 2.27 -7.37 4.96
CA VAL A 55 0.97 -8.01 4.90
C VAL A 55 -0.12 -6.92 4.82
N LEU A 56 -0.74 -6.78 3.66
CA LEU A 56 -1.87 -5.87 3.52
C LEU A 56 -3.08 -6.57 4.10
N VAL A 57 -3.50 -6.02 5.24
CA VAL A 57 -4.48 -6.60 6.13
C VAL A 57 -5.91 -6.48 5.64
N ARG A 58 -6.22 -5.34 5.03
CA ARG A 58 -7.57 -5.03 4.61
C ARG A 58 -7.55 -3.94 3.55
N GLU A 59 -8.55 -3.98 2.68
CA GLU A 59 -8.70 -3.00 1.61
C GLU A 59 -10.14 -2.47 1.63
N ASP A 60 -10.32 -1.21 2.01
CA ASP A 60 -11.67 -0.66 2.17
C ASP A 60 -11.95 0.35 1.08
N ASN A 61 -13.22 0.68 0.88
CA ASN A 61 -13.55 1.57 -0.22
C ASN A 61 -14.94 2.22 -0.15
N GLN A 62 -14.97 3.47 0.32
CA GLN A 62 -16.22 4.11 0.74
C GLN A 62 -16.98 4.77 -0.37
N GLN A 63 -18.29 4.60 -0.27
CA GLN A 63 -19.27 5.15 -1.18
C GLN A 63 -20.47 5.64 -0.36
N ARG A 64 -20.60 6.94 -0.25
CA ARG A 64 -21.69 7.59 0.47
C ARG A 64 -21.94 8.91 -0.21
N THR A 65 -23.03 9.59 0.08
CA THR A 65 -23.31 10.83 -0.61
C THR A 65 -23.16 12.13 0.24
N VAL A 66 -22.87 13.28 -0.36
CA VAL A 66 -22.89 14.53 0.42
C VAL A 66 -24.26 15.18 0.38
N SER A 67 -24.97 14.94 -0.73
CA SER A 67 -26.31 15.49 -0.96
C SER A 67 -26.20 16.95 -1.37
N TYR A 68 -27.19 17.39 -2.13
CA TYR A 68 -27.20 18.74 -2.66
C TYR A 68 -27.29 19.79 -1.55
N THR A 69 -26.48 20.82 -1.65
CA THR A 69 -26.54 21.91 -0.70
C THR A 69 -27.30 23.07 -1.33
N GLY A 70 -28.49 23.34 -0.83
CA GLY A 70 -29.24 24.48 -1.26
C GLY A 70 -30.20 24.16 -2.37
N SER A 71 -29.79 24.45 -3.58
CA SER A 71 -30.61 24.20 -4.73
C SER A 71 -30.35 22.81 -5.29
N ALA A 72 -31.25 22.34 -6.13
CA ALA A 72 -31.15 21.02 -6.76
C ALA A 72 -29.98 20.98 -7.72
N ARG A 73 -28.84 20.55 -7.23
CA ARG A 73 -27.64 20.48 -8.05
C ARG A 73 -27.01 19.09 -7.97
N GLY A 74 -27.66 18.22 -7.23
CA GLY A 74 -27.27 16.83 -7.12
C GLY A 74 -25.85 16.55 -6.68
N ALA A 75 -25.46 17.09 -5.54
CA ALA A 75 -24.08 16.94 -5.07
C ALA A 75 -23.77 15.51 -4.66
N GLU A 76 -23.03 14.81 -5.52
CA GLU A 76 -22.58 13.46 -5.21
C GLU A 76 -21.29 13.56 -4.41
N PHE A 77 -20.96 12.51 -3.67
CA PHE A 77 -19.80 12.56 -2.80
C PHE A 77 -18.58 11.84 -3.38
N GLU A 78 -17.46 12.04 -2.76
CA GLU A 78 -16.21 11.50 -3.22
C GLU A 78 -15.94 10.13 -2.60
N LEU A 79 -15.21 9.31 -3.32
CA LEU A 79 -14.85 7.98 -2.84
C LEU A 79 -13.56 8.07 -2.03
N THR A 80 -13.48 7.26 -1.00
CA THR A 80 -12.31 7.19 -0.13
C THR A 80 -11.83 5.75 -0.13
N ASN A 81 -10.54 5.57 -0.25
CA ASN A 81 -9.93 4.25 -0.22
C ASN A 81 -9.03 4.09 0.98
N THR A 82 -9.01 2.96 1.62
CA THR A 82 -8.13 2.79 2.75
C THR A 82 -7.50 1.40 2.71
N ILE A 83 -6.18 1.37 2.65
CA ILE A 83 -5.45 0.10 2.63
C ILE A 83 -4.63 -0.03 3.88
N ASN A 84 -4.91 -1.06 4.66
CA ASN A 84 -4.21 -1.28 5.91
C ASN A 84 -3.11 -2.30 5.75
N TYR A 85 -1.94 -2.01 6.31
CA TYR A 85 -0.82 -2.92 6.17
C TYR A 85 0.06 -2.90 7.40
N GLU A 86 0.82 -3.95 7.55
CA GLU A 86 1.68 -4.11 8.69
C GLU A 86 3.05 -4.62 8.25
N ILE A 87 4.06 -4.31 9.03
CA ILE A 87 5.43 -4.73 8.74
C ILE A 87 5.86 -5.71 9.79
N VAL A 88 6.16 -6.92 9.38
CA VAL A 88 6.51 -7.94 10.33
C VAL A 88 7.99 -8.29 10.25
N GLY A 89 8.67 -8.29 11.39
CA GLY A 89 10.09 -8.55 11.39
C GLY A 89 10.40 -9.99 11.66
N ALA A 90 11.12 -10.23 12.74
CA ALA A 90 11.48 -11.57 13.12
C ALA A 90 10.55 -12.04 14.22
N ASN A 91 10.51 -13.34 14.45
CA ASN A 91 9.71 -13.92 15.55
C ASN A 91 8.22 -13.58 15.42
N ASP A 92 7.80 -13.20 14.19
CA ASP A 92 6.38 -12.84 13.93
C ASP A 92 6.00 -11.52 14.66
N LEU A 93 7.03 -10.81 15.08
CA LEU A 93 6.91 -9.55 15.82
C LEU A 93 6.63 -8.39 14.85
N VAL A 94 5.66 -7.55 15.20
CA VAL A 94 5.28 -6.38 14.40
C VAL A 94 6.30 -5.26 14.55
N LEU A 95 6.82 -4.78 13.42
CA LEU A 95 7.84 -3.75 13.44
C LEU A 95 7.25 -2.35 13.31
N MET A 96 6.43 -2.19 12.28
CA MET A 96 5.78 -0.93 11.96
C MET A 96 4.37 -1.24 11.46
N SER A 97 3.42 -0.36 11.76
CA SER A 97 2.08 -0.47 11.21
C SER A 97 1.55 0.88 10.70
N ASN A 98 0.91 0.87 9.54
CA ASN A 98 0.32 2.09 8.94
C ASN A 98 -0.70 1.66 7.90
N GLN A 99 -1.38 2.65 7.36
CA GLN A 99 -2.35 2.50 6.29
C GLN A 99 -2.18 3.71 5.37
N VAL A 100 -2.49 3.51 4.10
CA VAL A 100 -2.48 4.60 3.11
C VAL A 100 -3.90 4.87 2.64
N GLN A 101 -4.17 6.09 2.24
CA GLN A 101 -5.50 6.45 1.82
C GLN A 101 -5.51 7.43 0.64
N VAL A 102 -6.53 7.35 -0.19
CA VAL A 102 -6.68 8.28 -1.34
C VAL A 102 -8.14 8.62 -1.52
N GLN A 103 -8.44 9.84 -1.96
CA GLN A 103 -9.82 10.25 -2.12
C GLN A 103 -10.15 10.91 -3.47
N LYS A 104 -10.85 10.22 -4.34
CA LYS A 104 -11.13 10.73 -5.69
C LYS A 104 -12.62 10.86 -5.90
N VAL A 105 -12.95 11.77 -6.82
CA VAL A 105 -14.30 12.12 -7.14
C VAL A 105 -14.60 11.90 -8.63
N TYR A 106 -15.86 11.68 -8.94
CA TYR A 106 -16.28 11.41 -10.29
C TYR A 106 -16.82 12.63 -10.96
N VAL A 107 -16.53 12.77 -12.24
CA VAL A 107 -17.01 13.88 -13.03
C VAL A 107 -18.49 13.71 -13.30
N HIS A 108 -19.27 14.65 -12.83
CA HIS A 108 -20.70 14.61 -13.00
C HIS A 108 -21.11 15.52 -14.15
N ASP A 109 -21.59 14.91 -15.23
CA ASP A 109 -22.06 15.68 -16.38
C ASP A 109 -23.48 16.14 -16.13
N GLU A 110 -23.90 17.17 -16.85
CA GLU A 110 -25.25 17.71 -16.69
C GLU A 110 -26.30 16.77 -17.25
N ASN A 111 -26.08 16.31 -18.47
CA ASN A 111 -27.02 15.40 -19.11
C ASN A 111 -26.81 13.99 -18.63
N ASN A 112 -25.58 13.69 -18.25
CA ASN A 112 -25.23 12.38 -17.74
C ASN A 112 -25.37 12.36 -16.24
N LEU A 113 -26.43 12.98 -15.76
CA LEU A 113 -26.71 13.04 -14.34
C LEU A 113 -26.92 11.63 -13.78
N ILE A 114 -27.47 10.76 -14.61
CA ILE A 114 -27.73 9.38 -14.23
C ILE A 114 -26.63 8.50 -14.76
N GLY A 115 -26.21 8.78 -15.99
CA GLY A 115 -25.13 8.04 -16.60
C GLY A 115 -23.84 8.16 -15.82
N SER A 116 -23.71 9.25 -15.08
CA SER A 116 -22.55 9.48 -14.23
C SER A 116 -22.38 8.30 -13.25
N ASP A 117 -23.50 7.74 -12.76
CA ASP A 117 -23.43 6.65 -11.80
C ASP A 117 -22.82 5.39 -12.42
N GLN A 118 -23.36 4.99 -13.55
CA GLN A 118 -22.82 3.86 -14.32
C GLN A 118 -21.42 4.16 -14.87
N GLU A 119 -21.11 5.45 -15.02
CA GLU A 119 -19.84 5.88 -15.55
C GLU A 119 -18.76 5.77 -14.45
N ALA A 120 -19.21 5.96 -13.22
CA ALA A 120 -18.35 5.95 -12.03
C ALA A 120 -17.44 4.74 -11.92
N ALA A 121 -17.88 3.65 -12.54
CA ALA A 121 -17.11 2.42 -12.57
C ALA A 121 -15.79 2.63 -13.33
N GLN A 122 -15.79 3.55 -14.29
CA GLN A 122 -14.61 3.84 -15.10
C GLN A 122 -13.50 4.48 -14.27
N LEU A 123 -13.87 5.46 -13.44
CA LEU A 123 -12.90 6.09 -12.54
C LEU A 123 -12.64 5.09 -11.44
N ARG A 124 -13.59 4.27 -11.00
CA ARG A 124 -13.23 3.33 -9.93
C ARG A 124 -12.10 2.42 -10.44
N SER A 125 -12.11 2.11 -11.72
CA SER A 125 -11.01 1.38 -12.34
C SER A 125 -9.68 2.14 -12.13
N GLU A 126 -9.74 3.46 -12.25
CA GLU A 126 -8.57 4.35 -12.12
C GLU A 126 -7.97 4.36 -10.72
N MET A 127 -8.82 4.22 -9.68
CA MET A 127 -8.35 4.20 -8.27
C MET A 127 -7.22 3.21 -8.07
N ARG A 128 -7.17 2.21 -8.93
CA ARG A 128 -6.19 1.16 -8.87
C ARG A 128 -4.75 1.64 -9.08
N ARG A 129 -4.63 2.76 -9.80
CA ARG A 129 -3.35 3.39 -10.03
C ARG A 129 -2.87 4.03 -8.74
N ASP A 130 -3.83 4.71 -8.09
CA ASP A 130 -3.55 5.62 -6.99
C ASP A 130 -2.88 4.95 -5.82
N LEU A 131 -3.55 3.87 -5.43
CA LEU A 131 -3.17 3.07 -4.29
C LEU A 131 -1.73 2.61 -4.40
N ILE A 132 -1.38 2.09 -5.54
CA ILE A 132 -0.04 1.54 -5.74
C ILE A 132 1.03 2.61 -5.64
N GLN A 133 0.81 3.73 -6.29
CA GLN A 133 1.78 4.82 -6.29
C GLN A 133 2.03 5.36 -4.89
N GLN A 134 0.97 5.65 -4.17
CA GLN A 134 1.08 6.17 -2.82
C GLN A 134 1.54 5.09 -1.83
N LEU A 135 1.12 3.85 -2.04
CA LEU A 135 1.42 2.78 -1.09
C LEU A 135 2.86 2.31 -1.15
N SER A 136 3.27 1.97 -2.38
CA SER A 136 4.60 1.47 -2.68
C SER A 136 5.73 2.31 -2.08
N MET A 137 5.51 3.64 -2.17
CA MET A 137 6.45 4.68 -1.75
C MET A 137 7.00 4.47 -0.34
N ARG A 138 6.17 3.94 0.55
CA ARG A 138 6.59 3.74 1.93
C ARG A 138 7.86 2.88 2.01
N LEU A 139 8.00 1.94 1.11
CA LEU A 139 9.14 1.01 1.15
C LEU A 139 10.48 1.69 0.89
N GLN A 140 10.48 2.83 0.21
CA GLN A 140 11.73 3.52 -0.09
C GLN A 140 12.19 4.33 1.11
N ALA A 141 11.23 4.75 1.93
CA ALA A 141 11.51 5.55 3.11
C ALA A 141 11.56 4.68 4.36
N LEU A 142 11.66 3.38 4.19
CA LEU A 142 11.95 2.51 5.31
C LEU A 142 13.35 1.97 5.12
N THR A 143 14.16 2.03 6.15
CA THR A 143 15.51 1.57 6.05
C THR A 143 15.71 0.38 6.95
N PRO A 144 16.72 -0.46 6.66
CA PRO A 144 17.02 -1.61 7.48
C PRO A 144 17.26 -1.23 8.95
N ALA A 145 17.90 -0.06 9.16
CA ALA A 145 18.15 0.46 10.49
C ALA A 145 16.85 0.67 11.28
N GLN A 146 15.88 1.34 10.65
CA GLN A 146 14.59 1.62 11.30
C GLN A 146 13.90 0.34 11.71
N LEU A 147 13.92 -0.64 10.84
CA LEU A 147 13.29 -1.91 11.09
C LEU A 147 14.04 -2.70 12.16
N ASP A 148 15.36 -2.62 12.11
CA ASP A 148 16.23 -3.27 13.10
C ASP A 148 15.96 -2.72 14.49
N GLU A 149 15.95 -1.40 14.63
CA GLU A 149 15.72 -0.81 15.94
C GLU A 149 14.31 -1.11 16.44
N ALA A 150 13.34 -1.13 15.52
CA ALA A 150 11.96 -1.43 15.87
C ALA A 150 11.82 -2.85 16.41
N GLN A 151 12.60 -3.78 15.86
CA GLN A 151 12.68 -5.13 16.41
C GLN A 151 13.19 -5.01 17.84
N ARG A 152 14.33 -4.38 18.03
CA ARG A 152 14.97 -4.34 19.33
C ARG A 152 14.05 -3.78 20.42
N GLN A 153 13.51 -2.59 20.18
CA GLN A 153 12.66 -1.92 21.15
C GLN A 153 11.38 -2.71 21.42
N ALA A 154 10.84 -3.35 20.39
CA ALA A 154 9.63 -4.14 20.55
C ALA A 154 9.85 -5.31 21.48
N GLU A 155 11.01 -5.96 21.34
CA GLU A 155 11.35 -7.07 22.20
C GLU A 155 11.47 -6.64 23.65
N ALA A 156 12.03 -5.46 23.87
CA ALA A 156 12.14 -4.90 25.22
C ALA A 156 10.75 -4.57 25.75
N LYS A 157 9.94 -3.94 24.91
CA LYS A 157 8.57 -3.58 25.23
C LYS A 157 7.75 -4.82 25.61
N ALA A 158 7.85 -5.87 24.80
CA ALA A 158 7.08 -7.09 25.02
C ALA A 158 7.54 -7.80 26.29
N LYS A 159 8.85 -7.82 26.49
CA LYS A 159 9.42 -8.48 27.65
C LYS A 159 9.06 -7.75 28.93
N ALA A 160 9.20 -6.43 28.92
CA ALA A 160 8.93 -5.60 30.10
C ALA A 160 7.51 -5.81 30.62
N GLU A 161 6.56 -5.96 29.72
CA GLU A 161 5.18 -6.17 30.11
C GLU A 161 4.99 -7.55 30.72
N ALA A 162 5.79 -8.50 30.27
CA ALA A 162 5.74 -9.86 30.79
C ALA A 162 6.33 -9.88 32.21
N GLU A 163 7.44 -9.19 32.40
CA GLU A 163 8.09 -9.10 33.71
C GLU A 163 7.19 -8.35 34.68
N ALA A 164 6.40 -7.45 34.13
CA ALA A 164 5.45 -6.64 34.90
C ALA A 164 4.38 -7.50 35.57
N LEU A 165 4.18 -8.72 35.07
CA LEU A 165 3.22 -9.64 35.65
C LEU A 165 3.60 -10.00 37.07
N ARG A 166 2.62 -10.29 37.89
CA ARG A 166 2.86 -10.68 39.27
C ARG A 166 3.37 -12.10 39.34
#